data_5VLJ
#
_entry.id   5VLJ
#
loop_
_entity.id
_entity.type
_entity.pdbx_description
1 polymer 'Dynein heavy chain, cytoplasmic'
2 polymer 'Nuclear distribution protein PAC1'
#
loop_
_entity_poly.entity_id
_entity_poly.type
_entity_poly.pdbx_seq_one_letter_code
_entity_poly.pdbx_strand_id
1 'polypeptide(L)'
;VQFYWLDLYGILGENLDIQNFLPLETSKFKSLTSEYKMITTRAFQLDTTIEVIHIPNFDTTLKLTIDSLKMIKSSLSTFL
ERQRRQFPRFYFLGNDDLLKIIGSGKHHDQVSKFMKKMFGSIESIIFFEDSITGVRSVEGEVLNLNEKIELKDSIQAQEW
LNILDTEIKLSVFTQFRDCLGQLKDGTDIEVVVSKYIFQAILLSAQVMWTELVEKCLQTNEFSKYWKEVDMKIKGLLDKL
NKSSDNVKKKIEALLVEYLHFNNVIGQLKNCSTKEEARLLWAKVQKFYQKNDTLDDLNSVFISQSGYLLQYKFEYIGIPE
RLIYTPLLLVGFATLTDSLHQKYGGCFFGPAGTGKTETVKAFGQNLGRVVVVFNCDDSFDYQVLSRLLVGITQIGAWGCF
DEFNRLDEKVLSAVSANIQQIQNGLQVGKSHITLLEEETPLSPHTAVFITLNPGYNGRSELPENLKKSFREFSMKSPQSG
TIAEMILQIMGFEDSKSLASKIVHFLELLSSKCSSMNHYHFGLRTLKGVLRNCSPLVSEFGEGEKTVVESLKRVILPSLG
DTDELVFKDELSKIFDSAGTPLNSKAIVQCLKDAGQRSGFSMSEEFLKKCMQFYYMQKTQQALILVGKAGCGKTATWKTV
IDAMAIFDGHANVVYVIDTKVLTKESLYGSMLKATLEWRDGLFTSILRRVNDDITGTFKNSRIWVVFDSDLDPEYVEAMN
SVLDDNKILTLPNGERLPIPPNFRILFETDNLDHTTPATITRCGLLWFSTDVCSISSKIDHLLNKSYEALDNKLSMFELD
KLKDLISDSFDMASLTNIFTCSNDLVHILGVRTFNKLETAVQLAVHLISSYRQWFQNLDDKSLKDVITLLIKRSLLYALA
GDSTGESQRAFIQTINTYFGHDSQELSDYSTIVIANDKLSFSSFCSEIPSVSLEAHEVMRPDIVIPTIDTIKHEKIFYDL
LNSKRGIILCGPPGSGKTMIMNNALRNSSLYDVVGINFSKDTTTEHILSALHRHTNYVTTSKGLTLLPKSDIKNLVLFCD
EINLPKLDKYGSQNVVLFLRQLMEKQGFWKTPENKWVTIERIHIVGACNPPTDPGRIPMSERFTRHAAILYLGYPSGKSL
SQIYEIYYKAIFKLVPEFRSYTEPFARASVHLYNECKARYSTGLQSHYLFSPRELTRLVRGVYTAINTGPRQTLRSLIRL
WAYEAWRIFADRLVGVKEKNSFEQLLYETVDKYLPNQDLGNISSTSLLFSGLLSLDFKEVNKTDLVNFIEERFKTFCDEE
LEVPMVIHESMVDHILRIDRALKQVQGHMMLIGASRTGKTILTRFVAWLNGLKIVQPKIHRHSNLSDFDMILKKAISDCS
LKESRTCLIIDESNILETAFLERMNTLLANADIPDLFQGEEYDKLLNNLRNKTRSLGLLLDTEQELYDWFVGEIAKNLHV
VFTICDPTNNKSSAMISSPALFNRCIINWMGDWDTKTMSQVANNMVDVVPMEFTDFIVPEVNKELVFTEPIQTIRDAVVN
ILIHFDRNFYQKMKVGVNPRSPGYFIDGLRALVKLVTAKYQDLQENQRFVNVGLEKLNESVSLTFEKERWLNTTKQFSKT
SQELIGNCIISSIYETYFGHLNERERGDMLVILKRLLGKFAVKYDVNYRFIDYLVTLDEKMKWLECGLDKNDYFLENMSI
VMNSQDAVPFLLDPSSHMITVISNYYGNKTVLLSFLEEGFVKRLENAVRFGSVVIIQDGEFFDPIISRLISREFNHAGNR
VTVEIGDHEVDVSGDFKLFIHSCDPSGDIPIFLRSRVRLVHFVTNKESIETRIFDITLTEENAEMQRKREDLIKLNTEYR
LKLKNLEKRLLEELNNSQGNMLENDELMVTLNNLKKEAMNIEKKLSESEEFFPQFDNLVEEYSIIGKHSVKIFSMLEKFG
QFHWFYGISIGQFLSCFKRVFIKKSRETRAARTRVDEILWLLYQEVYCQFSTALDKKFKMIMAMTMFCLYKFDIESEQYK
EAVLTMIGVLSESSDGVPKLTVDTNDDLRYLWDYVTTKSYISALNWFKNEFFVDEWNIADVVANSENNYFTMASERDVDG
TFKLIELAKASKESLKIIPLGSIENLNYAQEEISKSKIEGGWILLQNIQMSLSWVKTYLHKHVEETKAAEEHEKFKMFMT
CHLTGDKLPAPLLQRTDRVVYEDIPGILDTVKDLWGSQFFTGKISGVWSVYCTFLLSWFHALITARTRLVPHGFSKKYYF
NDCDFQFASVYLENVLATNSTNNIPWAQVRDHIATIVYGGKIDEEKDLEVVAKLCAHVFCGSDNLQIVPGVRIPQPLLQQ
SEEEERARLTAILSNTIEPADSLSSWLQLPRESILDYERLQAKEVASSTEQLLQEM
;
A
2 'polypeptide(L)'
;LKWIPRNLPSCLINVESSVTSVKLHPNLPIVFVATDHGKLYAFDLFNYTIPLASLQSHTKAITSMDVLFTNYTNSSKKNY
LVIVTASKDLQIHVFKWVSEECKFQQIRSLLGHEHIVSAVKIWQKNNDVHIASCSRDQTVKIWDFHNGWSLKTFQPHSQW
VRSIDVLGDYIISGSHDTTLRLTHWPSGNGLSVGTGHEFPIEKVKFIHFIEDSPEIRFRTPSTDRYKNWGMQYCVSASRD
RTIKIWEIPLPTLMAHRAPIPNPTDSNFRCVLTLKGHLSWVRDISIRGQYLFSCADDKSVRCWDLNTGQCLHVWEKLHTG
FVNCLDLDVDFDSNVTPRQMMVTGGLDCKSNVFM
;
B,C
#
# COMPACT_ATOMS: atom_id res chain seq x y z
N VAL A 1 6.21 -19.18 40.21
CA VAL A 1 6.72 -17.82 40.30
C VAL A 1 5.91 -16.98 41.26
N GLN A 2 6.31 -15.71 41.41
CA GLN A 2 5.61 -14.75 42.26
C GLN A 2 4.17 -14.55 41.90
N PHE A 3 3.91 -14.61 40.61
CA PHE A 3 2.60 -14.41 40.08
C PHE A 3 1.73 -15.58 40.48
N TYR A 4 2.34 -16.75 40.52
CA TYR A 4 1.65 -17.91 41.02
C TYR A 4 1.50 -17.78 42.50
N TRP A 5 2.52 -17.28 43.18
CA TRP A 5 2.39 -17.14 44.62
C TRP A 5 1.20 -16.29 44.97
N LEU A 6 0.98 -15.23 44.20
CA LEU A 6 -0.15 -14.36 44.43
C LEU A 6 -1.44 -15.12 44.23
N ASP A 7 -1.56 -15.81 43.10
CA ASP A 7 -2.75 -16.61 42.85
C ASP A 7 -2.87 -17.74 43.86
N LEU A 8 -1.74 -18.34 44.19
CA LEU A 8 -1.65 -19.49 45.06
C LEU A 8 -1.47 -19.05 46.52
N TYR A 9 -1.71 -17.76 46.83
CA TYR A 9 -1.61 -17.29 48.21
C TYR A 9 -2.49 -18.12 49.09
N GLY A 10 -3.64 -18.52 48.57
CA GLY A 10 -4.53 -19.38 49.27
C GLY A 10 -3.89 -20.74 49.52
N ILE A 11 -3.87 -21.60 48.52
CA ILE A 11 -3.32 -22.92 48.72
C ILE A 11 -1.96 -22.98 49.31
N LEU A 12 -1.05 -22.14 48.91
CA LEU A 12 0.25 -22.34 49.46
C LEU A 12 0.36 -21.62 50.76
N GLY A 13 -0.09 -20.38 50.75
CA GLY A 13 -0.01 -19.55 51.94
C GLY A 13 -0.99 -19.94 53.01
N GLU A 14 -2.28 -19.85 52.68
CA GLU A 14 -3.32 -20.13 53.63
C GLU A 14 -3.28 -21.59 54.04
N ASN A 15 -2.78 -22.51 53.19
CA ASN A 15 -2.68 -23.89 53.68
C ASN A 15 -1.41 -24.19 54.40
N LEU A 16 -0.76 -23.19 54.93
CA LEU A 16 0.33 -23.40 55.86
C LEU A 16 0.01 -22.72 57.13
N ASP A 17 -0.68 -21.61 57.00
CA ASP A 17 -1.20 -20.96 58.18
C ASP A 17 -2.33 -21.86 58.71
N ILE A 18 -3.08 -22.50 57.78
CA ILE A 18 -4.05 -23.56 58.09
C ILE A 18 -3.76 -24.77 57.19
N GLN A 19 -2.85 -25.64 57.60
CA GLN A 19 -2.42 -26.71 56.70
C GLN A 19 -3.25 -27.97 56.65
N ASN A 20 -4.43 -27.83 56.07
CA ASN A 20 -5.34 -28.94 55.83
C ASN A 20 -5.19 -29.48 54.39
N PHE A 21 -4.14 -29.07 53.68
CA PHE A 21 -3.95 -29.43 52.28
C PHE A 21 -3.53 -30.86 52.01
N LEU A 22 -4.14 -31.46 50.98
CA LEU A 22 -3.71 -32.72 50.38
C LEU A 22 -2.21 -33.01 50.55
N PRO A 23 -1.80 -33.86 51.50
CA PRO A 23 -0.43 -34.23 51.85
C PRO A 23 0.50 -34.45 50.64
N LEU A 24 -0.08 -34.86 49.50
CA LEU A 24 0.64 -35.03 48.23
C LEU A 24 1.65 -33.93 48.00
N GLU A 25 1.22 -32.69 48.19
CA GLU A 25 2.17 -31.61 48.02
C GLU A 25 2.38 -30.86 49.30
N THR A 26 1.59 -31.15 50.35
CA THR A 26 1.85 -30.50 51.64
C THR A 26 3.28 -30.74 52.07
N SER A 27 3.82 -31.92 51.77
CA SER A 27 5.22 -32.20 52.08
C SER A 27 6.18 -31.18 51.43
N LYS A 28 5.77 -30.59 50.31
CA LYS A 28 6.53 -29.55 49.64
C LYS A 28 6.15 -28.23 50.27
N PHE A 29 4.92 -28.15 50.76
CA PHE A 29 4.48 -26.96 51.46
C PHE A 29 5.24 -26.81 52.73
N LYS A 30 5.70 -27.91 53.30
CA LYS A 30 6.48 -27.83 54.51
C LYS A 30 7.76 -27.04 54.27
N SER A 31 8.34 -27.16 53.07
CA SER A 31 9.51 -26.36 52.76
C SER A 31 9.10 -24.92 52.54
N LEU A 32 7.87 -24.73 52.03
CA LEU A 32 7.35 -23.40 51.85
C LEU A 32 7.17 -22.74 53.21
N THR A 33 6.64 -23.52 54.16
CA THR A 33 6.28 -23.12 55.54
C THR A 33 7.37 -22.42 56.23
N SER A 34 8.56 -23.01 56.13
CA SER A 34 9.76 -22.50 56.76
C SER A 34 10.07 -21.07 56.35
N GLU A 35 9.53 -20.67 55.22
CA GLU A 35 9.70 -19.38 54.65
C GLU A 35 8.42 -18.56 54.57
N TYR A 36 7.28 -19.23 54.60
CA TYR A 36 5.96 -18.61 54.58
C TYR A 36 5.67 -17.90 55.88
N LYS A 37 6.44 -18.26 56.91
CA LYS A 37 6.43 -17.51 58.16
C LYS A 37 6.74 -16.02 57.88
N MET A 38 7.38 -15.73 56.74
CA MET A 38 7.63 -14.39 56.29
C MET A 38 6.64 -14.01 55.21
N ILE A 39 6.65 -14.70 54.06
CA ILE A 39 5.81 -14.16 53.01
C ILE A 39 4.30 -14.45 53.05
N THR A 40 3.78 -15.14 54.08
CA THR A 40 2.32 -15.23 54.15
C THR A 40 1.84 -14.42 55.31
N THR A 41 2.67 -14.39 56.36
CA THR A 41 2.40 -13.59 57.55
C THR A 41 2.60 -12.11 57.28
N ARG A 42 3.71 -11.74 56.65
CA ARG A 42 3.95 -10.35 56.33
C ARG A 42 2.99 -9.94 55.22
N ALA A 43 2.54 -10.94 54.44
CA ALA A 43 1.60 -10.72 53.37
C ALA A 43 0.20 -10.51 53.86
N PHE A 44 -0.01 -10.43 55.18
CA PHE A 44 -1.26 -9.92 55.72
C PHE A 44 -1.45 -8.47 55.30
N GLN A 45 -0.34 -7.79 55.01
CA GLN A 45 -0.38 -6.44 54.51
C GLN A 45 0.27 -6.41 53.14
N LEU A 46 1.41 -7.09 53.02
CA LEU A 46 2.15 -7.10 51.78
C LEU A 46 1.67 -8.19 50.82
N ASP A 47 0.51 -7.96 50.21
CA ASP A 47 -0.17 -8.98 49.40
C ASP A 47 0.16 -9.13 47.91
N THR A 48 0.45 -8.04 47.19
CA THR A 48 0.61 -8.15 45.73
C THR A 48 2.01 -8.53 45.28
N THR A 49 2.15 -8.84 43.99
CA THR A 49 3.40 -9.30 43.35
C THR A 49 4.67 -8.67 43.90
N ILE A 50 4.89 -7.40 43.59
CA ILE A 50 6.09 -6.71 44.03
C ILE A 50 6.07 -6.47 45.52
N GLU A 51 4.89 -6.37 46.08
CA GLU A 51 4.69 -6.10 47.48
C GLU A 51 5.18 -7.30 48.31
N VAL A 52 4.94 -8.50 47.79
CA VAL A 52 5.46 -9.74 48.36
C VAL A 52 6.95 -9.78 48.17
N ILE A 53 7.40 -9.34 47.01
CA ILE A 53 8.81 -9.17 46.75
C ILE A 53 9.42 -8.18 47.77
N HIS A 54 8.64 -7.18 48.21
CA HIS A 54 9.12 -6.27 49.25
C HIS A 54 9.06 -6.85 50.68
N ILE A 55 8.63 -8.11 50.84
CA ILE A 55 8.63 -8.77 52.14
C ILE A 55 10.04 -9.21 52.48
N PRO A 56 10.52 -8.93 53.70
CA PRO A 56 11.82 -9.30 54.21
C PRO A 56 12.10 -10.76 53.98
N ASN A 57 13.33 -11.00 53.51
CA ASN A 57 13.86 -12.32 53.19
C ASN A 57 13.26 -13.00 51.96
N PHE A 58 12.47 -12.27 51.13
CA PHE A 58 11.88 -12.84 49.90
C PHE A 58 12.92 -13.50 49.00
N ASP A 59 14.19 -13.10 49.14
CA ASP A 59 15.30 -13.67 48.39
C ASP A 59 15.22 -15.19 48.37
N THR A 60 14.77 -15.80 49.47
CA THR A 60 14.55 -17.23 49.46
C THR A 60 13.14 -17.51 49.92
N THR A 61 12.55 -16.62 50.73
CA THR A 61 11.25 -16.94 51.24
C THR A 61 10.20 -16.85 50.18
N LEU A 62 10.54 -16.19 49.09
CA LEU A 62 9.74 -16.17 47.92
C LEU A 62 10.36 -17.11 46.91
N LYS A 63 11.60 -16.84 46.53
CA LYS A 63 12.23 -17.60 45.44
C LYS A 63 12.45 -19.09 45.70
N LEU A 64 12.86 -19.48 46.91
CA LEU A 64 13.04 -20.89 47.22
C LEU A 64 11.69 -21.53 47.32
N THR A 65 10.77 -20.79 47.93
CA THR A 65 9.44 -21.29 48.02
C THR A 65 8.80 -21.37 46.65
N ILE A 66 9.24 -20.54 45.72
CA ILE A 66 8.85 -20.69 44.32
C ILE A 66 9.38 -21.99 43.76
N ASP A 67 10.61 -22.35 44.09
CA ASP A 67 11.09 -23.63 43.62
C ASP A 67 10.22 -24.75 44.18
N SER A 68 9.83 -24.63 45.45
CA SER A 68 8.92 -25.60 46.04
C SER A 68 7.54 -25.46 45.41
N LEU A 69 7.13 -24.24 45.10
CA LEU A 69 5.89 -23.93 44.39
C LEU A 69 5.80 -24.73 43.13
N LYS A 70 6.91 -24.78 42.38
CA LYS A 70 6.99 -25.53 41.15
C LYS A 70 6.79 -27.02 41.40
N MET A 71 7.44 -27.53 42.45
CA MET A 71 7.34 -28.93 42.86
C MET A 71 5.88 -29.25 43.09
N ILE A 72 5.25 -28.33 43.77
CA ILE A 72 3.85 -28.38 44.13
C ILE A 72 2.90 -28.25 42.97
N LYS A 73 3.10 -27.20 42.16
CA LYS A 73 2.24 -26.82 41.04
C LYS A 73 2.11 -27.97 40.07
N SER A 74 3.17 -28.78 39.94
CA SER A 74 3.18 -29.98 39.09
C SER A 74 2.00 -30.94 39.34
N SER A 75 1.32 -30.82 40.48
CA SER A 75 0.17 -31.66 40.77
C SER A 75 -0.94 -30.81 41.41
N LEU A 76 -0.55 -29.76 42.13
CA LEU A 76 -1.50 -28.80 42.69
C LEU A 76 -2.39 -28.16 41.69
N SER A 77 -1.81 -27.73 40.57
CA SER A 77 -2.59 -27.08 39.55
C SER A 77 -3.72 -28.02 39.19
N THR A 78 -3.37 -29.28 38.91
CA THR A 78 -4.32 -30.30 38.55
C THR A 78 -5.19 -30.73 39.70
N PHE A 79 -4.70 -30.60 40.93
CA PHE A 79 -5.51 -30.91 42.10
C PHE A 79 -6.73 -30.04 42.13
N LEU A 80 -6.55 -28.74 41.98
CA LEU A 80 -7.69 -27.89 41.99
C LEU A 80 -8.43 -27.88 40.70
N GLU A 81 -7.79 -28.28 39.61
CA GLU A 81 -8.52 -28.43 38.36
C GLU A 81 -9.52 -29.57 38.55
N ARG A 82 -9.10 -30.61 39.27
CA ARG A 82 -9.98 -31.72 39.58
C ARG A 82 -10.95 -31.37 40.68
N GLN A 83 -10.54 -30.57 41.67
CA GLN A 83 -11.49 -30.10 42.68
C GLN A 83 -12.51 -29.27 41.99
N ARG A 84 -12.07 -28.48 41.02
CA ARG A 84 -12.98 -27.66 40.28
C ARG A 84 -13.95 -28.58 39.56
N ARG A 85 -13.44 -29.65 38.92
CA ARG A 85 -14.32 -30.65 38.30
C ARG A 85 -15.34 -31.28 39.22
N GLN A 86 -14.89 -31.63 40.43
CA GLN A 86 -15.74 -32.26 41.42
C GLN A 86 -16.96 -31.43 41.77
N PHE A 87 -16.74 -30.13 41.89
CA PHE A 87 -17.81 -29.22 42.25
C PHE A 87 -18.22 -28.42 41.06
N PRO A 88 -19.36 -28.68 40.43
CA PRO A 88 -19.86 -27.86 39.33
C PRO A 88 -19.84 -26.39 39.70
N ARG A 89 -20.02 -26.13 40.98
CA ARG A 89 -20.07 -24.84 41.59
C ARG A 89 -18.72 -24.11 41.55
N PHE A 90 -17.63 -24.87 41.52
CA PHE A 90 -16.31 -24.26 41.41
C PHE A 90 -16.06 -23.71 40.01
N TYR A 91 -16.92 -24.05 39.05
CA TYR A 91 -16.76 -23.49 37.72
C TYR A 91 -17.42 -22.17 37.58
N PHE A 92 -18.00 -21.67 38.67
CA PHE A 92 -18.56 -20.35 38.69
C PHE A 92 -17.55 -19.39 39.32
N LEU A 93 -16.34 -19.88 39.60
CA LEU A 93 -15.30 -19.09 40.22
C LEU A 93 -13.93 -19.40 39.63
N GLY A 94 -12.96 -18.54 39.95
CA GLY A 94 -11.63 -18.70 39.38
C GLY A 94 -10.77 -19.58 40.23
N ASN A 95 -9.58 -19.88 39.75
CA ASN A 95 -8.68 -20.70 40.53
C ASN A 95 -8.22 -19.95 41.76
N ASP A 96 -7.99 -18.64 41.67
CA ASP A 96 -7.58 -17.86 42.85
C ASP A 96 -8.62 -18.01 43.94
N ASP A 97 -9.89 -17.98 43.55
CA ASP A 97 -10.99 -18.15 44.46
C ASP A 97 -10.89 -19.51 45.10
N LEU A 98 -10.73 -20.53 44.26
CA LEU A 98 -10.59 -21.91 44.68
C LEU A 98 -9.34 -22.18 45.48
N LEU A 99 -8.26 -21.53 45.08
CA LEU A 99 -6.99 -21.62 45.76
C LEU A 99 -7.16 -21.15 47.20
N LYS A 100 -7.95 -20.11 47.38
CA LYS A 100 -8.25 -19.58 48.70
C LYS A 100 -9.37 -20.36 49.42
N ILE A 101 -10.32 -20.92 48.66
CA ILE A 101 -11.36 -21.77 49.27
C ILE A 101 -10.77 -22.97 49.94
N ILE A 102 -9.86 -23.63 49.24
CA ILE A 102 -9.20 -24.79 49.81
C ILE A 102 -8.08 -24.32 50.75
N GLY A 103 -7.40 -23.23 50.35
CA GLY A 103 -6.34 -22.61 51.13
C GLY A 103 -6.69 -22.47 52.61
N SER A 104 -7.80 -21.84 52.90
CA SER A 104 -8.29 -21.73 54.27
C SER A 104 -9.62 -22.45 54.47
N GLY A 105 -9.73 -23.65 53.86
CA GLY A 105 -10.94 -24.48 53.87
C GLY A 105 -11.54 -24.77 55.24
N LYS A 106 -10.72 -24.74 56.30
CA LYS A 106 -11.23 -24.93 57.66
C LYS A 106 -12.35 -23.95 57.93
N HIS A 107 -12.19 -22.73 57.43
CA HIS A 107 -13.16 -21.71 57.62
C HIS A 107 -14.31 -21.89 56.68
N HIS A 108 -15.29 -22.63 57.16
CA HIS A 108 -16.55 -22.83 56.47
C HIS A 108 -17.21 -21.50 56.05
N ASP A 109 -16.87 -20.42 56.75
CA ASP A 109 -17.31 -19.09 56.42
C ASP A 109 -16.77 -18.66 55.07
N GLN A 110 -15.52 -19.04 54.77
CA GLN A 110 -14.89 -18.74 53.49
C GLN A 110 -15.65 -19.39 52.38
N VAL A 111 -16.11 -20.61 52.62
CA VAL A 111 -16.91 -21.32 51.64
C VAL A 111 -18.24 -20.60 51.40
N SER A 112 -18.87 -20.11 52.47
CA SER A 112 -20.16 -19.41 52.37
C SER A 112 -20.03 -18.05 51.65
N LYS A 113 -18.81 -17.56 51.46
CA LYS A 113 -18.62 -16.30 50.75
C LYS A 113 -19.00 -16.42 49.28
N PHE A 114 -19.05 -17.65 48.78
CA PHE A 114 -19.37 -17.88 47.39
C PHE A 114 -20.78 -18.41 47.19
N MET A 115 -21.66 -18.27 48.18
CA MET A 115 -23.00 -18.83 48.07
C MET A 115 -23.79 -18.42 46.86
N LYS A 116 -23.64 -17.19 46.40
CA LYS A 116 -24.40 -16.76 45.23
C LYS A 116 -24.06 -17.61 43.97
N LYS A 117 -22.90 -18.26 43.97
CA LYS A 117 -22.50 -19.13 42.89
C LYS A 117 -22.46 -20.61 43.28
N MET A 118 -22.28 -20.87 44.58
CA MET A 118 -22.17 -22.23 45.13
C MET A 118 -23.54 -22.82 45.45
N PHE A 119 -24.48 -21.94 45.75
CA PHE A 119 -25.85 -22.28 46.06
C PHE A 119 -26.79 -21.68 45.03
N GLY A 120 -28.08 -21.91 45.20
CA GLY A 120 -29.08 -21.36 44.31
C GLY A 120 -29.57 -20.03 44.85
N SER A 121 -30.89 -19.85 44.91
CA SER A 121 -31.47 -18.61 45.41
C SER A 121 -31.61 -18.59 46.92
N ILE A 122 -30.46 -18.61 47.57
CA ILE A 122 -30.35 -18.69 49.00
C ILE A 122 -29.62 -17.46 49.56
N GLU A 123 -30.24 -16.82 50.55
CA GLU A 123 -29.73 -15.60 51.18
C GLU A 123 -28.50 -15.86 52.01
N SER A 124 -28.69 -16.73 53.00
CA SER A 124 -27.72 -16.93 54.05
C SER A 124 -27.85 -18.31 54.65
N ILE A 125 -27.14 -18.53 55.75
CA ILE A 125 -27.10 -19.83 56.39
C ILE A 125 -27.35 -19.74 57.90
N ILE A 126 -28.10 -20.68 58.46
CA ILE A 126 -28.30 -20.72 59.90
C ILE A 126 -27.30 -21.73 60.48
N PHE A 127 -26.21 -21.21 61.03
CA PHE A 127 -25.15 -22.12 61.45
C PHE A 127 -24.37 -21.62 62.66
N PHE A 128 -23.56 -22.52 63.17
CA PHE A 128 -22.71 -22.35 64.32
C PHE A 128 -21.29 -22.63 63.88
N GLU A 129 -20.30 -22.31 64.70
CA GLU A 129 -18.92 -22.57 64.30
C GLU A 129 -18.75 -24.00 63.81
N ASP A 130 -18.56 -24.12 62.50
CA ASP A 130 -18.33 -25.38 61.81
C ASP A 130 -19.46 -26.42 61.90
N SER A 131 -20.70 -25.96 62.10
CA SER A 131 -21.88 -26.86 62.18
C SER A 131 -23.15 -26.12 61.73
N ILE A 132 -24.03 -26.79 61.01
CA ILE A 132 -25.22 -26.12 60.47
C ILE A 132 -26.52 -26.82 60.80
N THR A 133 -27.55 -26.02 61.11
CA THR A 133 -28.86 -26.57 61.44
C THR A 133 -29.97 -26.10 60.49
N GLY A 134 -29.75 -25.01 59.76
CA GLY A 134 -30.78 -24.54 58.82
C GLY A 134 -30.23 -23.64 57.71
N VAL A 135 -31.12 -23.12 56.87
CA VAL A 135 -30.70 -22.29 55.76
C VAL A 135 -31.71 -21.17 55.44
N ARG A 136 -31.21 -20.01 55.04
CA ARG A 136 -32.06 -18.85 54.78
C ARG A 136 -32.28 -18.59 53.29
N SER A 137 -33.55 -18.64 52.84
CA SER A 137 -33.86 -18.42 51.41
C SER A 137 -33.56 -17.01 51.04
N VAL A 138 -33.42 -16.75 49.74
CA VAL A 138 -33.18 -15.39 49.24
C VAL A 138 -34.25 -14.41 49.70
N GLU A 139 -35.46 -14.91 49.97
CA GLU A 139 -36.55 -14.11 50.49
C GLU A 139 -36.29 -13.60 51.89
N GLY A 140 -35.55 -14.37 52.69
CA GLY A 140 -35.31 -14.05 54.08
C GLY A 140 -36.07 -15.05 54.94
N GLU A 141 -36.99 -15.77 54.32
CA GLU A 141 -37.74 -16.81 55.00
C GLU A 141 -36.83 -18.00 55.11
N VAL A 142 -37.03 -18.82 56.13
CA VAL A 142 -36.07 -19.89 56.35
C VAL A 142 -36.65 -21.28 56.28
N LEU A 143 -35.76 -22.20 55.96
CA LEU A 143 -36.05 -23.62 55.92
C LEU A 143 -34.99 -24.31 56.73
N ASN A 144 -35.37 -25.07 57.73
CA ASN A 144 -34.34 -25.74 58.49
C ASN A 144 -33.85 -26.94 57.71
N LEU A 145 -32.77 -27.54 58.16
CA LEU A 145 -32.29 -28.74 57.53
C LEU A 145 -33.02 -29.93 58.06
N ASN A 146 -33.17 -30.95 57.24
CA ASN A 146 -33.78 -32.15 57.72
C ASN A 146 -32.89 -32.79 58.81
N GLU A 147 -31.57 -32.52 58.77
CA GLU A 147 -30.64 -32.97 59.80
C GLU A 147 -29.42 -32.04 59.89
N LYS A 148 -28.85 -31.93 61.10
CA LYS A 148 -27.66 -31.12 61.37
C LYS A 148 -26.44 -31.69 60.65
N ILE A 149 -25.67 -30.81 60.04
CA ILE A 149 -24.51 -31.20 59.24
C ILE A 149 -23.24 -30.52 59.74
N GLU A 150 -22.14 -31.24 59.81
CA GLU A 150 -20.93 -30.56 60.21
C GLU A 150 -20.31 -29.87 59.00
N LEU A 151 -19.75 -28.68 59.21
CA LEU A 151 -19.24 -27.86 58.12
C LEU A 151 -17.72 -27.91 57.96
N LYS A 152 -17.00 -28.09 59.06
CA LYS A 152 -15.53 -28.10 59.01
C LYS A 152 -14.95 -28.99 57.91
N ASP A 153 -14.05 -28.42 57.11
CA ASP A 153 -13.30 -29.05 55.98
C ASP A 153 -13.26 -30.59 55.97
N SER A 154 -12.88 -31.17 57.12
CA SER A 154 -12.74 -32.60 57.41
C SER A 154 -13.44 -33.56 56.46
N ILE A 155 -14.77 -33.57 56.49
CA ILE A 155 -15.61 -34.47 55.70
C ILE A 155 -15.47 -34.36 54.18
N GLN A 156 -14.68 -33.39 53.70
CA GLN A 156 -14.38 -33.16 52.28
C GLN A 156 -15.43 -32.34 51.64
N ALA A 157 -15.07 -31.09 51.39
CA ALA A 157 -15.95 -30.07 50.84
C ALA A 157 -16.89 -30.58 49.74
N GLN A 158 -16.47 -31.52 48.87
CA GLN A 158 -17.39 -32.02 47.85
C GLN A 158 -18.54 -32.76 48.51
N GLU A 159 -18.19 -33.72 49.36
CA GLU A 159 -19.14 -34.50 50.11
C GLU A 159 -19.99 -33.60 50.95
N TRP A 160 -19.32 -32.72 51.68
CA TRP A 160 -19.93 -31.72 52.52
C TRP A 160 -21.03 -30.96 51.79
N LEU A 161 -20.68 -30.40 50.63
CA LEU A 161 -21.63 -29.67 49.80
C LEU A 161 -22.81 -30.54 49.40
N ASN A 162 -22.52 -31.76 48.98
CA ASN A 162 -23.57 -32.69 48.57
C ASN A 162 -24.52 -33.00 49.73
N ILE A 163 -23.96 -33.11 50.93
CA ILE A 163 -24.73 -33.37 52.14
C ILE A 163 -25.64 -32.19 52.44
N LEU A 164 -25.10 -30.96 52.29
CA LEU A 164 -25.87 -29.76 52.53
C LEU A 164 -27.09 -29.72 51.67
N ASP A 165 -26.89 -29.98 50.38
CA ASP A 165 -27.99 -29.97 49.46
C ASP A 165 -29.00 -31.02 49.83
N THR A 166 -28.52 -32.21 50.17
CA THR A 166 -29.40 -33.31 50.54
C THR A 166 -30.37 -32.98 51.65
N GLU A 167 -29.86 -32.43 52.75
CA GLU A 167 -30.73 -32.14 53.89
C GLU A 167 -31.67 -30.99 53.59
N ILE A 168 -31.23 -30.04 52.76
CA ILE A 168 -32.10 -28.95 52.36
C ILE A 168 -33.24 -29.52 51.56
N LYS A 169 -32.90 -30.36 50.57
CA LYS A 169 -33.88 -31.00 49.69
C LYS A 169 -34.89 -31.76 50.50
N LEU A 170 -34.41 -32.51 51.48
CA LEU A 170 -35.28 -33.31 52.30
C LEU A 170 -36.26 -32.43 53.03
N SER A 171 -35.81 -31.28 53.51
CA SER A 171 -36.72 -30.35 54.14
C SER A 171 -37.67 -29.76 53.10
N VAL A 172 -37.13 -29.42 51.93
CA VAL A 172 -37.89 -28.86 50.82
C VAL A 172 -39.11 -29.66 50.45
N PHE A 173 -39.02 -30.98 50.44
CA PHE A 173 -40.21 -31.71 50.10
C PHE A 173 -40.85 -32.42 51.25
N THR A 174 -40.10 -32.87 52.23
CA THR A 174 -40.73 -33.54 53.36
C THR A 174 -41.69 -32.62 54.08
N GLN A 175 -41.27 -31.38 54.28
CA GLN A 175 -42.15 -30.43 54.93
C GLN A 175 -43.25 -30.01 53.96
N PHE A 176 -42.97 -30.16 52.66
CA PHE A 176 -43.96 -29.92 51.62
C PHE A 176 -45.01 -31.01 51.62
N ARG A 177 -44.60 -32.26 51.90
CA ARG A 177 -45.55 -33.37 52.01
C ARG A 177 -46.61 -32.99 53.01
N ASP A 178 -46.14 -32.46 54.14
CA ASP A 178 -47.02 -32.01 55.20
C ASP A 178 -47.86 -30.82 54.76
N CYS A 179 -47.25 -29.87 54.07
CA CYS A 179 -47.93 -28.67 53.58
C CYS A 179 -49.12 -28.99 52.69
N LEU A 180 -48.92 -29.86 51.70
CA LEU A 180 -50.05 -30.28 50.86
C LEU A 180 -51.12 -30.93 51.67
N GLY A 181 -50.74 -31.88 52.52
CA GLY A 181 -51.74 -32.56 53.32
C GLY A 181 -52.56 -31.55 54.11
N GLN A 182 -51.89 -30.56 54.69
CA GLN A 182 -52.58 -29.53 55.45
C GLN A 182 -53.55 -28.73 54.61
N LEU A 183 -53.07 -28.15 53.50
CA LEU A 183 -53.96 -27.35 52.66
C LEU A 183 -55.04 -28.13 51.99
N LYS A 184 -54.70 -29.29 51.47
CA LYS A 184 -55.66 -30.14 50.78
C LYS A 184 -56.81 -30.50 51.72
N ASP A 185 -56.48 -30.79 52.99
CA ASP A 185 -57.50 -31.04 53.99
C ASP A 185 -58.30 -29.78 54.34
N GLY A 186 -57.64 -28.62 54.33
CA GLY A 186 -58.33 -27.36 54.61
C GLY A 186 -57.73 -26.61 55.81
N THR A 187 -56.54 -27.01 56.25
CA THR A 187 -55.85 -26.37 57.36
C THR A 187 -55.54 -24.92 57.02
N ASP A 188 -55.81 -24.04 57.98
CA ASP A 188 -55.61 -22.62 57.77
C ASP A 188 -54.18 -22.34 57.36
N ILE A 189 -54.06 -21.49 56.35
CA ILE A 189 -52.79 -21.08 55.77
C ILE A 189 -51.77 -20.56 56.77
N GLU A 190 -52.22 -20.04 57.92
CA GLU A 190 -51.29 -19.55 58.93
C GLU A 190 -50.44 -20.69 59.48
N VAL A 191 -51.06 -21.85 59.62
CA VAL A 191 -50.39 -23.04 60.11
C VAL A 191 -49.48 -23.56 59.03
N VAL A 192 -50.01 -23.62 57.81
CA VAL A 192 -49.28 -24.10 56.66
C VAL A 192 -48.03 -23.30 56.42
N VAL A 193 -48.16 -21.97 56.50
CA VAL A 193 -47.03 -21.06 56.45
C VAL A 193 -46.06 -21.29 57.58
N SER A 194 -46.56 -21.45 58.79
CA SER A 194 -45.70 -21.73 59.92
C SER A 194 -44.83 -22.96 59.68
N LYS A 195 -45.40 -23.96 58.97
CA LYS A 195 -44.69 -25.20 58.72
C LYS A 195 -43.92 -25.34 57.39
N TYR A 196 -43.90 -24.31 56.51
CA TYR A 196 -43.22 -24.54 55.22
C TYR A 196 -42.98 -23.28 54.32
N ILE A 197 -42.09 -23.42 53.30
CA ILE A 197 -41.71 -22.42 52.29
C ILE A 197 -42.75 -22.15 51.20
N PHE A 198 -43.10 -20.88 51.04
CA PHE A 198 -44.17 -20.44 50.17
C PHE A 198 -44.10 -20.79 48.69
N GLN A 199 -42.91 -20.79 48.09
CA GLN A 199 -42.84 -21.09 46.64
C GLN A 199 -43.56 -22.38 46.28
N ALA A 200 -43.62 -23.32 47.24
CA ALA A 200 -44.32 -24.54 47.00
C ALA A 200 -45.60 -24.59 47.88
N ILE A 201 -45.71 -23.77 48.95
CA ILE A 201 -47.02 -23.74 49.64
C ILE A 201 -48.10 -23.39 48.67
N LEU A 202 -47.85 -22.35 47.90
CA LEU A 202 -48.77 -21.89 46.88
C LEU A 202 -49.05 -22.99 45.90
N LEU A 203 -47.99 -23.68 45.52
CA LEU A 203 -48.04 -24.75 44.57
C LEU A 203 -49.02 -25.84 45.05
N SER A 204 -48.96 -26.20 46.34
CA SER A 204 -49.91 -27.17 46.90
C SER A 204 -51.28 -26.58 47.11
N ALA A 205 -51.35 -25.27 47.34
CA ALA A 205 -52.65 -24.63 47.35
C ALA A 205 -53.27 -24.82 45.98
N GLN A 206 -52.46 -24.62 44.93
CA GLN A 206 -52.91 -24.79 43.57
C GLN A 206 -53.32 -26.23 43.31
N VAL A 207 -52.61 -27.20 43.89
CA VAL A 207 -53.01 -28.60 43.77
C VAL A 207 -54.39 -28.81 44.37
N MET A 208 -54.62 -28.26 45.57
CA MET A 208 -55.93 -28.31 46.20
C MET A 208 -57.00 -27.63 45.38
N TRP A 209 -56.71 -26.39 44.97
CA TRP A 209 -57.65 -25.60 44.20
C TRP A 209 -57.86 -26.22 42.82
N THR A 210 -56.88 -26.99 42.33
CA THR A 210 -57.04 -27.74 41.09
C THR A 210 -58.09 -28.81 41.30
N GLU A 211 -58.02 -29.52 42.42
CA GLU A 211 -59.06 -30.51 42.66
C GLU A 211 -60.42 -29.85 42.84
N LEU A 212 -60.42 -28.73 43.53
CA LEU A 212 -61.66 -28.03 43.77
C LEU A 212 -62.23 -27.42 42.48
N VAL A 213 -61.36 -26.97 41.58
CA VAL A 213 -61.88 -26.43 40.34
C VAL A 213 -62.36 -27.57 39.50
N GLU A 214 -61.75 -28.76 39.63
CA GLU A 214 -62.24 -29.91 38.88
C GLU A 214 -63.65 -30.21 39.30
N LYS A 215 -63.93 -30.02 40.58
CA LYS A 215 -65.28 -30.20 41.06
C LYS A 215 -66.20 -29.21 40.37
N CYS A 216 -65.79 -27.95 40.27
CA CYS A 216 -66.68 -27.01 39.61
C CYS A 216 -66.66 -27.17 38.08
N LEU A 217 -65.58 -27.74 37.51
CA LEU A 217 -65.48 -27.98 36.05
C LEU A 217 -66.51 -28.98 35.63
N GLN A 218 -66.89 -29.84 36.56
CA GLN A 218 -67.97 -30.77 36.41
C GLN A 218 -69.35 -30.10 36.63
N THR A 219 -69.37 -28.76 36.65
CA THR A 219 -70.54 -27.94 36.90
C THR A 219 -71.15 -28.24 38.25
N ASN A 220 -70.32 -28.56 39.23
CA ASN A 220 -70.87 -28.86 40.55
C ASN A 220 -70.99 -27.60 41.39
N GLU A 221 -70.21 -26.57 41.06
CA GLU A 221 -70.22 -25.37 41.88
C GLU A 221 -69.41 -24.21 41.35
N PHE A 222 -69.66 -23.74 40.13
CA PHE A 222 -68.83 -22.64 39.64
C PHE A 222 -68.99 -21.35 40.42
N SER A 223 -70.23 -21.04 40.79
CA SER A 223 -70.53 -19.81 41.50
C SER A 223 -70.06 -19.87 42.93
N LYS A 224 -70.46 -20.93 43.62
CA LYS A 224 -70.06 -21.14 44.99
C LYS A 224 -68.57 -21.16 45.13
N TYR A 225 -67.91 -21.94 44.28
CA TYR A 225 -66.47 -22.04 44.26
C TYR A 225 -65.82 -20.70 44.01
N TRP A 226 -66.37 -19.95 43.06
CA TRP A 226 -65.90 -18.61 42.81
C TRP A 226 -66.00 -17.79 44.08
N LYS A 227 -67.13 -17.91 44.77
CA LYS A 227 -67.34 -17.19 46.00
C LYS A 227 -66.42 -17.67 47.07
N GLU A 228 -66.13 -18.96 47.10
CA GLU A 228 -65.25 -19.52 48.11
C GLU A 228 -63.87 -18.95 48.01
N VAL A 229 -63.31 -18.90 46.81
CA VAL A 229 -61.99 -18.33 46.70
C VAL A 229 -62.05 -16.83 46.93
N ASP A 230 -63.17 -16.21 46.58
CA ASP A 230 -63.37 -14.80 46.87
C ASP A 230 -63.44 -14.54 48.37
N MET A 231 -64.07 -15.45 49.10
CA MET A 231 -64.14 -15.35 50.54
C MET A 231 -62.78 -15.63 51.14
N LYS A 232 -62.00 -16.49 50.49
CA LYS A 232 -60.65 -16.73 50.93
C LYS A 232 -59.81 -15.49 50.68
N ILE A 233 -60.14 -14.75 49.62
CA ILE A 233 -59.49 -13.47 49.41
C ILE A 233 -59.80 -12.54 50.54
N LYS A 234 -61.08 -12.44 50.88
CA LYS A 234 -61.50 -11.57 51.95
C LYS A 234 -60.80 -11.89 53.26
N GLY A 235 -60.69 -13.19 53.56
CA GLY A 235 -60.01 -13.64 54.77
C GLY A 235 -58.54 -13.24 54.75
N LEU A 236 -57.87 -13.49 53.63
CA LEU A 236 -56.46 -13.15 53.52
C LEU A 236 -56.24 -11.65 53.51
N LEU A 237 -57.19 -10.89 52.95
CA LEU A 237 -57.07 -9.43 52.94
C LEU A 237 -57.07 -8.91 54.37
N ASP A 238 -57.85 -9.54 55.23
CA ASP A 238 -57.84 -9.18 56.64
C ASP A 238 -56.51 -9.58 57.27
N LYS A 239 -56.01 -10.77 56.87
CA LYS A 239 -54.73 -11.28 57.37
C LYS A 239 -53.53 -10.48 56.88
N LEU A 240 -53.71 -9.65 55.83
CA LEU A 240 -52.64 -8.76 55.35
C LEU A 240 -52.22 -7.75 56.40
N ASN A 241 -53.04 -7.54 57.43
CA ASN A 241 -52.71 -6.63 58.51
C ASN A 241 -51.59 -7.17 59.42
N LYS A 242 -51.19 -8.43 59.22
CA LYS A 242 -50.08 -9.02 59.98
C LYS A 242 -48.81 -8.22 59.73
N SER A 243 -48.12 -7.90 60.81
CA SER A 243 -46.92 -7.07 60.77
C SER A 243 -45.75 -7.65 59.98
N SER A 244 -45.70 -8.97 59.80
CA SER A 244 -44.64 -9.54 59.01
C SER A 244 -44.83 -9.19 57.55
N ASP A 245 -43.89 -8.43 57.01
CA ASP A 245 -43.97 -8.00 55.63
C ASP A 245 -43.82 -9.16 54.68
N ASN A 246 -42.98 -10.13 55.04
CA ASN A 246 -42.79 -11.27 54.19
C ASN A 246 -44.02 -12.13 54.18
N VAL A 247 -44.63 -12.36 55.35
CA VAL A 247 -45.82 -13.18 55.40
C VAL A 247 -47.02 -12.52 54.77
N LYS A 248 -47.21 -11.22 54.96
CA LYS A 248 -48.38 -10.64 54.32
C LYS A 248 -48.14 -10.64 52.81
N LYS A 249 -46.87 -10.51 52.38
CA LYS A 249 -46.51 -10.60 50.97
C LYS A 249 -46.74 -12.00 50.47
N LYS A 250 -46.41 -12.97 51.32
CA LYS A 250 -46.59 -14.37 51.08
C LYS A 250 -48.04 -14.62 50.69
N ILE A 251 -48.96 -14.13 51.52
CA ILE A 251 -50.37 -14.32 51.19
C ILE A 251 -50.86 -13.34 50.14
N GLU A 252 -50.12 -12.25 49.86
CA GLU A 252 -50.51 -11.41 48.73
C GLU A 252 -50.37 -12.20 47.45
N ALA A 253 -49.29 -12.96 47.34
CA ALA A 253 -49.09 -13.82 46.18
C ALA A 253 -50.20 -14.87 46.10
N LEU A 254 -50.57 -15.41 47.26
CA LEU A 254 -51.66 -16.36 47.36
C LEU A 254 -52.96 -15.72 46.91
N LEU A 255 -53.19 -14.49 47.39
CA LEU A 255 -54.31 -13.66 46.98
C LEU A 255 -54.34 -13.37 45.51
N VAL A 256 -53.18 -13.12 44.91
CA VAL A 256 -53.10 -12.91 43.46
C VAL A 256 -53.56 -14.17 42.77
N GLU A 257 -53.18 -15.32 43.30
CA GLU A 257 -53.61 -16.58 42.74
C GLU A 257 -55.10 -16.72 42.92
N TYR A 258 -55.61 -16.23 44.04
CA TYR A 258 -57.03 -16.24 44.28
C TYR A 258 -57.74 -15.28 43.35
N LEU A 259 -57.07 -14.19 43.00
CA LEU A 259 -57.60 -13.25 42.03
C LEU A 259 -57.57 -13.91 40.65
N HIS A 260 -56.54 -14.74 40.40
CA HIS A 260 -56.48 -15.54 39.18
C HIS A 260 -57.63 -16.50 39.18
N PHE A 261 -57.99 -17.00 40.34
CA PHE A 261 -59.12 -17.87 40.44
C PHE A 261 -60.41 -17.06 40.24
N ASN A 262 -60.49 -15.85 40.77
CA ASN A 262 -61.68 -15.07 40.46
C ASN A 262 -61.78 -14.76 38.97
N ASN A 263 -60.63 -14.71 38.29
CA ASN A 263 -60.62 -14.47 36.87
C ASN A 263 -60.97 -15.75 36.13
N VAL A 264 -60.20 -16.80 36.36
CA VAL A 264 -60.36 -18.09 35.71
C VAL A 264 -61.64 -18.77 36.10
N ILE A 265 -61.93 -18.85 37.39
CA ILE A 265 -63.17 -19.44 37.85
C ILE A 265 -64.27 -18.58 37.33
N GLY A 266 -64.07 -17.27 37.40
CA GLY A 266 -65.05 -16.32 36.90
C GLY A 266 -65.37 -16.61 35.44
N GLN A 267 -64.35 -16.88 34.64
CA GLN A 267 -64.54 -17.23 33.24
C GLN A 267 -65.26 -18.56 33.12
N LEU A 268 -64.86 -19.52 33.93
CA LEU A 268 -65.48 -20.84 33.95
C LEU A 268 -66.93 -20.75 34.41
N LYS A 269 -67.14 -19.90 35.41
CA LYS A 269 -68.44 -19.57 35.95
C LYS A 269 -69.33 -18.98 34.90
N ASN A 270 -68.74 -18.13 34.08
CA ASN A 270 -69.48 -17.43 33.05
C ASN A 270 -69.28 -18.06 31.66
N CYS A 271 -69.15 -19.38 31.59
CA CYS A 271 -68.97 -20.03 30.29
C CYS A 271 -69.33 -21.50 30.28
N SER A 272 -70.04 -21.92 29.24
CA SER A 272 -70.40 -23.32 29.01
C SER A 272 -69.14 -24.18 28.98
N THR A 273 -68.65 -24.51 30.15
CA THR A 273 -67.41 -25.19 30.30
C THR A 273 -67.45 -26.66 29.98
N LYS A 274 -66.73 -27.03 28.93
CA LYS A 274 -66.50 -28.40 28.53
C LYS A 274 -65.50 -29.07 29.44
N GLU A 275 -65.88 -29.26 30.71
CA GLU A 275 -64.99 -29.84 31.70
C GLU A 275 -63.61 -29.15 31.60
N GLU A 276 -62.57 -29.87 32.01
CA GLU A 276 -61.21 -29.34 31.94
C GLU A 276 -60.70 -29.14 30.50
N ALA A 277 -61.43 -29.68 29.50
CA ALA A 277 -61.04 -29.54 28.10
C ALA A 277 -61.34 -28.13 27.62
N ARG A 278 -62.28 -27.47 28.25
CA ARG A 278 -62.52 -26.09 27.87
C ARG A 278 -61.26 -25.33 28.14
N LEU A 279 -60.77 -24.61 27.14
CA LEU A 279 -59.56 -23.80 27.22
C LEU A 279 -59.43 -22.99 28.52
N LEU A 280 -60.53 -22.67 29.17
CA LEU A 280 -60.52 -21.95 30.43
C LEU A 280 -59.84 -22.73 31.56
N TRP A 281 -59.56 -24.01 31.31
CA TRP A 281 -58.79 -24.81 32.23
C TRP A 281 -57.86 -25.76 31.46
N ALA A 282 -58.05 -25.88 30.13
CA ALA A 282 -57.10 -26.64 29.31
C ALA A 282 -55.91 -25.73 28.98
N LYS A 283 -56.20 -24.44 28.74
CA LYS A 283 -55.18 -23.44 28.49
C LYS A 283 -54.63 -22.99 29.83
N VAL A 284 -55.51 -22.70 30.77
CA VAL A 284 -55.10 -22.30 32.11
C VAL A 284 -54.49 -23.48 32.85
N GLN A 285 -53.34 -23.26 33.48
CA GLN A 285 -52.63 -24.36 34.13
C GLN A 285 -53.24 -24.89 35.42
N LYS A 286 -52.81 -26.11 35.74
CA LYS A 286 -53.26 -26.92 36.85
C LYS A 286 -52.10 -27.68 37.49
N PHE A 287 -52.26 -28.08 38.75
CA PHE A 287 -51.16 -28.76 39.43
C PHE A 287 -51.52 -30.07 40.10
N TYR A 288 -50.53 -30.96 40.10
CA TYR A 288 -50.64 -32.28 40.71
C TYR A 288 -49.50 -32.48 41.68
N GLN A 289 -49.68 -33.33 42.68
CA GLN A 289 -48.58 -33.57 43.61
C GLN A 289 -48.59 -34.96 44.19
N LYS A 290 -47.40 -35.55 44.21
CA LYS A 290 -47.22 -36.87 44.77
C LYS A 290 -46.38 -36.83 46.03
N ASN A 291 -47.03 -36.96 47.18
CA ASN A 291 -46.30 -37.03 48.45
C ASN A 291 -45.53 -38.33 48.50
N ASP A 292 -46.04 -39.32 47.77
CA ASP A 292 -45.41 -40.62 47.68
C ASP A 292 -44.32 -40.61 46.62
N THR A 293 -43.21 -39.97 46.97
CA THR A 293 -42.02 -39.89 46.16
C THR A 293 -40.87 -39.81 47.12
N LEU A 294 -39.76 -40.42 46.75
CA LEU A 294 -38.59 -40.42 47.62
C LEU A 294 -37.68 -39.28 47.27
N ASP A 295 -37.84 -38.78 46.05
CA ASP A 295 -37.05 -37.67 45.59
C ASP A 295 -37.66 -36.40 46.11
N ASP A 296 -36.99 -35.78 47.05
CA ASP A 296 -37.53 -34.58 47.64
C ASP A 296 -37.40 -33.31 46.79
N LEU A 297 -37.03 -33.43 45.53
CA LEU A 297 -37.18 -32.31 44.62
C LEU A 297 -38.10 -32.69 43.45
N ASN A 298 -38.73 -33.86 43.50
CA ASN A 298 -39.59 -34.27 42.39
C ASN A 298 -40.91 -34.90 42.82
N SER A 299 -41.94 -34.04 42.94
CA SER A 299 -43.28 -34.47 43.32
C SER A 299 -44.43 -33.75 42.62
N VAL A 300 -44.23 -32.47 42.29
CA VAL A 300 -45.29 -31.68 41.65
C VAL A 300 -45.23 -31.59 40.17
N PHE A 301 -46.40 -31.70 39.57
CA PHE A 301 -46.50 -31.58 38.16
C PHE A 301 -47.22 -30.32 37.76
N ILE A 302 -46.65 -29.67 36.77
CA ILE A 302 -47.10 -28.41 36.23
C ILE A 302 -47.86 -28.75 34.99
N SER A 303 -49.12 -28.38 34.89
CA SER A 303 -49.79 -28.87 33.70
C SER A 303 -50.78 -27.96 33.04
N GLN A 304 -50.87 -28.13 31.74
CA GLN A 304 -51.80 -27.42 30.89
C GLN A 304 -51.68 -28.08 29.55
N SER A 305 -52.51 -27.69 28.59
CA SER A 305 -52.53 -28.39 27.33
C SER A 305 -52.73 -29.87 27.64
N GLY A 306 -51.77 -30.72 27.32
CA GLY A 306 -51.89 -32.11 27.75
C GLY A 306 -50.61 -32.62 28.36
N TYR A 307 -49.85 -31.73 29.00
CA TYR A 307 -48.60 -32.17 29.58
C TYR A 307 -48.44 -31.81 31.02
N LEU A 308 -47.66 -32.64 31.71
CA LEU A 308 -47.27 -32.45 33.10
C LEU A 308 -45.75 -32.22 33.15
N LEU A 309 -45.30 -31.14 33.77
CA LEU A 309 -43.86 -30.90 33.87
C LEU A 309 -43.43 -31.08 35.27
N GLN A 310 -42.23 -31.58 35.46
CA GLN A 310 -41.78 -31.78 36.82
C GLN A 310 -41.24 -30.49 37.43
N TYR A 311 -41.91 -30.01 38.48
CA TYR A 311 -41.51 -28.83 39.24
C TYR A 311 -40.26 -29.20 40.04
N LYS A 312 -39.25 -28.32 40.04
CA LYS A 312 -37.96 -28.58 40.70
C LYS A 312 -37.84 -28.27 42.17
N PHE A 313 -38.51 -27.23 42.65
CA PHE A 313 -38.41 -26.83 44.05
C PHE A 313 -37.05 -26.36 44.46
N GLU A 314 -36.32 -25.75 43.54
CA GLU A 314 -35.03 -25.24 43.94
C GLU A 314 -35.35 -24.22 45.00
N TYR A 315 -34.65 -24.28 46.12
CA TYR A 315 -34.98 -23.42 47.25
C TYR A 315 -34.88 -21.93 46.87
N ILE A 316 -36.07 -21.32 46.77
CA ILE A 316 -36.29 -19.91 46.39
C ILE A 316 -37.08 -19.09 47.40
N GLY A 317 -38.31 -19.52 47.69
CA GLY A 317 -39.19 -18.75 48.57
C GLY A 317 -40.18 -17.91 47.77
N ILE A 318 -40.58 -16.77 48.31
CA ILE A 318 -41.56 -15.85 47.71
C ILE A 318 -41.13 -15.02 46.46
N PRO A 319 -39.95 -14.34 46.54
CA PRO A 319 -39.53 -13.22 45.62
C PRO A 319 -40.43 -12.88 44.41
N GLU A 320 -40.15 -13.42 43.22
CA GLU A 320 -40.85 -12.97 42.02
C GLU A 320 -42.11 -13.71 41.66
N ARG A 321 -43.03 -12.96 41.06
CA ARG A 321 -44.31 -13.47 40.61
C ARG A 321 -44.94 -12.55 39.58
N LEU A 322 -45.29 -13.12 38.43
CA LEU A 322 -45.93 -12.37 37.36
C LEU A 322 -47.39 -12.75 37.23
N ILE A 323 -48.20 -11.80 36.78
CA ILE A 323 -49.62 -12.02 36.58
C ILE A 323 -49.80 -13.00 35.43
N TYR A 324 -50.67 -13.99 35.61
CA TYR A 324 -50.79 -15.05 34.61
C TYR A 324 -51.69 -14.60 33.49
N THR A 325 -51.13 -13.74 32.67
CA THR A 325 -51.82 -13.21 31.52
C THR A 325 -51.84 -14.30 30.50
N PRO A 326 -52.72 -14.21 29.50
CA PRO A 326 -52.87 -15.13 28.41
C PRO A 326 -51.62 -15.13 27.57
N LEU A 327 -50.91 -14.01 27.57
CA LEU A 327 -49.68 -13.90 26.83
C LEU A 327 -48.53 -14.54 27.61
N LEU A 328 -48.58 -14.45 28.94
CA LEU A 328 -47.61 -15.14 29.79
C LEU A 328 -47.82 -16.63 29.64
N LEU A 329 -49.09 -17.01 29.66
CA LEU A 329 -49.55 -18.37 29.53
C LEU A 329 -49.07 -19.01 28.25
N VAL A 330 -49.28 -18.35 27.12
CA VAL A 330 -48.82 -18.92 25.88
C VAL A 330 -47.30 -18.86 25.82
N GLY A 331 -46.70 -17.90 26.52
CA GLY A 331 -45.27 -17.92 26.71
C GLY A 331 -44.82 -19.21 27.38
N PHE A 332 -45.52 -19.62 28.45
CA PHE A 332 -45.16 -20.84 29.17
C PHE A 332 -45.29 -22.09 28.34
N ALA A 333 -46.40 -22.21 27.61
CA ALA A 333 -46.64 -23.39 26.78
C ALA A 333 -45.64 -23.44 25.63
N THR A 334 -45.25 -22.26 25.11
CA THR A 334 -44.28 -22.21 24.04
C THR A 334 -42.92 -22.67 24.55
N LEU A 335 -42.54 -22.15 25.72
CA LEU A 335 -41.30 -22.50 26.37
C LEU A 335 -41.24 -23.98 26.71
N THR A 336 -42.38 -24.54 27.13
CA THR A 336 -42.49 -25.95 27.47
C THR A 336 -42.25 -26.87 26.32
N ASP A 337 -42.99 -26.68 25.25
CA ASP A 337 -42.86 -27.55 24.13
C ASP A 337 -41.56 -27.29 23.40
N SER A 338 -41.01 -26.08 23.52
CA SER A 338 -39.70 -25.79 22.95
C SER A 338 -38.70 -26.61 23.74
N LEU A 339 -38.86 -26.65 25.06
CA LEU A 339 -38.06 -27.47 25.96
C LEU A 339 -38.17 -28.93 25.56
N HIS A 340 -39.39 -29.38 25.24
CA HIS A 340 -39.60 -30.74 24.79
C HIS A 340 -38.92 -31.01 23.45
N GLN A 341 -38.88 -30.01 22.57
CA GLN A 341 -38.11 -30.11 21.34
C GLN A 341 -36.62 -30.04 21.62
N LYS A 342 -36.28 -29.48 22.77
CA LYS A 342 -34.93 -29.21 23.22
C LYS A 342 -34.39 -28.08 22.37
N TYR A 343 -35.30 -27.18 21.99
CA TYR A 343 -35.04 -25.99 21.21
C TYR A 343 -35.09 -24.77 22.10
N GLY A 344 -34.47 -23.70 21.64
CA GLY A 344 -34.41 -22.50 22.43
C GLY A 344 -35.44 -21.49 22.02
N GLY A 345 -35.26 -20.27 22.49
CA GLY A 345 -36.17 -19.20 22.16
C GLY A 345 -35.47 -17.87 22.07
N CYS A 346 -36.16 -16.88 21.53
CA CYS A 346 -35.61 -15.54 21.38
C CYS A 346 -36.67 -14.45 21.63
N PHE A 347 -36.71 -13.93 22.84
CA PHE A 347 -37.71 -12.94 23.16
C PHE A 347 -37.40 -11.62 22.50
N PHE A 348 -38.43 -11.01 21.95
CA PHE A 348 -38.33 -9.76 21.23
C PHE A 348 -39.32 -8.77 21.79
N GLY A 349 -38.87 -7.95 22.73
CA GLY A 349 -39.73 -6.98 23.35
C GLY A 349 -39.05 -6.46 24.58
N PRO A 350 -39.39 -5.26 25.04
CA PRO A 350 -38.75 -4.50 26.09
C PRO A 350 -39.00 -4.96 27.52
N ALA A 351 -38.00 -4.77 28.38
CA ALA A 351 -38.17 -5.09 29.78
C ALA A 351 -39.21 -4.17 30.33
N GLY A 352 -40.07 -4.71 31.15
CA GLY A 352 -41.18 -3.96 31.67
C GLY A 352 -42.42 -4.42 30.95
N THR A 353 -42.23 -5.12 29.82
CA THR A 353 -43.33 -5.73 29.09
C THR A 353 -43.04 -7.21 29.05
N GLY A 354 -42.22 -7.70 29.97
CA GLY A 354 -42.00 -9.12 30.04
C GLY A 354 -40.75 -9.65 29.35
N LYS A 355 -39.89 -8.78 28.81
CA LYS A 355 -38.67 -9.27 28.13
C LYS A 355 -37.96 -10.34 28.92
N THR A 356 -37.75 -10.10 30.20
CA THR A 356 -37.11 -11.11 31.02
C THR A 356 -38.08 -11.64 32.03
N GLU A 357 -38.95 -10.76 32.54
CA GLU A 357 -39.89 -11.12 33.58
C GLU A 357 -40.68 -12.38 33.29
N THR A 358 -41.04 -12.61 32.02
CA THR A 358 -41.84 -13.77 31.67
C THR A 358 -41.00 -15.04 31.53
N VAL A 359 -39.68 -14.87 31.37
CA VAL A 359 -38.76 -15.99 31.33
C VAL A 359 -38.64 -16.48 32.74
N LYS A 360 -38.41 -15.53 33.63
CA LYS A 360 -38.29 -15.77 35.05
C LYS A 360 -39.58 -16.32 35.60
N ALA A 361 -40.71 -15.83 35.08
CA ALA A 361 -42.00 -16.32 35.51
C ALA A 361 -42.10 -17.80 35.23
N PHE A 362 -41.62 -18.24 34.06
CA PHE A 362 -41.65 -19.65 33.73
C PHE A 362 -40.69 -20.42 34.59
N GLY A 363 -39.50 -19.87 34.83
CA GLY A 363 -38.53 -20.50 35.71
C GLY A 363 -39.12 -20.73 37.09
N GLN A 364 -39.82 -19.72 37.61
CA GLN A 364 -40.48 -19.82 38.90
C GLN A 364 -41.62 -20.82 38.84
N ASN A 365 -42.30 -20.85 37.69
CA ASN A 365 -43.38 -21.79 37.45
C ASN A 365 -42.82 -23.21 37.42
N LEU A 366 -41.58 -23.35 36.96
CA LEU A 366 -40.86 -24.60 36.92
C LEU A 366 -40.18 -24.94 38.24
N GLY A 367 -39.89 -23.93 39.06
CA GLY A 367 -39.21 -24.16 40.33
C GLY A 367 -37.70 -24.09 40.18
N ARG A 368 -37.24 -23.53 39.06
CA ARG A 368 -35.81 -23.42 38.80
C ARG A 368 -35.26 -22.04 39.10
N VAL A 369 -34.02 -21.98 39.56
CA VAL A 369 -33.36 -20.70 39.69
C VAL A 369 -32.60 -20.49 38.40
N VAL A 370 -33.17 -19.66 37.55
CA VAL A 370 -32.64 -19.39 36.23
C VAL A 370 -31.41 -18.51 36.27
N VAL A 371 -30.36 -18.93 35.60
CA VAL A 371 -29.18 -18.11 35.55
C VAL A 371 -29.34 -17.11 34.44
N VAL A 372 -29.52 -15.86 34.83
CA VAL A 372 -29.67 -14.79 33.87
C VAL A 372 -28.30 -14.33 33.48
N PHE A 373 -28.03 -14.36 32.19
CA PHE A 373 -26.75 -13.98 31.67
C PHE A 373 -26.72 -12.63 31.02
N ASN A 374 -26.09 -11.67 31.67
CA ASN A 374 -25.93 -10.38 31.03
C ASN A 374 -24.84 -10.53 30.03
N CYS A 375 -25.22 -10.80 28.79
CA CYS A 375 -24.28 -11.21 27.76
C CYS A 375 -23.33 -10.10 27.30
N ASP A 376 -23.54 -8.86 27.73
CA ASP A 376 -22.63 -7.80 27.28
C ASP A 376 -21.38 -7.69 28.14
N ASP A 377 -20.42 -8.57 27.89
CA ASP A 377 -19.14 -8.55 28.61
C ASP A 377 -18.08 -9.31 27.78
N SER A 378 -16.87 -9.44 28.30
CA SER A 378 -15.80 -10.14 27.59
C SER A 378 -15.86 -11.63 27.85
N PHE A 379 -16.95 -12.25 27.41
CA PHE A 379 -17.20 -13.69 27.64
C PHE A 379 -16.37 -14.58 26.78
N ASP A 380 -15.07 -14.61 26.98
CA ASP A 380 -14.29 -15.46 26.13
C ASP A 380 -14.76 -16.88 26.34
N TYR A 381 -15.01 -17.56 25.24
CA TYR A 381 -15.51 -18.91 25.22
C TYR A 381 -14.68 -19.93 26.01
N GLN A 382 -13.41 -19.61 26.25
CA GLN A 382 -12.55 -20.49 27.03
C GLN A 382 -12.95 -20.40 28.49
N VAL A 383 -13.36 -19.20 28.88
CA VAL A 383 -13.78 -18.95 30.23
C VAL A 383 -15.12 -19.60 30.38
N LEU A 384 -15.95 -19.44 29.37
CA LEU A 384 -17.24 -20.10 29.33
C LEU A 384 -17.09 -21.58 29.32
N SER A 385 -16.06 -22.13 28.67
CA SER A 385 -15.88 -23.57 28.68
C SER A 385 -15.79 -24.07 30.11
N ARG A 386 -15.10 -23.31 30.97
CA ARG A 386 -15.06 -23.65 32.39
C ARG A 386 -16.47 -23.64 32.93
N LEU A 387 -17.15 -22.53 32.73
CA LEU A 387 -18.52 -22.42 33.19
C LEU A 387 -19.43 -23.52 32.72
N LEU A 388 -19.27 -23.90 31.44
CA LEU A 388 -20.09 -24.92 30.82
C LEU A 388 -19.98 -26.20 31.60
N VAL A 389 -18.79 -26.50 32.10
CA VAL A 389 -18.70 -27.72 32.89
C VAL A 389 -19.59 -27.60 34.11
N GLY A 390 -19.53 -26.46 34.78
CA GLY A 390 -20.33 -26.28 35.99
C GLY A 390 -21.83 -26.31 35.75
N ILE A 391 -22.29 -25.54 34.78
CA ILE A 391 -23.72 -25.45 34.52
C ILE A 391 -24.30 -26.68 33.83
N THR A 392 -23.48 -27.47 33.14
CA THR A 392 -24.01 -28.68 32.54
C THR A 392 -23.91 -29.82 33.53
N GLN A 393 -22.92 -29.76 34.40
CA GLN A 393 -22.82 -30.73 35.47
C GLN A 393 -24.04 -30.59 36.39
N ILE A 394 -24.51 -29.34 36.56
CA ILE A 394 -25.74 -29.08 37.33
C ILE A 394 -27.01 -29.25 36.50
N GLY A 395 -27.15 -28.43 35.47
CA GLY A 395 -28.34 -28.42 34.63
C GLY A 395 -29.00 -27.04 34.70
N ALA A 396 -28.18 -26.00 34.80
CA ALA A 396 -28.71 -24.64 34.96
C ALA A 396 -29.49 -24.18 33.74
N TRP A 397 -30.64 -23.56 33.98
CA TRP A 397 -31.47 -23.02 32.92
C TRP A 397 -30.86 -21.70 32.49
N GLY A 398 -30.61 -21.55 31.20
CA GLY A 398 -29.96 -20.35 30.74
C GLY A 398 -30.89 -19.31 30.13
N CYS A 399 -30.82 -18.10 30.68
CA CYS A 399 -31.52 -16.95 30.15
C CYS A 399 -30.51 -15.99 29.60
N PHE A 400 -30.54 -15.73 28.32
CA PHE A 400 -29.50 -14.89 27.76
C PHE A 400 -29.97 -13.50 27.48
N ASP A 401 -29.56 -12.58 28.36
CA ASP A 401 -30.03 -11.21 28.36
C ASP A 401 -29.15 -10.39 27.38
N GLU A 402 -29.76 -9.99 26.26
CA GLU A 402 -29.08 -9.25 25.19
C GLU A 402 -27.96 -10.07 24.60
N PHE A 403 -28.30 -11.30 24.25
CA PHE A 403 -27.39 -12.32 23.72
C PHE A 403 -26.61 -11.87 22.51
N ASN A 404 -27.31 -11.30 21.53
CA ASN A 404 -26.69 -10.88 20.28
C ASN A 404 -25.74 -9.69 20.40
N ARG A 405 -25.60 -9.13 21.60
CA ARG A 405 -24.72 -7.99 21.78
C ARG A 405 -23.31 -8.46 22.16
N LEU A 406 -23.14 -9.78 22.29
CA LEU A 406 -21.84 -10.39 22.59
C LEU A 406 -21.05 -10.67 21.31
N ASP A 407 -19.75 -10.36 21.36
CA ASP A 407 -18.83 -10.50 20.23
C ASP A 407 -18.82 -11.88 19.57
N GLU A 408 -18.84 -11.86 18.23
CA GLU A 408 -18.88 -13.05 17.38
C GLU A 408 -17.81 -14.10 17.68
N LYS A 409 -16.62 -13.65 18.07
CA LYS A 409 -15.53 -14.56 18.47
C LYS A 409 -16.03 -15.65 19.36
N VAL A 410 -16.76 -15.22 20.38
CA VAL A 410 -17.27 -16.08 21.38
C VAL A 410 -18.41 -16.87 20.84
N LEU A 411 -19.33 -16.19 20.17
CA LEU A 411 -20.51 -16.83 19.64
C LEU A 411 -20.18 -18.04 18.77
N SER A 412 -19.29 -17.87 17.81
CA SER A 412 -18.88 -18.98 16.96
C SER A 412 -18.11 -20.04 17.74
N ALA A 413 -17.21 -19.62 18.61
CA ALA A 413 -16.43 -20.58 19.37
C ALA A 413 -17.29 -21.42 20.32
N VAL A 414 -18.22 -20.77 20.98
CA VAL A 414 -19.13 -21.42 21.87
C VAL A 414 -20.08 -22.28 21.10
N SER A 415 -20.47 -21.87 19.89
CA SER A 415 -21.40 -22.69 19.12
C SER A 415 -20.84 -24.09 18.94
N ALA A 416 -19.51 -24.22 18.87
CA ALA A 416 -18.90 -25.55 18.84
C ALA A 416 -19.19 -26.32 20.12
N ASN A 417 -18.95 -25.67 21.26
CA ASN A 417 -19.11 -26.33 22.55
C ASN A 417 -20.57 -26.61 22.90
N ILE A 418 -21.42 -25.60 22.73
CA ILE A 418 -22.82 -25.75 23.07
C ILE A 418 -23.52 -26.66 22.10
N GLN A 419 -23.05 -26.77 20.85
CA GLN A 419 -23.68 -27.70 19.94
C GLN A 419 -23.44 -29.10 20.40
N GLN A 420 -22.24 -29.39 20.91
CA GLN A 420 -21.97 -30.71 21.44
C GLN A 420 -22.86 -31.00 22.64
N ILE A 421 -23.06 -29.98 23.45
CA ILE A 421 -23.94 -30.06 24.59
C ILE A 421 -25.38 -30.30 24.14
N GLN A 422 -25.80 -29.56 23.13
CA GLN A 422 -27.13 -29.68 22.55
C GLN A 422 -27.34 -31.04 21.95
N ASN A 423 -26.30 -31.58 21.31
CA ASN A 423 -26.36 -32.90 20.75
C ASN A 423 -26.55 -33.88 21.87
N GLY A 424 -25.83 -33.67 22.97
CA GLY A 424 -25.96 -34.52 24.13
C GLY A 424 -27.34 -34.42 24.74
N LEU A 425 -27.94 -33.23 24.71
CA LEU A 425 -29.29 -33.09 25.24
C LEU A 425 -30.27 -33.90 24.42
N GLN A 426 -30.07 -33.89 23.10
CA GLN A 426 -30.91 -34.62 22.16
C GLN A 426 -30.70 -36.13 22.27
N VAL A 427 -29.45 -36.54 22.33
CA VAL A 427 -29.04 -37.94 22.42
C VAL A 427 -29.29 -38.58 23.78
N GLY A 428 -29.01 -37.84 24.84
CA GLY A 428 -29.08 -38.36 26.18
C GLY A 428 -27.66 -38.65 26.64
N LYS A 429 -26.71 -37.91 26.10
CA LYS A 429 -25.30 -38.07 26.42
C LYS A 429 -24.90 -37.18 27.56
N SER A 430 -24.82 -37.78 28.74
CA SER A 430 -24.39 -37.10 29.94
C SER A 430 -22.96 -36.61 29.81
N HIS A 431 -22.01 -37.49 30.08
CA HIS A 431 -20.62 -37.08 30.03
C HIS A 431 -20.15 -36.64 28.66
N ILE A 432 -19.77 -35.36 28.60
CA ILE A 432 -19.23 -34.71 27.42
C ILE A 432 -17.95 -33.97 27.75
N THR A 433 -16.85 -34.30 27.07
CA THR A 433 -15.62 -33.54 27.28
C THR A 433 -15.85 -32.04 27.17
N LEU A 434 -16.05 -31.37 28.29
CA LEU A 434 -16.14 -29.92 28.29
C LEU A 434 -14.94 -29.36 29.02
N LEU A 435 -14.43 -28.23 28.52
CA LEU A 435 -13.21 -27.57 29.01
C LEU A 435 -11.96 -28.44 28.88
N GLU A 436 -11.93 -29.55 29.62
CA GLU A 436 -10.84 -30.49 29.59
C GLU A 436 -11.22 -31.84 30.19
N GLU A 437 -12.52 -32.13 30.33
CA GLU A 437 -12.90 -33.42 30.91
C GLU A 437 -14.40 -33.73 30.80
N GLU A 438 -14.69 -35.02 30.71
CA GLU A 438 -16.03 -35.55 30.60
C GLU A 438 -16.96 -35.06 31.70
N THR A 439 -17.86 -34.16 31.31
CA THR A 439 -18.80 -33.50 32.19
C THR A 439 -20.21 -34.04 32.05
N PRO A 440 -20.83 -34.55 33.13
CA PRO A 440 -22.15 -35.17 33.18
C PRO A 440 -23.30 -34.20 32.89
N LEU A 441 -23.51 -33.89 31.62
CA LEU A 441 -24.58 -33.05 31.14
C LEU A 441 -25.97 -33.40 31.65
N SER A 442 -26.47 -32.50 32.48
CA SER A 442 -27.80 -32.56 33.05
C SER A 442 -28.83 -31.93 32.11
N PRO A 443 -29.91 -32.63 31.82
CA PRO A 443 -31.02 -32.31 30.91
C PRO A 443 -31.87 -31.12 31.36
N HIS A 444 -31.63 -30.61 32.56
CA HIS A 444 -32.43 -29.49 33.04
C HIS A 444 -32.03 -28.18 32.38
N THR A 445 -30.83 -28.13 31.82
CA THR A 445 -30.37 -26.91 31.17
C THR A 445 -31.16 -26.65 29.89
N ALA A 446 -31.32 -25.37 29.57
CA ALA A 446 -32.03 -24.98 28.36
C ALA A 446 -31.60 -23.60 27.92
N VAL A 447 -31.66 -23.33 26.61
CA VAL A 447 -31.19 -22.05 26.11
C VAL A 447 -32.28 -21.14 25.59
N PHE A 448 -32.68 -20.20 26.41
CA PHE A 448 -33.67 -19.24 25.97
C PHE A 448 -33.10 -17.84 26.02
N ILE A 449 -33.01 -17.26 24.84
CA ILE A 449 -32.45 -15.94 24.60
C ILE A 449 -33.51 -14.88 24.72
N THR A 450 -33.14 -13.71 25.24
CA THR A 450 -34.07 -12.62 25.30
C THR A 450 -33.46 -11.24 25.16
N LEU A 451 -34.06 -10.43 24.30
CA LEU A 451 -33.58 -9.08 24.07
C LEU A 451 -34.71 -8.05 24.07
N ASN A 452 -34.38 -6.82 24.43
CA ASN A 452 -35.30 -5.72 24.25
C ASN A 452 -35.34 -5.62 22.75
N PRO A 453 -36.47 -5.27 22.12
CA PRO A 453 -36.61 -5.26 20.66
C PRO A 453 -35.28 -4.98 20.02
N GLY A 454 -34.65 -6.04 19.50
CA GLY A 454 -33.32 -5.96 18.94
C GLY A 454 -33.24 -4.91 17.87
N TYR A 455 -32.07 -4.31 17.73
CA TYR A 455 -31.81 -3.25 16.77
C TYR A 455 -32.44 -3.48 15.42
N ASN A 456 -33.63 -2.92 15.23
CA ASN A 456 -34.37 -2.97 13.97
C ASN A 456 -34.83 -4.38 13.56
N GLY A 457 -34.82 -5.32 14.50
CA GLY A 457 -35.24 -6.69 14.21
C GLY A 457 -34.17 -7.52 13.49
N ARG A 458 -32.94 -6.97 13.41
CA ARG A 458 -31.82 -7.61 12.70
C ARG A 458 -31.42 -8.98 13.22
N SER A 459 -31.16 -9.89 12.30
CA SER A 459 -30.76 -11.26 12.62
C SER A 459 -29.27 -11.41 12.86
N GLU A 460 -28.77 -10.82 13.94
CA GLU A 460 -27.36 -10.95 14.30
C GLU A 460 -27.03 -12.40 14.64
N LEU A 461 -28.00 -13.12 15.20
CA LEU A 461 -27.87 -14.55 15.49
C LEU A 461 -27.75 -15.34 14.18
N PRO A 462 -26.63 -16.05 13.97
CA PRO A 462 -26.33 -16.89 12.83
C PRO A 462 -27.41 -17.92 12.64
N GLU A 463 -27.77 -18.15 11.38
CA GLU A 463 -28.81 -19.08 10.97
C GLU A 463 -28.60 -20.52 11.38
N ASN A 464 -27.35 -20.93 11.55
CA ASN A 464 -27.05 -22.29 12.00
C ASN A 464 -27.44 -22.48 13.46
N LEU A 465 -27.73 -21.38 14.14
CA LEU A 465 -28.19 -21.38 15.50
C LEU A 465 -29.66 -21.07 15.47
N LYS A 466 -29.97 -19.88 14.93
CA LYS A 466 -31.30 -19.29 14.86
C LYS A 466 -32.41 -20.24 14.45
N LYS A 467 -32.14 -21.14 13.51
CA LYS A 467 -33.14 -22.14 13.09
C LYS A 467 -33.89 -22.81 14.26
N SER A 468 -33.15 -23.14 15.31
CA SER A 468 -33.68 -23.84 16.48
C SER A 468 -34.23 -22.93 17.57
N PHE A 469 -34.32 -21.64 17.30
CA PHE A 469 -34.84 -20.70 18.27
C PHE A 469 -36.19 -20.17 17.85
N ARG A 470 -37.11 -20.20 18.80
CA ARG A 470 -38.45 -19.68 18.59
C ARG A 470 -38.60 -18.34 19.24
N GLU A 471 -38.84 -17.33 18.43
CA GLU A 471 -39.00 -15.99 18.94
C GLU A 471 -40.23 -15.81 19.82
N PHE A 472 -40.12 -14.88 20.76
CA PHE A 472 -41.22 -14.51 21.63
C PHE A 472 -41.46 -13.02 21.56
N SER A 473 -42.33 -12.63 20.66
CA SER A 473 -42.71 -11.24 20.46
C SER A 473 -43.28 -10.56 21.67
N MET A 474 -42.43 -10.12 22.58
CA MET A 474 -42.94 -9.47 23.78
C MET A 474 -43.27 -8.00 23.62
N LYS A 475 -44.05 -7.66 22.57
CA LYS A 475 -44.56 -6.32 22.36
C LYS A 475 -45.25 -5.84 23.60
N SER A 476 -46.12 -6.70 24.12
CA SER A 476 -46.82 -6.44 25.36
C SER A 476 -47.42 -7.72 25.89
N PRO A 477 -47.71 -7.75 27.18
CA PRO A 477 -48.42 -8.80 27.90
C PRO A 477 -49.79 -8.22 28.17
N GLN A 478 -50.68 -8.96 28.81
CA GLN A 478 -51.98 -8.34 29.07
C GLN A 478 -51.87 -7.39 30.25
N SER A 479 -51.41 -6.19 29.95
CA SER A 479 -51.15 -5.13 30.91
C SER A 479 -52.40 -4.65 31.61
N GLY A 480 -53.56 -4.86 30.99
CA GLY A 480 -54.81 -4.49 31.60
C GLY A 480 -55.03 -5.31 32.87
N THR A 481 -54.60 -6.57 32.86
CA THR A 481 -54.78 -7.42 34.01
C THR A 481 -53.58 -7.31 34.91
N ILE A 482 -52.43 -6.98 34.34
CA ILE A 482 -51.26 -6.78 35.17
C ILE A 482 -51.47 -5.58 36.08
N ALA A 483 -51.84 -4.46 35.48
CA ALA A 483 -52.06 -3.25 36.23
C ALA A 483 -53.22 -3.36 37.20
N GLU A 484 -54.36 -3.87 36.75
CA GLU A 484 -55.49 -3.95 37.66
C GLU A 484 -55.29 -4.93 38.77
N MET A 485 -54.73 -6.11 38.47
CA MET A 485 -54.52 -7.08 39.52
C MET A 485 -53.49 -6.61 40.52
N ILE A 486 -52.47 -5.89 40.04
CA ILE A 486 -51.52 -5.31 40.98
C ILE A 486 -52.21 -4.30 41.87
N LEU A 487 -53.08 -3.46 41.31
CA LEU A 487 -53.80 -2.53 42.15
C LEU A 487 -54.78 -3.27 43.07
N GLN A 488 -55.38 -4.36 42.60
CA GLN A 488 -56.29 -5.14 43.42
C GLN A 488 -55.58 -5.80 44.59
N ILE A 489 -54.46 -6.46 44.33
CA ILE A 489 -53.69 -7.08 45.41
C ILE A 489 -53.12 -6.07 46.36
N MET A 490 -52.85 -4.89 45.84
CA MET A 490 -52.38 -3.77 46.61
C MET A 490 -53.37 -3.37 47.68
N GLY A 491 -54.64 -3.63 47.44
CA GLY A 491 -55.69 -3.20 48.32
C GLY A 491 -55.99 -1.76 47.97
N PHE A 492 -55.63 -1.38 46.74
CA PHE A 492 -55.83 -0.04 46.33
C PHE A 492 -57.31 0.21 46.14
N GLU A 493 -57.80 1.22 46.85
CA GLU A 493 -59.21 1.55 46.89
C GLU A 493 -59.82 1.90 45.54
N ASP A 494 -58.99 2.35 44.62
CA ASP A 494 -59.47 2.70 43.30
C ASP A 494 -58.87 1.79 42.23
N SER A 495 -58.55 0.54 42.61
CA SER A 495 -57.94 -0.45 41.72
C SER A 495 -58.68 -0.67 40.40
N LYS A 496 -59.97 -0.36 40.37
CA LYS A 496 -60.75 -0.41 39.15
C LYS A 496 -61.15 1.00 38.70
N SER A 497 -61.56 1.82 39.67
CA SER A 497 -62.01 3.18 39.39
C SER A 497 -60.90 4.02 38.79
N LEU A 498 -59.81 4.14 39.54
CA LEU A 498 -58.68 4.90 39.09
C LEU A 498 -58.06 4.23 37.92
N ALA A 499 -57.99 2.91 37.93
CA ALA A 499 -57.44 2.20 36.79
C ALA A 499 -58.11 2.62 35.48
N SER A 500 -59.43 2.75 35.47
CA SER A 500 -60.10 3.19 34.25
C SER A 500 -59.79 4.65 33.97
N LYS A 501 -59.61 5.43 35.03
CA LYS A 501 -59.27 6.83 34.86
C LYS A 501 -57.84 6.98 34.38
N ILE A 502 -56.95 6.05 34.75
CA ILE A 502 -55.56 6.04 34.31
C ILE A 502 -55.50 5.88 32.82
N VAL A 503 -56.36 5.01 32.30
CA VAL A 503 -56.47 4.87 30.87
C VAL A 503 -56.78 6.22 30.25
N HIS A 504 -57.73 6.93 30.85
CA HIS A 504 -58.14 8.23 30.36
C HIS A 504 -57.12 9.34 30.69
N PHE A 505 -56.34 9.18 31.76
CA PHE A 505 -55.34 10.18 32.10
C PHE A 505 -54.24 10.14 31.09
N LEU A 506 -53.74 8.93 30.82
CA LEU A 506 -52.68 8.74 29.85
C LEU A 506 -53.19 9.02 28.45
N GLU A 507 -54.48 8.73 28.21
CA GLU A 507 -55.13 9.04 26.94
C GLU A 507 -55.04 10.53 26.66
N LEU A 508 -55.47 11.35 27.62
CA LEU A 508 -55.42 12.79 27.46
C LEU A 508 -54.01 13.28 27.27
N LEU A 509 -53.08 12.72 28.04
CA LEU A 509 -51.70 13.11 27.95
C LEU A 509 -51.11 12.78 26.59
N SER A 510 -51.45 11.61 26.04
CA SER A 510 -50.92 11.22 24.74
C SER A 510 -51.46 12.11 23.63
N SER A 511 -52.64 12.69 23.84
CA SER A 511 -53.24 13.57 22.86
C SER A 511 -52.78 15.03 23.01
N LYS A 512 -51.94 15.32 24.00
CA LYS A 512 -51.53 16.69 24.26
C LYS A 512 -50.02 16.89 24.36
N CYS A 513 -49.33 15.96 25.02
CA CYS A 513 -47.88 16.05 25.21
C CYS A 513 -47.13 15.88 23.91
N SER A 514 -45.91 16.40 23.85
CA SER A 514 -45.10 16.24 22.66
C SER A 514 -44.52 14.84 22.59
N SER A 515 -44.17 14.41 21.38
CA SER A 515 -43.59 13.09 21.18
C SER A 515 -42.09 13.13 21.37
N MET A 516 -41.69 13.41 22.59
CA MET A 516 -40.30 13.49 22.93
C MET A 516 -39.66 12.12 22.82
N ASN A 517 -38.51 12.05 22.17
CA ASN A 517 -37.80 10.78 22.01
C ASN A 517 -37.11 10.38 23.32
N HIS A 518 -36.89 11.38 24.15
CA HIS A 518 -36.41 11.25 25.50
C HIS A 518 -37.62 11.12 26.44
N TYR A 519 -38.55 10.23 26.13
CA TYR A 519 -39.82 10.11 26.87
C TYR A 519 -40.56 8.79 26.64
N HIS A 520 -41.15 8.24 27.71
CA HIS A 520 -41.84 6.94 27.67
C HIS A 520 -42.80 6.68 28.83
N PHE A 521 -43.96 6.06 28.54
CA PHE A 521 -44.92 5.72 29.58
C PHE A 521 -45.66 4.39 29.35
N GLY A 522 -44.94 3.36 28.92
CA GLY A 522 -45.55 2.06 28.67
C GLY A 522 -45.64 1.22 29.94
N LEU A 523 -45.89 -0.09 29.80
CA LEU A 523 -46.02 -0.98 30.96
C LEU A 523 -44.79 -0.94 31.86
N ARG A 524 -43.61 -0.78 31.29
CA ARG A 524 -42.40 -0.68 32.09
C ARG A 524 -42.54 0.42 33.11
N THR A 525 -42.92 1.59 32.63
CA THR A 525 -43.13 2.74 33.46
C THR A 525 -44.29 2.52 34.38
N LEU A 526 -45.36 1.95 33.82
CA LEU A 526 -46.56 1.64 34.57
C LEU A 526 -46.24 0.73 35.73
N LYS A 527 -45.33 -0.23 35.56
CA LYS A 527 -44.94 -1.07 36.68
C LYS A 527 -44.34 -0.21 37.78
N GLY A 528 -43.57 0.81 37.39
CA GLY A 528 -43.05 1.79 38.35
C GLY A 528 -44.20 2.55 39.03
N VAL A 529 -45.20 2.93 38.23
CA VAL A 529 -46.39 3.62 38.71
C VAL A 529 -47.17 2.73 39.67
N LEU A 530 -47.28 1.46 39.31
CA LEU A 530 -47.96 0.46 40.11
C LEU A 530 -47.23 0.29 41.43
N ARG A 531 -45.90 0.32 41.40
CA ARG A 531 -45.15 0.27 42.64
C ARG A 531 -45.40 1.51 43.50
N ASN A 532 -45.54 2.66 42.85
CA ASN A 532 -45.81 3.91 43.55
C ASN A 532 -47.18 4.03 44.20
N CYS A 533 -48.21 3.43 43.62
CA CYS A 533 -49.57 3.63 44.12
C CYS A 533 -49.74 3.55 45.65
N SER A 534 -49.59 2.36 46.25
CA SER A 534 -49.77 2.23 47.70
C SER A 534 -49.00 3.24 48.56
N PRO A 535 -47.69 3.48 48.35
CA PRO A 535 -46.92 4.43 49.11
C PRO A 535 -47.33 5.86 48.81
N LEU A 536 -47.88 6.12 47.61
CA LEU A 536 -48.33 7.47 47.36
C LEU A 536 -49.62 7.72 48.07
N VAL A 537 -50.40 6.67 48.32
CA VAL A 537 -51.60 6.85 49.11
C VAL A 537 -51.18 7.41 50.46
N SER A 538 -50.14 6.81 51.07
CA SER A 538 -49.65 7.34 52.33
C SER A 538 -49.03 8.74 52.16
N GLU A 539 -48.46 9.03 50.98
CA GLU A 539 -47.91 10.37 50.74
C GLU A 539 -48.94 11.30 50.12
N PHE A 540 -49.99 11.59 50.89
CA PHE A 540 -51.09 12.45 50.49
C PHE A 540 -51.84 11.98 49.24
N GLY A 541 -51.81 10.68 48.97
CA GLY A 541 -52.43 10.16 47.78
C GLY A 541 -53.92 9.99 47.92
N GLU A 542 -54.63 11.04 47.53
CA GLU A 542 -56.08 10.99 47.49
C GLU A 542 -56.42 9.99 46.40
N GLY A 543 -57.58 9.36 46.49
CA GLY A 543 -58.01 8.30 45.56
C GLY A 543 -57.38 8.37 44.16
N GLU A 544 -57.74 9.41 43.40
CA GLU A 544 -57.19 9.60 42.05
C GLU A 544 -55.87 10.37 42.04
N LYS A 545 -55.65 11.16 43.09
CA LYS A 545 -54.42 11.94 43.24
C LYS A 545 -53.21 11.04 43.21
N THR A 546 -53.38 9.86 43.78
CA THR A 546 -52.35 8.86 43.83
C THR A 546 -51.63 8.66 42.48
N VAL A 547 -52.38 8.43 41.40
CA VAL A 547 -51.68 8.23 40.14
C VAL A 547 -51.24 9.51 39.49
N VAL A 548 -51.96 10.62 39.68
CA VAL A 548 -51.50 11.83 39.01
C VAL A 548 -50.28 12.36 39.72
N GLU A 549 -50.15 12.04 41.00
CA GLU A 549 -48.95 12.31 41.74
C GLU A 549 -47.83 11.52 41.09
N SER A 550 -48.07 10.24 40.83
CA SER A 550 -47.10 9.40 40.13
C SER A 550 -46.80 9.97 38.74
N LEU A 551 -47.82 10.46 38.03
CA LEU A 551 -47.65 11.05 36.70
C LEU A 551 -46.83 12.37 36.77
N LYS A 552 -46.76 12.97 37.96
CA LYS A 552 -45.89 14.11 38.21
C LYS A 552 -44.48 13.58 38.52
N ARG A 553 -44.43 12.47 39.26
CA ARG A 553 -43.18 11.83 39.66
C ARG A 553 -42.39 11.22 38.51
N VAL A 554 -43.07 10.53 37.61
CA VAL A 554 -42.46 9.88 36.44
C VAL A 554 -43.20 10.32 35.18
N ILE A 555 -42.67 9.94 34.01
CA ILE A 555 -43.23 10.27 32.69
C ILE A 555 -43.02 11.76 32.30
N LEU A 556 -43.63 12.69 33.06
CA LEU A 556 -43.40 14.13 32.81
C LEU A 556 -41.94 14.58 32.87
N PRO A 557 -41.18 14.27 33.94
CA PRO A 557 -39.78 14.59 34.13
C PRO A 557 -38.98 14.51 32.83
N SER A 558 -39.17 13.39 32.11
CA SER A 558 -38.46 13.10 30.87
C SER A 558 -38.93 13.93 29.69
N LEU A 559 -40.21 14.19 29.66
CA LEU A 559 -40.82 15.00 28.65
C LEU A 559 -40.26 16.42 28.62
N GLY A 560 -40.16 16.98 27.41
CA GLY A 560 -39.69 18.34 27.19
C GLY A 560 -40.16 19.28 28.29
N ASP A 561 -39.28 20.21 28.66
CA ASP A 561 -39.49 21.10 29.80
C ASP A 561 -40.65 22.08 29.69
N THR A 562 -41.20 22.24 28.50
CA THR A 562 -42.33 23.13 28.29
C THR A 562 -43.67 22.42 28.42
N ASP A 563 -43.65 21.09 28.55
CA ASP A 563 -44.89 20.32 28.65
C ASP A 563 -45.34 20.06 30.09
N GLU A 564 -44.81 20.82 31.05
CA GLU A 564 -45.23 20.68 32.44
C GLU A 564 -46.70 21.02 32.56
N LEU A 565 -47.13 22.02 31.76
CA LEU A 565 -48.50 22.47 31.72
C LEU A 565 -49.42 21.42 31.13
N VAL A 566 -48.88 20.61 30.21
CA VAL A 566 -49.67 19.52 29.66
C VAL A 566 -50.15 18.61 30.75
N PHE A 567 -49.23 18.22 31.61
CA PHE A 567 -49.63 17.35 32.70
C PHE A 567 -50.45 18.06 33.74
N LYS A 568 -50.12 19.29 34.06
CA LYS A 568 -50.93 19.93 35.08
C LYS A 568 -52.36 20.10 34.59
N ASP A 569 -52.52 20.54 33.34
CA ASP A 569 -53.83 20.80 32.79
C ASP A 569 -54.61 19.54 32.43
N GLU A 570 -53.97 18.61 31.75
CA GLU A 570 -54.67 17.41 31.31
C GLU A 570 -55.02 16.52 32.47
N LEU A 571 -54.19 16.51 33.50
CA LEU A 571 -54.52 15.68 34.64
C LEU A 571 -55.65 16.34 35.40
N SER A 572 -55.63 17.68 35.49
CA SER A 572 -56.70 18.43 36.15
C SER A 572 -58.06 18.18 35.50
N LYS A 573 -58.07 17.99 34.17
CA LYS A 573 -59.30 17.72 33.43
C LYS A 573 -60.07 16.49 33.92
N ILE A 574 -59.40 15.55 34.59
CA ILE A 574 -60.08 14.39 35.15
C ILE A 574 -60.08 14.48 36.67
N PHE A 575 -58.96 14.91 37.27
CA PHE A 575 -58.93 15.02 38.72
C PHE A 575 -58.14 16.24 39.15
N ASP A 576 -58.85 17.17 39.79
CA ASP A 576 -58.30 18.46 40.19
C ASP A 576 -57.02 18.41 41.00
N SER A 577 -56.87 17.43 41.89
CA SER A 577 -55.64 17.36 42.67
C SER A 577 -54.57 16.67 41.84
N ALA A 578 -54.03 17.41 40.87
CA ALA A 578 -53.05 16.89 39.95
C ALA A 578 -51.67 16.84 40.59
N GLY A 579 -51.52 15.85 41.48
CA GLY A 579 -50.28 15.57 42.18
C GLY A 579 -50.06 16.49 43.36
N THR A 580 -48.84 16.43 43.89
CA THR A 580 -48.40 17.25 45.01
C THR A 580 -46.92 17.54 44.86
N PRO A 581 -46.46 18.74 45.28
CA PRO A 581 -45.09 19.23 45.31
C PRO A 581 -44.24 18.26 46.07
N LEU A 582 -42.94 18.29 45.84
CA LEU A 582 -42.06 17.35 46.49
C LEU A 582 -42.39 17.37 47.93
N ASN A 583 -42.96 16.26 48.38
CA ASN A 583 -43.47 16.13 49.74
C ASN A 583 -42.36 16.38 50.71
N SER A 584 -41.16 15.96 50.33
CA SER A 584 -39.96 16.28 51.08
C SER A 584 -39.48 17.63 50.55
N LYS A 585 -40.28 18.67 50.80
CA LYS A 585 -40.04 20.02 50.27
C LYS A 585 -38.67 20.54 50.62
N ALA A 586 -38.22 20.22 51.84
CA ALA A 586 -36.92 20.64 52.33
C ALA A 586 -35.77 20.16 51.44
N ILE A 587 -36.00 19.14 50.63
CA ILE A 587 -34.97 18.59 49.79
C ILE A 587 -34.72 19.43 48.56
N VAL A 588 -35.80 19.81 47.87
CA VAL A 588 -35.64 20.70 46.73
C VAL A 588 -35.25 22.10 47.23
N GLN A 589 -35.59 22.41 48.47
CA GLN A 589 -35.18 23.66 49.08
C GLN A 589 -33.68 23.67 49.38
N CYS A 590 -33.16 22.56 49.91
CA CYS A 590 -31.73 22.43 50.17
C CYS A 590 -30.97 22.43 48.87
N LEU A 591 -31.58 21.84 47.85
CA LEU A 591 -31.07 21.89 46.50
C LEU A 591 -30.91 23.30 46.03
N LYS A 592 -31.98 24.08 46.18
CA LYS A 592 -31.95 25.47 45.83
C LYS A 592 -30.81 26.16 46.55
N ASP A 593 -30.70 25.92 47.86
CA ASP A 593 -29.64 26.53 48.65
C ASP A 593 -28.26 26.12 48.16
N ALA A 594 -28.10 24.84 47.79
CA ALA A 594 -26.84 24.35 47.27
C ALA A 594 -26.48 25.07 45.97
N GLY A 595 -27.50 25.28 45.14
CA GLY A 595 -27.30 25.98 43.90
C GLY A 595 -27.00 27.45 44.15
N GLN A 596 -27.62 28.04 45.18
CA GLN A 596 -27.34 29.44 45.49
C GLN A 596 -25.90 29.55 45.96
N ARG A 597 -25.45 28.55 46.72
CA ARG A 597 -24.07 28.49 47.17
C ARG A 597 -23.13 28.29 45.96
N SER A 598 -23.63 27.57 44.95
CA SER A 598 -22.89 27.35 43.70
C SER A 598 -22.94 28.55 42.76
N GLY A 599 -23.74 29.58 43.11
CA GLY A 599 -23.85 30.77 42.30
C GLY A 599 -24.88 30.66 41.18
N PHE A 600 -25.73 29.67 41.22
CA PHE A 600 -26.73 29.54 40.18
C PHE A 600 -28.10 29.96 40.69
N SER A 601 -28.93 30.48 39.79
CA SER A 601 -30.24 30.97 40.15
C SER A 601 -31.23 29.94 40.67
N MET A 602 -31.03 28.66 40.33
CA MET A 602 -31.96 27.61 40.74
C MET A 602 -33.39 27.97 40.40
N SER A 603 -33.68 28.02 39.11
CA SER A 603 -35.00 28.42 38.65
C SER A 603 -35.99 27.40 39.08
N GLU A 604 -37.26 27.77 39.09
CA GLU A 604 -38.25 26.81 39.52
C GLU A 604 -38.37 25.69 38.53
N GLU A 605 -38.19 25.98 37.23
CA GLU A 605 -38.21 24.91 36.24
C GLU A 605 -37.13 23.90 36.58
N PHE A 606 -35.94 24.40 36.91
CA PHE A 606 -34.85 23.54 37.32
C PHE A 606 -35.19 22.76 38.57
N LEU A 607 -35.64 23.46 39.60
CA LEU A 607 -35.92 22.88 40.89
C LEU A 607 -37.05 21.87 40.79
N LYS A 608 -38.03 22.16 39.94
CA LYS A 608 -39.16 21.31 39.68
C LYS A 608 -38.75 20.03 38.99
N LYS A 609 -37.87 20.15 38.01
CA LYS A 609 -37.35 18.96 37.40
C LYS A 609 -36.52 18.21 38.44
N CYS A 610 -35.86 18.93 39.32
CA CYS A 610 -35.13 18.25 40.36
C CYS A 610 -36.07 17.67 41.39
N MET A 611 -37.27 18.23 41.57
CA MET A 611 -38.24 17.58 42.44
C MET A 611 -38.54 16.23 41.87
N GLN A 612 -38.56 16.18 40.55
CA GLN A 612 -38.75 14.95 39.81
C GLN A 612 -37.55 14.03 39.95
N PHE A 613 -36.34 14.58 40.02
CA PHE A 613 -35.20 13.75 40.44
C PHE A 613 -35.46 13.07 41.76
N TYR A 614 -35.91 13.83 42.76
CA TYR A 614 -36.15 13.29 44.08
C TYR A 614 -37.33 12.33 44.06
N TYR A 615 -38.33 12.64 43.24
CA TYR A 615 -39.50 11.78 43.10
C TYR A 615 -39.09 10.42 42.54
N MET A 616 -38.20 10.47 41.55
CA MET A 616 -37.72 9.28 40.87
C MET A 616 -36.53 8.67 41.58
N GLN A 617 -35.90 9.42 42.47
CA GLN A 617 -34.83 8.89 43.28
C GLN A 617 -35.36 7.69 44.00
N LYS A 618 -36.57 7.83 44.51
CA LYS A 618 -37.27 6.74 45.13
C LYS A 618 -37.74 5.71 44.09
N THR A 619 -38.56 6.16 43.13
CA THR A 619 -39.19 5.26 42.14
C THR A 619 -38.31 4.53 41.11
N GLN A 620 -37.43 5.24 40.42
CA GLN A 620 -36.66 4.66 39.31
C GLN A 620 -35.31 4.12 39.68
N GLN A 621 -34.96 2.97 39.10
CA GLN A 621 -33.67 2.34 39.34
C GLN A 621 -32.54 3.03 38.57
N ALA A 622 -32.90 3.87 37.61
CA ALA A 622 -31.92 4.60 36.83
C ALA A 622 -32.58 5.80 36.19
N LEU A 623 -31.85 6.92 36.17
CA LEU A 623 -32.31 8.17 35.59
C LEU A 623 -31.34 8.77 34.61
N ILE A 624 -31.87 9.39 33.56
CA ILE A 624 -31.05 10.05 32.58
C ILE A 624 -31.22 11.57 32.59
N LEU A 625 -30.19 12.31 32.98
CA LEU A 625 -30.29 13.75 32.95
C LEU A 625 -30.03 14.24 31.55
N VAL A 626 -30.92 15.08 31.05
CA VAL A 626 -30.80 15.62 29.70
C VAL A 626 -30.74 17.13 29.75
N GLY A 627 -29.67 17.75 29.24
CA GLY A 627 -29.64 19.21 29.29
C GLY A 627 -28.26 19.84 29.22
N LYS A 628 -28.18 21.05 29.75
CA LYS A 628 -26.97 21.86 29.75
C LYS A 628 -25.98 21.50 30.85
N ALA A 629 -24.70 21.37 30.48
CA ALA A 629 -23.69 21.16 31.50
C ALA A 629 -23.53 22.45 32.28
N GLY A 630 -23.79 22.38 33.57
CA GLY A 630 -23.73 23.54 34.44
C GLY A 630 -25.10 24.16 34.62
N CYS A 631 -26.08 23.66 33.88
CA CYS A 631 -27.45 24.14 33.98
C CYS A 631 -28.42 23.02 33.59
N GLY A 632 -28.36 21.94 34.32
CA GLY A 632 -29.26 20.84 34.03
C GLY A 632 -28.48 19.56 34.00
N LYS A 633 -28.05 19.14 32.82
CA LYS A 633 -27.28 17.91 32.71
C LYS A 633 -26.28 17.71 33.83
N THR A 634 -25.47 18.73 34.10
CA THR A 634 -24.49 18.59 35.16
C THR A 634 -24.87 19.30 36.46
N ALA A 635 -25.37 20.55 36.40
CA ALA A 635 -25.72 21.24 37.66
C ALA A 635 -26.76 20.49 38.46
N THR A 636 -27.65 19.77 37.78
CA THR A 636 -28.63 18.97 38.49
C THR A 636 -27.92 18.02 39.36
N TRP A 637 -27.12 17.16 38.78
CA TRP A 637 -26.39 16.19 39.55
C TRP A 637 -25.50 16.86 40.59
N LYS A 638 -24.77 17.88 40.19
CA LYS A 638 -23.89 18.62 41.08
C LYS A 638 -24.53 18.97 42.40
N THR A 639 -25.74 19.51 42.35
CA THR A 639 -26.42 19.97 43.55
C THR A 639 -27.50 19.02 44.09
N VAL A 640 -28.09 18.15 43.27
CA VAL A 640 -29.12 17.28 43.84
C VAL A 640 -28.54 16.22 44.68
N ILE A 641 -27.30 15.82 44.41
CA ILE A 641 -26.66 14.79 45.21
C ILE A 641 -26.48 15.22 46.65
N ASP A 642 -26.19 16.50 46.86
CA ASP A 642 -26.08 17.03 48.20
C ASP A 642 -27.39 16.84 48.97
N ALA A 643 -28.51 17.18 48.33
CA ALA A 643 -29.82 17.01 48.97
C ALA A 643 -30.39 15.58 48.79
N MET A 644 -29.83 14.82 47.85
CA MET A 644 -30.21 13.43 47.56
C MET A 644 -30.03 12.56 48.77
N ALA A 645 -28.83 12.68 49.33
CA ALA A 645 -28.44 11.95 50.51
C ALA A 645 -29.41 12.24 51.63
N ILE A 646 -29.83 13.49 51.73
CA ILE A 646 -30.75 13.91 52.76
C ILE A 646 -32.14 13.31 52.48
N PHE A 647 -32.55 13.33 51.20
CA PHE A 647 -33.86 12.82 50.77
C PHE A 647 -34.10 11.40 51.28
N ASP A 648 -33.10 10.52 51.11
CA ASP A 648 -33.24 9.16 51.63
C ASP A 648 -32.58 8.94 53.00
N GLY A 649 -31.75 9.87 53.46
CA GLY A 649 -31.08 9.67 54.74
C GLY A 649 -29.95 8.67 54.56
N HIS A 650 -29.34 8.68 53.38
CA HIS A 650 -28.28 7.74 53.01
C HIS A 650 -26.99 8.46 52.72
N ALA A 651 -25.91 7.71 52.58
CA ALA A 651 -24.66 8.34 52.19
C ALA A 651 -24.70 8.63 50.70
N ASN A 652 -24.05 9.71 50.28
CA ASN A 652 -24.02 10.12 48.87
C ASN A 652 -22.97 9.37 48.06
N VAL A 653 -23.16 8.06 47.94
CA VAL A 653 -22.17 7.22 47.27
C VAL A 653 -22.27 7.28 45.76
N VAL A 654 -21.73 8.35 45.19
CA VAL A 654 -21.82 8.50 43.75
C VAL A 654 -20.48 8.28 43.10
N TYR A 655 -20.49 7.84 41.85
CA TYR A 655 -19.24 7.58 41.15
C TYR A 655 -19.17 8.19 39.76
N VAL A 656 -18.01 8.72 39.42
CA VAL A 656 -17.77 9.26 38.08
C VAL A 656 -16.47 8.71 37.52
N ILE A 657 -16.60 7.79 36.57
CA ILE A 657 -15.44 7.17 35.91
C ILE A 657 -15.39 7.57 34.45
N ASP A 658 -14.24 8.00 33.96
CA ASP A 658 -14.17 8.33 32.54
C ASP A 658 -14.03 7.04 31.74
N THR A 659 -15.16 6.44 31.43
CA THR A 659 -15.19 5.16 30.74
C THR A 659 -14.74 5.25 29.29
N LYS A 660 -14.83 6.43 28.69
CA LYS A 660 -14.48 6.55 27.28
C LYS A 660 -12.99 6.67 26.99
N VAL A 661 -12.14 6.62 28.03
CA VAL A 661 -10.71 6.58 27.79
C VAL A 661 -10.17 5.22 28.22
N LEU A 662 -11.05 4.36 28.73
CA LEU A 662 -10.69 3.03 29.15
C LEU A 662 -11.37 2.07 28.18
N THR A 663 -10.78 0.93 27.86
CA THR A 663 -11.45 0.06 26.93
C THR A 663 -12.44 -0.78 27.69
N LYS A 664 -13.34 -1.45 26.98
CA LYS A 664 -14.27 -2.32 27.66
C LYS A 664 -13.54 -3.49 28.30
N GLU A 665 -12.34 -3.78 27.81
CA GLU A 665 -11.53 -4.82 28.38
C GLU A 665 -10.80 -4.24 29.59
N SER A 666 -10.45 -2.95 29.52
CA SER A 666 -9.82 -2.29 30.67
C SER A 666 -10.81 -2.31 31.82
N LEU A 667 -12.06 -2.07 31.48
CA LEU A 667 -13.15 -1.99 32.42
C LEU A 667 -13.72 -3.32 32.83
N TYR A 668 -13.92 -4.23 31.90
CA TYR A 668 -14.54 -5.48 32.26
C TYR A 668 -13.62 -6.69 32.21
N GLY A 669 -12.41 -6.49 31.77
CA GLY A 669 -11.43 -7.54 31.79
C GLY A 669 -10.97 -7.99 30.44
N SER A 670 -9.72 -8.45 30.41
CA SER A 670 -9.08 -8.93 29.19
C SER A 670 -8.82 -10.41 29.31
N MET A 671 -8.71 -11.10 28.19
CA MET A 671 -8.54 -12.55 28.24
C MET A 671 -7.15 -13.03 28.61
N LEU A 672 -7.10 -14.10 29.38
CA LEU A 672 -5.87 -14.76 29.79
C LEU A 672 -5.93 -16.20 29.32
N LYS A 673 -5.76 -16.39 28.02
CA LYS A 673 -5.91 -17.68 27.35
C LYS A 673 -5.06 -18.80 27.92
N ALA A 674 -3.92 -18.47 28.51
CA ALA A 674 -3.06 -19.47 29.15
C ALA A 674 -3.73 -20.14 30.34
N THR A 675 -4.67 -19.44 30.97
CA THR A 675 -5.36 -19.92 32.15
C THR A 675 -6.78 -20.35 31.84
N LEU A 676 -7.29 -19.87 30.70
CA LEU A 676 -8.67 -20.07 30.26
C LEU A 676 -9.63 -19.27 31.13
N GLU A 677 -9.09 -18.27 31.82
CA GLU A 677 -9.82 -17.31 32.64
C GLU A 677 -9.57 -15.97 32.01
N TRP A 678 -10.09 -14.89 32.58
CA TRP A 678 -9.76 -13.64 31.95
C TRP A 678 -9.45 -12.67 33.08
N ARG A 679 -8.58 -11.73 32.80
CA ARG A 679 -8.18 -10.73 33.77
C ARG A 679 -9.36 -9.87 34.12
N ASP A 680 -9.71 -9.75 35.39
CA ASP A 680 -10.82 -8.87 35.73
C ASP A 680 -10.41 -7.41 35.46
N GLY A 681 -11.34 -6.63 34.92
CA GLY A 681 -11.05 -5.23 34.64
C GLY A 681 -11.52 -4.35 35.78
N LEU A 682 -11.60 -3.05 35.53
CA LEU A 682 -12.02 -2.12 36.57
C LEU A 682 -13.41 -2.43 37.08
N PHE A 683 -14.38 -2.35 36.18
CA PHE A 683 -15.78 -2.55 36.50
C PHE A 683 -16.07 -3.97 36.89
N THR A 684 -15.47 -4.93 36.21
CA THR A 684 -15.69 -6.31 36.62
C THR A 684 -15.19 -6.59 38.02
N SER A 685 -13.99 -6.13 38.35
CA SER A 685 -13.49 -6.38 39.69
C SER A 685 -14.33 -5.62 40.70
N ILE A 686 -14.80 -4.43 40.33
CA ILE A 686 -15.67 -3.66 41.20
C ILE A 686 -16.99 -4.34 41.41
N LEU A 687 -17.61 -4.81 40.35
CA LEU A 687 -18.90 -5.46 40.45
C LEU A 687 -18.81 -6.77 41.20
N ARG A 688 -17.68 -7.47 41.08
CA ARG A 688 -17.50 -8.64 41.90
C ARG A 688 -17.41 -8.18 43.35
N ARG A 689 -16.74 -7.05 43.57
CA ARG A 689 -16.66 -6.48 44.90
C ARG A 689 -18.01 -5.94 45.38
N VAL A 690 -18.87 -5.48 44.46
CA VAL A 690 -20.21 -5.07 44.84
C VAL A 690 -20.87 -6.22 45.57
N ASN A 691 -20.70 -7.41 45.02
CA ASN A 691 -21.26 -8.60 45.62
C ASN A 691 -20.34 -9.37 46.57
N ASP A 692 -19.29 -8.75 47.14
CA ASP A 692 -18.51 -9.48 48.15
C ASP A 692 -17.85 -8.57 49.21
N ASP A 693 -18.02 -7.24 49.13
CA ASP A 693 -17.45 -6.36 50.17
C ASP A 693 -17.84 -4.87 50.03
N ILE A 694 -18.09 -4.39 48.82
CA ILE A 694 -18.51 -2.99 48.64
C ILE A 694 -19.88 -2.74 49.22
N THR A 695 -20.87 -3.60 48.89
CA THR A 695 -22.19 -3.43 49.48
C THR A 695 -22.19 -3.83 50.94
N GLY A 696 -21.11 -4.47 51.40
CA GLY A 696 -20.96 -4.76 52.81
C GLY A 696 -20.76 -3.46 53.59
N THR A 697 -20.37 -2.38 52.89
CA THR A 697 -20.20 -1.07 53.50
C THR A 697 -21.27 -0.11 52.99
N PHE A 698 -21.72 -0.33 51.75
CA PHE A 698 -22.76 0.50 51.15
C PHE A 698 -23.99 -0.32 50.84
N LYS A 699 -24.48 -1.03 51.84
CA LYS A 699 -25.66 -1.88 51.67
C LYS A 699 -26.91 -1.05 51.46
N ASN A 700 -26.98 0.06 52.18
CA ASN A 700 -28.13 0.94 52.09
C ASN A 700 -27.72 2.35 51.75
N SER A 701 -26.46 2.58 51.45
CA SER A 701 -26.04 3.91 51.09
C SER A 701 -26.55 4.21 49.70
N ARG A 702 -26.83 5.45 49.41
CA ARG A 702 -27.43 5.73 48.13
C ARG A 702 -26.37 5.79 47.07
N ILE A 703 -26.42 4.82 46.17
CA ILE A 703 -25.41 4.72 45.15
C ILE A 703 -25.89 5.14 43.79
N TRP A 704 -25.25 6.14 43.20
CA TRP A 704 -25.55 6.49 41.81
C TRP A 704 -24.29 6.48 41.00
N VAL A 705 -24.24 5.60 40.03
CA VAL A 705 -23.08 5.57 39.16
C VAL A 705 -23.37 6.45 37.98
N VAL A 706 -22.50 7.41 37.74
CA VAL A 706 -22.74 8.41 36.73
C VAL A 706 -22.14 8.11 35.37
N PHE A 707 -22.99 8.14 34.34
CA PHE A 707 -22.54 7.97 32.98
C PHE A 707 -22.24 9.36 32.41
N ASP A 708 -20.98 9.60 32.11
CA ASP A 708 -20.53 10.91 31.65
C ASP A 708 -20.45 11.07 30.13
N SER A 709 -21.56 10.82 29.43
CA SER A 709 -21.55 10.94 27.98
C SER A 709 -22.90 10.86 27.30
N ASP A 710 -22.92 11.24 26.03
CA ASP A 710 -24.07 11.03 25.19
C ASP A 710 -24.16 9.54 25.02
N LEU A 711 -25.32 9.04 24.65
CA LEU A 711 -25.47 7.60 24.57
C LEU A 711 -24.50 7.02 23.54
N ASP A 712 -23.81 5.97 23.94
CA ASP A 712 -22.86 5.32 23.06
C ASP A 712 -22.80 3.86 23.48
N PRO A 713 -23.80 3.06 23.08
CA PRO A 713 -24.05 1.65 23.47
C PRO A 713 -22.83 0.80 23.90
N GLU A 714 -21.65 1.07 23.36
CA GLU A 714 -20.44 0.35 23.78
C GLU A 714 -20.13 0.54 25.28
N TYR A 715 -20.56 1.66 25.84
CA TYR A 715 -20.39 1.93 27.27
C TYR A 715 -21.74 2.13 27.95
N VAL A 716 -22.80 1.60 27.35
CA VAL A 716 -24.15 1.74 27.89
C VAL A 716 -24.88 0.42 28.01
N GLU A 717 -24.76 -0.43 26.98
CA GLU A 717 -25.51 -1.68 26.92
C GLU A 717 -25.25 -2.62 28.08
N ALA A 718 -24.04 -2.62 28.64
CA ALA A 718 -23.74 -3.48 29.79
C ALA A 718 -24.61 -3.15 30.99
N MET A 719 -25.05 -1.90 31.10
CA MET A 719 -25.87 -1.43 32.22
C MET A 719 -27.35 -1.68 31.99
N ASN A 720 -27.72 -2.17 30.80
CA ASN A 720 -29.11 -2.31 30.42
C ASN A 720 -29.88 -3.18 31.34
N SER A 721 -29.28 -4.21 31.92
CA SER A 721 -30.06 -5.08 32.79
C SER A 721 -30.57 -4.32 34.00
N VAL A 722 -29.84 -3.28 34.42
CA VAL A 722 -30.28 -2.47 35.52
C VAL A 722 -31.42 -1.63 35.04
N LEU A 723 -31.19 -0.99 33.91
CA LEU A 723 -32.19 -0.15 33.28
C LEU A 723 -33.45 -0.93 33.02
N ASP A 724 -33.30 -2.18 32.61
CA ASP A 724 -34.40 -3.07 32.34
C ASP A 724 -35.27 -3.33 33.52
N ASP A 725 -34.64 -3.80 34.60
CA ASP A 725 -35.28 -4.22 35.85
C ASP A 725 -34.52 -5.39 36.48
N ASN A 726 -33.83 -6.15 35.63
CA ASN A 726 -33.06 -7.32 36.07
C ASN A 726 -32.01 -7.00 37.11
N LYS A 727 -31.27 -5.92 36.90
CA LYS A 727 -30.24 -5.44 37.81
C LYS A 727 -29.18 -6.50 38.06
N ILE A 728 -28.49 -6.94 37.01
CA ILE A 728 -27.49 -8.00 37.19
C ILE A 728 -26.44 -8.08 36.07
N LEU A 729 -25.21 -8.42 36.46
CA LEU A 729 -24.15 -8.71 35.51
C LEU A 729 -23.60 -10.10 35.71
N THR A 730 -23.81 -10.99 34.77
CA THR A 730 -23.20 -12.29 34.90
C THR A 730 -21.96 -12.30 34.07
N LEU A 731 -20.86 -12.66 34.71
CA LEU A 731 -19.57 -12.67 34.08
C LEU A 731 -19.31 -13.88 33.21
N PRO A 732 -18.22 -13.83 32.44
CA PRO A 732 -17.68 -14.86 31.56
C PRO A 732 -17.58 -16.23 32.22
N ASN A 733 -17.36 -16.28 33.53
CA ASN A 733 -17.30 -17.58 34.18
C ASN A 733 -18.52 -17.85 35.06
N GLY A 734 -19.67 -17.27 34.75
CA GLY A 734 -20.90 -17.53 35.50
C GLY A 734 -21.02 -16.79 36.81
N GLU A 735 -20.10 -15.87 37.06
CA GLU A 735 -20.16 -15.10 38.27
C GLU A 735 -21.26 -14.07 38.17
N ARG A 736 -22.44 -14.47 38.65
CA ARG A 736 -23.60 -13.60 38.67
C ARG A 736 -23.36 -12.48 39.64
N LEU A 737 -23.58 -11.25 39.19
CA LEU A 737 -23.37 -10.08 40.02
C LEU A 737 -24.59 -9.19 40.09
N PRO A 738 -25.54 -9.48 40.98
CA PRO A 738 -26.74 -8.74 41.25
C PRO A 738 -26.44 -7.31 41.65
N ILE A 739 -27.28 -6.42 41.17
CA ILE A 739 -27.20 -5.02 41.47
C ILE A 739 -28.32 -4.70 42.47
N PRO A 740 -27.97 -4.23 43.67
CA PRO A 740 -28.83 -3.98 44.82
C PRO A 740 -29.73 -2.77 44.62
N PRO A 741 -30.81 -2.66 45.40
CA PRO A 741 -31.87 -1.63 45.38
C PRO A 741 -31.33 -0.23 45.71
N ASN A 742 -30.20 -0.17 46.40
CA ASN A 742 -29.60 1.11 46.70
C ASN A 742 -28.63 1.52 45.61
N PHE A 743 -28.54 0.72 44.56
CA PHE A 743 -27.67 1.00 43.44
C PHE A 743 -28.50 1.44 42.26
N ARG A 744 -28.34 2.70 41.93
CA ARG A 744 -29.06 3.33 40.87
C ARG A 744 -28.06 3.84 39.82
N ILE A 745 -28.53 4.16 38.61
CA ILE A 745 -27.62 4.70 37.60
C ILE A 745 -28.05 6.09 37.14
N LEU A 746 -27.10 7.02 37.07
CA LEU A 746 -27.36 8.42 36.70
C LEU A 746 -26.66 8.82 35.41
N PHE A 747 -27.40 9.02 34.33
CA PHE A 747 -26.76 9.37 33.08
C PHE A 747 -26.71 10.89 32.91
N GLU A 748 -25.63 11.40 32.35
CA GLU A 748 -25.57 12.83 32.02
C GLU A 748 -25.37 13.05 30.54
N THR A 749 -26.39 13.60 29.90
CA THR A 749 -26.40 13.87 28.47
C THR A 749 -27.30 15.03 28.08
N ASP A 750 -27.52 15.13 26.78
CA ASP A 750 -28.54 15.96 26.19
C ASP A 750 -29.04 15.34 24.88
N ASN A 751 -28.48 14.16 24.54
CA ASN A 751 -28.74 13.51 23.28
C ASN A 751 -28.56 11.99 23.37
N LEU A 752 -29.69 11.28 23.43
CA LEU A 752 -29.65 9.83 23.45
C LEU A 752 -29.86 9.21 22.07
N ASP A 753 -29.87 10.03 21.01
CA ASP A 753 -30.14 9.53 19.65
C ASP A 753 -28.93 8.86 19.05
N HIS A 754 -28.58 7.72 19.62
CA HIS A 754 -27.41 6.96 19.25
C HIS A 754 -27.74 5.47 19.20
N THR A 755 -28.95 5.12 19.60
CA THR A 755 -29.44 3.75 19.62
C THR A 755 -30.95 3.69 19.50
N THR A 756 -31.49 2.50 19.71
CA THR A 756 -32.93 2.29 19.67
C THR A 756 -33.55 2.50 21.06
N PRO A 757 -34.87 2.79 21.10
CA PRO A 757 -35.71 3.01 22.27
C PRO A 757 -35.76 1.77 23.13
N ALA A 758 -35.44 0.63 22.52
CA ALA A 758 -35.32 -0.65 23.17
C ALA A 758 -34.58 -0.56 24.50
N THR A 759 -33.55 0.29 24.55
CA THR A 759 -32.77 0.44 25.77
C THR A 759 -33.01 1.78 26.44
N ILE A 760 -33.25 2.81 25.64
CA ILE A 760 -33.50 4.15 26.16
C ILE A 760 -34.68 4.21 27.08
N THR A 761 -35.78 3.62 26.63
CA THR A 761 -37.03 3.66 27.34
C THR A 761 -37.14 2.67 28.48
N ARG A 762 -36.05 1.99 28.84
CA ARG A 762 -36.08 1.03 29.92
C ARG A 762 -35.98 1.73 31.25
N CYS A 763 -35.46 2.96 31.27
CA CYS A 763 -35.29 3.65 32.53
C CYS A 763 -35.85 5.06 32.49
N GLY A 764 -35.76 5.76 33.61
CA GLY A 764 -36.33 7.09 33.70
C GLY A 764 -35.40 8.12 33.11
N LEU A 765 -35.92 9.32 32.91
CA LEU A 765 -35.18 10.40 32.29
C LEU A 765 -35.68 11.72 32.84
N LEU A 766 -34.77 12.63 33.10
CA LEU A 766 -35.13 13.93 33.61
C LEU A 766 -34.62 15.01 32.68
N TRP A 767 -35.54 15.62 31.95
CA TRP A 767 -35.25 16.60 30.95
C TRP A 767 -35.09 18.04 31.42
N PHE A 768 -33.96 18.61 31.09
CA PHE A 768 -33.61 20.00 31.31
C PHE A 768 -33.30 20.65 29.97
N SER A 769 -32.94 21.91 30.02
CA SER A 769 -32.56 22.64 28.83
C SER A 769 -31.68 23.77 29.28
N THR A 770 -31.26 24.59 28.32
CA THR A 770 -30.45 25.76 28.62
C THR A 770 -31.25 26.84 29.33
N ASP A 771 -32.58 26.65 29.46
CA ASP A 771 -33.47 27.57 30.14
C ASP A 771 -33.20 27.58 31.64
N VAL A 772 -32.48 26.55 32.12
CA VAL A 772 -32.03 26.49 33.49
C VAL A 772 -31.08 27.64 33.86
N CYS A 773 -30.40 28.23 32.86
CA CYS A 773 -29.64 29.37 33.33
C CYS A 773 -29.68 30.51 32.35
N SER A 774 -30.24 31.62 32.76
CA SER A 774 -30.12 32.84 31.99
C SER A 774 -28.70 33.31 32.11
N ILE A 775 -28.31 34.27 31.28
CA ILE A 775 -26.96 34.79 31.43
C ILE A 775 -26.79 35.39 32.80
N SER A 776 -27.88 35.91 33.40
CA SER A 776 -27.83 36.45 34.74
C SER A 776 -27.48 35.34 35.74
N SER A 777 -28.13 34.18 35.59
CA SER A 777 -27.86 33.01 36.44
C SER A 777 -26.42 32.55 36.29
N LYS A 778 -25.97 32.51 35.03
CA LYS A 778 -24.62 32.16 34.69
C LYS A 778 -23.64 33.18 35.24
N ILE A 779 -24.04 34.46 35.18
CA ILE A 779 -23.30 35.54 35.77
C ILE A 779 -23.28 35.50 37.26
N ASP A 780 -24.38 35.12 37.92
CA ASP A 780 -24.35 35.02 39.38
C ASP A 780 -23.25 34.05 39.79
N HIS A 781 -23.11 32.99 39.01
CA HIS A 781 -22.05 32.03 39.18
C HIS A 781 -20.71 32.71 38.89
N LEU A 782 -20.60 33.37 37.73
CA LEU A 782 -19.40 34.14 37.41
C LEU A 782 -19.08 35.20 38.43
N LEU A 783 -20.11 35.85 38.92
CA LEU A 783 -20.05 36.93 39.89
C LEU A 783 -19.38 36.45 41.14
N ASN A 784 -19.80 35.30 41.64
CA ASN A 784 -19.15 34.71 42.79
C ASN A 784 -17.69 34.40 42.46
N LYS A 785 -17.45 33.94 41.24
CA LYS A 785 -16.10 33.66 40.79
C LYS A 785 -15.32 34.95 40.56
N SER A 786 -16.02 36.04 40.25
CA SER A 786 -15.39 37.34 40.06
C SER A 786 -15.12 37.96 41.41
N TYR A 787 -15.87 37.53 42.42
CA TYR A 787 -15.61 37.95 43.78
C TYR A 787 -14.34 37.27 44.25
N GLU A 788 -14.17 36.03 43.79
CA GLU A 788 -13.00 35.24 44.11
C GLU A 788 -11.90 35.36 43.06
N ALA A 789 -12.05 36.31 42.12
CA ALA A 789 -11.05 36.51 41.08
C ALA A 789 -9.88 37.35 41.64
N LEU A 790 -8.68 37.00 41.19
CA LEU A 790 -8.34 35.61 40.90
C LEU A 790 -6.97 35.30 41.49
N ASP A 791 -5.91 35.91 40.94
CA ASP A 791 -4.58 35.69 41.49
C ASP A 791 -4.53 36.13 42.95
N ASN A 792 -3.79 35.39 43.77
CA ASN A 792 -3.69 35.68 45.19
C ASN A 792 -2.99 37.01 45.49
N LYS A 793 -2.15 37.47 44.56
CA LYS A 793 -1.49 38.77 44.69
C LYS A 793 -2.50 39.91 44.64
N LEU A 794 -3.67 39.64 44.07
CA LEU A 794 -4.73 40.60 43.99
C LEU A 794 -5.49 40.58 45.30
N SER A 795 -5.47 41.72 45.99
CA SER A 795 -6.12 41.86 47.30
C SER A 795 -7.64 41.95 47.19
N MET A 796 -8.12 42.00 45.95
CA MET A 796 -9.50 42.16 45.55
C MET A 796 -10.02 43.56 45.90
N PHE A 797 -9.14 44.47 46.33
CA PHE A 797 -9.51 45.84 46.61
C PHE A 797 -9.36 46.59 45.30
N GLU A 798 -8.25 46.30 44.63
CA GLU A 798 -7.96 46.82 43.32
C GLU A 798 -8.99 46.27 42.35
N LEU A 799 -9.30 44.99 42.54
CA LEU A 799 -10.29 44.32 41.73
C LEU A 799 -11.61 45.04 41.85
N ASP A 800 -12.13 45.22 43.06
CA ASP A 800 -13.38 45.95 43.20
C ASP A 800 -13.32 47.34 42.57
N LYS A 801 -12.21 48.05 42.77
CA LYS A 801 -12.07 49.38 42.19
C LYS A 801 -12.11 49.37 40.66
N LEU A 802 -11.76 48.25 40.04
CA LEU A 802 -11.76 48.19 38.60
C LEU A 802 -12.99 47.39 38.13
N LYS A 803 -13.07 46.14 38.56
CA LYS A 803 -14.15 45.18 38.30
C LYS A 803 -15.55 45.71 38.51
N ASP A 804 -15.79 46.62 39.45
CA ASP A 804 -17.16 47.09 39.62
C ASP A 804 -17.78 47.69 38.34
N LEU A 805 -16.97 48.13 37.38
CA LEU A 805 -17.54 48.56 36.11
C LEU A 805 -18.11 47.33 35.39
N ILE A 806 -17.46 46.18 35.58
CA ILE A 806 -17.89 44.89 35.06
C ILE A 806 -19.12 44.43 35.81
N SER A 807 -19.10 44.59 37.13
CA SER A 807 -20.23 44.22 37.97
C SER A 807 -21.45 45.00 37.52
N ASP A 808 -21.27 46.28 37.27
CA ASP A 808 -22.34 47.09 36.76
C ASP A 808 -22.72 46.62 35.36
N SER A 809 -21.73 46.26 34.54
CA SER A 809 -21.99 45.69 33.22
C SER A 809 -22.77 44.39 33.33
N PHE A 810 -22.53 43.60 34.38
CA PHE A 810 -23.27 42.35 34.57
C PHE A 810 -24.76 42.62 34.64
N ASP A 811 -25.09 43.70 35.34
CA ASP A 811 -26.47 44.13 35.46
C ASP A 811 -27.00 44.72 34.16
N MET A 812 -26.13 45.37 33.39
CA MET A 812 -26.54 45.96 32.12
C MET A 812 -26.98 44.92 31.10
N ALA A 813 -28.15 45.18 30.51
CA ALA A 813 -28.70 44.35 29.45
C ALA A 813 -27.79 44.37 28.24
N SER A 814 -27.05 45.46 28.09
CA SER A 814 -26.11 45.62 27.01
C SER A 814 -24.96 44.60 27.07
N LEU A 815 -24.64 44.11 28.27
CA LEU A 815 -23.62 43.07 28.36
C LEU A 815 -24.24 41.79 27.86
N THR A 816 -25.48 41.53 28.28
CA THR A 816 -26.23 40.38 27.79
C THR A 816 -26.25 40.41 26.28
N ASN A 817 -26.45 41.61 25.73
CA ASN A 817 -26.50 41.80 24.31
C ASN A 817 -25.20 41.43 23.62
N ILE A 818 -24.02 41.65 24.23
CA ILE A 818 -22.81 41.25 23.49
C ILE A 818 -22.66 39.74 23.48
N PHE A 819 -23.25 39.05 24.45
CA PHE A 819 -23.20 37.61 24.40
C PHE A 819 -24.08 37.12 23.26
N THR A 820 -25.19 37.82 23.02
CA THR A 820 -26.06 37.46 21.92
C THR A 820 -25.51 37.97 20.58
N CYS A 821 -24.74 39.06 20.61
CA CYS A 821 -24.12 39.58 19.40
C CYS A 821 -23.01 38.67 18.96
N SER A 822 -22.29 38.08 19.91
CA SER A 822 -21.27 37.11 19.58
C SER A 822 -21.95 35.91 18.95
N ASN A 823 -23.08 35.48 19.51
CA ASN A 823 -23.84 34.39 18.93
C ASN A 823 -24.27 34.72 17.48
N ASP A 824 -24.58 36.00 17.22
CA ASP A 824 -24.96 36.46 15.87
C ASP A 824 -23.80 36.53 14.85
N LEU A 825 -22.55 36.40 15.31
CA LEU A 825 -21.42 36.50 14.40
C LEU A 825 -20.67 35.18 14.26
N VAL A 826 -19.92 35.08 13.16
CA VAL A 826 -19.15 33.87 12.89
C VAL A 826 -17.88 33.81 13.72
N HIS A 827 -17.71 32.71 14.44
CA HIS A 827 -16.53 32.50 15.27
C HIS A 827 -15.99 31.11 15.04
N ILE A 828 -14.71 30.91 15.34
CA ILE A 828 -14.09 29.62 15.12
C ILE A 828 -14.61 28.50 16.03
N LEU A 829 -14.82 28.79 17.31
CA LEU A 829 -15.50 27.84 18.19
C LEU A 829 -16.87 28.34 18.58
N GLY A 830 -17.75 27.42 18.96
CA GLY A 830 -19.09 27.79 19.38
C GLY A 830 -19.03 28.69 20.60
N VAL A 831 -19.86 29.72 20.59
CA VAL A 831 -19.88 30.67 21.68
C VAL A 831 -20.64 30.09 22.84
N ARG A 832 -19.96 29.91 23.96
CA ARG A 832 -20.62 29.35 25.12
C ARG A 832 -20.25 30.11 26.35
N THR A 833 -21.28 30.46 27.10
CA THR A 833 -21.18 31.29 28.28
C THR A 833 -20.36 30.69 29.40
N PHE A 834 -20.27 29.37 29.47
CA PHE A 834 -19.41 28.76 30.49
C PHE A 834 -17.93 28.90 30.13
N ASN A 835 -17.68 29.27 28.88
CA ASN A 835 -16.35 29.46 28.38
C ASN A 835 -16.02 30.91 28.26
N LYS A 836 -17.01 31.68 27.84
CA LYS A 836 -16.82 33.08 27.56
C LYS A 836 -16.91 33.93 28.82
N LEU A 837 -17.71 33.50 29.79
CA LEU A 837 -17.72 34.19 31.07
C LEU A 837 -16.35 33.98 31.71
N GLU A 838 -15.80 32.78 31.51
CA GLU A 838 -14.47 32.46 31.99
C GLU A 838 -13.37 33.14 31.19
N THR A 839 -13.51 33.18 29.87
CA THR A 839 -12.47 33.79 29.07
C THR A 839 -12.41 35.27 29.32
N ALA A 840 -13.57 35.91 29.34
CA ALA A 840 -13.63 37.33 29.59
C ALA A 840 -13.16 37.68 30.97
N VAL A 841 -13.57 36.92 32.00
CA VAL A 841 -13.13 37.27 33.34
C VAL A 841 -11.67 36.95 33.55
N GLN A 842 -11.15 35.93 32.86
CA GLN A 842 -9.74 35.62 33.00
C GLN A 842 -8.89 36.64 32.30
N LEU A 843 -9.28 37.03 31.09
CA LEU A 843 -8.54 38.07 30.41
C LEU A 843 -8.59 39.36 31.19
N ALA A 844 -9.79 39.74 31.65
CA ALA A 844 -9.96 40.97 32.39
C ALA A 844 -9.23 40.95 33.71
N VAL A 845 -9.35 39.85 34.46
CA VAL A 845 -8.70 39.81 35.76
C VAL A 845 -7.20 39.72 35.65
N HIS A 846 -6.69 39.19 34.54
CA HIS A 846 -5.26 39.13 34.40
C HIS A 846 -4.73 40.44 33.90
N LEU A 847 -5.55 41.18 33.19
CA LEU A 847 -5.20 42.53 32.86
C LEU A 847 -5.18 43.31 34.17
N ILE A 848 -6.17 43.07 35.03
CA ILE A 848 -6.22 43.62 36.37
C ILE A 848 -5.06 43.12 37.22
N SER A 849 -4.68 41.85 37.06
CA SER A 849 -3.57 41.26 37.79
C SER A 849 -2.29 42.00 37.46
N SER A 850 -2.11 42.38 36.19
CA SER A 850 -0.93 43.14 35.84
C SER A 850 -1.07 44.54 36.43
N TYR A 851 -2.30 45.05 36.48
CA TYR A 851 -2.55 46.31 37.14
C TYR A 851 -2.45 46.18 38.63
N ARG A 852 -2.61 45.01 39.23
CA ARG A 852 -2.42 44.90 40.66
C ARG A 852 -1.11 45.58 41.08
N GLN A 853 -0.07 45.35 40.30
CA GLN A 853 1.21 46.00 40.53
C GLN A 853 1.24 47.46 40.08
N TRP A 854 0.65 47.74 38.93
CA TRP A 854 0.68 49.09 38.37
C TRP A 854 -0.27 50.03 39.12
N PHE A 855 -1.50 49.59 39.25
CA PHE A 855 -2.61 50.25 39.94
C PHE A 855 -2.28 50.63 41.36
N GLN A 856 -1.38 49.91 42.00
CA GLN A 856 -0.93 50.25 43.34
C GLN A 856 -0.43 51.70 43.42
N ASN A 857 0.16 52.19 42.31
CA ASN A 857 0.67 53.55 42.26
C ASN A 857 -0.18 54.48 41.37
N LEU A 858 -1.04 53.90 40.53
CA LEU A 858 -1.86 54.70 39.62
C LEU A 858 -3.17 55.20 40.26
N ASP A 859 -3.65 56.34 39.76
CA ASP A 859 -4.89 56.94 40.23
C ASP A 859 -6.10 56.06 40.00
N ASP A 860 -6.93 55.93 41.03
CA ASP A 860 -8.10 55.07 41.01
C ASP A 860 -9.07 55.39 39.90
N LYS A 861 -9.51 56.63 39.82
CA LYS A 861 -10.48 57.03 38.81
C LYS A 861 -9.88 57.01 37.43
N SER A 862 -8.65 57.49 37.31
CA SER A 862 -8.00 57.52 36.02
C SER A 862 -7.89 56.11 35.49
N LEU A 863 -7.55 55.16 36.36
CA LEU A 863 -7.48 53.80 35.91
C LEU A 863 -8.85 53.27 35.60
N LYS A 864 -9.86 53.61 36.43
CA LYS A 864 -11.24 53.20 36.10
C LYS A 864 -11.62 53.63 34.70
N ASP A 865 -11.16 54.79 34.26
CA ASP A 865 -11.43 55.25 32.91
C ASP A 865 -10.60 54.50 31.88
N VAL A 866 -9.32 54.28 32.19
CA VAL A 866 -8.42 53.53 31.31
C VAL A 866 -8.90 52.10 31.08
N ILE A 867 -9.36 51.45 32.14
CA ILE A 867 -9.83 50.10 32.01
C ILE A 867 -11.17 49.99 31.34
N THR A 868 -11.78 51.10 30.93
CA THR A 868 -13.00 50.91 30.23
C THR A 868 -12.64 50.39 28.86
N LEU A 869 -11.50 50.82 28.34
CA LEU A 869 -11.08 50.33 27.06
C LEU A 869 -10.46 48.97 27.24
N LEU A 870 -9.69 48.83 28.31
CA LEU A 870 -9.01 47.59 28.59
C LEU A 870 -9.93 46.43 28.84
N ILE A 871 -10.96 46.65 29.65
CA ILE A 871 -11.93 45.61 29.88
C ILE A 871 -12.68 45.33 28.61
N LYS A 872 -13.01 46.37 27.86
CA LYS A 872 -13.63 46.13 26.57
C LYS A 872 -12.69 45.30 25.69
N ARG A 873 -11.37 45.46 25.79
CA ARG A 873 -10.46 44.59 25.03
C ARG A 873 -10.69 43.14 25.39
N SER A 874 -10.81 42.84 26.69
CA SER A 874 -11.02 41.45 27.08
C SER A 874 -12.36 40.94 26.61
N LEU A 875 -13.35 41.83 26.51
CA LEU A 875 -14.66 41.46 26.00
C LEU A 875 -14.61 41.28 24.49
N LEU A 876 -13.76 42.10 23.85
CA LEU A 876 -13.58 42.11 22.41
C LEU A 876 -12.43 41.21 21.97
N TYR A 877 -11.96 40.37 22.88
CA TYR A 877 -11.00 39.34 22.57
C TYR A 877 -11.66 38.02 22.89
N ALA A 878 -12.25 37.91 24.09
CA ALA A 878 -12.98 36.72 24.51
C ALA A 878 -14.07 36.36 23.54
N LEU A 879 -14.81 37.36 23.07
CA LEU A 879 -15.90 37.12 22.15
C LEU A 879 -15.63 37.57 20.73
N ALA A 880 -14.35 37.74 20.35
CA ALA A 880 -14.08 38.22 18.99
C ALA A 880 -12.72 37.79 18.43
N GLY A 881 -11.70 37.72 19.28
CA GLY A 881 -10.33 37.37 18.88
C GLY A 881 -10.24 35.94 18.36
N ASP A 882 -11.29 35.17 18.66
CA ASP A 882 -11.49 33.81 18.22
C ASP A 882 -12.00 33.70 16.78
N SER A 883 -11.99 34.80 16.01
CA SER A 883 -12.44 34.71 14.64
C SER A 883 -11.65 35.58 13.67
N THR A 884 -12.18 35.68 12.45
CA THR A 884 -11.61 36.45 11.36
C THR A 884 -11.67 37.92 11.72
N GLY A 885 -10.61 38.66 11.40
CA GLY A 885 -10.50 40.08 11.73
C GLY A 885 -11.75 40.91 11.41
N GLU A 886 -12.44 40.59 10.31
CA GLU A 886 -13.67 41.28 9.96
C GLU A 886 -14.81 40.93 10.90
N SER A 887 -14.93 39.65 11.24
CA SER A 887 -15.94 39.22 12.20
C SER A 887 -15.63 39.85 13.54
N GLN A 888 -14.34 39.86 13.90
CA GLN A 888 -13.88 40.49 15.11
C GLN A 888 -14.30 41.94 15.12
N ARG A 889 -14.03 42.66 14.03
CA ARG A 889 -14.41 44.07 13.88
C ARG A 889 -15.91 44.27 14.06
N ALA A 890 -16.70 43.41 13.42
CA ALA A 890 -18.15 43.46 13.54
C ALA A 890 -18.53 43.30 15.00
N PHE A 891 -17.83 42.41 15.71
CA PHE A 891 -18.05 42.26 17.13
C PHE A 891 -17.56 43.48 17.87
N ILE A 892 -16.46 44.07 17.43
CA ILE A 892 -15.93 45.28 18.02
C ILE A 892 -16.93 46.41 18.01
N GLN A 893 -17.80 46.47 17.02
CA GLN A 893 -18.85 47.49 17.00
C GLN A 893 -19.73 47.45 18.30
N THR A 894 -19.81 46.28 18.95
CA THR A 894 -20.58 46.11 20.19
C THR A 894 -19.90 46.78 21.38
N ILE A 895 -18.71 47.36 21.18
CA ILE A 895 -17.95 48.09 22.18
C ILE A 895 -18.81 49.17 22.90
N ASN A 896 -19.91 49.61 22.26
CA ASN A 896 -20.85 50.56 22.86
C ASN A 896 -21.74 50.00 23.98
N THR A 897 -21.50 48.78 24.41
CA THR A 897 -22.28 48.14 25.45
C THR A 897 -21.65 48.13 26.84
N TYR A 898 -20.35 48.38 26.92
CA TYR A 898 -19.72 48.30 28.24
C TYR A 898 -20.15 49.44 29.14
N PHE A 899 -20.45 49.11 30.40
CA PHE A 899 -20.90 50.10 31.36
C PHE A 899 -19.95 51.28 31.53
N GLY A 900 -18.68 50.98 31.75
CA GLY A 900 -17.69 52.02 31.97
C GLY A 900 -17.57 53.01 30.81
N HIS A 901 -17.56 52.51 29.57
CA HIS A 901 -17.49 53.39 28.41
C HIS A 901 -18.31 52.84 27.26
N ASP A 902 -19.54 53.31 27.15
CA ASP A 902 -20.44 52.86 26.10
C ASP A 902 -20.29 53.66 24.81
N SER A 903 -19.19 53.42 24.07
CA SER A 903 -18.98 54.20 22.85
C SER A 903 -18.47 53.45 21.63
N GLN A 904 -19.38 53.27 20.65
CA GLN A 904 -19.09 52.66 19.34
C GLN A 904 -18.19 53.60 18.56
N GLU A 905 -18.31 54.88 18.89
CA GLU A 905 -17.62 55.99 18.29
C GLU A 905 -16.12 55.99 18.55
N LEU A 906 -15.62 55.10 19.43
CA LEU A 906 -14.19 55.01 19.64
C LEU A 906 -13.46 54.78 18.32
N SER A 907 -12.42 55.59 18.08
CA SER A 907 -11.59 55.57 16.87
C SER A 907 -10.83 54.26 16.77
N ASP A 908 -9.50 54.32 16.88
CA ASP A 908 -8.82 53.04 16.94
C ASP A 908 -9.48 52.37 18.12
N TYR A 909 -10.02 51.19 17.90
CA TYR A 909 -10.77 50.54 18.94
C TYR A 909 -9.87 50.02 20.01
N SER A 910 -10.45 49.75 21.17
CA SER A 910 -9.66 49.33 22.31
C SER A 910 -8.81 48.11 22.04
N THR A 911 -9.26 47.23 21.14
CA THR A 911 -8.48 46.04 20.79
C THR A 911 -7.14 46.41 20.16
N ILE A 912 -7.09 47.62 19.59
CA ILE A 912 -5.94 48.25 18.98
C ILE A 912 -5.28 49.14 20.04
N VAL A 913 -6.08 49.95 20.72
CA VAL A 913 -5.60 50.88 21.72
C VAL A 913 -5.29 50.18 23.04
N ILE A 914 -4.09 49.64 23.11
CA ILE A 914 -3.58 48.84 24.23
C ILE A 914 -3.28 49.65 25.49
N ALA A 915 -3.89 49.30 26.62
CA ALA A 915 -3.61 50.04 27.86
C ALA A 915 -2.22 49.72 28.38
N ASN A 916 -1.58 50.74 28.92
CA ASN A 916 -0.24 50.63 29.47
C ASN A 916 -0.20 50.73 30.97
N ASP A 917 0.97 50.43 31.52
CA ASP A 917 1.23 50.41 32.94
C ASP A 917 1.27 51.76 33.62
N LYS A 918 1.17 52.84 32.86
CA LYS A 918 1.12 54.16 33.43
C LYS A 918 -0.13 54.89 32.97
N LEU A 919 -1.23 54.14 32.78
CA LEU A 919 -2.52 54.68 32.36
C LEU A 919 -2.56 55.19 30.90
N SER A 920 -1.46 55.11 30.18
CA SER A 920 -1.43 55.55 28.80
C SER A 920 -1.89 54.41 27.92
N PHE A 921 -2.02 54.69 26.64
CA PHE A 921 -2.41 53.66 25.70
C PHE A 921 -1.44 53.60 24.52
N SER A 922 -1.43 52.48 23.82
CA SER A 922 -0.58 52.29 22.66
C SER A 922 -1.37 51.70 21.52
N SER A 923 -1.67 52.54 20.52
CA SER A 923 -2.42 52.07 19.38
C SER A 923 -1.60 51.06 18.60
N PHE A 924 -2.18 49.90 18.42
CA PHE A 924 -1.59 48.76 17.75
C PHE A 924 -1.60 48.90 16.24
N CYS A 925 -0.75 49.78 15.74
CA CYS A 925 -0.56 50.03 14.33
C CYS A 925 0.46 49.03 13.85
N SER A 926 0.81 49.05 12.55
CA SER A 926 1.77 48.08 12.05
C SER A 926 3.01 48.01 12.91
N GLU A 927 3.30 46.80 13.36
CA GLU A 927 4.46 46.50 14.16
C GLU A 927 5.29 45.49 13.42
N ILE A 928 5.18 45.49 12.09
CA ILE A 928 5.98 44.58 11.31
C ILE A 928 7.41 45.10 11.44
N PRO A 929 8.31 44.30 12.02
CA PRO A 929 9.67 44.63 12.41
C PRO A 929 10.58 44.94 11.26
N SER A 930 10.46 46.18 10.76
CA SER A 930 11.31 46.69 9.69
C SER A 930 12.77 46.44 10.00
N VAL A 931 13.17 46.71 11.25
CA VAL A 931 14.52 46.42 11.65
C VAL A 931 14.59 44.99 12.12
N SER A 932 14.84 44.11 11.17
CA SER A 932 14.95 42.69 11.45
C SER A 932 15.90 42.07 10.45
N LEU A 933 15.43 41.90 9.21
CA LEU A 933 16.31 41.36 8.22
C LEU A 933 17.13 42.47 7.67
N GLU A 934 18.42 42.37 7.90
CA GLU A 934 19.37 43.33 7.40
C GLU A 934 20.38 42.57 6.57
N ALA A 935 20.67 41.35 7.04
CA ALA A 935 21.61 40.45 6.41
C ALA A 935 21.55 39.07 7.07
N HIS A 936 22.28 38.12 6.50
CA HIS A 936 22.51 36.78 7.05
C HIS A 936 21.38 35.78 6.85
N GLU A 937 20.31 35.95 7.62
CA GLU A 937 19.19 35.02 7.60
C GLU A 937 17.99 35.52 6.83
N VAL A 938 18.22 36.37 5.83
CA VAL A 938 17.12 36.98 5.09
C VAL A 938 16.10 35.98 4.57
N MET A 939 16.56 34.85 4.06
CA MET A 939 15.67 33.86 3.50
C MET A 939 15.30 32.72 4.41
N ARG A 940 15.60 32.82 5.69
CA ARG A 940 15.38 31.71 6.56
C ARG A 940 14.02 31.83 7.26
N PRO A 941 13.09 30.89 7.02
CA PRO A 941 11.71 30.84 7.53
C PRO A 941 11.66 30.60 9.03
N ASP A 942 12.76 30.13 9.60
CA ASP A 942 12.84 29.90 11.03
C ASP A 942 12.70 31.20 11.81
N ILE A 943 13.15 32.29 11.19
CA ILE A 943 13.11 33.61 11.81
C ILE A 943 12.15 34.53 11.04
N VAL A 944 11.19 33.93 10.32
CA VAL A 944 10.22 34.65 9.49
C VAL A 944 9.54 35.83 10.20
N ILE A 945 9.32 36.88 9.43
CA ILE A 945 8.74 38.13 9.89
C ILE A 945 7.20 38.08 10.08
N PRO A 946 6.69 38.45 11.26
CA PRO A 946 5.29 38.47 11.71
C PRO A 946 4.46 39.65 11.20
N THR A 947 3.16 39.59 11.53
CA THR A 947 2.19 40.64 11.21
C THR A 947 1.55 41.05 12.52
N ILE A 948 0.75 42.12 12.51
CA ILE A 948 0.07 42.52 13.73
C ILE A 948 -1.01 41.54 14.18
N ASP A 949 -1.37 40.57 13.36
CA ASP A 949 -2.37 39.61 13.78
C ASP A 949 -1.67 38.48 14.48
N THR A 950 -0.45 38.18 14.04
CA THR A 950 0.31 37.15 14.72
C THR A 950 0.77 37.69 16.07
N ILE A 951 1.07 38.98 16.10
CA ILE A 951 1.48 39.69 17.30
C ILE A 951 0.30 39.80 18.24
N LYS A 952 -0.86 40.18 17.69
CA LYS A 952 -2.11 40.27 18.44
C LYS A 952 -2.38 39.02 19.23
N HIS A 953 -2.25 37.86 18.59
CA HIS A 953 -2.49 36.62 19.27
C HIS A 953 -1.61 36.47 20.48
N GLU A 954 -0.34 36.88 20.37
CA GLU A 954 0.54 36.82 21.51
C GLU A 954 0.15 37.83 22.59
N LYS A 955 -0.30 39.00 22.18
CA LYS A 955 -0.72 40.01 23.14
C LYS A 955 -1.94 39.56 23.93
N ILE A 956 -2.85 38.85 23.26
CA ILE A 956 -4.05 38.31 23.89
C ILE A 956 -3.63 37.17 24.80
N PHE A 957 -2.81 36.29 24.21
CA PHE A 957 -2.25 35.12 24.85
C PHE A 957 -1.60 35.40 26.17
N TYR A 958 -0.91 36.53 26.29
CA TYR A 958 -0.23 36.85 27.54
C TYR A 958 -1.16 36.82 28.75
N ASP A 959 -2.42 37.15 28.58
CA ASP A 959 -3.35 37.11 29.71
C ASP A 959 -4.01 35.75 29.80
N LEU A 960 -4.12 35.07 28.66
CA LEU A 960 -4.60 33.70 28.64
C LEU A 960 -3.50 32.81 29.27
N LEU A 961 -2.25 33.24 29.10
CA LEU A 961 -1.04 32.68 29.69
C LEU A 961 -1.07 32.92 31.18
N ASN A 962 -1.41 34.14 31.59
CA ASN A 962 -1.55 34.45 32.99
C ASN A 962 -2.57 33.52 33.66
N SER A 963 -3.66 33.19 32.95
CA SER A 963 -4.63 32.22 33.46
C SER A 963 -4.13 30.78 33.37
N LYS A 964 -3.22 30.54 32.43
CA LYS A 964 -2.61 29.23 32.19
C LYS A 964 -3.67 28.21 31.82
N ARG A 965 -4.39 28.50 30.73
CA ARG A 965 -5.47 27.63 30.29
C ARG A 965 -5.21 27.00 28.93
N GLY A 966 -6.26 26.43 28.35
CA GLY A 966 -6.21 25.83 27.02
C GLY A 966 -6.33 26.87 25.90
N ILE A 967 -5.20 27.36 25.36
CA ILE A 967 -5.25 28.33 24.26
C ILE A 967 -4.96 27.66 22.92
N ILE A 968 -5.90 27.82 22.00
CA ILE A 968 -5.79 27.25 20.67
C ILE A 968 -5.40 28.27 19.61
N LEU A 969 -4.29 28.04 18.93
CA LEU A 969 -3.92 28.90 17.82
C LEU A 969 -4.51 28.41 16.53
N CYS A 970 -5.44 29.15 15.94
CA CYS A 970 -6.10 28.67 14.73
C CYS A 970 -5.72 29.47 13.47
N GLY A 971 -5.18 28.75 12.48
CA GLY A 971 -4.75 29.33 11.21
C GLY A 971 -3.90 28.31 10.49
N PRO A 972 -3.77 28.37 9.17
CA PRO A 972 -3.02 27.44 8.34
C PRO A 972 -1.50 27.68 8.47
N PRO A 973 -0.68 26.66 8.23
CA PRO A 973 0.78 26.65 8.29
C PRO A 973 1.37 27.78 7.48
N GLY A 974 2.25 28.57 8.09
CA GLY A 974 2.84 29.69 7.40
C GLY A 974 2.02 30.99 7.50
N SER A 975 0.77 30.89 7.96
CA SER A 975 -0.10 32.06 8.08
C SER A 975 0.12 32.85 9.33
N GLY A 976 0.68 32.15 10.28
CA GLY A 976 0.82 32.64 11.62
C GLY A 976 0.83 31.39 12.46
N LYS A 977 0.15 30.34 12.00
CA LYS A 977 0.15 29.08 12.73
C LYS A 977 1.52 28.64 13.20
N THR A 978 2.43 28.55 12.26
CA THR A 978 3.77 28.09 12.54
C THR A 978 4.71 29.23 12.85
N MET A 979 4.37 30.41 12.34
CA MET A 979 5.16 31.61 12.58
C MET A 979 5.11 31.94 14.06
N ILE A 980 3.87 31.99 14.56
CA ILE A 980 3.57 32.26 15.95
C ILE A 980 4.09 31.16 16.80
N MET A 981 3.84 29.91 16.40
CA MET A 981 4.34 28.76 17.14
C MET A 981 5.82 28.84 17.42
N ASN A 982 6.60 29.21 16.40
CA ASN A 982 8.03 29.35 16.56
C ASN A 982 8.37 30.34 17.65
N ASN A 983 7.64 31.45 17.67
CA ASN A 983 7.86 32.47 18.68
C ASN A 983 7.28 32.11 20.05
N ALA A 984 6.07 31.57 20.05
CA ALA A 984 5.28 31.24 21.23
C ALA A 984 5.97 30.25 22.14
N LEU A 985 6.58 29.23 21.54
CA LEU A 985 7.25 28.23 22.35
C LEU A 985 8.62 28.71 22.82
N ARG A 986 9.01 29.92 22.42
CA ARG A 986 10.25 30.53 22.87
C ARG A 986 10.00 31.77 23.72
N ASN A 987 8.75 31.97 24.16
CA ASN A 987 8.43 33.17 24.93
C ASN A 987 9.23 33.33 26.22
N SER A 988 9.54 32.22 26.90
CA SER A 988 10.31 32.34 28.13
C SER A 988 10.84 31.03 28.65
N SER A 989 12.05 31.10 29.23
CA SER A 989 12.71 29.95 29.86
C SER A 989 11.97 29.52 31.13
N LEU A 990 11.10 30.41 31.63
CA LEU A 990 10.23 30.16 32.76
C LEU A 990 9.31 28.97 32.58
N TYR A 991 8.98 28.62 31.33
CA TYR A 991 8.08 27.51 31.13
C TYR A 991 8.69 26.43 30.26
N ASP A 992 8.28 25.20 30.49
CA ASP A 992 8.77 24.08 29.70
C ASP A 992 7.86 23.88 28.52
N VAL A 993 8.39 23.68 27.32
CA VAL A 993 7.47 23.51 26.20
C VAL A 993 7.69 22.21 25.46
N VAL A 994 6.61 21.64 24.93
CA VAL A 994 6.74 20.42 24.14
C VAL A 994 5.92 20.47 22.86
N GLY A 995 6.59 20.55 21.72
CA GLY A 995 5.90 20.57 20.41
C GLY A 995 5.34 19.20 20.05
N ILE A 996 4.20 18.85 20.63
CA ILE A 996 3.60 17.53 20.47
C ILE A 996 2.86 17.34 19.14
N ASN A 997 3.20 16.28 18.41
CA ASN A 997 2.47 15.96 17.19
C ASN A 997 1.17 15.21 17.43
N PHE A 998 0.06 15.80 17.00
CA PHE A 998 -1.26 15.15 17.04
C PHE A 998 -1.88 14.84 15.68
N SER A 999 -1.47 13.76 15.06
CA SER A 999 -2.07 13.40 13.78
C SER A 999 -3.44 12.83 14.03
N LYS A 1000 -4.14 12.53 12.95
CA LYS A 1000 -5.46 11.93 13.04
C LYS A 1000 -5.46 10.65 13.87
N ASP A 1001 -4.36 9.89 13.78
CA ASP A 1001 -4.24 8.63 14.47
C ASP A 1001 -3.18 8.61 15.56
N THR A 1002 -2.74 9.79 16.03
CA THR A 1002 -1.75 9.78 17.10
C THR A 1002 -2.49 9.61 18.40
N THR A 1003 -2.13 8.58 19.17
CA THR A 1003 -2.83 8.38 20.41
C THR A 1003 -2.17 9.16 21.50
N THR A 1004 -2.87 9.26 22.63
CA THR A 1004 -2.36 9.94 23.78
C THR A 1004 -1.19 9.16 24.36
N GLU A 1005 -1.15 7.85 24.09
CA GLU A 1005 -0.04 7.03 24.52
C GLU A 1005 1.20 7.27 23.70
N HIS A 1006 1.06 7.48 22.39
CA HIS A 1006 2.24 7.79 21.58
C HIS A 1006 2.86 9.05 22.10
N ILE A 1007 1.99 9.99 22.42
CA ILE A 1007 2.35 11.25 22.96
C ILE A 1007 2.92 11.12 24.34
N LEU A 1008 2.23 10.39 25.20
CA LEU A 1008 2.64 10.16 26.57
C LEU A 1008 3.98 9.50 26.64
N SER A 1009 4.22 8.53 25.76
CA SER A 1009 5.51 7.87 25.66
C SER A 1009 6.61 8.90 25.51
N ALA A 1010 6.41 9.82 24.58
CA ALA A 1010 7.34 10.93 24.40
C ALA A 1010 7.33 11.84 25.63
N LEU A 1011 6.14 12.10 26.16
CA LEU A 1011 6.01 12.97 27.31
C LEU A 1011 6.60 12.40 28.54
N HIS A 1012 6.78 11.08 28.61
CA HIS A 1012 7.44 10.52 29.77
C HIS A 1012 8.88 10.99 29.82
N ARG A 1013 9.42 11.40 28.68
CA ARG A 1013 10.75 11.94 28.62
C ARG A 1013 10.64 13.37 29.11
N HIS A 1014 9.54 14.01 28.71
CA HIS A 1014 9.28 15.40 29.00
C HIS A 1014 8.36 15.65 30.20
N THR A 1015 8.25 14.71 31.12
CA THR A 1015 7.46 14.98 32.33
C THR A 1015 7.96 14.10 33.45
N ASN A 1016 7.61 14.43 34.68
CA ASN A 1016 8.08 13.60 35.78
C ASN A 1016 6.95 13.27 36.75
N TYR A 1017 7.18 12.29 37.61
CA TYR A 1017 6.09 11.85 38.48
C TYR A 1017 6.45 11.72 39.97
N VAL A 1018 5.99 12.66 40.81
CA VAL A 1018 6.24 12.50 42.25
C VAL A 1018 5.25 11.53 42.86
N THR A 1019 5.57 10.25 42.78
CA THR A 1019 4.72 9.19 43.32
C THR A 1019 4.53 9.34 44.83
N THR A 1020 3.28 9.32 45.25
CA THR A 1020 2.90 9.45 46.65
C THR A 1020 2.52 8.11 47.20
N SER A 1021 2.28 8.08 48.50
CA SER A 1021 1.84 6.87 49.20
C SER A 1021 0.41 6.47 48.83
N LYS A 1022 -0.30 7.35 48.10
CA LYS A 1022 -1.66 7.08 47.68
C LYS A 1022 -1.71 6.52 46.26
N GLY A 1023 -0.53 6.34 45.65
CA GLY A 1023 -0.45 5.84 44.29
C GLY A 1023 -0.73 6.96 43.31
N LEU A 1024 -0.54 8.20 43.75
CA LEU A 1024 -0.78 9.34 42.91
C LEU A 1024 0.55 9.97 42.56
N THR A 1025 0.60 10.67 41.45
CA THR A 1025 1.84 11.30 41.03
C THR A 1025 1.57 12.76 40.86
N LEU A 1026 2.55 13.51 40.35
CA LEU A 1026 2.40 14.94 40.05
C LEU A 1026 3.77 15.56 39.83
N LEU A 1027 3.98 16.22 38.67
CA LEU A 1027 5.22 16.99 38.37
C LEU A 1027 5.41 17.33 36.85
N PRO A 1028 5.60 18.61 36.47
CA PRO A 1028 5.95 19.08 35.12
C PRO A 1028 7.38 18.66 34.81
N LYS A 1029 7.83 18.81 33.56
CA LYS A 1029 9.17 18.36 33.18
C LYS A 1029 10.23 18.84 34.18
N SER A 1030 10.36 20.15 34.36
CA SER A 1030 11.14 20.65 35.49
C SER A 1030 10.22 21.04 36.63
N ASP A 1031 10.78 21.19 37.81
CA ASP A 1031 9.99 21.57 38.98
C ASP A 1031 9.35 22.92 38.78
N ILE A 1032 8.09 23.05 39.21
CA ILE A 1032 7.32 24.30 39.18
C ILE A 1032 6.96 24.85 37.79
N LYS A 1033 7.98 25.05 36.95
CA LYS A 1033 7.76 25.59 35.63
C LYS A 1033 6.67 24.79 34.98
N ASN A 1034 5.64 25.48 34.52
CA ASN A 1034 4.51 24.78 33.95
C ASN A 1034 4.92 24.10 32.68
N LEU A 1035 4.48 22.87 32.54
CA LEU A 1035 4.82 22.12 31.36
C LEU A 1035 3.88 22.47 30.25
N VAL A 1036 4.28 23.48 29.48
CA VAL A 1036 3.49 23.97 28.37
C VAL A 1036 3.52 23.02 27.19
N LEU A 1037 2.68 22.02 27.27
CA LEU A 1037 2.56 21.06 26.21
C LEU A 1037 1.92 21.74 25.05
N PHE A 1038 2.37 21.43 23.86
CA PHE A 1038 1.85 22.07 22.68
C PHE A 1038 1.29 21.10 21.65
N CYS A 1039 -0.01 21.13 21.49
CA CYS A 1039 -0.69 20.30 20.51
C CYS A 1039 -0.65 20.97 19.17
N ASP A 1040 0.18 20.48 18.25
CA ASP A 1040 0.30 21.18 16.98
C ASP A 1040 -0.81 20.93 15.97
N GLU A 1041 -1.79 20.10 16.32
CA GLU A 1041 -2.88 19.75 15.42
C GLU A 1041 -4.16 19.47 16.18
N ILE A 1042 -4.69 20.47 16.86
CA ILE A 1042 -5.86 20.27 17.72
C ILE A 1042 -7.10 19.73 17.03
N ASN A 1043 -7.42 20.22 15.83
CA ASN A 1043 -8.61 19.74 15.13
C ASN A 1043 -8.29 18.63 14.13
N LEU A 1044 -7.22 17.88 14.36
CA LEU A 1044 -6.89 16.80 13.45
C LEU A 1044 -7.24 15.36 13.97
N PRO A 1045 -6.98 14.99 15.25
CA PRO A 1045 -7.28 13.68 15.85
C PRO A 1045 -8.73 13.27 15.66
N LYS A 1046 -8.91 12.05 15.19
CA LYS A 1046 -10.22 11.47 14.90
C LYS A 1046 -11.19 11.36 16.07
N LEU A 1047 -12.47 11.36 15.72
CA LEU A 1047 -13.58 11.18 16.65
C LEU A 1047 -13.99 9.71 16.66
N ASP A 1048 -14.67 9.28 17.72
CA ASP A 1048 -15.09 7.89 17.74
C ASP A 1048 -16.40 7.71 16.99
N LYS A 1049 -16.97 6.51 17.10
CA LYS A 1049 -18.22 6.11 16.45
C LYS A 1049 -19.35 7.15 16.52
N TYR A 1050 -19.46 7.86 17.64
CA TYR A 1050 -20.54 8.83 17.80
C TYR A 1050 -20.05 10.26 17.79
N GLY A 1051 -18.84 10.49 17.30
CA GLY A 1051 -18.33 11.83 17.19
C GLY A 1051 -17.70 12.35 18.49
N SER A 1052 -17.41 11.46 19.43
CA SER A 1052 -16.82 11.93 20.67
C SER A 1052 -15.32 12.00 20.59
N GLN A 1053 -14.79 13.15 20.99
CA GLN A 1053 -13.36 13.33 20.97
C GLN A 1053 -12.78 12.80 22.25
N ASN A 1054 -12.46 11.52 22.20
CA ASN A 1054 -11.96 10.79 23.34
C ASN A 1054 -10.56 11.19 23.71
N VAL A 1055 -9.82 11.75 22.75
CA VAL A 1055 -8.47 12.22 23.02
C VAL A 1055 -8.54 13.34 24.03
N VAL A 1056 -9.42 14.27 23.76
CA VAL A 1056 -9.65 15.41 24.60
C VAL A 1056 -10.30 15.01 25.91
N LEU A 1057 -11.18 14.01 25.91
CA LEU A 1057 -11.75 13.57 27.18
C LEU A 1057 -10.62 13.18 28.14
N PHE A 1058 -9.62 12.50 27.61
CA PHE A 1058 -8.45 12.15 28.42
C PHE A 1058 -7.68 13.41 28.81
N LEU A 1059 -7.47 14.31 27.86
CA LEU A 1059 -6.73 15.52 28.12
C LEU A 1059 -7.43 16.39 29.17
N ARG A 1060 -8.76 16.33 29.21
CA ARG A 1060 -9.50 17.07 30.20
C ARG A 1060 -9.33 16.47 31.57
N GLN A 1061 -9.36 15.16 31.71
CA GLN A 1061 -9.11 14.67 33.06
C GLN A 1061 -7.65 14.90 33.44
N LEU A 1062 -6.78 14.90 32.44
CA LEU A 1062 -5.36 15.10 32.65
C LEU A 1062 -5.07 16.50 33.16
N MET A 1063 -5.72 17.49 32.54
CA MET A 1063 -5.51 18.89 32.89
C MET A 1063 -6.59 19.51 33.77
N GLU A 1064 -7.86 19.28 33.46
CA GLU A 1064 -8.93 19.89 34.25
C GLU A 1064 -9.07 19.19 35.58
N LYS A 1065 -8.92 17.85 35.60
CA LYS A 1065 -8.99 17.12 36.85
C LYS A 1065 -7.62 16.87 37.44
N GLN A 1066 -6.57 17.24 36.71
CA GLN A 1066 -5.20 17.03 37.15
C GLN A 1066 -4.93 15.61 37.58
N GLY A 1067 -5.26 14.66 36.71
CA GLY A 1067 -4.99 13.29 37.00
C GLY A 1067 -5.47 12.38 35.90
N PHE A 1068 -5.25 11.10 36.02
CA PHE A 1068 -5.69 10.25 34.96
C PHE A 1068 -5.92 8.82 35.36
N TRP A 1069 -6.86 8.19 34.67
CA TRP A 1069 -7.21 6.80 34.91
C TRP A 1069 -6.21 5.88 34.26
N LYS A 1070 -5.08 5.70 34.94
CA LYS A 1070 -3.99 4.85 34.49
C LYS A 1070 -4.53 3.52 34.05
N THR A 1071 -4.85 3.41 32.75
CA THR A 1071 -5.55 2.28 32.13
C THR A 1071 -5.09 0.87 32.52
N PRO A 1072 -3.80 0.54 32.54
CA PRO A 1072 -3.24 -0.75 32.93
C PRO A 1072 -3.77 -1.20 34.29
N GLU A 1073 -4.01 -0.23 35.16
CA GLU A 1073 -4.49 -0.46 36.50
C GLU A 1073 -5.90 0.04 36.66
N ASN A 1074 -6.29 0.97 35.78
CA ASN A 1074 -7.53 1.71 35.86
C ASN A 1074 -7.48 2.50 37.18
N LYS A 1075 -6.28 3.01 37.46
CA LYS A 1075 -5.94 3.75 38.66
C LYS A 1075 -5.88 5.23 38.43
N TRP A 1076 -6.69 5.99 39.13
CA TRP A 1076 -6.61 7.42 38.95
C TRP A 1076 -5.31 7.91 39.59
N VAL A 1077 -4.49 8.60 38.81
CA VAL A 1077 -3.18 9.11 39.23
C VAL A 1077 -3.09 10.62 38.98
N THR A 1078 -2.64 11.41 39.95
CA THR A 1078 -2.66 12.87 39.74
C THR A 1078 -1.48 13.53 38.97
N ILE A 1079 -1.71 14.83 38.67
CA ILE A 1079 -0.84 15.78 37.94
C ILE A 1079 -0.57 17.08 38.75
N GLU A 1080 0.64 17.64 38.65
CA GLU A 1080 1.00 18.87 39.38
C GLU A 1080 0.69 20.17 38.62
N ARG A 1081 1.59 20.55 37.71
CA ARG A 1081 1.50 21.79 36.95
C ARG A 1081 1.78 21.62 35.47
N ILE A 1082 0.92 20.91 34.77
CA ILE A 1082 1.06 20.77 33.33
C ILE A 1082 0.05 21.66 32.60
N HIS A 1083 0.56 22.43 31.64
CA HIS A 1083 -0.20 23.42 30.90
C HIS A 1083 -0.39 23.01 29.43
N ILE A 1084 -1.59 22.63 29.04
CA ILE A 1084 -1.76 22.20 27.66
C ILE A 1084 -2.36 23.29 26.75
N VAL A 1085 -1.59 23.65 25.73
CA VAL A 1085 -1.98 24.62 24.69
C VAL A 1085 -1.73 23.98 23.33
N GLY A 1086 -2.00 24.70 22.25
CA GLY A 1086 -1.70 24.13 20.94
C GLY A 1086 -2.06 25.03 19.76
N ALA A 1087 -2.15 24.41 18.59
CA ALA A 1087 -2.45 25.08 17.34
C ALA A 1087 -3.18 24.13 16.40
N CYS A 1088 -3.81 24.70 15.39
CA CYS A 1088 -4.51 23.94 14.37
C CYS A 1088 -4.86 24.85 13.20
N ASN A 1089 -5.26 24.27 12.08
CA ASN A 1089 -5.65 25.07 10.94
C ASN A 1089 -7.14 25.37 11.09
N PRO A 1090 -7.76 26.21 10.26
CA PRO A 1090 -9.15 26.59 10.32
C PRO A 1090 -10.01 25.34 10.27
N PRO A 1091 -10.90 25.12 11.25
CA PRO A 1091 -11.83 24.02 11.39
C PRO A 1091 -12.95 24.14 10.36
N THR A 1092 -12.99 25.29 9.70
CA THR A 1092 -13.91 25.57 8.63
C THR A 1092 -13.45 24.89 7.36
N ASP A 1093 -12.19 24.48 7.32
CA ASP A 1093 -11.67 23.78 6.17
C ASP A 1093 -12.31 22.39 6.11
N PRO A 1094 -12.46 21.83 4.92
CA PRO A 1094 -13.00 20.51 4.65
C PRO A 1094 -12.21 19.44 5.40
N GLY A 1095 -12.95 18.53 6.02
CA GLY A 1095 -12.36 17.39 6.72
C GLY A 1095 -11.86 17.70 8.14
N ARG A 1096 -12.13 18.89 8.65
CA ARG A 1096 -11.65 19.22 9.98
C ARG A 1096 -12.55 18.68 11.08
N ILE A 1097 -11.96 18.44 12.25
CA ILE A 1097 -12.67 17.89 13.40
C ILE A 1097 -13.52 18.92 14.18
N PRO A 1098 -14.78 18.58 14.47
CA PRO A 1098 -15.75 19.31 15.29
C PRO A 1098 -15.41 19.23 16.77
N MET A 1099 -15.71 20.30 17.48
CA MET A 1099 -15.49 20.33 18.92
C MET A 1099 -16.79 20.13 19.67
N SER A 1100 -16.75 19.31 20.72
CA SER A 1100 -17.93 19.08 21.54
C SER A 1100 -18.41 20.33 22.20
N GLU A 1101 -19.72 20.42 22.36
CA GLU A 1101 -20.36 21.53 23.02
C GLU A 1101 -19.75 21.80 24.40
N ARG A 1102 -19.33 20.74 25.10
CA ARG A 1102 -18.80 20.93 26.43
C ARG A 1102 -17.31 21.25 26.41
N PHE A 1103 -16.67 21.11 25.26
CA PHE A 1103 -15.29 21.51 25.11
C PHE A 1103 -15.29 22.97 24.71
N THR A 1104 -16.37 23.38 24.03
CA THR A 1104 -16.57 24.79 23.69
C THR A 1104 -16.99 25.57 24.93
N ARG A 1105 -17.32 24.85 26.01
CA ARG A 1105 -17.58 25.44 27.32
C ARG A 1105 -16.27 25.62 28.13
N HIS A 1106 -15.11 25.20 27.59
CA HIS A 1106 -13.88 25.36 28.35
C HIS A 1106 -12.60 25.75 27.57
N ALA A 1107 -12.60 25.75 26.23
CA ALA A 1107 -11.38 26.07 25.45
C ALA A 1107 -11.27 27.50 24.88
N ALA A 1108 -10.07 28.09 24.96
CA ALA A 1108 -9.80 29.41 24.38
C ALA A 1108 -9.27 29.24 22.96
N ILE A 1109 -9.46 30.24 22.10
CA ILE A 1109 -8.95 30.13 20.74
C ILE A 1109 -8.76 31.49 20.08
N LEU A 1110 -7.70 31.59 19.28
CA LEU A 1110 -7.35 32.80 18.55
C LEU A 1110 -7.34 32.47 17.04
N TYR A 1111 -7.65 33.45 16.17
CA TYR A 1111 -7.70 33.11 14.75
C TYR A 1111 -7.03 34.06 13.75
N LEU A 1112 -6.32 33.47 12.79
CA LEU A 1112 -5.73 34.15 11.65
C LEU A 1112 -5.55 33.24 10.44
N GLY A 1113 -6.14 33.62 9.31
CA GLY A 1113 -5.98 32.86 8.08
C GLY A 1113 -4.71 33.35 7.39
N TYR A 1114 -4.51 33.01 6.11
CA TYR A 1114 -3.29 33.52 5.48
C TYR A 1114 -3.36 35.05 5.41
N PRO A 1115 -2.23 35.74 5.61
CA PRO A 1115 -2.03 37.18 5.74
C PRO A 1115 -2.27 37.97 4.47
N SER A 1116 -2.55 39.26 4.66
CA SER A 1116 -2.86 40.19 3.59
C SER A 1116 -1.67 40.56 2.74
N GLY A 1117 -1.95 41.01 1.52
CA GLY A 1117 -0.92 41.46 0.60
C GLY A 1117 -0.24 42.70 1.12
N LYS A 1118 -0.98 43.53 1.85
CA LYS A 1118 -0.45 44.73 2.47
C LYS A 1118 0.62 44.39 3.48
N SER A 1119 0.31 43.46 4.38
CA SER A 1119 1.26 43.08 5.39
C SER A 1119 2.42 42.30 4.78
N LEU A 1120 2.15 41.51 3.74
CA LEU A 1120 3.21 40.79 3.06
C LEU A 1120 4.10 41.74 2.29
N SER A 1121 3.52 42.82 1.76
CA SER A 1121 4.31 43.81 1.06
C SER A 1121 5.31 44.42 2.01
N GLN A 1122 4.87 44.73 3.24
CA GLN A 1122 5.76 45.28 4.25
C GLN A 1122 6.81 44.26 4.65
N ILE A 1123 6.38 43.02 4.83
CA ILE A 1123 7.28 41.94 5.21
C ILE A 1123 8.34 41.67 4.18
N TYR A 1124 7.95 41.53 2.94
CA TYR A 1124 8.94 41.23 1.94
C TYR A 1124 9.70 42.48 1.56
N GLU A 1125 9.14 43.67 1.79
CA GLU A 1125 9.95 44.86 1.61
C GLU A 1125 11.16 44.76 2.51
N ILE A 1126 10.97 44.21 3.71
CA ILE A 1126 12.07 44.01 4.65
C ILE A 1126 13.03 42.96 4.10
N TYR A 1127 12.50 41.83 3.61
CA TYR A 1127 13.34 40.79 3.00
C TYR A 1127 14.21 41.32 1.88
N TYR A 1128 13.64 42.17 1.04
CA TYR A 1128 14.36 42.64 -0.11
C TYR A 1128 15.18 43.89 0.18
N LYS A 1129 14.74 44.75 1.10
CA LYS A 1129 15.56 45.90 1.41
C LYS A 1129 16.81 45.44 2.14
N ALA A 1130 16.72 44.28 2.81
CA ALA A 1130 17.88 43.63 3.40
C ALA A 1130 18.84 43.27 2.31
N ILE A 1131 18.29 42.61 1.28
CA ILE A 1131 19.03 42.25 0.09
C ILE A 1131 19.66 43.46 -0.57
N PHE A 1132 18.95 44.58 -0.61
CA PHE A 1132 19.49 45.76 -1.24
C PHE A 1132 20.34 46.62 -0.31
N LYS A 1133 20.70 46.07 0.84
CA LYS A 1133 21.73 46.66 1.67
C LYS A 1133 22.97 45.83 1.38
N LEU A 1134 22.74 44.56 1.06
CA LEU A 1134 23.77 43.63 0.64
C LEU A 1134 24.23 43.87 -0.79
N VAL A 1135 23.32 44.33 -1.67
CA VAL A 1135 23.69 44.68 -3.05
C VAL A 1135 23.13 46.06 -3.40
N PRO A 1136 23.41 47.08 -2.56
CA PRO A 1136 22.92 48.45 -2.63
C PRO A 1136 23.26 49.19 -3.92
N GLU A 1137 24.19 48.64 -4.72
CA GLU A 1137 24.51 49.29 -5.99
C GLU A 1137 23.28 49.41 -6.89
N PHE A 1138 22.31 48.52 -6.71
CA PHE A 1138 21.06 48.62 -7.42
C PHE A 1138 19.89 48.59 -6.46
N ARG A 1139 20.05 49.33 -5.37
CA ARG A 1139 19.06 49.45 -4.33
C ARG A 1139 17.74 50.00 -4.82
N SER A 1140 17.75 50.79 -5.89
CA SER A 1140 16.54 51.40 -6.43
C SER A 1140 15.38 50.42 -6.65
N TYR A 1141 15.66 49.13 -6.80
CA TYR A 1141 14.60 48.16 -6.90
C TYR A 1141 13.86 47.90 -5.56
N THR A 1142 14.60 47.81 -4.44
CA THR A 1142 14.05 47.67 -3.06
C THR A 1142 12.57 47.27 -2.98
N GLU A 1143 11.73 48.28 -2.79
CA GLU A 1143 10.31 48.13 -2.54
C GLU A 1143 9.49 47.62 -3.71
N PRO A 1144 9.58 48.16 -4.94
CA PRO A 1144 8.85 47.69 -6.10
C PRO A 1144 9.29 46.28 -6.45
N PHE A 1145 10.51 45.94 -6.09
CA PHE A 1145 11.03 44.60 -6.27
C PHE A 1145 10.29 43.69 -5.32
N ALA A 1146 10.19 44.14 -4.07
CA ALA A 1146 9.44 43.41 -3.07
C ALA A 1146 7.99 43.30 -3.41
N ARG A 1147 7.45 44.37 -3.98
CA ARG A 1147 6.08 44.38 -4.38
C ARG A 1147 5.90 43.56 -5.64
N ALA A 1148 6.92 43.45 -6.47
CA ALA A 1148 6.82 42.58 -7.64
C ALA A 1148 6.63 41.16 -7.16
N SER A 1149 7.39 40.80 -6.11
CA SER A 1149 7.31 39.50 -5.50
C SER A 1149 5.93 39.22 -4.91
N VAL A 1150 5.47 40.12 -4.04
CA VAL A 1150 4.18 39.98 -3.39
C VAL A 1150 3.01 40.13 -4.36
N HIS A 1151 3.14 41.04 -5.33
CA HIS A 1151 2.11 41.26 -6.33
C HIS A 1151 1.91 40.03 -7.15
N LEU A 1152 2.99 39.52 -7.73
CA LEU A 1152 2.94 38.32 -8.55
C LEU A 1152 2.32 37.21 -7.76
N TYR A 1153 2.75 37.09 -6.50
CA TYR A 1153 2.17 36.13 -5.59
C TYR A 1153 0.67 36.25 -5.45
N ASN A 1154 0.16 37.44 -5.14
CA ASN A 1154 -1.28 37.64 -4.99
C ASN A 1154 -2.02 37.59 -6.30
N GLU A 1155 -1.35 38.01 -7.36
CA GLU A 1155 -1.87 38.01 -8.70
C GLU A 1155 -2.15 36.59 -9.10
N CYS A 1156 -1.14 35.74 -8.89
CA CYS A 1156 -1.19 34.34 -9.18
C CYS A 1156 -2.05 33.60 -8.17
N LYS A 1157 -2.07 34.06 -6.93
CA LYS A 1157 -2.91 33.46 -5.91
C LYS A 1157 -4.37 33.65 -6.28
N ALA A 1158 -4.71 34.87 -6.70
CA ALA A 1158 -6.05 35.19 -7.13
C ALA A 1158 -6.39 34.53 -8.46
N ARG A 1159 -5.44 34.55 -9.40
CA ARG A 1159 -5.63 33.97 -10.71
C ARG A 1159 -5.62 32.47 -10.72
N TYR A 1160 -4.86 31.89 -9.82
CA TYR A 1160 -4.76 30.46 -9.73
C TYR A 1160 -5.03 30.03 -8.30
N SER A 1161 -6.28 29.94 -7.91
CA SER A 1161 -6.56 29.53 -6.53
C SER A 1161 -6.45 28.03 -6.36
N THR A 1162 -6.61 27.58 -5.11
CA THR A 1162 -6.59 26.16 -4.78
C THR A 1162 -7.80 25.43 -5.34
N GLY A 1163 -8.82 26.20 -5.73
CA GLY A 1163 -10.00 25.62 -6.35
C GLY A 1163 -9.67 25.15 -7.75
N LEU A 1164 -8.61 25.69 -8.34
CA LEU A 1164 -8.17 25.24 -9.64
C LEU A 1164 -7.50 23.90 -9.43
N GLN A 1165 -6.47 23.89 -8.58
CA GLN A 1165 -5.78 22.67 -8.11
C GLN A 1165 -5.05 23.01 -6.82
N SER A 1166 -4.79 22.00 -5.99
CA SER A 1166 -4.11 22.23 -4.71
C SER A 1166 -2.68 22.72 -4.88
N HIS A 1167 -2.06 22.44 -6.01
CA HIS A 1167 -0.70 22.92 -6.23
C HIS A 1167 -0.64 24.39 -6.54
N TYR A 1168 -1.79 25.04 -6.67
CA TYR A 1168 -1.82 26.47 -6.84
C TYR A 1168 -2.07 27.11 -5.45
N LEU A 1169 -1.71 26.41 -4.37
CA LEU A 1169 -1.87 26.93 -3.01
C LEU A 1169 -0.78 27.91 -2.68
N PHE A 1170 -0.95 29.14 -3.14
CA PHE A 1170 0.02 30.18 -2.93
C PHE A 1170 0.08 30.69 -1.48
N SER A 1171 0.82 29.96 -0.66
CA SER A 1171 1.16 30.30 0.71
C SER A 1171 2.17 31.42 0.72
N PRO A 1172 2.14 32.34 1.70
CA PRO A 1172 3.06 33.45 1.90
C PRO A 1172 4.48 32.93 2.14
N ARG A 1173 4.61 31.65 2.49
CA ARG A 1173 5.92 31.09 2.67
C ARG A 1173 6.54 30.68 1.33
N GLU A 1174 5.74 30.76 0.26
CA GLU A 1174 6.22 30.55 -1.10
C GLU A 1174 7.05 31.76 -1.47
N LEU A 1175 6.69 32.91 -0.91
CA LEU A 1175 7.46 34.13 -1.08
C LEU A 1175 8.80 33.99 -0.37
N THR A 1176 8.81 33.37 0.82
CA THR A 1176 10.06 33.10 1.53
C THR A 1176 10.94 32.18 0.69
N ARG A 1177 10.31 31.11 0.17
CA ARG A 1177 10.95 30.14 -0.72
C ARG A 1177 11.57 30.82 -1.93
N LEU A 1178 10.81 31.73 -2.53
CA LEU A 1178 11.25 32.50 -3.68
C LEU A 1178 12.55 33.22 -3.32
N VAL A 1179 12.56 33.84 -2.13
CA VAL A 1179 13.73 34.54 -1.63
C VAL A 1179 14.88 33.59 -1.38
N ARG A 1180 14.61 32.39 -0.90
CA ARG A 1180 15.69 31.45 -0.62
C ARG A 1180 16.58 31.26 -1.84
N GLY A 1181 15.99 31.14 -3.02
CA GLY A 1181 16.82 31.04 -4.22
C GLY A 1181 17.56 32.35 -4.51
N VAL A 1182 16.85 33.47 -4.36
CA VAL A 1182 17.45 34.79 -4.63
C VAL A 1182 18.59 35.12 -3.67
N TYR A 1183 18.32 35.01 -2.38
CA TYR A 1183 19.27 35.32 -1.34
C TYR A 1183 20.50 34.42 -1.38
N THR A 1184 20.29 33.11 -1.50
CA THR A 1184 21.45 32.25 -1.52
C THR A 1184 22.25 32.47 -2.81
N ALA A 1185 21.61 32.94 -3.86
CA ALA A 1185 22.36 33.31 -5.05
C ALA A 1185 23.22 34.54 -4.81
N ILE A 1186 22.70 35.56 -4.08
CA ILE A 1186 23.53 36.75 -3.85
C ILE A 1186 24.68 36.44 -2.89
N ASN A 1187 24.56 35.35 -2.12
CA ASN A 1187 25.66 34.92 -1.28
C ASN A 1187 26.85 34.46 -2.11
N THR A 1188 26.60 34.06 -3.36
CA THR A 1188 27.64 33.60 -4.26
C THR A 1188 27.94 34.68 -5.29
N GLY A 1189 26.97 35.57 -5.51
CA GLY A 1189 27.10 36.65 -6.49
C GLY A 1189 28.28 37.55 -6.16
N PRO A 1190 29.08 37.93 -7.17
CA PRO A 1190 30.27 38.77 -7.10
C PRO A 1190 29.94 40.26 -7.14
N ARG A 1191 28.78 40.56 -7.69
CA ARG A 1191 28.29 41.93 -7.83
C ARG A 1191 26.95 41.88 -8.51
N GLN A 1192 26.07 42.80 -8.16
CA GLN A 1192 24.75 42.77 -8.73
C GLN A 1192 24.58 43.76 -9.85
N THR A 1193 23.73 43.42 -10.81
CA THR A 1193 23.34 44.35 -11.88
C THR A 1193 21.84 44.25 -11.95
N LEU A 1194 21.17 45.22 -12.55
CA LEU A 1194 19.72 45.13 -12.60
C LEU A 1194 19.27 43.94 -13.43
N ARG A 1195 20.02 43.65 -14.50
CA ARG A 1195 19.68 42.50 -15.32
C ARG A 1195 19.97 41.23 -14.57
N SER A 1196 21.10 41.16 -13.87
CA SER A 1196 21.45 39.97 -13.10
C SER A 1196 20.44 39.74 -12.01
N LEU A 1197 19.99 40.84 -11.43
CA LEU A 1197 19.00 40.88 -10.40
C LEU A 1197 17.68 40.34 -10.89
N ILE A 1198 17.19 40.86 -12.02
CA ILE A 1198 15.93 40.35 -12.55
C ILE A 1198 16.12 38.96 -13.15
N ARG A 1199 17.35 38.62 -13.60
CA ARG A 1199 17.60 37.28 -14.08
C ARG A 1199 17.38 36.35 -12.94
N LEU A 1200 17.97 36.69 -11.83
CA LEU A 1200 17.84 35.90 -10.65
C LEU A 1200 16.41 35.76 -10.21
N TRP A 1201 15.72 36.88 -10.10
CA TRP A 1201 14.35 36.91 -9.61
C TRP A 1201 13.35 36.23 -10.52
N ALA A 1202 13.35 36.60 -11.81
CA ALA A 1202 12.39 36.03 -12.73
C ALA A 1202 12.76 34.62 -13.13
N TYR A 1203 14.07 34.26 -13.16
CA TYR A 1203 14.37 32.85 -13.43
C TYR A 1203 13.90 32.06 -12.22
N GLU A 1204 14.06 32.65 -11.04
CA GLU A 1204 13.63 32.04 -9.81
C GLU A 1204 12.12 31.99 -9.72
N ALA A 1205 11.44 33.01 -10.26
CA ALA A 1205 9.99 33.04 -10.23
C ALA A 1205 9.41 31.88 -11.00
N TRP A 1206 9.88 31.58 -12.21
CA TRP A 1206 9.31 30.38 -12.78
C TRP A 1206 9.96 29.15 -12.15
N ARG A 1207 11.14 29.30 -11.55
CA ARG A 1207 11.76 28.18 -10.87
C ARG A 1207 10.98 27.79 -9.63
N ILE A 1208 10.28 28.75 -9.06
CA ILE A 1208 9.47 28.53 -7.89
C ILE A 1208 8.01 28.62 -8.24
N PHE A 1209 7.53 29.82 -8.57
CA PHE A 1209 6.11 30.03 -8.77
C PHE A 1209 5.55 29.25 -9.97
N ALA A 1210 6.35 29.02 -11.02
CA ALA A 1210 5.80 28.21 -12.12
C ALA A 1210 6.11 26.73 -11.96
N ASP A 1211 7.32 26.38 -11.54
CA ASP A 1211 7.68 24.97 -11.41
C ASP A 1211 6.81 24.25 -10.41
N ARG A 1212 6.39 24.95 -9.36
CA ARG A 1212 5.46 24.40 -8.39
C ARG A 1212 4.06 24.05 -9.00
N LEU A 1213 3.81 24.41 -10.26
CA LEU A 1213 2.52 24.20 -10.87
C LEU A 1213 2.51 23.09 -11.93
N VAL A 1214 1.32 22.70 -12.40
CA VAL A 1214 1.19 21.71 -13.49
C VAL A 1214 0.66 22.29 -14.81
N GLY A 1215 -0.48 22.98 -14.81
CA GLY A 1215 -1.10 23.42 -16.07
C GLY A 1215 -0.21 24.33 -16.91
N VAL A 1216 0.17 23.86 -18.10
CA VAL A 1216 1.05 24.59 -19.01
C VAL A 1216 0.45 25.87 -19.58
N LYS A 1217 -0.87 25.93 -19.71
CA LYS A 1217 -1.50 27.11 -20.24
C LYS A 1217 -1.64 28.11 -19.13
N GLU A 1218 -1.73 27.59 -17.91
CA GLU A 1218 -1.77 28.41 -16.73
C GLU A 1218 -0.38 28.98 -16.55
N LYS A 1219 0.65 28.17 -16.88
CA LYS A 1219 2.04 28.60 -16.86
C LYS A 1219 2.33 29.61 -17.95
N ASN A 1220 1.65 29.50 -19.09
CA ASN A 1220 1.83 30.49 -20.14
C ASN A 1220 1.29 31.82 -19.67
N SER A 1221 0.12 31.78 -19.02
CA SER A 1221 -0.42 33.01 -18.48
C SER A 1221 0.41 33.48 -17.30
N PHE A 1222 1.00 32.54 -16.55
CA PHE A 1222 1.93 32.86 -15.48
C PHE A 1222 3.09 33.62 -16.00
N GLU A 1223 3.70 33.12 -17.07
CA GLU A 1223 4.83 33.80 -17.67
C GLU A 1223 4.44 35.21 -18.00
N GLN A 1224 3.22 35.42 -18.49
CA GLN A 1224 2.75 36.75 -18.73
C GLN A 1224 2.42 37.51 -17.47
N LEU A 1225 1.99 36.82 -16.40
CA LEU A 1225 1.76 37.53 -15.15
C LEU A 1225 3.10 38.00 -14.61
N LEU A 1226 4.11 37.16 -14.78
CA LEU A 1226 5.50 37.42 -14.41
C LEU A 1226 6.06 38.55 -15.21
N TYR A 1227 5.87 38.45 -16.52
CA TYR A 1227 6.29 39.41 -17.50
C TYR A 1227 5.68 40.75 -17.18
N GLU A 1228 4.38 40.76 -17.00
CA GLU A 1228 3.66 41.97 -16.69
C GLU A 1228 3.99 42.48 -15.31
N THR A 1229 4.25 41.58 -14.35
CA THR A 1229 4.64 42.03 -13.02
C THR A 1229 5.91 42.84 -13.08
N VAL A 1230 6.84 42.38 -13.88
CA VAL A 1230 8.05 43.15 -14.08
C VAL A 1230 7.71 44.45 -14.78
N ASP A 1231 6.88 44.42 -15.82
CA ASP A 1231 6.50 45.67 -16.45
C ASP A 1231 5.83 46.64 -15.44
N LYS A 1232 5.07 46.08 -14.50
CA LYS A 1232 4.41 46.84 -13.44
C LYS A 1232 5.36 47.46 -12.43
N TYR A 1233 6.39 46.71 -12.02
CA TYR A 1233 7.29 47.18 -10.98
C TYR A 1233 8.73 47.35 -11.38
N LEU A 1234 9.24 46.45 -12.21
CA LEU A 1234 10.65 46.44 -12.55
C LEU A 1234 10.91 46.46 -14.08
N PRO A 1235 10.14 47.26 -14.85
CA PRO A 1235 10.07 47.31 -16.33
C PRO A 1235 11.37 47.61 -17.05
N ASN A 1236 12.39 48.02 -16.32
CA ASN A 1236 13.63 48.40 -16.92
C ASN A 1236 14.46 47.24 -17.45
N GLN A 1237 14.15 46.01 -17.04
CA GLN A 1237 15.02 44.90 -17.45
C GLN A 1237 14.49 43.89 -18.47
N ASP A 1238 15.41 43.03 -18.90
CA ASP A 1238 15.28 42.06 -19.98
C ASP A 1238 14.37 40.85 -19.78
N LEU A 1239 13.06 41.08 -19.84
CA LEU A 1239 12.09 39.99 -19.75
C LEU A 1239 12.19 38.94 -20.86
N GLY A 1240 12.51 39.40 -22.07
CA GLY A 1240 12.56 38.54 -23.25
C GLY A 1240 13.48 37.33 -23.08
N ASN A 1241 14.65 37.52 -22.50
CA ASN A 1241 15.57 36.41 -22.30
C ASN A 1241 15.50 35.82 -20.91
N ILE A 1242 14.53 36.25 -20.10
CA ILE A 1242 14.50 35.78 -18.74
C ILE A 1242 13.18 35.15 -18.32
N SER A 1243 12.09 35.92 -18.34
CA SER A 1243 10.80 35.40 -17.88
C SER A 1243 10.25 34.39 -18.85
N SER A 1244 10.59 34.57 -20.13
CA SER A 1244 10.10 33.69 -21.17
C SER A 1244 10.90 32.41 -21.35
N THR A 1245 11.96 32.19 -20.57
CA THR A 1245 12.72 30.98 -20.80
C THR A 1245 13.31 30.35 -19.57
N SER A 1246 13.33 29.03 -19.58
CA SER A 1246 13.81 28.28 -18.44
C SER A 1246 15.31 28.06 -18.47
N LEU A 1247 16.07 29.13 -18.29
CA LEU A 1247 17.53 29.00 -18.28
C LEU A 1247 18.08 28.82 -16.88
N LEU A 1248 19.18 28.08 -16.78
CA LEU A 1248 19.76 27.72 -15.50
C LEU A 1248 21.08 28.43 -15.18
N PHE A 1249 21.24 28.80 -13.89
CA PHE A 1249 22.45 29.47 -13.42
C PHE A 1249 23.65 28.58 -13.23
N SER A 1250 24.19 28.08 -14.33
CA SER A 1250 25.41 27.30 -14.31
C SER A 1250 25.24 26.07 -13.48
N GLY A 1251 24.42 25.15 -13.93
CA GLY A 1251 24.12 23.94 -13.17
C GLY A 1251 25.34 23.23 -12.57
N LEU A 1252 26.49 23.27 -13.27
CA LEU A 1252 27.69 22.61 -12.77
C LEU A 1252 28.72 23.54 -12.11
N LEU A 1253 28.41 24.84 -11.99
CA LEU A 1253 29.34 25.78 -11.37
C LEU A 1253 28.70 26.48 -10.20
N SER A 1254 29.49 27.21 -9.43
CA SER A 1254 28.91 28.03 -8.38
C SER A 1254 28.05 29.08 -9.05
N LEU A 1255 26.84 29.27 -8.53
CA LEU A 1255 25.87 30.26 -9.03
C LEU A 1255 26.54 31.52 -9.54
N ASP A 1256 26.77 32.48 -8.64
CA ASP A 1256 27.48 33.72 -8.95
C ASP A 1256 26.77 34.56 -10.03
N PHE A 1257 25.46 34.36 -10.19
CA PHE A 1257 24.67 34.98 -11.25
C PHE A 1257 25.18 34.58 -12.65
N LYS A 1258 25.85 33.43 -12.76
CA LYS A 1258 26.41 32.94 -14.01
C LYS A 1258 25.47 31.91 -14.60
N GLU A 1259 25.44 31.79 -15.92
CA GLU A 1259 24.56 30.80 -16.56
C GLU A 1259 25.27 29.92 -17.57
N VAL A 1260 24.77 28.69 -17.69
CA VAL A 1260 25.26 27.72 -18.67
C VAL A 1260 24.09 27.09 -19.42
N ASN A 1261 24.22 26.99 -20.73
CA ASN A 1261 23.18 26.38 -21.56
C ASN A 1261 22.85 24.98 -21.07
N LYS A 1262 21.59 24.77 -20.72
CA LYS A 1262 21.13 23.50 -20.16
C LYS A 1262 21.21 22.29 -21.09
N THR A 1263 21.22 22.51 -22.40
CA THR A 1263 21.40 21.39 -23.32
C THR A 1263 22.86 21.00 -23.24
N ASP A 1264 23.73 22.02 -23.19
CA ASP A 1264 25.15 21.78 -23.01
C ASP A 1264 25.40 21.13 -21.66
N LEU A 1265 24.63 21.51 -20.63
CA LEU A 1265 24.76 20.88 -19.31
C LEU A 1265 24.45 19.41 -19.41
N VAL A 1266 23.45 19.02 -20.21
CA VAL A 1266 23.18 17.59 -20.42
C VAL A 1266 24.42 16.88 -20.95
N ASN A 1267 25.07 17.49 -21.93
CA ASN A 1267 26.27 16.92 -22.51
C ASN A 1267 27.44 16.96 -21.51
N PHE A 1268 27.47 17.97 -20.65
CA PHE A 1268 28.52 18.08 -19.66
C PHE A 1268 28.34 17.00 -18.61
N ILE A 1269 27.08 16.67 -18.31
CA ILE A 1269 26.75 15.59 -17.41
C ILE A 1269 27.22 14.28 -17.99
N GLU A 1270 26.98 14.08 -19.30
CA GLU A 1270 27.46 12.88 -19.97
C GLU A 1270 28.94 12.70 -19.68
N GLU A 1271 29.70 13.77 -19.83
CA GLU A 1271 31.12 13.75 -19.51
C GLU A 1271 31.41 13.49 -18.03
N ARG A 1272 30.80 14.28 -17.16
CA ARG A 1272 31.09 14.19 -15.74
C ARG A 1272 30.69 12.91 -15.08
N PHE A 1273 29.55 12.33 -15.47
CA PHE A 1273 29.13 11.10 -14.84
C PHE A 1273 30.04 9.94 -15.22
N LYS A 1274 31.02 10.15 -16.11
CA LYS A 1274 31.93 9.08 -16.45
C LYS A 1274 32.77 8.71 -15.22
N THR A 1275 32.83 9.61 -14.23
CA THR A 1275 33.50 9.34 -12.96
C THR A 1275 32.60 8.49 -12.05
N PHE A 1276 31.33 8.37 -12.41
CA PHE A 1276 30.34 7.57 -11.71
C PHE A 1276 29.78 6.49 -12.65
N CYS A 1277 30.47 6.31 -13.77
CA CYS A 1277 30.08 5.31 -14.76
C CYS A 1277 30.77 4.01 -14.42
N ASP A 1278 30.38 3.41 -13.31
CA ASP A 1278 31.02 2.19 -12.83
C ASP A 1278 30.09 1.36 -12.02
N GLU A 1279 29.32 0.51 -12.71
CA GLU A 1279 28.30 -0.30 -12.07
C GLU A 1279 27.36 0.58 -11.25
N GLU A 1280 27.14 1.80 -11.77
CA GLU A 1280 26.31 2.80 -11.16
C GLU A 1280 25.41 3.39 -12.21
N LEU A 1281 25.91 4.31 -13.03
CA LEU A 1281 25.01 4.89 -14.02
C LEU A 1281 25.04 4.03 -15.29
N GLU A 1282 25.84 4.40 -16.29
CA GLU A 1282 25.95 3.58 -17.50
C GLU A 1282 24.61 3.29 -18.21
N VAL A 1283 23.73 4.29 -18.32
CA VAL A 1283 22.39 4.09 -18.89
C VAL A 1283 22.18 4.79 -20.26
N PRO A 1284 21.65 4.07 -21.27
CA PRO A 1284 21.36 4.51 -22.64
C PRO A 1284 20.04 5.28 -22.73
N MET A 1285 19.95 6.33 -21.95
CA MET A 1285 18.80 7.20 -21.89
C MET A 1285 19.25 8.63 -21.95
N VAL A 1286 18.37 9.49 -22.40
CA VAL A 1286 18.63 10.91 -22.54
C VAL A 1286 17.96 11.80 -21.56
N ILE A 1287 18.72 12.80 -21.13
CA ILE A 1287 18.22 13.82 -20.25
C ILE A 1287 17.52 14.84 -21.10
N HIS A 1288 16.24 15.02 -20.83
CA HIS A 1288 15.40 15.95 -21.53
C HIS A 1288 15.89 17.33 -21.12
N GLU A 1289 15.73 18.37 -21.93
CA GLU A 1289 16.23 19.66 -21.44
C GLU A 1289 15.35 20.13 -20.28
N SER A 1290 14.11 19.64 -20.24
CA SER A 1290 13.25 19.92 -19.11
C SER A 1290 13.68 19.03 -17.94
N MET A 1291 14.20 17.86 -18.26
CA MET A 1291 14.69 16.94 -17.24
C MET A 1291 15.92 17.49 -16.59
N VAL A 1292 16.83 18.09 -17.35
CA VAL A 1292 18.00 18.68 -16.69
C VAL A 1292 17.57 19.87 -15.84
N ASP A 1293 16.46 20.53 -16.20
CA ASP A 1293 15.91 21.57 -15.34
C ASP A 1293 15.46 20.90 -14.03
N HIS A 1294 14.85 19.71 -14.17
CA HIS A 1294 14.41 18.94 -13.02
C HIS A 1294 15.61 18.46 -12.21
N ILE A 1295 16.69 18.08 -12.89
CA ILE A 1295 17.89 17.61 -12.23
C ILE A 1295 18.54 18.69 -11.39
N LEU A 1296 18.65 19.88 -11.94
CA LEU A 1296 19.23 20.97 -11.17
C LEU A 1296 18.36 21.30 -9.97
N ARG A 1297 17.03 21.27 -10.16
CA ARG A 1297 16.13 21.53 -9.05
C ARG A 1297 16.37 20.48 -7.96
N ILE A 1298 16.59 19.22 -8.37
CA ILE A 1298 16.93 18.16 -7.43
C ILE A 1298 18.21 18.47 -6.71
N ASP A 1299 19.22 18.92 -7.44
CA ASP A 1299 20.51 19.25 -6.84
C ASP A 1299 20.33 20.36 -5.80
N ARG A 1300 19.50 21.34 -6.12
CA ARG A 1300 19.14 22.38 -5.17
C ARG A 1300 18.50 21.81 -3.92
N ALA A 1301 17.57 20.87 -4.12
CA ALA A 1301 16.92 20.19 -3.02
C ALA A 1301 17.95 19.42 -2.20
N LEU A 1302 18.96 18.86 -2.85
CA LEU A 1302 20.02 18.16 -2.13
C LEU A 1302 20.84 19.14 -1.29
N LYS A 1303 21.00 20.38 -1.78
CA LYS A 1303 21.70 21.40 -1.03
C LYS A 1303 20.90 21.78 0.23
N GLN A 1304 19.57 21.84 0.08
CA GLN A 1304 18.66 22.14 1.17
C GLN A 1304 18.78 21.18 2.36
N VAL A 1305 18.97 21.75 3.56
CA VAL A 1305 19.02 20.94 4.78
C VAL A 1305 17.67 20.31 4.95
N GLN A 1306 17.65 19.00 5.21
CA GLN A 1306 16.40 18.26 5.19
C GLN A 1306 15.70 18.47 3.86
N GLY A 1307 16.43 18.26 2.77
CA GLY A 1307 15.88 18.44 1.45
C GLY A 1307 14.90 17.34 1.11
N HIS A 1308 13.72 17.41 1.71
CA HIS A 1308 12.74 16.39 1.50
C HIS A 1308 12.06 16.66 0.18
N MET A 1309 11.81 15.63 -0.61
CA MET A 1309 11.19 15.85 -1.90
C MET A 1309 9.99 14.96 -2.18
N MET A 1310 9.29 15.29 -3.26
CA MET A 1310 8.16 14.53 -3.78
C MET A 1310 8.19 14.57 -5.31
N LEU A 1311 8.54 13.47 -5.94
CA LEU A 1311 8.65 13.48 -7.39
C LEU A 1311 7.39 12.97 -8.04
N ILE A 1312 6.66 13.86 -8.68
CA ILE A 1312 5.39 13.47 -9.29
C ILE A 1312 5.54 13.23 -10.77
N GLY A 1313 5.32 12.00 -11.22
CA GLY A 1313 5.39 11.72 -12.66
C GLY A 1313 5.86 10.33 -13.06
N ALA A 1314 6.29 10.22 -14.31
CA ALA A 1314 6.77 8.97 -14.93
C ALA A 1314 7.74 8.15 -14.10
N SER A 1315 7.34 6.96 -13.68
CA SER A 1315 8.18 6.10 -12.84
C SER A 1315 9.34 5.47 -13.61
N ARG A 1316 10.47 5.26 -12.91
CA ARG A 1316 11.64 4.53 -13.44
C ARG A 1316 12.06 4.91 -14.82
N THR A 1317 11.85 6.15 -15.19
CA THR A 1317 12.12 6.59 -16.54
C THR A 1317 12.51 8.04 -16.54
N GLY A 1318 13.73 8.28 -16.08
CA GLY A 1318 14.22 9.64 -15.93
C GLY A 1318 13.65 10.21 -14.63
N LYS A 1319 13.32 9.30 -13.72
CA LYS A 1319 12.73 9.65 -12.44
C LYS A 1319 13.34 8.77 -11.37
N THR A 1320 12.75 7.58 -11.14
CA THR A 1320 13.28 6.68 -10.13
C THR A 1320 14.73 6.40 -10.48
N ILE A 1321 14.98 6.22 -11.79
CA ILE A 1321 16.32 6.03 -12.31
C ILE A 1321 17.17 7.23 -11.97
N LEU A 1322 16.61 8.42 -12.18
CA LEU A 1322 17.25 9.67 -11.87
C LEU A 1322 17.57 9.82 -10.39
N THR A 1323 16.69 9.36 -9.50
CA THR A 1323 17.01 9.48 -8.08
C THR A 1323 18.16 8.56 -7.76
N ARG A 1324 18.25 7.44 -8.47
CA ARG A 1324 19.38 6.59 -8.30
C ARG A 1324 20.61 7.25 -8.89
N PHE A 1325 20.43 7.94 -10.03
CA PHE A 1325 21.53 8.63 -10.67
C PHE A 1325 22.16 9.62 -9.75
N VAL A 1326 21.36 10.48 -9.14
CA VAL A 1326 21.95 11.51 -8.30
C VAL A 1326 22.53 10.86 -7.04
N ALA A 1327 21.98 9.72 -6.62
CA ALA A 1327 22.57 9.00 -5.50
C ALA A 1327 23.95 8.50 -5.86
N TRP A 1328 24.12 8.10 -7.11
CA TRP A 1328 25.41 7.61 -7.57
C TRP A 1328 26.36 8.76 -7.84
N LEU A 1329 25.83 9.84 -8.38
CA LEU A 1329 26.60 11.03 -8.70
C LEU A 1329 27.07 11.76 -7.46
N ASN A 1330 26.27 11.70 -6.40
CA ASN A 1330 26.63 12.41 -5.18
C ASN A 1330 27.04 11.50 -4.04
N GLY A 1331 26.76 10.20 -4.17
CA GLY A 1331 27.11 9.27 -3.11
C GLY A 1331 26.12 9.39 -1.96
N LEU A 1332 24.85 9.14 -2.26
CA LEU A 1332 23.80 9.27 -1.27
C LEU A 1332 23.35 7.89 -0.79
N LYS A 1333 23.10 7.78 0.52
CA LYS A 1333 22.71 6.50 1.07
C LYS A 1333 21.26 6.19 0.88
N ILE A 1334 20.94 5.57 -0.25
CA ILE A 1334 19.56 5.16 -0.48
C ILE A 1334 19.11 4.22 0.63
N VAL A 1335 18.23 4.71 1.50
CA VAL A 1335 17.76 3.85 2.59
C VAL A 1335 16.50 3.17 2.13
N GLN A 1336 16.44 1.86 2.31
CA GLN A 1336 15.28 1.10 1.91
C GLN A 1336 14.64 0.29 3.03
N PRO A 1337 13.32 0.18 3.00
CA PRO A 1337 12.46 -0.59 3.88
C PRO A 1337 12.45 -2.04 3.45
N LYS A 1338 13.58 -2.70 3.65
CA LYS A 1338 13.76 -4.10 3.32
C LYS A 1338 12.92 -5.03 4.23
N ILE A 1339 11.62 -5.02 3.99
CA ILE A 1339 10.60 -5.73 4.78
C ILE A 1339 9.70 -6.57 3.89
N HIS A 1340 8.68 -7.15 4.51
CA HIS A 1340 7.69 -7.89 3.74
C HIS A 1340 6.37 -7.81 4.45
N ARG A 1341 5.27 -7.83 3.70
CA ARG A 1341 3.94 -7.83 4.30
C ARG A 1341 3.74 -8.89 5.38
N HIS A 1342 4.46 -10.02 5.29
CA HIS A 1342 4.41 -11.02 6.34
C HIS A 1342 4.91 -10.40 7.65
N SER A 1343 5.92 -9.55 7.53
CA SER A 1343 6.52 -8.82 8.63
C SER A 1343 5.69 -7.59 8.90
N ASN A 1344 6.11 -6.79 9.84
CA ASN A 1344 5.34 -5.60 10.09
C ASN A 1344 6.22 -4.44 10.46
N LEU A 1345 5.62 -3.45 11.09
CA LEU A 1345 6.26 -2.25 11.57
C LEU A 1345 7.51 -2.55 12.36
N SER A 1346 7.54 -3.66 13.08
CA SER A 1346 8.69 -4.10 13.85
C SER A 1346 9.96 -4.17 12.99
N ASP A 1347 9.85 -4.67 11.77
CA ASP A 1347 11.02 -4.74 10.90
C ASP A 1347 11.36 -3.38 10.36
N PHE A 1348 10.33 -2.57 10.13
CA PHE A 1348 10.60 -1.20 9.73
C PHE A 1348 11.33 -0.50 10.82
N ASP A 1349 10.94 -0.77 12.07
CA ASP A 1349 11.55 -0.21 13.24
C ASP A 1349 13.01 -0.58 13.30
N MET A 1350 13.33 -1.84 13.04
CA MET A 1350 14.72 -2.28 12.99
C MET A 1350 15.52 -1.49 11.98
N ILE A 1351 14.95 -1.34 10.79
CA ILE A 1351 15.59 -0.62 9.72
C ILE A 1351 15.79 0.81 10.12
N LEU A 1352 14.77 1.38 10.74
CA LEU A 1352 14.82 2.73 11.22
C LEU A 1352 15.87 2.88 12.30
N LYS A 1353 16.04 1.86 13.14
CA LYS A 1353 17.06 1.92 14.17
C LYS A 1353 18.44 1.94 13.57
N LYS A 1354 18.68 1.09 12.57
CA LYS A 1354 20.00 1.10 11.98
C LYS A 1354 20.20 2.28 11.04
N ALA A 1355 19.12 2.78 10.44
CA ALA A 1355 19.20 3.92 9.55
C ALA A 1355 19.45 5.18 10.35
N ILE A 1356 18.75 5.31 11.48
CA ILE A 1356 18.89 6.48 12.31
C ILE A 1356 20.21 6.41 13.05
N SER A 1357 20.73 5.20 13.25
CA SER A 1357 22.05 5.05 13.83
C SER A 1357 23.05 5.59 12.84
N ASP A 1358 22.83 5.32 11.56
CA ASP A 1358 23.71 5.86 10.54
C ASP A 1358 23.67 7.39 10.55
N CYS A 1359 22.47 7.96 10.73
CA CYS A 1359 22.29 9.42 10.81
C CYS A 1359 22.89 10.08 12.05
N SER A 1360 22.59 9.54 13.22
CA SER A 1360 22.99 10.17 14.47
C SER A 1360 24.19 9.58 15.18
N LEU A 1361 24.46 8.30 15.02
CA LEU A 1361 25.56 7.70 15.74
C LEU A 1361 26.78 7.64 14.86
N LYS A 1362 26.58 7.32 13.60
CA LYS A 1362 27.68 7.31 12.69
C LYS A 1362 27.84 8.71 12.12
N GLU A 1363 26.86 9.57 12.41
CA GLU A 1363 26.88 10.97 12.02
C GLU A 1363 27.06 11.12 10.53
N SER A 1364 26.43 10.25 9.75
CA SER A 1364 26.57 10.27 8.31
C SER A 1364 25.30 10.68 7.63
N ARG A 1365 25.44 11.28 6.45
CA ARG A 1365 24.29 11.72 5.69
C ARG A 1365 23.61 10.57 5.00
N THR A 1366 22.35 10.36 5.33
CA THR A 1366 21.61 9.29 4.72
C THR A 1366 20.67 9.86 3.68
N CYS A 1367 19.95 9.01 2.98
CA CYS A 1367 19.01 9.49 1.98
C CYS A 1367 17.89 8.49 1.78
N LEU A 1368 16.88 8.57 2.63
CA LEU A 1368 15.75 7.67 2.54
C LEU A 1368 14.97 7.89 1.26
N ILE A 1369 14.85 6.82 0.48
CA ILE A 1369 14.10 6.90 -0.77
C ILE A 1369 12.79 6.17 -0.62
N ILE A 1370 11.69 6.88 -0.76
CA ILE A 1370 10.39 6.25 -0.57
C ILE A 1370 9.50 6.17 -1.80
N ASP A 1371 9.19 4.93 -2.15
CA ASP A 1371 8.17 4.55 -3.12
C ASP A 1371 6.87 4.54 -2.35
N GLU A 1372 5.81 5.18 -2.86
CA GLU A 1372 4.56 5.25 -2.10
C GLU A 1372 3.98 3.87 -1.73
N SER A 1373 4.38 2.80 -2.44
CA SER A 1373 3.90 1.45 -2.12
C SER A 1373 4.56 0.88 -0.86
N ASN A 1374 5.58 1.58 -0.33
CA ASN A 1374 6.28 1.15 0.87
C ASN A 1374 5.46 1.34 2.15
N ILE A 1375 4.38 2.12 2.09
CA ILE A 1375 3.60 2.32 3.30
C ILE A 1375 2.85 1.06 3.70
N LEU A 1376 3.47 0.28 4.57
CA LEU A 1376 2.87 -0.95 5.11
C LEU A 1376 1.50 -0.75 5.65
N GLU A 1377 1.39 0.21 6.52
CA GLU A 1377 0.17 0.48 7.23
C GLU A 1377 0.16 1.89 7.70
N THR A 1378 -1.01 2.34 8.10
CA THR A 1378 -1.16 3.70 8.60
C THR A 1378 -0.27 3.96 9.79
N ALA A 1379 -0.17 2.98 10.70
CA ALA A 1379 0.67 3.15 11.89
C ALA A 1379 2.11 3.44 11.50
N PHE A 1380 2.59 2.75 10.46
CA PHE A 1380 3.91 3.01 9.93
C PHE A 1380 3.98 4.43 9.43
N LEU A 1381 3.01 4.81 8.63
CA LEU A 1381 2.92 6.18 8.14
C LEU A 1381 2.86 7.18 9.29
N GLU A 1382 2.20 6.84 10.40
CA GLU A 1382 2.12 7.75 11.53
C GLU A 1382 3.46 7.89 12.21
N ARG A 1383 4.23 6.80 12.24
CA ARG A 1383 5.58 6.85 12.78
C ARG A 1383 6.38 7.82 11.92
N MET A 1384 6.15 7.75 10.62
CA MET A 1384 6.78 8.63 9.65
C MET A 1384 6.31 10.07 9.81
N ASN A 1385 5.02 10.26 10.11
CA ASN A 1385 4.48 11.61 10.29
C ASN A 1385 5.13 12.35 11.44
N THR A 1386 5.38 11.65 12.55
CA THR A 1386 6.05 12.30 13.67
C THR A 1386 7.50 12.55 13.31
N LEU A 1387 8.10 11.64 12.55
CA LEU A 1387 9.45 11.88 12.06
C LEU A 1387 9.46 13.18 11.25
N LEU A 1388 8.47 13.36 10.38
CA LEU A 1388 8.36 14.58 9.59
C LEU A 1388 8.14 15.81 10.44
N ALA A 1389 7.33 15.69 11.48
CA ALA A 1389 7.00 16.80 12.36
C ALA A 1389 8.14 17.16 13.31
N ASN A 1390 8.54 16.21 14.14
CA ASN A 1390 9.53 16.43 15.19
C ASN A 1390 10.87 15.73 14.98
N ALA A 1391 11.16 15.24 13.78
CA ALA A 1391 12.41 14.49 13.54
C ALA A 1391 12.61 13.37 14.55
N ASP A 1392 11.52 12.68 14.91
CA ASP A 1392 11.64 11.59 15.84
C ASP A 1392 10.46 10.64 15.72
N ILE A 1393 10.61 9.45 16.29
CA ILE A 1393 9.55 8.48 16.23
C ILE A 1393 9.18 7.93 17.63
N PRO A 1394 7.91 8.12 18.06
CA PRO A 1394 7.29 7.68 19.32
C PRO A 1394 7.44 6.19 19.49
N ASP A 1395 7.74 5.77 20.71
CA ASP A 1395 7.96 4.38 21.13
C ASP A 1395 9.27 3.79 20.58
N LEU A 1396 9.44 3.90 19.27
CA LEU A 1396 10.61 3.42 18.57
C LEU A 1396 11.92 3.98 19.09
N PHE A 1397 11.98 5.28 19.33
CA PHE A 1397 13.19 5.83 19.90
C PHE A 1397 12.93 6.37 21.29
N GLN A 1398 11.98 5.76 21.99
CA GLN A 1398 11.61 6.15 23.34
C GLN A 1398 11.99 5.05 24.32
N GLY A 1399 11.85 5.35 25.61
CA GLY A 1399 12.12 4.37 26.67
C GLY A 1399 13.56 3.87 26.62
N GLU A 1400 13.70 2.56 26.47
CA GLU A 1400 15.02 1.97 26.39
C GLU A 1400 15.73 2.32 25.12
N GLU A 1401 14.99 2.49 24.03
CA GLU A 1401 15.64 2.86 22.79
C GLU A 1401 16.20 4.25 22.94
N TYR A 1402 15.46 5.10 23.61
CA TYR A 1402 15.89 6.44 23.96
C TYR A 1402 17.18 6.35 24.76
N ASP A 1403 17.15 5.54 25.82
CA ASP A 1403 18.29 5.38 26.70
C ASP A 1403 19.54 4.78 26.05
N LYS A 1404 19.37 3.74 25.24
CA LYS A 1404 20.53 3.15 24.58
C LYS A 1404 21.06 4.09 23.54
N LEU A 1405 20.17 4.93 22.98
CA LEU A 1405 20.63 5.95 22.09
C LEU A 1405 21.41 6.96 22.86
N LEU A 1406 20.94 7.36 24.05
CA LEU A 1406 21.68 8.34 24.83
C LEU A 1406 23.06 7.81 25.18
N ASN A 1407 23.15 6.52 25.41
CA ASN A 1407 24.43 5.91 25.73
C ASN A 1407 25.35 5.96 24.52
N ASN A 1408 24.81 5.63 23.35
CA ASN A 1408 25.60 5.65 22.14
C ASN A 1408 25.87 7.08 21.70
N LEU A 1409 24.86 7.93 21.81
CA LEU A 1409 24.93 9.32 21.42
C LEU A 1409 25.92 10.09 22.23
N ARG A 1410 25.95 9.86 23.55
CA ARG A 1410 26.88 10.60 24.38
C ARG A 1410 28.27 10.15 24.10
N ASN A 1411 28.42 8.92 23.63
CA ASN A 1411 29.72 8.45 23.24
C ASN A 1411 30.15 9.12 21.96
N LYS A 1412 29.18 9.47 21.12
CA LYS A 1412 29.49 10.16 19.88
C LYS A 1412 29.72 11.64 20.12
N THR A 1413 29.03 12.24 21.09
CA THR A 1413 29.32 13.64 21.41
C THR A 1413 30.54 13.73 22.29
N ARG A 1414 30.86 12.63 22.98
CA ARG A 1414 32.10 12.56 23.71
C ARG A 1414 33.22 12.49 22.69
N SER A 1415 33.00 11.70 21.63
CA SER A 1415 33.94 11.60 20.52
C SER A 1415 34.12 12.95 19.84
N LEU A 1416 33.03 13.72 19.74
CA LEU A 1416 33.06 15.07 19.19
C LEU A 1416 33.74 16.08 20.12
N GLY A 1417 33.95 15.73 21.39
CA GLY A 1417 34.58 16.63 22.35
C GLY A 1417 33.60 17.69 22.82
N LEU A 1418 32.32 17.37 22.78
CA LEU A 1418 31.28 18.33 23.11
C LEU A 1418 30.60 18.05 24.43
N LEU A 1419 29.96 19.09 24.96
CA LEU A 1419 29.22 19.04 26.20
C LEU A 1419 27.80 18.51 25.97
N LEU A 1420 27.48 18.24 24.70
CA LEU A 1420 26.20 17.71 24.27
C LEU A 1420 25.84 16.41 24.93
N ASP A 1421 26.80 15.73 25.58
CA ASP A 1421 26.56 14.50 26.35
C ASP A 1421 25.32 14.64 27.24
N THR A 1422 25.10 15.84 27.78
CA THR A 1422 23.93 16.16 28.58
C THR A 1422 22.65 15.72 27.90
N GLU A 1423 22.08 14.62 28.37
CA GLU A 1423 20.84 14.03 27.82
C GLU A 1423 19.95 14.92 26.98
N GLN A 1424 19.54 16.07 27.51
CA GLN A 1424 18.67 16.96 26.77
C GLN A 1424 19.34 17.50 25.53
N GLU A 1425 20.56 18.01 25.69
CA GLU A 1425 21.32 18.55 24.58
C GLU A 1425 21.70 17.43 23.64
N LEU A 1426 21.89 16.25 24.22
CA LEU A 1426 22.30 15.10 23.50
C LEU A 1426 21.24 14.62 22.55
N TYR A 1427 20.03 14.53 23.08
CA TYR A 1427 18.91 14.09 22.29
C TYR A 1427 18.53 15.18 21.28
N ASP A 1428 18.76 16.43 21.65
CA ASP A 1428 18.54 17.51 20.71
C ASP A 1428 19.57 17.40 19.59
N TRP A 1429 20.79 17.02 19.95
CA TRP A 1429 21.80 16.74 18.97
C TRP A 1429 21.41 15.57 18.10
N PHE A 1430 20.84 14.52 18.70
CA PHE A 1430 20.35 13.40 17.95
C PHE A 1430 19.42 13.85 16.85
N VAL A 1431 18.39 14.60 17.18
CA VAL A 1431 17.46 15.02 16.13
C VAL A 1431 18.09 16.07 15.20
N GLY A 1432 19.04 16.86 15.70
CA GLY A 1432 19.71 17.86 14.88
C GLY A 1432 20.64 17.22 13.87
N GLU A 1433 21.37 16.20 14.31
CA GLU A 1433 22.31 15.48 13.46
C GLU A 1433 21.53 14.72 12.42
N ILE A 1434 20.41 14.15 12.84
CA ILE A 1434 19.51 13.47 11.95
C ILE A 1434 18.98 14.39 10.88
N ALA A 1435 18.48 15.56 11.29
CA ALA A 1435 17.94 16.53 10.34
C ALA A 1435 18.94 16.84 9.23
N LYS A 1436 20.18 17.09 9.61
CA LYS A 1436 21.24 17.34 8.65
C LYS A 1436 21.44 16.14 7.74
N ASN A 1437 21.21 14.95 8.29
CA ASN A 1437 21.40 13.71 7.60
C ASN A 1437 20.12 13.02 7.06
N LEU A 1438 18.97 13.73 6.98
CA LEU A 1438 17.75 13.07 6.47
C LEU A 1438 17.54 13.18 4.97
N HIS A 1439 17.10 14.35 4.51
CA HIS A 1439 16.88 14.58 3.08
C HIS A 1439 16.03 13.48 2.45
N VAL A 1440 14.81 13.28 2.95
CA VAL A 1440 14.02 12.17 2.47
C VAL A 1440 13.40 12.45 1.13
N VAL A 1441 13.75 11.63 0.15
CA VAL A 1441 13.21 11.82 -1.18
C VAL A 1441 12.13 10.83 -1.44
N PHE A 1442 10.94 11.36 -1.61
CA PHE A 1442 9.77 10.60 -1.90
C PHE A 1442 9.41 10.74 -3.36
N THR A 1443 9.02 9.63 -3.95
CA THR A 1443 8.62 9.62 -5.33
C THR A 1443 7.18 9.16 -5.41
N ILE A 1444 6.47 9.55 -6.45
CA ILE A 1444 5.06 9.20 -6.48
C ILE A 1444 4.33 9.20 -7.82
N CYS A 1445 3.48 8.20 -7.97
CA CYS A 1445 2.50 8.12 -9.04
C CYS A 1445 1.17 8.13 -8.29
N ASP A 1446 0.15 8.79 -8.82
CA ASP A 1446 -1.12 9.00 -8.09
C ASP A 1446 -1.70 7.76 -7.39
N PRO A 1447 -1.65 7.72 -6.04
CA PRO A 1447 -2.16 6.70 -5.13
C PRO A 1447 -3.67 6.54 -5.24
N THR A 1448 -4.14 5.32 -5.06
CA THR A 1448 -5.56 5.00 -5.13
C THR A 1448 -6.22 5.05 -3.75
N ASN A 1449 -5.46 5.47 -2.74
CA ASN A 1449 -5.94 5.56 -1.37
C ASN A 1449 -6.29 7.01 -1.04
N ASN A 1450 -6.89 7.69 -2.01
CA ASN A 1450 -7.25 9.11 -1.95
C ASN A 1450 -6.05 10.04 -2.05
N LYS A 1451 -4.84 9.51 -2.06
CA LYS A 1451 -3.71 10.36 -2.13
C LYS A 1451 -3.29 10.65 -3.55
N SER A 1452 -4.19 10.35 -4.51
CA SER A 1452 -4.04 10.79 -5.89
C SER A 1452 -4.11 12.31 -5.90
N SER A 1453 -4.69 12.87 -4.82
CA SER A 1453 -4.74 14.28 -4.53
C SER A 1453 -3.51 14.71 -3.70
N ALA A 1454 -2.44 13.89 -3.74
CA ALA A 1454 -1.17 14.02 -3.05
C ALA A 1454 -1.26 13.43 -1.65
N MET A 1455 -0.20 12.72 -1.25
CA MET A 1455 -0.10 12.23 0.11
C MET A 1455 0.02 13.44 1.00
N ILE A 1456 0.67 14.47 0.45
CA ILE A 1456 0.77 15.78 1.04
C ILE A 1456 -0.50 16.58 0.89
N SER A 1457 -1.55 16.10 1.53
CA SER A 1457 -2.84 16.74 1.49
C SER A 1457 -2.79 18.02 2.32
N SER A 1458 -2.08 17.96 3.43
CA SER A 1458 -1.96 19.09 4.34
C SER A 1458 -0.91 20.10 3.93
N PRO A 1459 -1.23 21.41 4.08
CA PRO A 1459 -0.38 22.58 3.90
C PRO A 1459 0.88 22.48 4.76
N ALA A 1460 0.80 21.74 5.87
CA ALA A 1460 1.93 21.56 6.78
C ALA A 1460 3.06 20.79 6.12
N LEU A 1461 2.71 19.94 5.17
CA LEU A 1461 3.68 19.17 4.44
C LEU A 1461 3.95 19.86 3.12
N PHE A 1462 2.90 20.44 2.56
CA PHE A 1462 2.95 21.18 1.31
C PHE A 1462 3.97 22.30 1.38
N ASN A 1463 3.96 23.03 2.49
CA ASN A 1463 4.85 24.15 2.71
C ASN A 1463 6.24 23.76 3.24
N ARG A 1464 6.55 22.45 3.34
CA ARG A 1464 7.87 22.03 3.83
C ARG A 1464 8.59 21.03 2.91
N CYS A 1465 7.82 20.27 2.13
CA CYS A 1465 8.39 19.28 1.20
C CYS A 1465 8.54 19.83 -0.20
N ILE A 1466 9.69 19.58 -0.82
CA ILE A 1466 9.96 20.04 -2.17
C ILE A 1466 9.28 19.13 -3.18
N ILE A 1467 8.18 19.60 -3.74
CA ILE A 1467 7.40 18.77 -4.63
C ILE A 1467 7.66 19.10 -6.09
N ASN A 1468 8.00 18.07 -6.85
CA ASN A 1468 8.25 18.22 -8.27
C ASN A 1468 7.06 17.80 -9.11
N TRP A 1469 6.28 18.79 -9.53
CA TRP A 1469 5.14 18.55 -10.37
C TRP A 1469 5.55 18.35 -11.81
N MET A 1470 6.05 17.14 -12.11
CA MET A 1470 6.56 16.83 -13.43
C MET A 1470 5.52 16.17 -14.31
N GLY A 1471 5.23 14.91 -14.05
CA GLY A 1471 4.27 14.20 -14.88
C GLY A 1471 4.94 13.88 -16.21
N ASP A 1472 4.44 14.52 -17.26
CA ASP A 1472 4.96 14.39 -18.61
C ASP A 1472 5.97 15.49 -18.98
N TRP A 1473 6.42 15.45 -20.25
CA TRP A 1473 7.31 16.45 -20.83
C TRP A 1473 6.72 17.05 -22.11
N ASP A 1474 7.20 18.23 -22.49
CA ASP A 1474 6.72 18.96 -23.66
C ASP A 1474 7.14 18.30 -24.99
N THR A 1475 6.50 18.71 -26.05
CA THR A 1475 6.74 18.26 -27.40
C THR A 1475 8.00 18.90 -27.91
N LYS A 1476 8.22 20.14 -27.46
CA LYS A 1476 9.45 20.85 -27.75
C LYS A 1476 10.58 20.11 -27.07
N THR A 1477 10.31 19.71 -25.84
CA THR A 1477 11.26 18.91 -25.10
C THR A 1477 11.55 17.64 -25.82
N MET A 1478 10.52 16.97 -26.33
CA MET A 1478 10.73 15.74 -27.08
C MET A 1478 11.57 15.95 -28.32
N SER A 1479 11.55 17.15 -28.92
CA SER A 1479 12.48 17.37 -30.04
C SER A 1479 13.92 17.27 -29.56
N GLN A 1480 14.16 17.74 -28.33
CA GLN A 1480 15.49 17.69 -27.72
C GLN A 1480 15.82 16.32 -27.15
N VAL A 1481 14.80 15.64 -26.67
CA VAL A 1481 15.00 14.31 -26.14
C VAL A 1481 15.37 13.41 -27.25
N ALA A 1482 14.56 13.46 -28.31
CA ALA A 1482 14.80 12.66 -29.47
C ALA A 1482 16.11 13.02 -30.08
N ASN A 1483 16.42 14.33 -30.15
CA ASN A 1483 17.69 14.80 -30.66
C ASN A 1483 18.79 13.97 -30.06
N ASN A 1484 18.98 14.13 -28.77
CA ASN A 1484 20.04 13.41 -28.14
C ASN A 1484 19.83 11.90 -28.25
N MET A 1485 18.57 11.41 -28.20
CA MET A 1485 18.32 9.98 -28.34
C MET A 1485 18.67 9.44 -29.71
N VAL A 1486 18.69 10.26 -30.73
CA VAL A 1486 19.08 9.74 -32.02
C VAL A 1486 20.56 9.99 -32.24
N ASP A 1487 21.14 10.87 -31.41
CA ASP A 1487 22.57 11.10 -31.46
C ASP A 1487 23.35 10.01 -30.72
N VAL A 1488 22.82 9.53 -29.59
CA VAL A 1488 23.51 8.52 -28.80
C VAL A 1488 23.53 7.13 -29.43
N VAL A 1489 22.59 6.85 -30.33
CA VAL A 1489 22.55 5.56 -31.01
C VAL A 1489 22.46 5.74 -32.53
N PRO A 1490 23.00 4.79 -33.30
CA PRO A 1490 23.18 4.81 -34.74
C PRO A 1490 21.91 4.58 -35.55
N MET A 1491 21.01 5.55 -35.51
CA MET A 1491 19.76 5.53 -36.24
C MET A 1491 19.89 5.58 -37.78
N GLU A 1492 20.97 6.18 -38.30
CA GLU A 1492 21.15 6.31 -39.75
C GLU A 1492 21.55 5.02 -40.46
N PHE A 1493 21.18 4.93 -41.74
CA PHE A 1493 21.41 3.78 -42.63
C PHE A 1493 21.79 4.17 -44.07
N THR A 1494 22.01 3.15 -44.92
CA THR A 1494 22.38 3.26 -46.34
C THR A 1494 21.30 3.81 -47.27
N ASP A 1495 20.64 2.88 -47.98
CA ASP A 1495 19.60 3.18 -48.95
C ASP A 1495 18.27 3.47 -48.28
N PHE A 1496 18.24 3.28 -46.97
CA PHE A 1496 17.11 3.65 -46.17
C PHE A 1496 17.11 5.14 -46.20
N ILE A 1497 16.00 5.74 -46.58
CA ILE A 1497 16.05 7.18 -46.66
C ILE A 1497 15.44 7.80 -45.45
N VAL A 1498 14.23 7.38 -45.17
CA VAL A 1498 13.44 7.92 -44.10
C VAL A 1498 12.27 6.98 -43.76
N PRO A 1499 11.87 6.90 -42.49
CA PRO A 1499 10.76 5.99 -42.15
C PRO A 1499 9.58 6.64 -41.42
N GLU A 1500 8.56 7.07 -42.16
CA GLU A 1500 7.37 7.63 -41.54
C GLU A 1500 5.96 7.48 -42.22
N VAL A 1501 5.86 7.18 -43.53
CA VAL A 1501 4.53 7.14 -44.22
C VAL A 1501 3.33 6.83 -43.40
N ASN A 1502 2.48 7.83 -43.34
CA ASN A 1502 1.16 7.89 -42.75
C ASN A 1502 0.70 9.36 -42.90
N LYS A 1503 1.09 10.20 -41.94
CA LYS A 1503 0.82 11.65 -41.99
C LYS A 1503 1.40 12.36 -40.76
N GLU A 1504 1.64 13.67 -40.87
CA GLU A 1504 2.07 14.56 -39.77
C GLU A 1504 3.57 14.78 -39.55
N LEU A 1505 3.99 15.98 -39.95
CA LEU A 1505 5.30 16.53 -39.68
C LEU A 1505 5.02 17.87 -39.00
N VAL A 1506 3.75 18.05 -38.62
CA VAL A 1506 3.24 19.29 -38.07
C VAL A 1506 3.85 19.58 -36.73
N PHE A 1507 4.17 20.87 -36.54
CA PHE A 1507 4.87 21.42 -35.38
C PHE A 1507 6.36 21.09 -35.39
N THR A 1508 6.84 20.40 -36.42
CA THR A 1508 8.23 20.01 -36.48
C THR A 1508 8.83 20.39 -37.82
N GLU A 1509 10.10 20.09 -37.99
CA GLU A 1509 10.80 20.32 -39.23
C GLU A 1509 10.54 19.16 -40.18
N PRO A 1510 10.26 19.41 -41.47
CA PRO A 1510 10.11 18.43 -42.53
C PRO A 1510 11.32 17.54 -42.50
N ILE A 1511 11.09 16.26 -42.68
CA ILE A 1511 12.06 15.26 -42.38
C ILE A 1511 13.06 15.14 -43.49
N GLN A 1512 14.34 15.31 -43.16
CA GLN A 1512 15.35 15.25 -44.19
C GLN A 1512 16.04 13.89 -44.16
N THR A 1513 16.05 13.24 -42.99
CA THR A 1513 16.61 11.90 -42.88
C THR A 1513 15.98 11.04 -41.76
N ILE A 1514 16.60 9.90 -41.46
CA ILE A 1514 16.07 8.89 -40.55
C ILE A 1514 16.02 9.38 -39.11
N ARG A 1515 17.11 10.00 -38.65
CA ARG A 1515 17.12 10.55 -37.31
C ARG A 1515 16.06 11.63 -37.15
N ASP A 1516 15.87 12.44 -38.19
CA ASP A 1516 14.85 13.48 -38.18
C ASP A 1516 13.49 12.86 -38.00
N ALA A 1517 13.28 11.73 -38.68
CA ALA A 1517 12.04 11.02 -38.59
C ALA A 1517 11.74 10.64 -37.18
N VAL A 1518 12.73 10.03 -36.50
CA VAL A 1518 12.52 9.65 -35.11
C VAL A 1518 12.18 10.86 -34.27
N VAL A 1519 12.85 11.99 -34.53
CA VAL A 1519 12.57 13.20 -33.78
C VAL A 1519 11.14 13.67 -33.97
N ASN A 1520 10.71 13.82 -35.22
CA ASN A 1520 9.32 14.21 -35.50
C ASN A 1520 8.35 13.27 -34.90
N ILE A 1521 8.64 11.98 -35.06
CA ILE A 1521 7.80 10.97 -34.51
C ILE A 1521 7.66 11.20 -33.06
N LEU A 1522 8.76 11.22 -32.32
CA LEU A 1522 8.70 11.37 -30.88
C LEU A 1522 7.91 12.57 -30.43
N ILE A 1523 8.10 13.68 -31.13
CA ILE A 1523 7.42 14.91 -30.78
C ILE A 1523 5.92 14.74 -30.78
N HIS A 1524 5.37 14.13 -31.82
CA HIS A 1524 3.94 13.93 -31.83
C HIS A 1524 3.51 12.60 -31.19
N PHE A 1525 4.45 11.68 -31.11
CA PHE A 1525 4.23 10.35 -30.60
C PHE A 1525 4.12 10.37 -29.12
N ASP A 1526 5.17 10.79 -28.45
CA ASP A 1526 5.12 10.86 -27.00
C ASP A 1526 4.02 11.81 -26.59
N ARG A 1527 3.84 12.89 -27.35
CA ARG A 1527 2.75 13.84 -27.09
C ARG A 1527 1.45 13.11 -26.91
N ASN A 1528 1.11 12.27 -27.88
CA ASN A 1528 -0.12 11.50 -27.78
C ASN A 1528 0.06 10.07 -27.36
N PHE A 1529 1.21 9.73 -26.78
CA PHE A 1529 1.43 8.37 -26.32
C PHE A 1529 2.11 8.49 -24.97
N TYR A 1530 1.40 9.21 -24.10
CA TYR A 1530 -0.05 9.08 -24.11
C TYR A 1530 -0.85 10.15 -23.39
N GLN A 1531 -2.03 10.41 -23.96
CA GLN A 1531 -3.07 11.22 -23.37
C GLN A 1531 -4.38 10.43 -23.48
N LYS A 1532 -5.55 11.08 -23.44
CA LYS A 1532 -6.86 10.38 -23.38
C LYS A 1532 -6.98 9.59 -22.10
N MET A 1533 -7.43 10.28 -21.05
CA MET A 1533 -7.47 9.73 -19.71
C MET A 1533 -8.21 8.43 -19.54
N LYS A 1534 -7.43 7.38 -19.59
CA LYS A 1534 -7.83 6.03 -19.30
C LYS A 1534 -6.82 5.48 -18.31
N VAL A 1535 -5.55 5.75 -18.60
CA VAL A 1535 -4.42 5.39 -17.75
C VAL A 1535 -3.53 6.60 -17.45
N GLY A 1536 -4.06 7.57 -16.70
CA GLY A 1536 -3.30 8.75 -16.26
C GLY A 1536 -2.79 9.67 -17.38
N VAL A 1537 -3.69 10.42 -18.00
CA VAL A 1537 -3.41 11.38 -19.07
C VAL A 1537 -2.26 12.38 -18.84
N ASN A 1538 -2.00 12.78 -17.60
CA ASN A 1538 -0.99 13.79 -17.33
C ASN A 1538 0.42 13.24 -17.06
N PRO A 1539 0.57 11.98 -16.67
CA PRO A 1539 1.93 11.48 -16.45
C PRO A 1539 2.24 10.30 -17.34
N ARG A 1540 2.84 10.60 -18.48
CA ARG A 1540 3.30 9.58 -19.39
C ARG A 1540 4.75 9.33 -19.17
N SER A 1541 5.22 8.16 -19.59
CA SER A 1541 6.59 7.74 -19.35
C SER A 1541 7.41 7.49 -20.60
N PRO A 1542 8.17 8.50 -21.05
CA PRO A 1542 9.10 8.52 -22.18
C PRO A 1542 10.14 7.43 -22.11
N GLY A 1543 10.49 6.97 -20.93
CA GLY A 1543 11.46 5.89 -20.87
C GLY A 1543 10.93 4.65 -21.56
N TYR A 1544 9.61 4.53 -21.70
CA TYR A 1544 9.04 3.52 -22.57
C TYR A 1544 9.26 3.78 -24.03
N PHE A 1545 9.21 5.04 -24.48
CA PHE A 1545 9.49 5.22 -25.90
C PHE A 1545 10.96 4.94 -26.07
N ILE A 1546 11.75 5.15 -25.00
CA ILE A 1546 13.14 4.83 -25.02
C ILE A 1546 13.32 3.35 -25.01
N ASP A 1547 12.50 2.62 -24.28
CA ASP A 1547 12.52 1.16 -24.34
C ASP A 1547 12.18 0.65 -25.72
N GLY A 1548 11.20 1.29 -26.37
CA GLY A 1548 10.86 0.93 -27.73
C GLY A 1548 12.02 1.26 -28.63
N LEU A 1549 12.55 2.48 -28.48
CA LEU A 1549 13.69 2.95 -29.24
C LEU A 1549 14.89 2.09 -28.93
N ARG A 1550 15.07 1.74 -27.68
CA ARG A 1550 16.16 0.87 -27.26
C ARG A 1550 16.02 -0.46 -27.96
N ALA A 1551 14.80 -0.98 -28.10
CA ALA A 1551 14.59 -2.18 -28.88
C ALA A 1551 14.93 -1.90 -30.35
N LEU A 1552 14.59 -0.69 -30.82
CA LEU A 1552 14.97 -0.30 -32.18
C LEU A 1552 16.46 -0.26 -32.27
N VAL A 1553 17.14 0.15 -31.19
CA VAL A 1553 18.60 0.21 -31.11
C VAL A 1553 19.20 -1.17 -31.08
N LYS A 1554 18.57 -2.08 -30.34
CA LYS A 1554 19.03 -3.45 -30.30
C LYS A 1554 19.10 -3.95 -31.73
N LEU A 1555 18.11 -3.55 -32.52
CA LEU A 1555 18.02 -3.95 -33.90
C LEU A 1555 18.66 -2.95 -34.87
N VAL A 1556 18.85 -1.69 -34.47
CA VAL A 1556 19.46 -0.73 -35.39
C VAL A 1556 20.90 -1.12 -35.51
N THR A 1557 21.38 -1.77 -34.45
CA THR A 1557 22.69 -2.36 -34.40
C THR A 1557 22.62 -3.73 -35.03
N ALA A 1558 21.91 -4.66 -34.40
CA ALA A 1558 21.85 -6.06 -34.84
C ALA A 1558 21.30 -6.27 -36.24
N LYS A 1559 20.20 -5.61 -36.62
CA LYS A 1559 19.64 -5.84 -37.93
C LYS A 1559 20.42 -5.05 -38.94
N TYR A 1560 20.92 -3.91 -38.54
CA TYR A 1560 21.86 -3.25 -39.42
C TYR A 1560 23.06 -4.12 -39.65
N GLN A 1561 23.59 -4.71 -38.58
CA GLN A 1561 24.75 -5.54 -38.76
C GLN A 1561 24.36 -6.69 -39.62
N ASP A 1562 23.13 -7.18 -39.47
CA ASP A 1562 22.64 -8.21 -40.36
C ASP A 1562 22.67 -7.73 -41.80
N LEU A 1563 22.47 -6.43 -42.05
CA LEU A 1563 22.59 -5.91 -43.42
C LEU A 1563 24.04 -6.04 -43.92
N GLN A 1564 25.01 -5.82 -43.02
CA GLN A 1564 26.39 -6.08 -43.44
C GLN A 1564 26.61 -7.55 -43.59
N GLU A 1565 25.99 -8.34 -42.71
CA GLU A 1565 26.10 -9.78 -42.75
C GLU A 1565 25.40 -10.26 -43.99
N ASN A 1566 24.35 -9.56 -44.38
CA ASN A 1566 23.62 -9.88 -45.58
C ASN A 1566 24.51 -9.69 -46.76
N GLN A 1567 25.19 -8.54 -46.85
CA GLN A 1567 26.07 -8.43 -47.97
C GLN A 1567 27.15 -9.45 -47.81
N ARG A 1568 27.57 -9.73 -46.57
CA ARG A 1568 28.54 -10.78 -46.32
C ARG A 1568 28.05 -12.12 -46.81
N PHE A 1569 26.76 -12.41 -46.70
CA PHE A 1569 26.25 -13.69 -47.15
C PHE A 1569 26.49 -13.85 -48.64
N VAL A 1570 26.29 -12.77 -49.38
CA VAL A 1570 26.55 -12.81 -50.81
C VAL A 1570 27.96 -12.37 -51.14
N ASN A 1571 28.65 -11.82 -50.15
CA ASN A 1571 30.04 -11.49 -50.31
C ASN A 1571 30.77 -12.78 -50.35
N VAL A 1572 30.48 -13.60 -49.33
CA VAL A 1572 31.02 -14.93 -49.17
C VAL A 1572 30.63 -15.79 -50.33
N GLY A 1573 29.37 -15.74 -50.76
CA GLY A 1573 29.01 -16.50 -51.94
C GLY A 1573 29.89 -16.06 -53.11
N LEU A 1574 30.01 -14.73 -53.31
CA LEU A 1574 30.84 -14.16 -54.36
C LEU A 1574 32.31 -14.55 -54.23
N GLU A 1575 32.80 -14.69 -52.97
CA GLU A 1575 34.20 -15.09 -52.70
C GLU A 1575 34.64 -16.35 -53.46
N LYS A 1576 33.69 -17.12 -53.99
CA LYS A 1576 34.03 -18.23 -54.84
C LYS A 1576 32.92 -18.52 -55.82
N LEU A 1577 32.49 -17.50 -56.57
CA LEU A 1577 31.58 -17.81 -57.66
C LEU A 1577 32.46 -17.98 -58.88
N ASN A 1578 32.13 -17.31 -60.00
CA ASN A 1578 32.86 -17.45 -61.26
C ASN A 1578 33.77 -18.68 -61.31
N GLU A 1579 35.05 -18.50 -60.98
CA GLU A 1579 36.07 -19.56 -60.95
C GLU A 1579 35.69 -20.94 -60.44
N SER A 1580 34.71 -21.07 -59.58
CA SER A 1580 34.36 -22.39 -59.12
C SER A 1580 32.88 -22.61 -59.05
N VAL A 1581 32.15 -22.14 -60.05
CA VAL A 1581 30.73 -22.46 -60.10
C VAL A 1581 30.16 -22.77 -61.47
N SER A 1582 29.03 -23.44 -61.43
CA SER A 1582 28.14 -23.75 -62.53
C SER A 1582 26.79 -23.45 -61.93
N LEU A 1583 26.50 -22.17 -61.85
CA LEU A 1583 25.37 -21.69 -61.09
C LEU A 1583 24.01 -21.91 -61.72
N THR A 1584 23.11 -22.41 -60.88
CA THR A 1584 21.72 -22.58 -61.22
C THR A 1584 20.95 -21.81 -60.16
N PHE A 1585 20.41 -22.57 -59.20
CA PHE A 1585 19.72 -21.99 -58.07
C PHE A 1585 20.64 -21.11 -57.27
N GLU A 1586 21.88 -21.55 -57.07
CA GLU A 1586 22.84 -20.74 -56.32
C GLU A 1586 22.96 -19.32 -56.87
N LYS A 1587 22.94 -19.11 -58.19
CA LYS A 1587 22.97 -17.74 -58.67
C LYS A 1587 21.67 -17.07 -58.40
N GLU A 1588 20.57 -17.79 -58.60
CA GLU A 1588 19.26 -17.22 -58.34
C GLU A 1588 19.18 -16.72 -56.92
N ARG A 1589 19.54 -17.58 -55.98
CA ARG A 1589 19.57 -17.25 -54.57
C ARG A 1589 20.56 -16.15 -54.26
N TRP A 1590 21.78 -16.32 -54.76
CA TRP A 1590 22.84 -15.37 -54.50
C TRP A 1590 22.45 -14.00 -54.95
N LEU A 1591 22.02 -13.91 -56.19
CA LEU A 1591 21.69 -12.65 -56.81
C LEU A 1591 20.44 -12.06 -56.24
N ASN A 1592 19.40 -12.87 -56.08
CA ASN A 1592 18.17 -12.33 -55.54
C ASN A 1592 18.42 -11.75 -54.19
N THR A 1593 19.12 -12.49 -53.33
CA THR A 1593 19.35 -11.95 -52.01
C THR A 1593 20.32 -10.80 -52.07
N THR A 1594 21.30 -10.88 -52.96
CA THR A 1594 22.27 -9.81 -53.14
C THR A 1594 21.59 -8.48 -53.32
N LYS A 1595 20.56 -8.47 -54.15
CA LYS A 1595 19.86 -7.24 -54.44
C LYS A 1595 18.67 -7.00 -53.51
N GLN A 1596 18.11 -8.07 -52.91
CA GLN A 1596 17.02 -7.90 -51.94
C GLN A 1596 17.48 -7.15 -50.71
N PHE A 1597 18.79 -7.14 -50.48
CA PHE A 1597 19.34 -6.37 -49.40
C PHE A 1597 19.02 -4.88 -49.59
N SER A 1598 18.95 -4.44 -50.85
CA SER A 1598 18.60 -3.06 -51.17
C SER A 1598 17.09 -2.93 -51.37
N LYS A 1599 16.44 -4.01 -51.79
CA LYS A 1599 14.98 -3.96 -51.97
C LYS A 1599 14.32 -3.79 -50.62
N THR A 1600 14.88 -4.44 -49.60
CA THR A 1600 14.43 -4.36 -48.22
C THR A 1600 14.96 -3.12 -47.49
N SER A 1601 15.54 -2.17 -48.24
CA SER A 1601 16.11 -0.96 -47.67
C SER A 1601 15.10 -0.02 -47.06
N GLN A 1602 13.82 -0.26 -47.18
CA GLN A 1602 12.93 0.63 -46.48
C GLN A 1602 12.26 -0.14 -45.35
N GLU A 1603 11.43 -1.12 -45.74
CA GLU A 1603 10.58 -1.91 -44.84
C GLU A 1603 11.23 -2.61 -43.66
N LEU A 1604 12.54 -2.83 -43.67
CA LEU A 1604 13.17 -3.40 -42.48
C LEU A 1604 12.84 -2.55 -41.25
N ILE A 1605 12.90 -1.22 -41.42
CA ILE A 1605 12.59 -0.34 -40.31
C ILE A 1605 11.11 -0.39 -39.97
N GLY A 1606 10.23 -0.42 -40.96
CA GLY A 1606 8.79 -0.44 -40.68
C GLY A 1606 8.40 -1.60 -39.75
N ASN A 1607 8.96 -2.77 -40.01
CA ASN A 1607 8.71 -3.94 -39.19
C ASN A 1607 9.26 -3.73 -37.78
N CYS A 1608 10.45 -3.14 -37.72
CA CYS A 1608 11.15 -2.84 -36.49
C CYS A 1608 10.36 -1.82 -35.66
N ILE A 1609 9.81 -0.80 -36.33
CA ILE A 1609 9.00 0.21 -35.67
C ILE A 1609 7.85 -0.39 -34.97
N ILE A 1610 7.12 -1.26 -35.64
CA ILE A 1610 5.98 -1.85 -35.02
C ILE A 1610 6.37 -2.61 -33.77
N SER A 1611 7.49 -3.33 -33.82
CA SER A 1611 7.87 -4.02 -32.62
C SER A 1611 8.19 -3.07 -31.49
N SER A 1612 8.72 -1.89 -31.83
CA SER A 1612 9.03 -0.91 -30.81
C SER A 1612 7.79 -0.24 -30.26
N ILE A 1613 6.71 -0.25 -31.02
CA ILE A 1613 5.48 0.33 -30.55
C ILE A 1613 4.95 -0.52 -29.43
N TYR A 1614 5.10 -1.83 -29.61
CA TYR A 1614 4.65 -2.77 -28.63
C TYR A 1614 5.56 -2.79 -27.43
N GLU A 1615 6.85 -2.58 -27.67
CA GLU A 1615 7.83 -2.44 -26.60
C GLU A 1615 7.59 -1.15 -25.83
N THR A 1616 7.12 -0.12 -26.52
CA THR A 1616 6.81 1.15 -25.91
C THR A 1616 5.56 1.05 -25.04
N TYR A 1617 4.42 0.71 -25.62
CA TYR A 1617 3.20 0.61 -24.81
C TYR A 1617 2.11 -0.33 -25.29
N PHE A 1618 2.18 -0.89 -26.51
CA PHE A 1618 1.03 -1.71 -26.92
C PHE A 1618 0.78 -2.84 -25.94
N GLY A 1619 1.85 -3.48 -25.46
CA GLY A 1619 1.72 -4.57 -24.51
C GLY A 1619 1.64 -4.11 -23.05
N HIS A 1620 1.34 -2.85 -22.80
CA HIS A 1620 1.28 -2.36 -21.43
C HIS A 1620 0.17 -1.36 -21.17
N LEU A 1621 -0.12 -0.54 -22.15
CA LEU A 1621 -1.06 0.54 -21.98
C LEU A 1621 -2.44 0.22 -22.54
N ASN A 1622 -3.47 0.58 -21.79
CA ASN A 1622 -4.86 0.32 -22.16
C ASN A 1622 -5.31 1.04 -23.41
N GLU A 1623 -6.00 0.27 -24.26
CA GLU A 1623 -6.63 0.69 -25.52
C GLU A 1623 -6.91 2.19 -25.70
N ARG A 1624 -7.53 2.87 -24.74
CA ARG A 1624 -7.83 4.30 -24.99
C ARG A 1624 -6.62 5.21 -24.76
N GLU A 1625 -5.95 5.05 -23.62
CA GLU A 1625 -4.78 5.86 -23.32
C GLU A 1625 -3.74 5.58 -24.42
N ARG A 1626 -3.67 4.31 -24.81
CA ARG A 1626 -2.82 3.80 -25.88
C ARG A 1626 -3.27 4.31 -27.22
N GLY A 1627 -4.57 4.17 -27.48
CA GLY A 1627 -5.21 4.56 -28.72
C GLY A 1627 -4.96 6.00 -29.06
N ASP A 1628 -4.77 6.82 -28.02
CA ASP A 1628 -4.44 8.22 -28.21
C ASP A 1628 -3.38 8.41 -29.26
N MET A 1629 -2.32 7.61 -29.26
CA MET A 1629 -1.40 7.68 -30.38
C MET A 1629 -1.61 6.52 -31.28
N LEU A 1630 -1.71 5.32 -30.72
CA LEU A 1630 -1.77 4.08 -31.50
C LEU A 1630 -2.73 4.06 -32.65
N VAL A 1631 -3.99 4.38 -32.36
CA VAL A 1631 -5.01 4.33 -33.39
C VAL A 1631 -4.75 5.38 -34.43
N ILE A 1632 -4.35 6.56 -33.97
CA ILE A 1632 -4.11 7.62 -34.91
C ILE A 1632 -2.73 7.47 -35.55
N LEU A 1633 -1.80 6.75 -34.91
CA LEU A 1633 -0.43 6.49 -35.39
C LEU A 1633 -0.47 5.78 -36.69
N LYS A 1634 -1.45 4.88 -36.80
CA LYS A 1634 -1.70 4.13 -38.01
C LYS A 1634 -1.91 5.05 -39.21
N ARG A 1635 -2.32 6.30 -38.94
CA ARG A 1635 -2.48 7.32 -39.95
C ARG A 1635 -1.67 8.59 -39.65
N LEU A 1636 -1.02 8.68 -38.49
CA LEU A 1636 -0.21 9.85 -38.15
C LEU A 1636 1.24 9.61 -37.69
N LEU A 1637 1.94 8.66 -38.31
CA LEU A 1637 3.37 8.48 -38.02
C LEU A 1637 4.17 9.63 -38.67
N GLY A 1638 3.91 9.89 -39.95
CA GLY A 1638 4.57 10.99 -40.65
C GLY A 1638 4.38 10.91 -42.16
N LYS A 1639 5.06 11.75 -42.92
CA LYS A 1639 4.85 11.80 -44.37
C LYS A 1639 6.01 11.29 -45.22
N PHE A 1640 6.99 10.65 -44.61
CA PHE A 1640 8.24 10.37 -45.32
C PHE A 1640 8.71 8.88 -45.33
N ALA A 1641 8.31 8.12 -46.37
CA ALA A 1641 8.70 6.70 -46.68
C ALA A 1641 8.61 5.75 -45.46
N VAL A 1642 8.98 4.48 -45.64
CA VAL A 1642 9.15 3.47 -44.57
C VAL A 1642 8.84 2.08 -45.03
N LYS A 1643 7.68 1.92 -45.66
CA LYS A 1643 7.14 0.62 -46.04
C LYS A 1643 6.83 -0.18 -44.78
N TYR A 1644 5.58 -0.56 -44.60
CA TYR A 1644 5.29 -1.28 -43.37
C TYR A 1644 5.48 -2.76 -43.48
N ASP A 1645 5.15 -3.32 -44.65
CA ASP A 1645 5.27 -4.76 -44.88
C ASP A 1645 4.24 -5.53 -44.08
N VAL A 1646 3.08 -5.81 -44.69
CA VAL A 1646 1.94 -6.52 -44.10
C VAL A 1646 2.26 -7.24 -42.79
N ASN A 1647 3.12 -8.25 -42.84
CA ASN A 1647 3.45 -8.91 -41.59
C ASN A 1647 4.59 -8.19 -40.90
N TYR A 1648 4.23 -7.12 -40.23
CA TYR A 1648 5.08 -6.32 -39.38
C TYR A 1648 4.71 -6.63 -37.95
N ARG A 1649 4.06 -7.76 -37.78
CA ARG A 1649 3.51 -8.16 -36.52
C ARG A 1649 4.60 -8.48 -35.52
N PHE A 1650 4.53 -7.76 -34.41
CA PHE A 1650 5.47 -7.86 -33.30
C PHE A 1650 5.68 -9.26 -32.82
N ILE A 1651 4.58 -9.97 -32.56
CA ILE A 1651 4.67 -11.33 -32.05
C ILE A 1651 5.30 -12.36 -32.99
N ASP A 1652 5.57 -12.00 -34.25
CA ASP A 1652 6.32 -12.90 -35.12
C ASP A 1652 7.72 -12.34 -35.33
N TYR A 1653 7.79 -11.02 -35.42
CA TYR A 1653 9.00 -10.29 -35.74
C TYR A 1653 10.18 -10.59 -34.82
N LEU A 1654 9.96 -10.65 -33.51
CA LEU A 1654 11.11 -10.89 -32.62
C LEU A 1654 11.32 -12.33 -32.14
N VAL A 1655 10.81 -13.35 -32.84
CA VAL A 1655 11.07 -14.72 -32.38
C VAL A 1655 11.43 -15.69 -33.51
N THR A 1656 12.45 -16.51 -33.25
CA THR A 1656 12.93 -17.54 -34.18
C THR A 1656 11.87 -18.60 -34.32
N LEU A 1657 11.57 -19.01 -35.54
CA LEU A 1657 10.52 -20.01 -35.76
C LEU A 1657 10.77 -21.28 -34.98
N ASP A 1658 12.01 -21.75 -34.94
CA ASP A 1658 12.37 -22.91 -34.16
C ASP A 1658 11.96 -22.75 -32.72
N GLU A 1659 12.21 -21.55 -32.19
CA GLU A 1659 11.86 -21.22 -30.82
C GLU A 1659 10.37 -21.09 -30.65
N LYS A 1660 9.73 -20.43 -31.61
CA LYS A 1660 8.30 -20.25 -31.57
C LYS A 1660 7.62 -21.59 -31.56
N MET A 1661 8.19 -22.54 -32.29
CA MET A 1661 7.70 -23.88 -32.28
C MET A 1661 7.98 -24.53 -30.96
N LYS A 1662 9.12 -24.27 -30.34
CA LYS A 1662 9.33 -24.83 -29.00
C LYS A 1662 8.17 -24.41 -28.08
N TRP A 1663 7.63 -23.21 -28.29
CA TRP A 1663 6.48 -22.75 -27.55
C TRP A 1663 5.16 -23.36 -28.00
N LEU A 1664 4.90 -23.36 -29.30
CA LEU A 1664 3.68 -23.96 -29.84
C LEU A 1664 3.63 -25.45 -29.70
N GLU A 1665 4.75 -26.11 -29.86
CA GLU A 1665 4.86 -27.54 -29.64
C GLU A 1665 4.48 -27.84 -28.19
N CYS A 1666 4.73 -26.86 -27.33
CA CYS A 1666 4.38 -26.91 -25.93
C CYS A 1666 3.00 -26.29 -25.61
N GLY A 1667 2.17 -26.08 -26.63
CA GLY A 1667 0.80 -25.61 -26.45
C GLY A 1667 0.56 -24.09 -26.42
N LEU A 1668 1.55 -23.27 -26.81
CA LEU A 1668 1.40 -21.80 -26.77
C LEU A 1668 0.05 -21.31 -27.27
N ASP A 1669 -0.64 -20.51 -26.45
CA ASP A 1669 -1.93 -19.95 -26.84
C ASP A 1669 -1.78 -18.85 -27.87
N LYS A 1670 -1.46 -19.25 -29.10
CA LYS A 1670 -1.24 -18.31 -30.16
C LYS A 1670 -2.47 -17.54 -30.58
N ASN A 1671 -3.63 -18.07 -30.27
CA ASN A 1671 -4.85 -17.42 -30.68
C ASN A 1671 -5.10 -16.17 -29.85
N ASP A 1672 -4.53 -16.11 -28.65
CA ASP A 1672 -4.48 -14.85 -27.97
C ASP A 1672 -3.22 -14.15 -28.38
N TYR A 1673 -3.40 -13.04 -29.09
CA TYR A 1673 -2.28 -12.25 -29.62
C TYR A 1673 -1.19 -12.00 -28.59
N PHE A 1674 -1.61 -11.70 -27.38
CA PHE A 1674 -0.68 -11.31 -26.34
C PHE A 1674 -0.06 -12.49 -25.64
N LEU A 1675 -0.53 -13.69 -25.97
CA LEU A 1675 0.04 -14.89 -25.43
C LEU A 1675 0.93 -15.53 -26.45
N GLU A 1676 0.60 -15.34 -27.74
CA GLU A 1676 1.50 -15.78 -28.80
C GLU A 1676 2.83 -15.05 -28.59
N ASN A 1677 2.70 -13.78 -28.18
CA ASN A 1677 3.79 -12.90 -27.79
C ASN A 1677 4.81 -13.46 -26.81
N MET A 1678 4.38 -14.41 -25.97
CA MET A 1678 5.23 -14.97 -24.94
C MET A 1678 6.41 -15.73 -25.53
N SER A 1679 6.29 -16.14 -26.80
CA SER A 1679 7.41 -16.78 -27.48
C SER A 1679 8.58 -15.81 -27.67
N ILE A 1680 8.33 -14.51 -27.51
CA ILE A 1680 9.34 -13.47 -27.57
C ILE A 1680 9.71 -13.03 -26.18
N VAL A 1681 8.68 -12.67 -25.43
CA VAL A 1681 8.81 -12.11 -24.10
C VAL A 1681 9.52 -13.07 -23.17
N MET A 1682 9.12 -14.33 -23.17
CA MET A 1682 9.79 -15.29 -22.32
C MET A 1682 11.23 -15.52 -22.77
N ASN A 1683 11.51 -15.29 -24.05
CA ASN A 1683 12.86 -15.46 -24.56
C ASN A 1683 13.57 -14.13 -24.81
N SER A 1684 13.04 -13.03 -24.26
CA SER A 1684 13.59 -11.68 -24.50
C SER A 1684 12.70 -10.60 -23.91
N GLN A 1685 12.74 -10.46 -22.59
CA GLN A 1685 11.96 -9.46 -21.89
C GLN A 1685 12.73 -8.83 -20.76
N ASP A 1686 12.81 -7.50 -20.78
CA ASP A 1686 13.58 -6.76 -19.80
C ASP A 1686 12.79 -6.50 -18.51
N ALA A 1687 11.62 -5.87 -18.63
CA ALA A 1687 10.74 -5.61 -17.49
C ALA A 1687 9.83 -6.81 -17.25
N VAL A 1688 9.44 -7.04 -16.01
CA VAL A 1688 8.56 -8.17 -15.73
C VAL A 1688 7.23 -8.02 -16.46
N PRO A 1689 6.74 -9.05 -17.14
CA PRO A 1689 5.46 -9.18 -17.77
C PRO A 1689 4.42 -9.63 -16.76
N PHE A 1690 3.20 -9.16 -16.90
CA PHE A 1690 2.16 -9.59 -15.97
C PHE A 1690 1.54 -10.86 -16.44
N LEU A 1691 2.09 -11.96 -15.98
CA LEU A 1691 1.62 -13.26 -16.39
C LEU A 1691 0.44 -13.74 -15.57
N LEU A 1692 -0.70 -13.10 -15.80
CA LEU A 1692 -1.94 -13.40 -15.13
C LEU A 1692 -2.53 -14.74 -15.57
N ASP A 1693 -2.61 -15.70 -14.66
CA ASP A 1693 -3.13 -17.00 -15.06
C ASP A 1693 -4.20 -17.67 -14.22
N PRO A 1694 -5.43 -17.18 -14.31
CA PRO A 1694 -6.64 -17.80 -13.79
C PRO A 1694 -7.15 -18.68 -14.93
N SER A 1695 -6.75 -18.31 -16.15
CA SER A 1695 -7.01 -19.02 -17.38
C SER A 1695 -6.07 -20.17 -17.55
N SER A 1696 -4.97 -20.10 -16.82
CA SER A 1696 -3.90 -21.07 -16.91
C SER A 1696 -3.43 -21.27 -18.33
N HIS A 1697 -3.47 -20.20 -19.14
CA HIS A 1697 -2.98 -20.32 -20.50
C HIS A 1697 -1.49 -20.52 -20.48
N MET A 1698 -0.79 -19.67 -19.73
CA MET A 1698 0.64 -19.78 -19.65
C MET A 1698 1.04 -20.73 -18.54
N ILE A 1699 0.17 -20.96 -17.56
CA ILE A 1699 0.47 -22.07 -16.65
C ILE A 1699 0.66 -23.36 -17.42
N THR A 1700 -0.25 -23.60 -18.36
CA THR A 1700 -0.16 -24.76 -19.22
C THR A 1700 1.10 -24.70 -20.07
N VAL A 1701 1.27 -23.59 -20.78
CA VAL A 1701 2.36 -23.45 -21.74
C VAL A 1701 3.74 -23.31 -21.13
N ILE A 1702 3.90 -22.48 -20.11
CA ILE A 1702 5.18 -22.33 -19.45
C ILE A 1702 5.64 -23.63 -18.87
N SER A 1703 4.71 -24.37 -18.23
CA SER A 1703 5.09 -25.65 -17.67
C SER A 1703 5.39 -26.68 -18.75
N ASN A 1704 4.78 -26.54 -19.93
CA ASN A 1704 5.07 -27.44 -21.04
C ASN A 1704 6.39 -27.07 -21.72
N TYR A 1705 6.58 -25.77 -21.94
CA TYR A 1705 7.79 -25.22 -22.54
C TYR A 1705 8.95 -25.60 -21.70
N TYR A 1706 8.76 -25.41 -20.41
CA TYR A 1706 9.67 -25.90 -19.42
C TYR A 1706 9.83 -27.38 -19.68
N GLY A 1707 8.79 -28.15 -19.42
CA GLY A 1707 8.83 -29.57 -19.74
C GLY A 1707 10.01 -30.24 -19.09
N ASN A 1708 10.87 -30.79 -19.94
CA ASN A 1708 12.09 -31.49 -19.55
C ASN A 1708 13.26 -30.56 -19.30
N LYS A 1709 13.04 -29.27 -19.43
CA LYS A 1709 14.08 -28.31 -19.19
C LYS A 1709 14.19 -28.13 -17.70
N THR A 1710 15.36 -27.75 -17.25
CA THR A 1710 15.62 -27.52 -15.84
C THR A 1710 15.16 -26.11 -15.48
N VAL A 1711 15.05 -25.80 -14.19
CA VAL A 1711 14.41 -24.56 -13.72
C VAL A 1711 15.27 -23.22 -13.88
N LEU A 1712 16.03 -22.79 -12.84
CA LEU A 1712 16.95 -21.62 -12.88
C LEU A 1712 18.39 -21.90 -12.47
N LEU A 1713 19.36 -21.54 -13.27
CA LEU A 1713 20.72 -21.70 -12.79
C LEU A 1713 21.80 -21.12 -13.65
N SER A 1714 22.47 -20.22 -13.01
CA SER A 1714 23.63 -19.47 -13.39
C SER A 1714 23.87 -18.88 -12.06
N PHE A 1715 23.17 -17.79 -11.78
CA PHE A 1715 23.11 -17.35 -10.41
C PHE A 1715 22.64 -18.54 -9.57
N LEU A 1716 23.28 -18.72 -8.43
CA LEU A 1716 23.06 -19.89 -7.57
C LEU A 1716 22.86 -19.59 -6.10
N GLU A 1717 23.32 -18.45 -5.63
CA GLU A 1717 23.19 -18.14 -4.21
C GLU A 1717 21.72 -17.89 -3.83
N GLU A 1718 21.30 -18.39 -2.66
CA GLU A 1718 19.90 -18.27 -2.21
C GLU A 1718 19.42 -16.87 -1.86
N GLY A 1719 20.31 -15.91 -1.78
CA GLY A 1719 19.90 -14.55 -1.47
C GLY A 1719 19.26 -14.47 -0.09
N PHE A 1720 18.09 -13.83 -0.05
CA PHE A 1720 17.32 -13.69 1.18
C PHE A 1720 15.97 -14.41 1.11
N VAL A 1721 15.58 -14.84 -0.09
CA VAL A 1721 14.28 -15.46 -0.26
C VAL A 1721 14.42 -16.90 -0.72
N LYS A 1722 14.79 -17.74 0.24
CA LYS A 1722 14.99 -19.16 0.02
C LYS A 1722 13.70 -19.88 -0.33
N ARG A 1723 12.54 -19.32 -0.02
CA ARG A 1723 11.28 -19.97 -0.37
C ARG A 1723 11.09 -19.99 -1.90
N LEU A 1724 11.80 -19.11 -2.60
CA LEU A 1724 11.77 -19.10 -4.03
C LEU A 1724 13.04 -19.67 -4.60
N GLU A 1725 14.18 -19.29 -4.04
CA GLU A 1725 15.46 -19.76 -4.56
C GLU A 1725 15.66 -21.24 -4.37
N ASN A 1726 15.17 -21.80 -3.28
CA ASN A 1726 15.26 -23.23 -3.13
C ASN A 1726 14.36 -23.88 -4.17
N ALA A 1727 13.25 -23.21 -4.48
CA ALA A 1727 12.30 -23.69 -5.45
C ALA A 1727 12.76 -23.49 -6.89
N VAL A 1728 13.71 -22.58 -7.17
CA VAL A 1728 14.06 -22.43 -8.58
C VAL A 1728 15.48 -22.75 -9.00
N ARG A 1729 16.45 -22.84 -8.11
CA ARG A 1729 17.84 -22.98 -8.56
C ARG A 1729 18.29 -24.32 -9.18
N PHE A 1730 17.75 -24.68 -10.36
CA PHE A 1730 18.12 -25.95 -11.02
C PHE A 1730 18.71 -25.86 -12.46
N GLY A 1731 18.29 -24.90 -13.28
CA GLY A 1731 18.86 -24.75 -14.65
C GLY A 1731 18.21 -23.76 -15.69
N SER A 1732 17.54 -24.32 -16.72
CA SER A 1732 17.04 -23.62 -17.93
C SER A 1732 15.78 -22.73 -17.93
N VAL A 1733 14.59 -23.30 -17.73
CA VAL A 1733 13.34 -22.52 -17.83
C VAL A 1733 12.54 -22.37 -16.55
N VAL A 1734 12.28 -21.12 -16.17
CA VAL A 1734 11.44 -20.89 -15.01
C VAL A 1734 11.10 -19.45 -14.80
N ILE A 1735 9.88 -19.24 -14.41
CA ILE A 1735 9.42 -17.95 -13.98
C ILE A 1735 8.83 -18.27 -12.64
N ILE A 1736 8.50 -17.29 -11.81
CA ILE A 1736 7.94 -17.67 -10.52
C ILE A 1736 6.59 -18.31 -10.82
N GLN A 1737 6.68 -19.64 -10.90
CA GLN A 1737 5.71 -20.63 -11.35
C GLN A 1737 4.25 -20.49 -10.97
N ASP A 1738 3.50 -21.41 -11.56
CA ASP A 1738 2.07 -21.50 -11.53
C ASP A 1738 1.45 -21.16 -10.20
N GLY A 1739 0.68 -20.07 -10.15
CA GLY A 1739 -0.05 -19.71 -8.95
C GLY A 1739 0.80 -19.10 -7.83
N GLU A 1740 2.10 -18.91 -8.08
CA GLU A 1740 2.99 -18.37 -7.06
C GLU A 1740 2.85 -16.87 -6.90
N PHE A 1741 1.74 -16.48 -6.30
CA PHE A 1741 1.38 -15.11 -6.05
C PHE A 1741 2.32 -14.42 -5.09
N PHE A 1742 2.57 -13.15 -5.41
CA PHE A 1742 3.43 -12.24 -4.68
C PHE A 1742 3.57 -12.57 -3.22
N ASP A 1743 2.63 -12.13 -2.39
CA ASP A 1743 2.81 -12.25 -0.96
C ASP A 1743 3.30 -13.65 -0.47
N PRO A 1744 2.70 -14.77 -0.91
CA PRO A 1744 3.12 -16.14 -0.63
C PRO A 1744 4.52 -16.51 -1.09
N ILE A 1745 4.96 -15.92 -2.21
CA ILE A 1745 6.26 -16.28 -2.80
C ILE A 1745 7.25 -15.15 -3.05
N ILE A 1746 6.78 -14.03 -3.58
CA ILE A 1746 7.67 -12.97 -3.99
C ILE A 1746 7.76 -11.87 -2.94
N SER A 1747 8.99 -11.56 -2.58
CA SER A 1747 9.25 -10.53 -1.62
C SER A 1747 9.57 -9.19 -2.24
N ARG A 1748 9.44 -8.16 -1.41
CA ARG A 1748 9.76 -6.81 -1.82
C ARG A 1748 11.28 -6.67 -1.95
N LEU A 1749 12.02 -7.59 -1.32
CA LEU A 1749 13.46 -7.66 -1.47
C LEU A 1749 13.80 -7.99 -2.91
N ILE A 1750 13.00 -8.92 -3.48
CA ILE A 1750 13.17 -9.33 -4.87
C ILE A 1750 12.91 -8.19 -5.82
N SER A 1751 11.90 -7.36 -5.54
CA SER A 1751 11.64 -6.23 -6.45
C SER A 1751 12.89 -5.34 -6.64
N ARG A 1752 13.83 -5.39 -5.69
CA ARG A 1752 15.07 -4.66 -5.78
C ARG A 1752 16.12 -5.51 -6.53
N GLU A 1753 16.41 -6.68 -5.93
CA GLU A 1753 17.45 -7.60 -6.41
C GLU A 1753 17.20 -8.18 -7.80
N PHE A 1754 15.94 -8.25 -8.20
CA PHE A 1754 15.54 -8.69 -9.53
C PHE A 1754 16.23 -7.86 -10.60
N ASN A 1755 16.31 -6.55 -10.38
CA ASN A 1755 16.90 -5.66 -11.36
C ASN A 1755 18.41 -5.84 -11.36
N HIS A 1756 18.99 -5.95 -10.17
CA HIS A 1756 20.42 -6.16 -10.04
C HIS A 1756 20.79 -6.56 -8.62
N ALA A 1757 21.91 -7.26 -8.43
CA ALA A 1757 22.29 -7.70 -7.08
C ALA A 1757 23.76 -8.11 -6.96
N GLY A 1758 24.62 -7.12 -6.69
CA GLY A 1758 26.05 -7.34 -6.54
C GLY A 1758 26.42 -7.87 -5.15
N ASN A 1759 25.43 -7.95 -4.27
CA ASN A 1759 25.60 -8.48 -2.93
C ASN A 1759 25.58 -9.99 -2.92
N ARG A 1760 25.21 -10.59 -4.04
CA ARG A 1760 25.18 -12.03 -4.17
C ARG A 1760 26.04 -12.38 -5.37
N VAL A 1761 25.86 -11.65 -6.47
CA VAL A 1761 26.76 -11.81 -7.59
C VAL A 1761 27.92 -10.92 -7.31
N THR A 1762 28.87 -11.46 -6.54
CA THR A 1762 30.01 -10.73 -6.06
C THR A 1762 30.63 -9.77 -7.06
N VAL A 1763 31.05 -8.65 -6.51
CA VAL A 1763 31.70 -7.58 -7.24
C VAL A 1763 33.00 -8.06 -7.86
N GLU A 1764 33.52 -9.16 -7.33
CA GLU A 1764 34.71 -9.82 -7.83
C GLU A 1764 34.50 -10.30 -9.26
N ILE A 1765 33.26 -10.69 -9.57
CA ILE A 1765 32.91 -11.03 -10.92
C ILE A 1765 32.96 -9.74 -11.72
N GLY A 1766 32.39 -8.71 -11.12
CA GLY A 1766 32.37 -7.37 -11.70
C GLY A 1766 30.97 -7.01 -12.15
N ASP A 1767 30.18 -8.02 -12.43
CA ASP A 1767 28.81 -7.84 -12.86
C ASP A 1767 27.93 -7.72 -11.64
N HIS A 1768 27.49 -6.50 -11.32
CA HIS A 1768 26.65 -6.32 -10.14
C HIS A 1768 25.18 -6.67 -10.41
N GLU A 1769 24.85 -7.06 -11.65
CA GLU A 1769 23.49 -7.47 -11.97
C GLU A 1769 23.35 -8.95 -11.70
N VAL A 1770 22.21 -9.35 -11.16
CA VAL A 1770 21.97 -10.74 -10.85
C VAL A 1770 22.07 -11.58 -12.13
N ASP A 1771 22.75 -12.71 -12.06
CA ASP A 1771 22.94 -13.53 -13.25
C ASP A 1771 21.75 -14.40 -13.57
N VAL A 1772 20.74 -13.77 -14.16
CA VAL A 1772 19.54 -14.49 -14.55
C VAL A 1772 19.15 -14.22 -15.99
N SER A 1773 19.06 -15.27 -16.80
CA SER A 1773 18.69 -15.17 -18.20
C SER A 1773 17.19 -15.06 -18.35
N GLY A 1774 16.74 -14.63 -19.52
CA GLY A 1774 15.32 -14.49 -19.82
C GLY A 1774 14.56 -15.79 -19.67
N ASP A 1775 15.14 -16.90 -20.15
CA ASP A 1775 14.50 -18.21 -20.07
C ASP A 1775 14.24 -18.62 -18.63
N PHE A 1776 15.14 -18.26 -17.72
CA PHE A 1776 14.88 -18.54 -16.32
C PHE A 1776 14.74 -17.27 -15.51
N LYS A 1777 14.19 -16.23 -16.14
CA LYS A 1777 13.97 -14.96 -15.46
C LYS A 1777 12.65 -15.03 -14.72
N LEU A 1778 12.74 -14.77 -13.43
CA LEU A 1778 11.67 -14.95 -12.48
C LEU A 1778 10.49 -13.98 -12.54
N PHE A 1779 9.64 -14.20 -13.55
CA PHE A 1779 8.39 -13.47 -13.81
C PHE A 1779 7.28 -14.06 -12.91
N ILE A 1780 6.10 -13.47 -12.77
CA ILE A 1780 5.16 -14.05 -11.78
C ILE A 1780 3.80 -14.57 -12.31
N HIS A 1781 3.47 -15.87 -12.10
CA HIS A 1781 2.14 -16.39 -12.47
C HIS A 1781 1.08 -16.10 -11.43
N SER A 1782 0.75 -14.82 -11.30
CA SER A 1782 -0.30 -14.37 -10.43
C SER A 1782 -1.62 -14.78 -11.02
N CYS A 1783 -2.58 -15.10 -10.19
CA CYS A 1783 -3.89 -15.43 -10.68
C CYS A 1783 -4.86 -14.33 -10.25
N ASP A 1784 -4.28 -13.21 -9.78
CA ASP A 1784 -5.00 -12.03 -9.35
C ASP A 1784 -4.75 -10.90 -10.32
N PRO A 1785 -5.73 -10.51 -11.15
CA PRO A 1785 -5.74 -9.44 -12.15
C PRO A 1785 -5.25 -8.11 -11.61
N SER A 1786 -5.42 -7.90 -10.31
CA SER A 1786 -4.97 -6.70 -9.66
C SER A 1786 -3.85 -7.07 -8.70
N GLY A 1787 -3.03 -8.03 -9.13
CA GLY A 1787 -1.93 -8.58 -8.35
C GLY A 1787 -1.01 -7.55 -7.74
N ASP A 1788 -0.37 -7.93 -6.65
CA ASP A 1788 0.51 -7.04 -5.89
C ASP A 1788 1.82 -6.77 -6.59
N ILE A 1789 1.75 -5.93 -7.59
CA ILE A 1789 2.92 -5.48 -8.29
C ILE A 1789 3.20 -4.10 -7.71
N PRO A 1790 4.39 -3.87 -7.14
CA PRO A 1790 4.84 -2.62 -6.57
C PRO A 1790 4.51 -1.55 -7.57
N ILE A 1791 3.95 -0.45 -7.11
CA ILE A 1791 3.42 0.58 -8.01
C ILE A 1791 4.35 1.02 -9.13
N PHE A 1792 5.63 1.22 -8.86
CA PHE A 1792 6.50 1.58 -9.96
C PHE A 1792 6.64 0.43 -10.94
N LEU A 1793 6.65 -0.81 -10.42
CA LEU A 1793 6.69 -1.97 -11.30
C LEU A 1793 5.33 -2.20 -11.93
N ARG A 1794 4.27 -1.75 -11.28
CA ARG A 1794 2.93 -1.86 -11.81
C ARG A 1794 2.83 -1.02 -13.06
N SER A 1795 3.54 0.11 -13.05
CA SER A 1795 3.68 0.97 -14.22
C SER A 1795 4.81 0.53 -15.16
N ARG A 1796 5.77 -0.24 -14.65
CA ARG A 1796 6.90 -0.75 -15.44
C ARG A 1796 6.81 -2.27 -15.60
N VAL A 1797 5.76 -2.70 -16.31
CA VAL A 1797 5.44 -4.10 -16.50
C VAL A 1797 4.86 -4.37 -17.88
N ARG A 1798 5.25 -5.48 -18.48
CA ARG A 1798 4.61 -5.89 -19.74
C ARG A 1798 3.32 -6.56 -19.41
N LEU A 1799 2.27 -5.79 -19.14
CA LEU A 1799 1.02 -6.41 -18.80
C LEU A 1799 0.64 -7.43 -19.84
N VAL A 1800 0.71 -8.71 -19.52
CA VAL A 1800 0.38 -9.67 -20.55
C VAL A 1800 -1.09 -9.87 -20.50
N HIS A 1801 -1.70 -9.80 -21.66
CA HIS A 1801 -3.13 -9.90 -21.67
C HIS A 1801 -3.53 -11.34 -21.92
N PHE A 1802 -4.37 -11.83 -21.03
CA PHE A 1802 -4.90 -13.18 -21.11
C PHE A 1802 -6.36 -13.09 -21.45
N VAL A 1803 -6.68 -12.08 -22.25
CA VAL A 1803 -8.02 -11.88 -22.71
C VAL A 1803 -8.27 -12.93 -23.73
N THR A 1804 -8.72 -14.08 -23.24
CA THR A 1804 -8.97 -15.24 -24.06
C THR A 1804 -9.79 -14.76 -25.25
N ASN A 1805 -9.11 -14.56 -26.37
CA ASN A 1805 -9.75 -14.06 -27.57
C ASN A 1805 -10.72 -15.10 -28.04
N LYS A 1806 -11.69 -14.68 -28.85
CA LYS A 1806 -12.71 -15.60 -29.32
C LYS A 1806 -12.10 -16.83 -29.99
N GLU A 1807 -11.03 -16.62 -30.74
CA GLU A 1807 -10.32 -17.73 -31.33
C GLU A 1807 -9.62 -18.59 -30.27
N SER A 1808 -9.25 -17.99 -29.13
CA SER A 1808 -8.68 -18.75 -28.03
C SER A 1808 -9.77 -19.43 -27.24
N ILE A 1809 -10.96 -18.82 -27.20
CA ILE A 1809 -12.06 -19.41 -26.46
C ILE A 1809 -12.44 -20.68 -27.14
N GLU A 1810 -12.72 -20.58 -28.44
CA GLU A 1810 -13.08 -21.75 -29.19
C GLU A 1810 -11.94 -22.73 -29.27
N THR A 1811 -10.69 -22.24 -29.24
CA THR A 1811 -9.53 -23.13 -29.28
C THR A 1811 -9.36 -23.93 -28.01
N ARG A 1812 -9.57 -23.32 -26.84
CA ARG A 1812 -9.50 -24.08 -25.61
C ARG A 1812 -10.63 -25.09 -25.58
N ILE A 1813 -11.77 -24.70 -26.13
CA ILE A 1813 -12.85 -25.63 -26.24
C ILE A 1813 -12.54 -26.67 -27.29
N PHE A 1814 -11.81 -26.27 -28.36
CA PHE A 1814 -11.40 -27.23 -29.37
C PHE A 1814 -10.56 -28.26 -28.70
N ASP A 1815 -9.64 -27.82 -27.86
CA ASP A 1815 -8.73 -28.70 -27.14
C ASP A 1815 -9.50 -29.72 -26.33
N ILE A 1816 -10.58 -29.29 -25.70
CA ILE A 1816 -11.44 -30.20 -24.96
C ILE A 1816 -12.11 -31.18 -25.93
N THR A 1817 -12.64 -30.65 -27.03
CA THR A 1817 -13.31 -31.47 -28.03
C THR A 1817 -12.34 -32.29 -28.89
N LEU A 1818 -11.07 -31.92 -28.91
CA LEU A 1818 -10.07 -32.67 -29.64
C LEU A 1818 -9.76 -34.00 -28.99
N THR A 1819 -10.20 -34.19 -27.73
CA THR A 1819 -10.02 -35.44 -27.04
C THR A 1819 -10.94 -36.49 -27.66
N GLU A 1820 -11.90 -36.03 -28.49
CA GLU A 1820 -12.78 -36.88 -29.24
C GLU A 1820 -11.99 -37.83 -30.15
N GLU A 1821 -10.80 -37.41 -30.64
CA GLU A 1821 -10.05 -38.27 -31.55
C GLU A 1821 -8.67 -37.75 -32.02
N ASN A 1822 -8.53 -36.46 -32.33
CA ASN A 1822 -7.28 -36.01 -32.96
C ASN A 1822 -6.52 -34.84 -32.33
N ALA A 1823 -6.44 -34.80 -31.01
CA ALA A 1823 -5.73 -33.72 -30.33
C ALA A 1823 -4.26 -33.64 -30.70
N GLU A 1824 -3.64 -34.79 -30.89
CA GLU A 1824 -2.22 -34.88 -31.19
C GLU A 1824 -1.83 -34.25 -32.50
N MET A 1825 -2.79 -34.03 -33.39
CA MET A 1825 -2.51 -33.49 -34.71
C MET A 1825 -2.08 -32.05 -34.59
N GLN A 1826 -2.57 -31.36 -33.55
CA GLN A 1826 -2.26 -29.98 -33.29
C GLN A 1826 -0.76 -29.86 -33.01
N ARG A 1827 -0.30 -30.74 -32.11
CA ARG A 1827 1.10 -30.79 -31.71
C ARG A 1827 2.01 -31.22 -32.84
N LYS A 1828 1.54 -32.21 -33.61
CA LYS A 1828 2.32 -32.74 -34.71
C LYS A 1828 2.62 -31.69 -35.76
N ARG A 1829 1.66 -30.85 -36.13
CA ARG A 1829 1.98 -29.83 -37.12
C ARG A 1829 3.00 -28.84 -36.63
N GLU A 1830 2.94 -28.48 -35.36
CA GLU A 1830 3.89 -27.54 -34.79
C GLU A 1830 5.31 -28.08 -34.87
N ASP A 1831 5.45 -29.38 -34.62
CA ASP A 1831 6.73 -30.05 -34.76
C ASP A 1831 7.20 -29.97 -36.22
N LEU A 1832 6.24 -30.18 -37.11
CA LEU A 1832 6.44 -30.17 -38.54
C LEU A 1832 6.72 -28.77 -39.10
N ILE A 1833 6.21 -27.73 -38.47
CA ILE A 1833 6.56 -26.38 -38.87
C ILE A 1833 8.03 -26.17 -38.64
N LYS A 1834 8.51 -26.64 -37.49
CA LYS A 1834 9.92 -26.57 -37.18
C LYS A 1834 10.71 -27.46 -38.15
N LEU A 1835 10.14 -28.63 -38.52
CA LEU A 1835 10.76 -29.56 -39.48
C LEU A 1835 11.16 -28.87 -40.77
N ASN A 1836 10.34 -27.91 -41.22
CA ASN A 1836 10.62 -27.15 -42.43
C ASN A 1836 11.90 -26.34 -42.39
N THR A 1837 12.41 -26.05 -41.19
CA THR A 1837 13.58 -25.20 -41.03
C THR A 1837 14.89 -25.99 -41.10
N GLU A 1838 14.79 -27.32 -41.20
CA GLU A 1838 15.98 -28.17 -41.24
C GLU A 1838 16.93 -27.91 -42.37
N TYR A 1839 16.45 -27.33 -43.44
CA TYR A 1839 17.26 -27.25 -44.61
C TYR A 1839 17.88 -25.91 -44.88
N ARG A 1840 17.93 -25.05 -43.87
CA ARG A 1840 18.60 -23.77 -44.02
C ARG A 1840 20.07 -23.96 -44.35
N LEU A 1841 20.65 -25.04 -43.81
CA LEU A 1841 22.05 -25.34 -44.01
C LEU A 1841 22.35 -25.98 -45.34
N LYS A 1842 21.34 -26.32 -46.12
CA LYS A 1842 21.61 -26.88 -47.42
C LYS A 1842 22.09 -25.76 -48.34
N LEU A 1843 21.76 -24.52 -47.96
CA LEU A 1843 22.16 -23.36 -48.71
C LEU A 1843 23.28 -22.62 -47.97
N LYS A 1844 23.18 -22.53 -46.65
CA LYS A 1844 24.20 -21.84 -45.86
C LYS A 1844 25.55 -22.53 -45.97
N ASN A 1845 25.55 -23.85 -46.07
CA ASN A 1845 26.79 -24.55 -46.23
C ASN A 1845 27.40 -24.27 -47.60
N LEU A 1846 26.60 -23.83 -48.58
CA LEU A 1846 27.16 -23.51 -49.88
C LEU A 1846 28.03 -22.30 -49.74
N GLU A 1847 27.55 -21.35 -48.95
CA GLU A 1847 28.33 -20.14 -48.72
C GLU A 1847 29.63 -20.50 -48.05
N LYS A 1848 29.56 -21.40 -47.08
CA LYS A 1848 30.74 -21.87 -46.38
C LYS A 1848 31.71 -22.56 -47.35
N ARG A 1849 31.14 -23.32 -48.28
CA ARG A 1849 31.88 -24.05 -49.30
C ARG A 1849 32.17 -23.22 -50.57
N LEU A 1850 31.82 -21.93 -50.54
CA LEU A 1850 32.10 -21.02 -51.64
C LEU A 1850 32.92 -19.84 -51.13
N LEU A 1851 33.87 -20.09 -50.24
CA LEU A 1851 34.65 -19.04 -49.63
C LEU A 1851 35.99 -18.58 -50.28
N GLU A 1852 36.63 -19.40 -51.13
CA GLU A 1852 38.02 -19.05 -51.52
C GLU A 1852 38.48 -18.74 -52.98
N GLU A 1853 37.89 -19.34 -54.01
CA GLU A 1853 38.52 -19.25 -55.35
C GLU A 1853 38.11 -18.15 -56.36
N LEU A 1854 37.26 -17.19 -55.99
CA LEU A 1854 36.85 -16.14 -56.94
C LEU A 1854 38.00 -15.46 -57.65
N ASN A 1855 39.07 -15.20 -56.91
CA ASN A 1855 40.22 -14.46 -57.41
C ASN A 1855 41.05 -15.18 -58.48
N ASN A 1856 40.71 -16.43 -58.80
CA ASN A 1856 41.37 -17.14 -59.86
C ASN A 1856 40.49 -17.20 -61.11
N SER A 1857 39.40 -16.40 -61.12
CA SER A 1857 38.45 -16.43 -62.24
C SER A 1857 39.07 -15.99 -63.54
N GLN A 1858 39.26 -16.96 -64.41
CA GLN A 1858 39.78 -16.74 -65.75
C GLN A 1858 38.91 -17.43 -66.79
N GLY A 1859 37.76 -17.95 -66.35
CA GLY A 1859 36.86 -18.67 -67.25
C GLY A 1859 37.22 -20.16 -67.28
N ASN A 1860 38.05 -20.59 -66.32
CA ASN A 1860 38.49 -21.98 -66.24
C ASN A 1860 37.79 -22.71 -65.10
N MET A 1861 36.58 -22.28 -64.79
CA MET A 1861 35.78 -22.85 -63.72
C MET A 1861 35.42 -24.31 -63.92
N LEU A 1862 35.38 -24.75 -65.18
CA LEU A 1862 35.08 -26.13 -65.53
C LEU A 1862 36.34 -26.99 -65.57
N GLU A 1863 37.51 -26.38 -65.32
CA GLU A 1863 38.77 -27.08 -65.39
C GLU A 1863 39.22 -27.61 -64.03
N ASN A 1864 38.36 -27.55 -63.03
CA ASN A 1864 38.72 -28.08 -61.73
C ASN A 1864 37.51 -28.47 -60.91
N ASP A 1865 37.76 -29.27 -59.88
CA ASP A 1865 36.71 -29.83 -59.05
C ASP A 1865 36.31 -28.96 -57.89
N GLU A 1866 36.80 -27.71 -57.86
CA GLU A 1866 36.36 -26.79 -56.83
C GLU A 1866 34.92 -26.42 -57.13
N LEU A 1867 34.55 -26.52 -58.41
CA LEU A 1867 33.20 -26.30 -58.83
C LEU A 1867 32.27 -27.39 -58.31
N MET A 1868 32.59 -28.64 -58.67
CA MET A 1868 31.75 -29.78 -58.34
C MET A 1868 31.71 -30.12 -56.86
N VAL A 1869 32.79 -29.89 -56.14
CA VAL A 1869 32.81 -30.21 -54.71
C VAL A 1869 31.74 -29.45 -53.90
N THR A 1870 31.22 -28.33 -54.44
CA THR A 1870 30.21 -27.59 -53.71
C THR A 1870 28.83 -27.66 -54.38
N LEU A 1871 28.77 -27.45 -55.69
CA LEU A 1871 27.46 -27.40 -56.33
C LEU A 1871 26.97 -28.73 -56.89
N ASN A 1872 27.83 -29.73 -57.02
CA ASN A 1872 27.34 -31.04 -57.44
C ASN A 1872 26.58 -31.64 -56.26
N ASN A 1873 26.94 -31.20 -55.05
CA ASN A 1873 26.26 -31.59 -53.84
C ASN A 1873 24.88 -30.93 -53.78
N LEU A 1874 24.83 -29.63 -54.13
CA LEU A 1874 23.56 -28.89 -54.20
C LEU A 1874 22.52 -29.58 -55.05
N LYS A 1875 22.94 -30.22 -56.12
CA LYS A 1875 22.03 -30.96 -56.99
C LYS A 1875 21.15 -31.96 -56.19
N LYS A 1876 21.67 -32.48 -55.08
CA LYS A 1876 20.93 -33.40 -54.24
C LYS A 1876 20.47 -32.73 -52.94
N GLU A 1877 21.22 -31.74 -52.46
CA GLU A 1877 20.86 -31.03 -51.24
C GLU A 1877 19.61 -30.21 -51.45
N ALA A 1878 19.41 -29.73 -52.67
CA ALA A 1878 18.19 -29.02 -53.04
C ALA A 1878 16.99 -29.95 -52.90
N MET A 1879 17.20 -31.22 -53.26
CA MET A 1879 16.13 -32.21 -53.14
C MET A 1879 15.90 -32.50 -51.67
N ASN A 1880 16.98 -32.47 -50.89
CA ASN A 1880 16.87 -32.65 -49.47
C ASN A 1880 16.06 -31.53 -48.87
N ILE A 1881 16.21 -30.31 -49.41
CA ILE A 1881 15.43 -29.18 -48.92
C ILE A 1881 13.95 -29.49 -49.00
N GLU A 1882 13.55 -30.09 -50.11
CA GLU A 1882 12.17 -30.48 -50.34
C GLU A 1882 11.67 -31.63 -49.47
N LYS A 1883 12.52 -32.61 -49.18
CA LYS A 1883 12.11 -33.82 -48.43
C LYS A 1883 11.31 -33.59 -47.14
N LYS A 1884 11.96 -33.40 -45.99
CA LYS A 1884 11.18 -33.28 -44.77
C LYS A 1884 10.31 -32.05 -44.74
N LEU A 1885 10.72 -31.03 -45.48
CA LEU A 1885 9.96 -29.82 -45.57
C LEU A 1885 8.58 -30.12 -46.14
N SER A 1886 8.56 -30.80 -47.28
CA SER A 1886 7.31 -31.15 -47.92
C SER A 1886 6.52 -32.14 -47.10
N GLU A 1887 7.19 -32.98 -46.32
CA GLU A 1887 6.43 -33.89 -45.46
C GLU A 1887 5.60 -33.12 -44.50
N SER A 1888 6.20 -32.08 -43.91
CA SER A 1888 5.48 -31.28 -42.94
C SER A 1888 4.25 -30.68 -43.57
N GLU A 1889 4.40 -30.30 -44.83
CA GLU A 1889 3.34 -29.66 -45.58
C GLU A 1889 2.28 -30.64 -46.00
N GLU A 1890 2.65 -31.88 -46.24
CA GLU A 1890 1.66 -32.90 -46.57
C GLU A 1890 0.82 -33.22 -45.35
N PHE A 1891 1.44 -33.19 -44.19
CA PHE A 1891 0.75 -33.44 -42.94
C PHE A 1891 -0.13 -32.29 -42.51
N PHE A 1892 0.33 -31.07 -42.77
CA PHE A 1892 -0.37 -29.85 -42.41
C PHE A 1892 -1.90 -29.84 -42.60
N PRO A 1893 -2.45 -29.86 -43.83
CA PRO A 1893 -3.88 -29.80 -44.12
C PRO A 1893 -4.62 -31.01 -43.57
N GLN A 1894 -3.91 -32.12 -43.42
CA GLN A 1894 -4.49 -33.33 -42.89
C GLN A 1894 -4.85 -33.10 -41.45
N PHE A 1895 -3.95 -32.43 -40.75
CA PHE A 1895 -4.12 -32.14 -39.35
C PHE A 1895 -5.15 -31.03 -39.15
N ASP A 1896 -5.14 -30.04 -40.05
CA ASP A 1896 -6.07 -28.92 -40.00
C ASP A 1896 -7.51 -29.37 -40.07
N ASN A 1897 -7.77 -30.35 -40.93
CA ASN A 1897 -9.11 -30.91 -41.13
C ASN A 1897 -9.62 -31.71 -39.93
N LEU A 1898 -8.76 -31.94 -38.94
CA LEU A 1898 -9.15 -32.69 -37.78
C LEU A 1898 -9.32 -31.78 -36.56
N VAL A 1899 -9.11 -30.47 -36.74
CA VAL A 1899 -9.25 -29.50 -35.65
C VAL A 1899 -10.39 -28.52 -35.89
N GLU A 1900 -10.36 -27.88 -37.07
CA GLU A 1900 -11.37 -26.88 -37.46
C GLU A 1900 -12.80 -27.36 -37.31
N GLU A 1901 -13.03 -28.64 -37.54
CA GLU A 1901 -14.35 -29.27 -37.47
C GLU A 1901 -15.14 -29.01 -36.19
N TYR A 1902 -14.48 -28.59 -35.10
CA TYR A 1902 -15.18 -28.36 -33.87
C TYR A 1902 -15.69 -26.93 -33.73
N SER A 1903 -15.46 -26.07 -34.75
CA SER A 1903 -15.92 -24.69 -34.73
C SER A 1903 -17.43 -24.59 -34.75
N ILE A 1904 -18.09 -25.66 -35.18
CA ILE A 1904 -19.53 -25.78 -35.12
C ILE A 1904 -20.08 -25.57 -33.70
N ILE A 1905 -19.28 -25.92 -32.69
CA ILE A 1905 -19.62 -25.74 -31.29
C ILE A 1905 -18.59 -24.85 -30.59
N GLY A 1906 -17.45 -24.65 -31.22
CA GLY A 1906 -16.43 -23.75 -30.71
C GLY A 1906 -16.94 -22.33 -30.76
N LYS A 1907 -17.62 -21.99 -31.85
CA LYS A 1907 -18.18 -20.65 -31.99
C LYS A 1907 -19.36 -20.48 -31.04
N HIS A 1908 -20.02 -21.58 -30.71
CA HIS A 1908 -21.10 -21.53 -29.74
C HIS A 1908 -20.52 -21.21 -28.38
N SER A 1909 -19.38 -21.83 -28.06
CA SER A 1909 -18.74 -21.60 -26.77
C SER A 1909 -18.23 -20.18 -26.67
N VAL A 1910 -17.92 -19.55 -27.80
CA VAL A 1910 -17.55 -18.15 -27.79
C VAL A 1910 -18.70 -17.31 -27.29
N LYS A 1911 -19.90 -17.58 -27.82
CA LYS A 1911 -21.08 -16.87 -27.38
C LYS A 1911 -21.40 -17.21 -25.93
N ILE A 1912 -21.21 -18.48 -25.57
CA ILE A 1912 -21.47 -18.93 -24.22
C ILE A 1912 -20.52 -18.25 -23.26
N PHE A 1913 -19.28 -18.06 -23.68
CA PHE A 1913 -18.35 -17.35 -22.84
C PHE A 1913 -18.81 -15.91 -22.67
N SER A 1914 -19.34 -15.29 -23.72
CA SER A 1914 -19.84 -13.94 -23.52
C SER A 1914 -21.07 -13.96 -22.61
N MET A 1915 -21.81 -15.08 -22.57
CA MET A 1915 -22.90 -15.24 -21.63
C MET A 1915 -22.30 -15.21 -20.23
N LEU A 1916 -21.21 -15.97 -20.04
CA LEU A 1916 -20.44 -16.01 -18.79
C LEU A 1916 -20.04 -14.62 -18.34
N GLU A 1917 -19.55 -13.82 -19.27
CA GLU A 1917 -19.16 -12.46 -18.98
C GLU A 1917 -20.34 -11.64 -18.48
N LYS A 1918 -21.53 -11.87 -19.05
CA LYS A 1918 -22.72 -11.19 -18.57
C LYS A 1918 -23.20 -11.77 -17.25
N PHE A 1919 -22.99 -13.07 -17.07
CA PHE A 1919 -23.37 -13.71 -15.82
C PHE A 1919 -22.53 -13.11 -14.71
N GLY A 1920 -21.26 -12.81 -15.04
CA GLY A 1920 -20.30 -12.22 -14.12
C GLY A 1920 -20.57 -10.78 -13.77
N GLN A 1921 -21.63 -10.21 -14.33
CA GLN A 1921 -22.01 -8.88 -13.95
C GLN A 1921 -22.84 -8.98 -12.69
N PHE A 1922 -23.22 -10.21 -12.32
CA PHE A 1922 -23.96 -10.42 -11.09
C PHE A 1922 -23.00 -10.60 -9.92
N HIS A 1923 -22.21 -9.57 -9.71
CA HIS A 1923 -21.28 -9.42 -8.62
C HIS A 1923 -20.36 -10.62 -8.45
N TRP A 1924 -20.39 -11.19 -7.25
CA TRP A 1924 -19.60 -12.34 -6.90
C TRP A 1924 -20.47 -13.53 -6.86
N PHE A 1925 -21.72 -13.37 -7.27
CA PHE A 1925 -22.61 -14.48 -7.18
C PHE A 1925 -22.15 -15.36 -8.27
N TYR A 1926 -21.96 -14.72 -9.39
CA TYR A 1926 -21.36 -15.40 -10.49
C TYR A 1926 -19.92 -14.99 -10.63
N GLY A 1927 -19.07 -15.54 -9.79
CA GLY A 1927 -17.65 -15.28 -9.90
C GLY A 1927 -16.95 -16.43 -10.63
N ILE A 1928 -17.75 -17.29 -11.25
CA ILE A 1928 -17.23 -18.44 -11.97
C ILE A 1928 -16.49 -17.97 -13.22
N SER A 1929 -15.25 -18.41 -13.39
CA SER A 1929 -14.47 -17.92 -14.51
C SER A 1929 -14.06 -19.01 -15.52
N ILE A 1930 -13.11 -18.65 -16.38
CA ILE A 1930 -12.56 -19.47 -17.45
C ILE A 1930 -12.01 -20.83 -17.06
N GLY A 1931 -11.44 -20.96 -15.87
CA GLY A 1931 -10.96 -22.26 -15.46
C GLY A 1931 -12.15 -23.20 -15.32
N GLN A 1932 -13.21 -22.70 -14.69
CA GLN A 1932 -14.41 -23.46 -14.50
C GLN A 1932 -15.13 -23.62 -15.79
N PHE A 1933 -15.07 -22.60 -16.64
CA PHE A 1933 -15.70 -22.62 -17.95
C PHE A 1933 -15.16 -23.80 -18.73
N LEU A 1934 -13.84 -23.92 -18.75
CA LEU A 1934 -13.24 -25.02 -19.45
C LEU A 1934 -13.60 -26.32 -18.76
N SER A 1935 -13.63 -26.32 -17.43
CA SER A 1935 -14.01 -27.51 -16.68
C SER A 1935 -15.48 -27.86 -16.90
N CYS A 1936 -16.32 -26.83 -17.06
CA CYS A 1936 -17.73 -26.97 -17.34
C CYS A 1936 -17.90 -27.69 -18.64
N PHE A 1937 -17.18 -27.23 -19.67
CA PHE A 1937 -17.22 -27.88 -20.96
C PHE A 1937 -16.59 -29.26 -20.89
N LYS A 1938 -15.59 -29.44 -20.04
CA LYS A 1938 -15.07 -30.78 -19.84
C LYS A 1938 -16.18 -31.65 -19.24
N ARG A 1939 -17.05 -31.08 -18.40
CA ARG A 1939 -18.18 -31.86 -17.93
C ARG A 1939 -19.19 -32.05 -19.04
N VAL A 1940 -19.37 -31.06 -19.91
CA VAL A 1940 -20.27 -31.22 -21.03
C VAL A 1940 -19.91 -32.40 -21.87
N PHE A 1941 -18.64 -32.45 -22.27
CA PHE A 1941 -18.18 -33.45 -23.20
C PHE A 1941 -17.82 -34.76 -22.50
N ILE A 1942 -17.46 -34.69 -21.21
CA ILE A 1942 -17.10 -35.89 -20.49
C ILE A 1942 -18.09 -36.21 -19.37
N LYS A 1943 -18.07 -35.39 -18.32
CA LYS A 1943 -18.83 -35.68 -17.09
C LYS A 1943 -20.29 -35.21 -17.07
N LYS A 1944 -21.07 -35.70 -18.02
CA LYS A 1944 -22.50 -35.42 -18.09
C LYS A 1944 -23.24 -36.53 -18.85
N SER A 1945 -23.63 -36.26 -20.09
CA SER A 1945 -24.41 -37.16 -20.91
C SER A 1945 -23.61 -37.80 -22.01
N ARG A 1946 -24.01 -39.00 -22.36
CA ARG A 1946 -23.33 -39.76 -23.39
C ARG A 1946 -23.65 -39.24 -24.79
N GLU A 1947 -24.63 -38.33 -24.90
CA GLU A 1947 -25.01 -37.76 -26.18
C GLU A 1947 -24.27 -36.45 -26.50
N THR A 1948 -23.25 -36.12 -25.71
CA THR A 1948 -22.48 -34.91 -25.95
C THR A 1948 -21.20 -35.16 -26.72
N ARG A 1949 -21.11 -36.28 -27.45
CA ARG A 1949 -19.89 -36.53 -28.23
C ARG A 1949 -19.67 -35.36 -29.14
N ALA A 1950 -18.44 -34.84 -29.17
CA ALA A 1950 -18.11 -33.62 -29.90
C ALA A 1950 -18.37 -33.72 -31.40
N ALA A 1951 -18.29 -34.92 -31.96
CA ALA A 1951 -18.50 -35.13 -33.38
C ALA A 1951 -19.90 -34.73 -33.86
N ARG A 1952 -19.91 -33.99 -34.96
CA ARG A 1952 -21.12 -33.53 -35.64
C ARG A 1952 -21.69 -34.72 -36.43
N THR A 1953 -22.97 -35.07 -36.14
CA THR A 1953 -24.03 -34.07 -35.92
C THR A 1953 -24.63 -34.09 -34.52
N ARG A 1954 -23.86 -34.53 -33.52
CA ARG A 1954 -24.36 -34.51 -32.16
C ARG A 1954 -24.51 -33.10 -31.66
N VAL A 1955 -23.88 -32.15 -32.35
CA VAL A 1955 -23.90 -30.73 -32.04
C VAL A 1955 -25.26 -30.15 -31.72
N ASP A 1956 -26.34 -30.71 -32.27
CA ASP A 1956 -27.66 -30.20 -31.91
C ASP A 1956 -27.96 -30.61 -30.49
N GLU A 1957 -27.68 -31.87 -30.20
CA GLU A 1957 -27.89 -32.42 -28.89
C GLU A 1957 -26.85 -31.86 -27.94
N ILE A 1958 -25.61 -31.68 -28.40
CA ILE A 1958 -24.56 -31.11 -27.59
C ILE A 1958 -24.98 -29.77 -27.13
N LEU A 1959 -25.52 -28.98 -28.06
CA LEU A 1959 -25.98 -27.64 -27.78
C LEU A 1959 -27.05 -27.68 -26.70
N TRP A 1960 -28.00 -28.61 -26.81
CA TRP A 1960 -29.04 -28.75 -25.81
C TRP A 1960 -28.46 -29.19 -24.47
N LEU A 1961 -27.37 -29.94 -24.52
CA LEU A 1961 -26.72 -30.39 -23.31
C LEU A 1961 -25.66 -29.39 -22.83
N LEU A 1962 -25.23 -28.48 -23.71
CA LEU A 1962 -24.38 -27.35 -23.32
C LEU A 1962 -25.24 -26.50 -22.47
N TYR A 1963 -26.48 -26.33 -22.92
CA TYR A 1963 -27.44 -25.55 -22.22
C TYR A 1963 -27.58 -26.09 -20.83
N GLN A 1964 -27.91 -27.38 -20.74
CA GLN A 1964 -28.08 -28.00 -19.45
C GLN A 1964 -26.85 -27.92 -18.55
N GLU A 1965 -25.68 -28.26 -19.05
CA GLU A 1965 -24.48 -28.24 -18.21
C GLU A 1965 -24.02 -26.86 -17.84
N VAL A 1966 -24.09 -25.94 -18.78
CA VAL A 1966 -23.68 -24.58 -18.53
C VAL A 1966 -24.53 -23.97 -17.45
N TYR A 1967 -25.84 -23.91 -17.64
CA TYR A 1967 -26.63 -23.30 -16.60
C TYR A 1967 -26.79 -24.21 -15.38
N CYS A 1968 -26.49 -25.51 -15.44
CA CYS A 1968 -26.67 -26.28 -14.19
C CYS A 1968 -25.63 -25.89 -13.13
N GLN A 1969 -24.66 -25.07 -13.50
CA GLN A 1969 -23.69 -24.56 -12.58
C GLN A 1969 -23.82 -23.05 -12.53
N PHE A 1970 -23.97 -22.46 -13.71
CA PHE A 1970 -24.02 -21.03 -13.85
C PHE A 1970 -25.33 -20.44 -13.33
N SER A 1971 -26.42 -21.21 -13.43
CA SER A 1971 -27.71 -20.74 -12.91
C SER A 1971 -27.73 -20.91 -11.42
N THR A 1972 -26.95 -21.85 -10.90
CA THR A 1972 -26.91 -22.03 -9.47
C THR A 1972 -26.05 -20.94 -8.84
N ALA A 1973 -25.23 -20.30 -9.67
CA ALA A 1973 -24.44 -19.13 -9.30
C ALA A 1973 -25.19 -17.80 -9.57
N LEU A 1974 -26.46 -17.87 -9.99
CA LEU A 1974 -27.25 -16.67 -10.30
C LEU A 1974 -28.61 -16.67 -9.61
N ASP A 1975 -29.14 -15.48 -9.36
CA ASP A 1975 -30.45 -15.31 -8.72
C ASP A 1975 -31.54 -15.91 -9.57
N LYS A 1976 -32.63 -16.32 -8.93
CA LYS A 1976 -33.77 -16.85 -9.67
C LYS A 1976 -34.27 -15.88 -10.73
N LYS A 1977 -34.23 -14.57 -10.47
CA LYS A 1977 -34.68 -13.64 -11.50
C LYS A 1977 -33.78 -13.71 -12.72
N PHE A 1978 -32.52 -14.13 -12.51
CA PHE A 1978 -31.62 -14.32 -13.61
C PHE A 1978 -31.95 -15.63 -14.24
N LYS A 1979 -32.20 -16.66 -13.43
CA LYS A 1979 -32.52 -17.97 -13.97
C LYS A 1979 -33.73 -17.96 -14.86
N MET A 1980 -34.72 -17.15 -14.48
CA MET A 1980 -35.93 -16.99 -15.26
C MET A 1980 -35.61 -16.40 -16.62
N ILE A 1981 -34.84 -15.31 -16.62
CA ILE A 1981 -34.47 -14.69 -17.87
C ILE A 1981 -33.35 -15.45 -18.57
N MET A 1982 -32.61 -16.31 -17.84
CA MET A 1982 -31.60 -17.15 -18.48
C MET A 1982 -32.31 -18.08 -19.41
N ALA A 1983 -33.41 -18.66 -18.94
CA ALA A 1983 -34.19 -19.53 -19.79
C ALA A 1983 -34.60 -18.80 -21.06
N MET A 1984 -35.16 -17.59 -20.89
CA MET A 1984 -35.62 -16.76 -22.01
C MET A 1984 -34.52 -16.35 -22.99
N THR A 1985 -33.42 -15.86 -22.44
CA THR A 1985 -32.31 -15.36 -23.21
C THR A 1985 -31.57 -16.49 -23.88
N MET A 1986 -30.94 -17.32 -23.06
CA MET A 1986 -30.09 -18.39 -23.54
C MET A 1986 -30.73 -19.28 -24.61
N PHE A 1987 -32.04 -19.59 -24.51
CA PHE A 1987 -32.62 -20.47 -25.54
C PHE A 1987 -32.50 -19.93 -26.98
N CYS A 1988 -32.23 -18.63 -27.15
CA CYS A 1988 -32.09 -18.12 -28.50
C CYS A 1988 -30.90 -18.78 -29.16
N LEU A 1989 -29.83 -19.03 -28.38
CA LEU A 1989 -28.65 -19.76 -28.84
C LEU A 1989 -28.83 -21.25 -28.84
N TYR A 1990 -29.29 -21.77 -27.73
CA TYR A 1990 -29.29 -23.20 -27.56
C TYR A 1990 -30.42 -23.94 -28.21
N LYS A 1991 -31.60 -23.34 -28.24
CA LYS A 1991 -32.72 -24.03 -28.84
C LYS A 1991 -32.88 -23.58 -30.28
N PHE A 1992 -32.59 -22.30 -30.57
CA PHE A 1992 -32.78 -21.83 -31.94
C PHE A 1992 -31.52 -21.35 -32.66
N ASP A 1993 -30.34 -21.72 -32.16
CA ASP A 1993 -29.04 -21.39 -32.79
C ASP A 1993 -28.93 -19.92 -33.20
N ILE A 1994 -29.23 -19.04 -32.26
CA ILE A 1994 -29.24 -17.59 -32.39
C ILE A 1994 -30.40 -17.08 -33.22
N GLU A 1995 -31.62 -17.27 -32.71
CA GLU A 1995 -32.77 -16.77 -33.44
C GLU A 1995 -33.68 -15.97 -32.53
N SER A 1996 -34.03 -14.79 -33.02
CA SER A 1996 -34.87 -13.83 -32.33
C SER A 1996 -36.34 -14.16 -32.28
N GLU A 1997 -36.98 -13.68 -31.23
CA GLU A 1997 -38.42 -13.78 -31.15
C GLU A 1997 -39.01 -12.66 -30.28
N GLN A 1998 -40.28 -12.37 -30.54
CA GLN A 1998 -40.96 -11.19 -30.02
C GLN A 1998 -41.88 -11.43 -28.85
N TYR A 1999 -41.81 -10.50 -27.90
CA TYR A 1999 -42.52 -10.55 -26.63
C TYR A 1999 -43.86 -9.81 -26.70
N LYS A 2000 -44.86 -10.33 -26.02
CA LYS A 2000 -46.17 -9.68 -25.90
C LYS A 2000 -46.44 -8.85 -24.60
N GLU A 2001 -47.42 -9.31 -23.78
CA GLU A 2001 -47.99 -8.73 -22.54
C GLU A 2001 -47.12 -7.84 -21.66
N ALA A 2002 -46.48 -8.43 -20.65
CA ALA A 2002 -45.71 -7.68 -19.66
C ALA A 2002 -44.58 -6.90 -20.26
N VAL A 2003 -43.99 -7.47 -21.29
CA VAL A 2003 -42.91 -6.81 -21.95
C VAL A 2003 -43.39 -5.59 -22.65
N LEU A 2004 -44.54 -5.65 -23.30
CA LEU A 2004 -45.05 -4.43 -23.88
C LEU A 2004 -45.39 -3.45 -22.80
N THR A 2005 -46.03 -3.91 -21.75
CA THR A 2005 -46.38 -3.08 -20.62
C THR A 2005 -45.18 -2.28 -20.10
N MET A 2006 -44.04 -2.94 -19.94
CA MET A 2006 -42.86 -2.26 -19.38
C MET A 2006 -41.74 -1.91 -20.39
N ILE A 2007 -41.80 -2.44 -21.61
CA ILE A 2007 -40.76 -2.19 -22.63
C ILE A 2007 -41.32 -1.74 -23.99
N GLY A 2008 -42.35 -2.43 -24.45
CA GLY A 2008 -42.94 -2.18 -25.77
C GLY A 2008 -42.84 -3.42 -26.66
N VAL A 2009 -41.86 -3.45 -27.55
CA VAL A 2009 -41.64 -4.62 -28.40
C VAL A 2009 -42.73 -4.95 -29.46
N LEU A 2010 -43.73 -4.08 -29.61
CA LEU A 2010 -44.77 -4.18 -30.65
C LEU A 2010 -45.70 -5.40 -30.67
N SER A 2011 -46.13 -5.87 -29.50
CA SER A 2011 -47.10 -6.95 -29.45
C SER A 2011 -47.59 -7.03 -28.01
N GLU A 2012 -48.88 -7.27 -27.78
CA GLU A 2012 -49.39 -7.17 -26.41
C GLU A 2012 -50.19 -8.36 -25.88
N SER A 2013 -51.08 -8.94 -26.70
CA SER A 2013 -51.95 -10.08 -26.33
C SER A 2013 -51.59 -10.81 -25.00
N SER A 2014 -52.60 -10.89 -24.12
CA SER A 2014 -52.41 -11.42 -22.77
C SER A 2014 -52.63 -12.92 -22.61
N ASP A 2015 -52.36 -13.36 -21.39
CA ASP A 2015 -52.45 -14.71 -20.83
C ASP A 2015 -53.46 -15.70 -21.39
N GLY A 2016 -54.65 -15.22 -21.74
CA GLY A 2016 -55.68 -16.10 -22.29
C GLY A 2016 -55.28 -16.71 -23.63
N VAL A 2017 -54.28 -16.12 -24.30
CA VAL A 2017 -53.78 -16.60 -25.56
C VAL A 2017 -52.58 -17.55 -25.42
N PRO A 2018 -52.64 -18.67 -26.13
CA PRO A 2018 -51.54 -19.63 -26.16
C PRO A 2018 -51.00 -19.63 -27.58
N LYS A 2019 -50.45 -20.76 -28.04
CA LYS A 2019 -49.93 -20.82 -29.40
C LYS A 2019 -51.02 -20.72 -30.47
N LEU A 2020 -51.49 -19.50 -30.72
CA LEU A 2020 -52.56 -19.28 -31.67
C LEU A 2020 -52.10 -18.44 -32.86
N THR A 2021 -51.91 -17.13 -32.64
CA THR A 2021 -51.46 -16.20 -33.68
C THR A 2021 -50.00 -15.86 -33.46
N VAL A 2022 -49.34 -16.72 -32.71
CA VAL A 2022 -47.98 -16.57 -32.28
C VAL A 2022 -46.91 -16.84 -33.32
N ASP A 2023 -47.23 -17.68 -34.28
CA ASP A 2023 -46.19 -18.08 -35.20
C ASP A 2023 -46.02 -17.10 -36.34
N THR A 2024 -45.17 -16.13 -36.10
CA THR A 2024 -44.85 -15.13 -37.10
C THR A 2024 -43.47 -15.39 -37.69
N ASN A 2025 -43.12 -14.65 -38.73
CA ASN A 2025 -41.83 -14.83 -39.35
C ASN A 2025 -40.80 -14.09 -38.55
N ASP A 2026 -39.52 -14.45 -38.76
CA ASP A 2026 -38.37 -13.86 -38.04
C ASP A 2026 -38.45 -14.09 -36.54
N ASP A 2027 -39.47 -13.51 -35.92
CA ASP A 2027 -39.77 -13.65 -34.53
C ASP A 2027 -40.74 -14.80 -34.28
N LEU A 2028 -40.23 -15.82 -33.61
CA LEU A 2028 -40.92 -17.08 -33.33
C LEU A 2028 -42.01 -17.08 -32.24
N ARG A 2029 -42.86 -18.11 -32.35
CA ARG A 2029 -44.00 -18.38 -31.50
C ARG A 2029 -43.82 -18.58 -30.01
N TYR A 2030 -42.61 -18.65 -29.48
CA TYR A 2030 -42.52 -19.04 -28.09
C TYR A 2030 -42.61 -17.83 -27.18
N LEU A 2031 -42.00 -16.72 -27.57
CA LEU A 2031 -42.24 -15.53 -26.79
C LEU A 2031 -43.61 -14.99 -27.15
N TRP A 2032 -44.03 -15.18 -28.40
CA TRP A 2032 -45.39 -14.80 -28.74
C TRP A 2032 -46.39 -15.62 -27.89
N ASP A 2033 -46.10 -16.89 -27.61
CA ASP A 2033 -46.97 -17.69 -26.74
C ASP A 2033 -46.83 -17.37 -25.27
N TYR A 2034 -45.67 -17.68 -24.73
CA TYR A 2034 -45.48 -17.61 -23.31
C TYR A 2034 -45.53 -16.21 -22.76
N VAL A 2035 -45.10 -15.20 -23.50
CA VAL A 2035 -45.21 -13.88 -22.91
C VAL A 2035 -46.67 -13.50 -22.68
N THR A 2036 -47.62 -14.12 -23.40
CA THR A 2036 -49.03 -13.90 -23.08
C THR A 2036 -49.18 -14.19 -21.63
N THR A 2037 -48.79 -15.42 -21.28
CA THR A 2037 -48.81 -15.91 -19.91
C THR A 2037 -48.30 -14.87 -18.91
N LYS A 2038 -47.28 -14.07 -19.27
CA LYS A 2038 -46.77 -13.01 -18.40
C LYS A 2038 -47.73 -11.89 -17.93
N SER A 2039 -49.06 -12.12 -17.91
CA SER A 2039 -49.92 -11.15 -17.24
C SER A 2039 -49.52 -11.16 -15.77
N TYR A 2040 -48.99 -12.29 -15.33
CA TYR A 2040 -48.36 -12.51 -14.05
C TYR A 2040 -47.09 -13.25 -14.46
N ILE A 2041 -45.92 -12.80 -14.03
CA ILE A 2041 -44.72 -13.38 -14.64
C ILE A 2041 -44.46 -14.82 -14.23
N SER A 2042 -44.93 -15.74 -15.07
CA SER A 2042 -44.69 -17.16 -14.90
C SER A 2042 -44.16 -17.79 -16.21
N ALA A 2043 -44.26 -17.03 -17.30
CA ALA A 2043 -43.85 -17.45 -18.63
C ALA A 2043 -42.41 -17.88 -18.74
N LEU A 2044 -41.58 -17.30 -17.89
CA LEU A 2044 -40.16 -17.57 -17.88
C LEU A 2044 -39.84 -18.98 -17.38
N ASN A 2045 -40.84 -19.66 -16.80
CA ASN A 2045 -40.72 -21.03 -16.38
C ASN A 2045 -41.53 -21.93 -17.33
N TRP A 2046 -42.58 -21.34 -17.93
CA TRP A 2046 -43.45 -22.06 -18.87
C TRP A 2046 -42.80 -22.44 -20.17
N PHE A 2047 -41.58 -21.98 -20.42
CA PHE A 2047 -40.91 -22.33 -21.65
C PHE A 2047 -40.74 -23.84 -21.76
N LYS A 2048 -40.47 -24.50 -20.62
CA LYS A 2048 -40.25 -25.95 -20.60
C LYS A 2048 -39.25 -26.36 -21.67
N ASN A 2049 -38.21 -25.56 -21.82
CA ASN A 2049 -37.22 -25.67 -22.87
C ASN A 2049 -35.94 -26.33 -22.42
N GLU A 2050 -36.06 -27.31 -21.52
CA GLU A 2050 -34.94 -27.99 -20.88
C GLU A 2050 -34.26 -27.15 -19.81
N PHE A 2051 -34.82 -26.00 -19.41
CA PHE A 2051 -34.17 -25.25 -18.37
C PHE A 2051 -34.51 -25.79 -16.98
N PHE A 2052 -33.74 -26.75 -16.54
CA PHE A 2052 -33.85 -27.32 -15.21
C PHE A 2052 -32.45 -27.70 -14.76
N VAL A 2053 -32.11 -27.45 -13.51
CA VAL A 2053 -30.75 -27.74 -13.12
C VAL A 2053 -30.55 -29.23 -13.00
N ASP A 2054 -29.57 -29.73 -13.74
CA ASP A 2054 -29.26 -31.15 -13.82
C ASP A 2054 -29.08 -31.79 -12.47
N GLU A 2055 -28.43 -31.07 -11.61
CA GLU A 2055 -28.10 -31.48 -10.28
C GLU A 2055 -28.71 -30.53 -9.28
N TRP A 2056 -29.94 -30.08 -9.59
CA TRP A 2056 -30.71 -29.14 -8.77
C TRP A 2056 -30.83 -29.59 -7.33
N ASN A 2057 -30.85 -30.90 -7.14
CA ASN A 2057 -30.98 -31.46 -5.82
C ASN A 2057 -29.68 -31.27 -5.15
N ILE A 2058 -29.70 -30.60 -4.01
CA ILE A 2058 -28.49 -30.36 -3.27
C ILE A 2058 -27.67 -31.64 -3.01
N ALA A 2059 -28.34 -32.79 -2.93
CA ALA A 2059 -27.64 -34.07 -2.79
C ALA A 2059 -26.84 -34.35 -4.07
N ASP A 2060 -27.41 -33.99 -5.22
CA ASP A 2060 -26.76 -34.16 -6.51
C ASP A 2060 -25.64 -33.14 -6.67
N VAL A 2061 -25.83 -31.97 -6.08
CA VAL A 2061 -24.77 -30.97 -6.06
C VAL A 2061 -23.57 -31.55 -5.35
N VAL A 2062 -23.82 -32.19 -4.23
CA VAL A 2062 -22.78 -32.84 -3.47
C VAL A 2062 -22.20 -34.00 -4.25
N ALA A 2063 -23.06 -34.82 -4.86
CA ALA A 2063 -22.60 -35.95 -5.64
C ALA A 2063 -22.13 -35.52 -7.03
N ASN A 2064 -21.00 -34.85 -7.06
CA ASN A 2064 -20.38 -34.38 -8.29
C ASN A 2064 -18.92 -34.70 -8.14
N SER A 2065 -18.09 -34.23 -9.06
CA SER A 2065 -16.67 -34.42 -8.85
C SER A 2065 -16.25 -33.49 -7.73
N GLU A 2066 -15.66 -34.07 -6.69
CA GLU A 2066 -15.27 -33.35 -5.47
C GLU A 2066 -14.33 -32.17 -5.66
N ASN A 2067 -13.62 -32.08 -6.80
CA ASN A 2067 -12.76 -30.92 -7.03
C ASN A 2067 -13.60 -29.65 -7.03
N ASN A 2068 -14.87 -29.79 -7.41
CA ASN A 2068 -15.80 -28.72 -7.42
C ASN A 2068 -16.43 -28.68 -6.04
N TYR A 2069 -15.68 -28.10 -5.09
CA TYR A 2069 -16.12 -28.05 -3.70
C TYR A 2069 -17.41 -27.31 -3.51
N PHE A 2070 -18.03 -27.65 -2.42
CA PHE A 2070 -19.40 -27.29 -2.23
C PHE A 2070 -19.59 -25.91 -1.68
N THR A 2071 -19.58 -24.94 -2.58
CA THR A 2071 -19.76 -23.56 -2.19
C THR A 2071 -21.21 -23.30 -1.91
N MET A 2072 -21.54 -23.42 -0.63
CA MET A 2072 -22.89 -23.22 -0.16
C MET A 2072 -23.21 -21.78 0.03
N ALA A 2073 -23.75 -21.19 -1.01
CA ALA A 2073 -24.18 -19.83 -0.89
C ALA A 2073 -25.58 -19.87 -0.33
N SER A 2074 -25.77 -19.53 0.94
CA SER A 2074 -27.08 -19.67 1.53
C SER A 2074 -27.88 -18.37 1.48
N GLU A 2075 -28.93 -18.30 2.31
CA GLU A 2075 -29.84 -17.18 2.38
C GLU A 2075 -29.99 -16.65 3.80
N ARG A 2076 -30.24 -15.35 3.94
CA ARG A 2076 -30.49 -14.76 5.25
C ARG A 2076 -31.72 -15.40 5.90
N ASP A 2077 -31.59 -15.75 7.19
CA ASP A 2077 -32.62 -16.44 7.98
C ASP A 2077 -32.83 -17.91 7.59
N VAL A 2078 -32.08 -18.43 6.61
CA VAL A 2078 -32.23 -19.80 6.18
C VAL A 2078 -31.01 -20.67 6.49
N ASP A 2079 -31.24 -21.74 7.21
CA ASP A 2079 -30.15 -22.62 7.60
C ASP A 2079 -29.81 -23.69 6.55
N GLY A 2080 -29.08 -23.27 5.52
CA GLY A 2080 -28.62 -24.16 4.45
C GLY A 2080 -27.62 -25.19 4.98
N THR A 2081 -26.90 -24.82 6.06
CA THR A 2081 -25.93 -25.71 6.69
C THR A 2081 -26.63 -26.94 7.25
N PHE A 2082 -27.80 -26.73 7.86
CA PHE A 2082 -28.62 -27.81 8.36
C PHE A 2082 -28.88 -28.83 7.29
N LYS A 2083 -29.24 -28.36 6.10
CA LYS A 2083 -29.45 -29.29 5.01
C LYS A 2083 -28.18 -30.10 4.75
N LEU A 2084 -27.02 -29.44 4.77
CA LEU A 2084 -25.74 -30.14 4.58
C LEU A 2084 -25.48 -31.15 5.69
N ILE A 2085 -25.87 -30.81 6.92
CA ILE A 2085 -25.74 -31.72 8.05
C ILE A 2085 -26.53 -32.98 7.80
N GLU A 2086 -27.75 -32.79 7.29
CA GLU A 2086 -28.61 -33.89 6.98
C GLU A 2086 -28.05 -34.69 5.81
N LEU A 2087 -27.42 -34.01 4.85
CA LEU A 2087 -26.79 -34.68 3.73
C LEU A 2087 -25.59 -35.50 4.16
N ALA A 2088 -24.87 -35.06 5.18
CA ALA A 2088 -23.76 -35.85 5.68
C ALA A 2088 -24.27 -37.16 6.19
N LYS A 2089 -25.35 -37.08 6.95
CA LYS A 2089 -25.97 -38.25 7.51
C LYS A 2089 -26.61 -39.12 6.44
N ALA A 2090 -27.22 -38.48 5.44
CA ALA A 2090 -27.85 -39.20 4.32
C ALA A 2090 -26.82 -39.92 3.47
N SER A 2091 -25.71 -39.25 3.21
CA SER A 2091 -24.60 -39.80 2.45
C SER A 2091 -23.74 -40.68 3.33
N LYS A 2092 -23.91 -40.54 4.63
CA LYS A 2092 -23.23 -41.31 5.65
C LYS A 2092 -21.74 -41.02 5.66
N GLU A 2093 -21.40 -39.77 5.40
CA GLU A 2093 -20.01 -39.37 5.44
C GLU A 2093 -19.77 -38.72 6.78
N SER A 2094 -18.55 -38.83 7.27
CA SER A 2094 -18.13 -38.32 8.57
C SER A 2094 -18.52 -36.87 8.81
N LEU A 2095 -19.75 -36.67 9.28
CA LEU A 2095 -20.28 -35.34 9.58
C LEU A 2095 -19.45 -34.56 10.57
N LYS A 2096 -18.45 -33.90 10.05
CA LYS A 2096 -17.62 -33.01 10.83
C LYS A 2096 -18.03 -31.58 10.57
N ILE A 2097 -18.01 -30.76 11.60
CA ILE A 2097 -18.41 -29.38 11.44
C ILE A 2097 -17.39 -28.48 12.08
N ILE A 2098 -16.97 -27.46 11.34
CA ILE A 2098 -16.04 -26.50 11.90
C ILE A 2098 -16.65 -25.11 11.88
N PRO A 2099 -17.27 -24.67 12.99
CA PRO A 2099 -17.89 -23.38 13.24
C PRO A 2099 -16.81 -22.37 13.49
N LEU A 2100 -16.17 -21.99 12.40
CA LEU A 2100 -15.04 -21.10 12.36
C LEU A 2100 -15.23 -19.82 13.17
N GLY A 2101 -14.15 -19.40 13.83
CA GLY A 2101 -14.18 -18.23 14.70
C GLY A 2101 -13.11 -18.26 15.81
N SER A 2102 -12.70 -19.46 16.25
CA SER A 2102 -11.67 -19.54 17.30
C SER A 2102 -10.37 -20.16 16.84
N ILE A 2103 -9.37 -20.14 17.71
CA ILE A 2103 -8.07 -20.76 17.47
C ILE A 2103 -8.26 -22.24 17.34
N GLU A 2104 -9.12 -22.81 18.18
CA GLU A 2104 -9.42 -24.22 18.11
C GLU A 2104 -10.05 -24.55 16.76
N ASN A 2105 -10.90 -23.65 16.26
CA ASN A 2105 -11.47 -23.85 14.94
C ASN A 2105 -10.42 -23.67 13.87
N LEU A 2106 -9.42 -22.85 14.12
CA LEU A 2106 -8.30 -22.75 13.20
C LEU A 2106 -7.51 -24.04 13.25
N ASN A 2107 -7.41 -24.64 14.43
CA ASN A 2107 -6.75 -25.93 14.59
C ASN A 2107 -7.55 -27.03 13.93
N TYR A 2108 -8.86 -26.82 13.82
CA TYR A 2108 -9.68 -27.77 13.12
C TYR A 2108 -9.43 -27.57 11.63
N ALA A 2109 -9.35 -26.31 11.22
CA ALA A 2109 -9.02 -25.99 9.84
C ALA A 2109 -7.65 -26.59 9.49
N GLN A 2110 -6.75 -26.57 10.45
CA GLN A 2110 -5.45 -27.19 10.34
C GLN A 2110 -5.57 -28.71 10.36
N GLU A 2111 -5.52 -29.25 11.57
CA GLU A 2111 -5.45 -30.69 11.77
C GLU A 2111 -6.73 -31.47 11.54
N GLU A 2112 -7.89 -30.97 11.96
CA GLU A 2112 -9.11 -31.78 11.75
C GLU A 2112 -9.29 -32.05 10.26
N ILE A 2113 -9.12 -31.02 9.45
CA ILE A 2113 -9.20 -31.18 8.02
C ILE A 2113 -8.08 -32.08 7.54
N SER A 2114 -6.85 -31.84 8.01
CA SER A 2114 -5.71 -32.64 7.58
C SER A 2114 -5.92 -34.12 7.82
N LYS A 2115 -6.53 -34.47 8.95
CA LYS A 2115 -6.85 -35.86 9.20
C LYS A 2115 -7.90 -36.32 8.22
N SER A 2116 -8.92 -35.49 8.02
CA SER A 2116 -10.03 -35.79 7.13
C SER A 2116 -9.57 -35.99 5.69
N LYS A 2117 -8.50 -35.28 5.32
CA LYS A 2117 -7.91 -35.40 3.99
C LYS A 2117 -7.56 -36.86 3.71
N ILE A 2118 -7.15 -37.58 4.74
CA ILE A 2118 -6.76 -38.96 4.66
C ILE A 2118 -7.93 -39.88 4.92
N GLU A 2119 -8.68 -39.55 5.98
CA GLU A 2119 -9.82 -40.30 6.46
C GLU A 2119 -11.02 -40.32 5.53
N GLY A 2120 -11.15 -39.28 4.72
CA GLY A 2120 -12.32 -39.17 3.87
C GLY A 2120 -13.43 -38.48 4.62
N GLY A 2121 -13.09 -37.44 5.36
CA GLY A 2121 -14.08 -36.76 6.18
C GLY A 2121 -14.99 -35.79 5.40
N TRP A 2122 -16.12 -35.48 6.00
CA TRP A 2122 -17.10 -34.52 5.47
C TRP A 2122 -17.11 -33.29 6.34
N ILE A 2123 -16.52 -32.20 5.87
CA ILE A 2123 -16.42 -31.04 6.75
C ILE A 2123 -17.17 -29.81 6.34
N LEU A 2124 -18.05 -29.37 7.25
CA LEU A 2124 -18.81 -28.16 7.05
C LEU A 2124 -18.05 -26.98 7.61
N LEU A 2125 -17.53 -26.14 6.71
CA LEU A 2125 -16.80 -24.97 7.14
C LEU A 2125 -17.77 -23.86 7.44
N GLN A 2126 -18.40 -24.02 8.59
CA GLN A 2126 -19.38 -23.09 9.10
C GLN A 2126 -18.73 -21.79 9.47
N ASN A 2127 -19.35 -20.70 9.04
CA ASN A 2127 -18.83 -19.37 9.26
C ASN A 2127 -17.55 -19.16 8.47
N ILE A 2128 -17.56 -19.59 7.21
CA ILE A 2128 -16.40 -19.48 6.33
C ILE A 2128 -15.89 -18.03 6.24
N GLN A 2129 -16.77 -17.06 6.42
CA GLN A 2129 -16.40 -15.66 6.40
C GLN A 2129 -15.83 -15.16 7.71
N MET A 2130 -16.25 -15.75 8.83
CA MET A 2130 -15.78 -15.30 10.13
C MET A 2130 -14.30 -15.59 10.27
N SER A 2131 -13.84 -16.67 9.64
CA SER A 2131 -12.41 -16.94 9.60
C SER A 2131 -11.92 -16.86 8.17
N LEU A 2132 -12.43 -15.87 7.43
CA LEU A 2132 -12.09 -15.65 6.02
C LEU A 2132 -10.61 -15.59 5.73
N SER A 2133 -9.83 -14.97 6.63
CA SER A 2133 -8.37 -14.79 6.44
C SER A 2133 -7.61 -16.07 6.10
N TRP A 2134 -8.19 -17.23 6.43
CA TRP A 2134 -7.64 -18.53 6.08
C TRP A 2134 -7.38 -18.61 4.58
N VAL A 2135 -8.24 -17.92 3.79
CA VAL A 2135 -8.20 -17.89 2.32
C VAL A 2135 -6.83 -17.56 1.76
N LYS A 2136 -6.06 -16.79 2.52
CA LYS A 2136 -4.73 -16.37 2.13
C LYS A 2136 -3.86 -17.53 1.72
N THR A 2137 -3.98 -18.64 2.43
CA THR A 2137 -3.21 -19.80 2.10
C THR A 2137 -4.15 -20.88 1.59
N TYR A 2138 -5.44 -20.73 1.90
CA TYR A 2138 -6.42 -21.69 1.44
C TYR A 2138 -6.33 -22.02 -0.01
N LEU A 2139 -6.06 -21.03 -0.84
CA LEU A 2139 -5.99 -21.29 -2.27
C LEU A 2139 -5.01 -22.44 -2.60
N HIS A 2140 -3.85 -22.53 -1.93
CA HIS A 2140 -2.98 -23.68 -2.21
C HIS A 2140 -3.57 -24.91 -1.55
N LYS A 2141 -4.34 -24.69 -0.48
CA LYS A 2141 -5.00 -25.75 0.24
C LYS A 2141 -6.22 -26.22 -0.54
N HIS A 2142 -6.68 -25.42 -1.48
CA HIS A 2142 -7.77 -25.79 -2.35
C HIS A 2142 -7.30 -26.90 -3.24
N VAL A 2143 -6.14 -26.68 -3.83
CA VAL A 2143 -5.50 -27.67 -4.67
C VAL A 2143 -5.19 -28.91 -3.86
N GLU A 2144 -4.63 -28.68 -2.66
CA GLU A 2144 -4.31 -29.75 -1.72
C GLU A 2144 -5.53 -30.59 -1.36
N GLU A 2145 -6.62 -29.92 -1.00
CA GLU A 2145 -7.86 -30.60 -0.64
C GLU A 2145 -8.48 -31.32 -1.83
N THR A 2146 -8.32 -30.75 -3.02
CA THR A 2146 -8.79 -31.41 -4.23
C THR A 2146 -8.10 -32.78 -4.35
N LYS A 2147 -6.79 -32.77 -4.13
CA LYS A 2147 -6.01 -33.99 -4.15
C LYS A 2147 -6.41 -34.89 -2.98
N ALA A 2148 -6.74 -34.30 -1.84
CA ALA A 2148 -7.18 -35.03 -0.67
C ALA A 2148 -8.52 -35.70 -0.89
N ALA A 2149 -9.36 -35.12 -1.75
CA ALA A 2149 -10.61 -35.79 -2.08
C ALA A 2149 -10.27 -37.12 -2.67
N GLU A 2150 -9.32 -37.12 -3.61
CA GLU A 2150 -8.86 -38.33 -4.28
C GLU A 2150 -8.13 -39.26 -3.29
N GLU A 2151 -7.43 -38.67 -2.32
CA GLU A 2151 -6.74 -39.42 -1.27
C GLU A 2151 -7.62 -40.48 -0.61
N HIS A 2152 -8.93 -40.25 -0.54
CA HIS A 2152 -9.77 -41.23 0.09
C HIS A 2152 -11.06 -41.43 -0.69
N GLU A 2153 -11.25 -40.66 -1.77
CA GLU A 2153 -12.46 -40.66 -2.61
C GLU A 2153 -13.73 -40.51 -1.79
N LYS A 2154 -13.63 -39.79 -0.69
CA LYS A 2154 -14.74 -39.56 0.20
C LYS A 2154 -14.68 -38.15 0.76
N PHE A 2155 -13.46 -37.68 1.01
CA PHE A 2155 -13.23 -36.37 1.59
C PHE A 2155 -13.87 -35.24 0.79
N LYS A 2156 -14.77 -34.53 1.47
CA LYS A 2156 -15.48 -33.42 0.87
C LYS A 2156 -15.43 -32.19 1.76
N MET A 2157 -15.35 -31.02 1.12
CA MET A 2157 -15.29 -29.76 1.84
C MET A 2157 -16.40 -28.84 1.41
N PHE A 2158 -17.07 -28.30 2.41
CA PHE A 2158 -18.22 -27.46 2.20
C PHE A 2158 -17.96 -26.08 2.75
N MET A 2159 -18.27 -25.07 1.96
CA MET A 2159 -18.04 -23.71 2.39
C MET A 2159 -19.38 -23.06 2.62
N THR A 2160 -19.65 -22.64 3.84
CA THR A 2160 -20.97 -22.10 4.15
C THR A 2160 -20.90 -20.93 5.11
N CYS A 2161 -21.94 -20.09 5.04
CA CYS A 2161 -22.10 -18.83 5.80
C CYS A 2161 -22.84 -17.81 4.95
N HIS A 2162 -22.47 -17.67 3.68
CA HIS A 2162 -23.09 -16.75 2.74
C HIS A 2162 -24.57 -16.60 2.93
N LEU A 2163 -25.02 -15.40 3.26
CA LEU A 2163 -26.44 -15.15 3.44
C LEU A 2163 -26.98 -14.26 2.33
N THR A 2164 -26.45 -13.06 2.26
CA THR A 2164 -26.87 -12.09 1.27
C THR A 2164 -25.66 -11.49 0.57
N GLY A 2165 -25.14 -10.42 1.17
CA GLY A 2165 -24.00 -9.66 0.64
C GLY A 2165 -22.62 -10.27 0.94
N ASP A 2166 -22.53 -11.59 0.95
CA ASP A 2166 -21.29 -12.27 1.20
C ASP A 2166 -20.47 -12.45 -0.06
N LYS A 2167 -19.49 -11.58 -0.23
CA LYS A 2167 -18.66 -11.63 -1.41
C LYS A 2167 -17.70 -12.81 -1.39
N LEU A 2168 -17.84 -13.68 -2.39
CA LEU A 2168 -17.00 -14.85 -2.54
C LEU A 2168 -15.98 -14.63 -3.66
N PRO A 2169 -14.76 -15.16 -3.52
CA PRO A 2169 -13.60 -15.02 -4.41
C PRO A 2169 -13.73 -15.80 -5.70
N ALA A 2170 -13.48 -15.11 -6.80
CA ALA A 2170 -13.53 -15.68 -8.14
C ALA A 2170 -12.57 -16.86 -8.33
N PRO A 2171 -11.34 -16.87 -7.77
CA PRO A 2171 -10.39 -17.97 -7.83
C PRO A 2171 -10.99 -19.29 -7.35
N LEU A 2172 -11.92 -19.19 -6.41
CA LEU A 2172 -12.57 -20.38 -5.91
C LEU A 2172 -13.88 -20.61 -6.61
N LEU A 2173 -14.56 -19.56 -7.04
CA LEU A 2173 -15.80 -19.78 -7.77
C LEU A 2173 -15.47 -20.39 -9.15
N GLN A 2174 -14.26 -20.09 -9.62
CA GLN A 2174 -13.63 -20.68 -10.79
C GLN A 2174 -13.26 -22.14 -10.63
N ARG A 2175 -13.24 -22.65 -9.41
CA ARG A 2175 -12.81 -24.01 -9.16
C ARG A 2175 -13.85 -24.84 -8.40
N THR A 2176 -14.74 -24.17 -7.68
CA THR A 2176 -15.76 -24.84 -6.88
C THR A 2176 -17.11 -24.88 -7.55
N ASP A 2177 -18.02 -25.64 -6.96
CA ASP A 2177 -19.37 -25.75 -7.44
C ASP A 2177 -20.21 -24.69 -6.75
N ARG A 2178 -20.41 -23.56 -7.42
CA ARG A 2178 -21.18 -22.47 -6.83
C ARG A 2178 -22.66 -22.68 -6.94
N VAL A 2179 -23.29 -22.98 -5.79
CA VAL A 2179 -24.72 -23.19 -5.73
C VAL A 2179 -25.40 -22.38 -4.64
N VAL A 2180 -26.42 -21.64 -5.02
CA VAL A 2180 -27.18 -20.89 -4.04
C VAL A 2180 -28.33 -21.75 -3.48
N TYR A 2181 -28.36 -21.88 -2.15
CA TYR A 2181 -29.38 -22.63 -1.45
C TYR A 2181 -30.69 -21.91 -1.52
N GLU A 2182 -31.76 -22.65 -1.75
CA GLU A 2182 -33.07 -22.03 -1.85
C GLU A 2182 -34.14 -22.69 -1.00
N ASP A 2183 -34.44 -22.11 0.16
CA ASP A 2183 -35.54 -22.65 0.97
C ASP A 2183 -36.86 -22.08 0.47
N ILE A 2184 -37.27 -22.53 -0.71
CA ILE A 2184 -38.51 -22.08 -1.34
C ILE A 2184 -39.36 -23.24 -1.82
N PRO A 2185 -40.22 -23.77 -0.96
CA PRO A 2185 -41.15 -24.82 -1.31
C PRO A 2185 -42.55 -24.26 -1.50
N GLY A 2186 -43.30 -24.85 -2.43
CA GLY A 2186 -44.68 -24.44 -2.64
C GLY A 2186 -45.48 -25.02 -1.50
N ILE A 2187 -46.79 -24.82 -1.50
CA ILE A 2187 -47.56 -25.32 -0.38
C ILE A 2187 -47.42 -26.83 -0.25
N LEU A 2188 -47.73 -27.57 -1.30
CA LEU A 2188 -47.65 -29.02 -1.20
C LEU A 2188 -46.23 -29.54 -1.07
N ASP A 2189 -45.27 -28.80 -1.60
CA ASP A 2189 -43.90 -29.20 -1.46
C ASP A 2189 -43.54 -29.20 0.01
N THR A 2190 -43.91 -28.11 0.67
CA THR A 2190 -43.68 -27.94 2.09
C THR A 2190 -44.42 -29.04 2.83
N VAL A 2191 -45.70 -29.15 2.53
CA VAL A 2191 -46.58 -30.11 3.16
C VAL A 2191 -46.07 -31.53 3.17
N LYS A 2192 -45.70 -32.02 1.99
CA LYS A 2192 -45.25 -33.38 1.84
C LYS A 2192 -43.97 -33.66 2.57
N ASP A 2193 -43.04 -32.71 2.51
CA ASP A 2193 -41.80 -32.87 3.22
C ASP A 2193 -42.02 -32.86 4.73
N LEU A 2194 -42.94 -32.01 5.19
CA LEU A 2194 -43.20 -31.91 6.61
C LEU A 2194 -43.81 -33.19 7.14
N TRP A 2195 -44.68 -33.83 6.36
CA TRP A 2195 -45.25 -35.12 6.79
C TRP A 2195 -44.18 -36.16 7.00
N GLY A 2196 -43.25 -36.22 6.05
CA GLY A 2196 -42.15 -37.17 6.10
C GLY A 2196 -41.28 -36.97 7.31
N SER A 2197 -41.13 -35.72 7.74
CA SER A 2197 -40.30 -35.41 8.90
C SER A 2197 -40.91 -35.79 10.25
N GLN A 2198 -42.20 -36.15 10.30
CA GLN A 2198 -42.80 -36.42 11.60
C GLN A 2198 -42.97 -37.88 11.91
N PHE A 2199 -43.20 -38.68 10.88
CA PHE A 2199 -43.25 -40.13 11.06
C PHE A 2199 -44.42 -40.65 11.91
N PHE A 2200 -44.35 -40.44 13.23
CA PHE A 2200 -45.34 -40.97 14.17
C PHE A 2200 -45.71 -40.03 15.34
N THR A 2201 -45.33 -38.77 15.29
CA THR A 2201 -45.60 -37.85 16.41
C THR A 2201 -47.06 -37.77 16.84
N GLY A 2202 -47.98 -37.95 15.91
CA GLY A 2202 -49.38 -37.93 16.24
C GLY A 2202 -50.00 -39.32 16.28
N LYS A 2203 -49.20 -40.35 16.02
CA LYS A 2203 -49.65 -41.74 16.05
C LYS A 2203 -49.71 -42.19 17.47
N ILE A 2204 -48.81 -41.65 18.27
CA ILE A 2204 -48.78 -41.95 19.67
C ILE A 2204 -50.18 -41.61 20.17
N SER A 2205 -50.81 -42.57 20.85
CA SER A 2205 -52.20 -42.45 21.22
C SER A 2205 -52.58 -41.12 21.86
N GLY A 2206 -53.37 -40.37 21.09
CA GLY A 2206 -54.41 -40.97 20.25
C GLY A 2206 -54.12 -40.70 18.80
N VAL A 2207 -54.52 -41.64 17.96
CA VAL A 2207 -54.32 -41.55 16.51
C VAL A 2207 -55.02 -40.37 15.84
N TRP A 2208 -55.95 -39.71 16.53
CA TRP A 2208 -56.59 -38.54 15.98
C TRP A 2208 -55.57 -37.42 15.79
N SER A 2209 -54.51 -37.44 16.59
CA SER A 2209 -53.47 -36.44 16.48
C SER A 2209 -52.56 -36.71 15.30
N VAL A 2210 -52.67 -37.88 14.67
CA VAL A 2210 -51.88 -38.12 13.50
C VAL A 2210 -52.31 -37.12 12.50
N TYR A 2211 -53.62 -37.10 12.34
CA TYR A 2211 -54.29 -36.26 11.40
C TYR A 2211 -53.98 -34.83 11.72
N CYS A 2212 -53.96 -34.51 13.01
CA CYS A 2212 -53.60 -33.18 13.44
C CYS A 2212 -52.20 -32.80 12.95
N THR A 2213 -51.24 -33.75 13.01
CA THR A 2213 -49.91 -33.48 12.48
C THR A 2213 -50.01 -33.23 10.98
N PHE A 2214 -50.87 -33.98 10.29
CA PHE A 2214 -51.07 -33.74 8.87
C PHE A 2214 -51.60 -32.33 8.62
N LEU A 2215 -52.52 -31.86 9.49
CA LEU A 2215 -53.10 -30.52 9.38
C LEU A 2215 -52.06 -29.46 9.57
N LEU A 2216 -51.14 -29.70 10.47
CA LEU A 2216 -50.07 -28.78 10.78
C LEU A 2216 -49.11 -28.63 9.61
N SER A 2217 -48.93 -29.69 8.83
CA SER A 2217 -48.07 -29.58 7.66
C SER A 2217 -48.74 -28.68 6.63
N TRP A 2218 -50.06 -28.84 6.47
CA TRP A 2218 -50.83 -27.99 5.57
C TRP A 2218 -50.79 -26.55 6.06
N PHE A 2219 -50.86 -26.40 7.37
CA PHE A 2219 -50.90 -25.12 8.04
C PHE A 2219 -49.61 -24.35 7.84
N HIS A 2220 -48.48 -24.98 8.16
CA HIS A 2220 -47.17 -24.38 7.99
C HIS A 2220 -46.93 -24.06 6.55
N ALA A 2221 -47.30 -24.96 5.66
CA ALA A 2221 -47.13 -24.76 4.25
C ALA A 2221 -47.86 -23.54 3.75
N LEU A 2222 -49.10 -23.38 4.22
CA LEU A 2222 -49.87 -22.20 3.89
C LEU A 2222 -49.11 -20.99 4.42
N ILE A 2223 -48.54 -21.12 5.61
CA ILE A 2223 -47.69 -20.09 6.14
C ILE A 2223 -46.43 -19.85 5.32
N THR A 2224 -45.78 -20.88 4.77
CA THR A 2224 -44.57 -20.61 4.00
C THR A 2224 -44.91 -19.83 2.75
N ALA A 2225 -46.11 -20.06 2.21
CA ALA A 2225 -46.56 -19.29 1.08
C ALA A 2225 -46.80 -17.85 1.51
N ARG A 2226 -47.54 -17.68 2.61
CA ARG A 2226 -47.87 -16.37 3.14
C ARG A 2226 -46.62 -15.58 3.53
N THR A 2227 -45.65 -16.27 4.12
CA THR A 2227 -44.38 -15.69 4.54
C THR A 2227 -43.66 -15.11 3.35
N ARG A 2228 -43.66 -15.84 2.24
CA ARG A 2228 -43.13 -15.31 0.99
C ARG A 2228 -43.94 -14.15 0.46
N LEU A 2229 -45.26 -14.21 0.62
CA LEU A 2229 -46.13 -13.15 0.14
C LEU A 2229 -45.94 -11.82 0.84
N VAL A 2230 -45.41 -11.81 2.08
CA VAL A 2230 -45.14 -10.57 2.81
C VAL A 2230 -44.63 -9.47 1.89
N PRO A 2231 -45.22 -8.27 1.96
CA PRO A 2231 -46.26 -7.72 2.85
C PRO A 2231 -47.68 -8.20 2.55
N HIS A 2232 -47.89 -8.86 1.42
CA HIS A 2232 -49.20 -9.38 1.06
C HIS A 2232 -49.74 -10.32 2.11
N GLY A 2233 -48.85 -11.16 2.62
CA GLY A 2233 -49.22 -12.15 3.59
C GLY A 2233 -49.23 -11.61 5.01
N PHE A 2234 -48.05 -11.50 5.59
CA PHE A 2234 -47.90 -10.97 6.93
C PHE A 2234 -47.31 -9.58 6.82
N SER A 2235 -47.51 -8.74 7.82
CA SER A 2235 -46.84 -7.45 7.80
C SER A 2235 -45.37 -7.66 8.16
N LYS A 2236 -45.09 -8.67 8.98
CA LYS A 2236 -43.72 -9.03 9.36
C LYS A 2236 -43.32 -10.38 8.79
N LYS A 2237 -42.15 -10.44 8.15
CA LYS A 2237 -41.73 -11.72 7.60
C LYS A 2237 -40.92 -12.53 8.60
N TYR A 2238 -41.60 -13.08 9.59
CA TYR A 2238 -40.98 -13.98 10.55
C TYR A 2238 -40.63 -15.28 9.85
N TYR A 2239 -39.43 -15.79 10.09
CA TYR A 2239 -39.04 -17.06 9.50
C TYR A 2239 -39.78 -18.24 10.14
N PHE A 2240 -41.02 -18.45 9.72
CA PHE A 2240 -41.80 -19.56 10.23
C PHE A 2240 -41.18 -20.79 9.61
N ASN A 2241 -40.74 -21.72 10.43
CA ASN A 2241 -39.98 -22.82 9.87
C ASN A 2241 -40.51 -24.17 10.30
N ASP A 2242 -39.78 -25.22 9.94
CA ASP A 2242 -40.20 -26.57 10.26
C ASP A 2242 -39.82 -26.96 11.69
N CYS A 2243 -39.29 -26.02 12.47
CA CYS A 2243 -39.01 -26.24 13.85
C CYS A 2243 -40.27 -25.86 14.55
N ASP A 2244 -40.95 -24.84 14.01
CA ASP A 2244 -42.27 -24.48 14.48
C ASP A 2244 -43.26 -25.57 14.10
N PHE A 2245 -43.11 -26.11 12.91
CA PHE A 2245 -43.91 -27.26 12.57
C PHE A 2245 -43.64 -28.45 13.49
N GLN A 2246 -42.36 -28.79 13.67
CA GLN A 2246 -41.94 -29.85 14.58
C GLN A 2246 -42.47 -29.60 15.98
N PHE A 2247 -42.43 -28.34 16.38
CA PHE A 2247 -42.93 -27.88 17.64
C PHE A 2247 -44.37 -28.22 17.78
N ALA A 2248 -45.14 -27.94 16.75
CA ALA A 2248 -46.55 -28.20 16.74
C ALA A 2248 -46.83 -29.68 16.91
N SER A 2249 -46.01 -30.53 16.33
CA SER A 2249 -46.21 -31.96 16.49
C SER A 2249 -45.85 -32.37 17.92
N VAL A 2250 -44.91 -31.65 18.54
CA VAL A 2250 -44.58 -31.83 19.96
C VAL A 2250 -45.73 -31.33 20.80
N TYR A 2251 -46.33 -30.23 20.35
CA TYR A 2251 -47.50 -29.68 21.00
C TYR A 2251 -48.57 -30.76 20.99
N LEU A 2252 -48.76 -31.41 19.82
CA LEU A 2252 -49.72 -32.50 19.71
C LEU A 2252 -49.34 -33.65 20.57
N GLU A 2253 -48.04 -33.96 20.61
CA GLU A 2253 -47.49 -35.01 21.44
C GLU A 2253 -47.92 -34.81 22.87
N ASN A 2254 -47.95 -33.56 23.31
CA ASN A 2254 -48.40 -33.29 24.63
C ASN A 2254 -49.92 -33.39 24.74
N VAL A 2255 -50.69 -32.76 23.85
CA VAL A 2255 -52.16 -32.90 23.98
C VAL A 2255 -52.72 -34.30 23.66
N LEU A 2256 -51.87 -35.33 23.55
CA LEU A 2256 -52.31 -36.70 23.34
C LEU A 2256 -53.11 -37.19 24.52
N ALA A 2257 -52.86 -36.57 25.67
CA ALA A 2257 -53.61 -36.84 26.89
C ALA A 2257 -55.10 -36.61 26.68
N THR A 2258 -55.42 -35.66 25.81
CA THR A 2258 -56.80 -35.35 25.50
C THR A 2258 -57.15 -35.92 24.13
N ASN A 2259 -56.17 -35.93 23.24
CA ASN A 2259 -56.31 -36.49 21.91
C ASN A 2259 -56.31 -37.99 21.83
N SER A 2260 -56.39 -38.68 22.98
CA SER A 2260 -56.50 -40.13 23.00
C SER A 2260 -57.74 -40.53 22.20
N THR A 2261 -58.70 -39.61 22.16
CA THR A 2261 -59.89 -39.69 21.35
C THR A 2261 -60.23 -38.27 20.89
N ASN A 2262 -61.49 -38.04 20.56
CA ASN A 2262 -61.96 -36.71 20.17
C ASN A 2262 -62.08 -35.69 21.33
N ASN A 2263 -61.55 -36.02 22.52
CA ASN A 2263 -61.59 -35.12 23.66
C ASN A 2263 -60.59 -33.98 23.55
N ILE A 2264 -59.65 -34.08 22.60
CA ILE A 2264 -58.72 -32.97 22.39
C ILE A 2264 -59.45 -31.65 22.28
N PRO A 2265 -59.02 -30.62 23.01
CA PRO A 2265 -59.52 -29.27 23.03
C PRO A 2265 -58.95 -28.52 21.86
N TRP A 2266 -59.27 -28.96 20.66
CA TRP A 2266 -58.72 -28.38 19.46
C TRP A 2266 -58.97 -26.89 19.28
N ALA A 2267 -59.95 -26.32 19.98
CA ALA A 2267 -60.16 -24.89 19.94
C ALA A 2267 -59.02 -24.23 20.70
N GLN A 2268 -58.66 -24.83 21.83
CA GLN A 2268 -57.52 -24.45 22.64
C GLN A 2268 -56.24 -24.63 21.84
N VAL A 2269 -56.22 -25.70 21.05
CA VAL A 2269 -55.06 -25.98 20.24
C VAL A 2269 -54.95 -24.94 19.14
N ARG A 2270 -56.06 -24.58 18.49
CA ARG A 2270 -56.05 -23.51 17.48
C ARG A 2270 -55.50 -22.22 18.05
N ASP A 2271 -55.97 -21.88 19.23
CA ASP A 2271 -55.53 -20.69 19.93
C ASP A 2271 -54.03 -20.76 20.12
N HIS A 2272 -53.56 -21.93 20.49
CA HIS A 2272 -52.16 -22.15 20.67
C HIS A 2272 -51.37 -22.26 19.38
N ILE A 2273 -51.95 -22.74 18.31
CA ILE A 2273 -51.20 -22.74 17.08
C ILE A 2273 -50.87 -21.28 16.71
N ALA A 2274 -51.86 -20.41 16.91
CA ALA A 2274 -51.72 -18.98 16.67
C ALA A 2274 -50.74 -18.27 17.62
N THR A 2275 -50.77 -18.60 18.90
CA THR A 2275 -49.96 -17.90 19.89
C THR A 2275 -48.82 -18.69 20.52
N ILE A 2276 -48.69 -19.94 20.14
CA ILE A 2276 -47.63 -20.80 20.66
C ILE A 2276 -46.70 -21.26 19.60
N VAL A 2277 -47.27 -21.95 18.63
CA VAL A 2277 -46.49 -22.62 17.63
C VAL A 2277 -45.89 -21.68 16.59
N TYR A 2278 -46.75 -20.87 15.98
CA TYR A 2278 -46.30 -19.96 14.95
C TYR A 2278 -46.35 -18.52 15.45
N GLY A 2279 -46.88 -18.32 16.65
CA GLY A 2279 -46.92 -16.99 17.26
C GLY A 2279 -45.56 -16.68 17.87
N GLY A 2280 -44.56 -16.52 17.00
CA GLY A 2280 -43.19 -16.31 17.42
C GLY A 2280 -42.80 -14.84 17.47
N LYS A 2281 -41.99 -14.43 16.49
CA LYS A 2281 -41.50 -13.06 16.37
C LYS A 2281 -42.60 -12.05 16.12
N ILE A 2282 -43.76 -12.51 15.70
CA ILE A 2282 -44.88 -11.64 15.40
C ILE A 2282 -45.30 -10.75 16.57
N ASP A 2283 -45.01 -9.47 16.46
CA ASP A 2283 -45.44 -8.49 17.46
C ASP A 2283 -46.79 -7.93 17.10
N GLU A 2284 -47.00 -7.79 15.80
CA GLU A 2284 -48.22 -7.27 15.25
C GLU A 2284 -49.41 -8.17 15.49
N GLU A 2285 -50.41 -7.63 16.18
CA GLU A 2285 -51.62 -8.36 16.48
C GLU A 2285 -52.35 -8.79 15.22
N LYS A 2286 -52.28 -7.99 14.15
CA LYS A 2286 -52.85 -8.41 12.88
C LYS A 2286 -52.31 -9.74 12.44
N ASP A 2287 -50.99 -9.87 12.45
CA ASP A 2287 -50.33 -11.08 12.04
C ASP A 2287 -50.66 -12.24 12.97
N LEU A 2288 -50.84 -11.94 14.26
CA LEU A 2288 -51.26 -12.98 15.20
C LEU A 2288 -52.66 -13.44 14.82
N GLU A 2289 -53.49 -12.48 14.39
CA GLU A 2289 -54.84 -12.73 13.93
C GLU A 2289 -54.81 -13.47 12.60
N VAL A 2290 -53.80 -13.17 11.77
CA VAL A 2290 -53.63 -13.87 10.50
C VAL A 2290 -53.40 -15.35 10.72
N VAL A 2291 -52.52 -15.69 11.65
CA VAL A 2291 -52.28 -17.10 11.93
C VAL A 2291 -53.53 -17.69 12.58
N ALA A 2292 -54.18 -16.92 13.45
CA ALA A 2292 -55.41 -17.36 14.11
C ALA A 2292 -56.54 -17.63 13.13
N LYS A 2293 -56.70 -16.79 12.11
CA LYS A 2293 -57.75 -17.04 11.13
C LYS A 2293 -57.38 -18.19 10.22
N LEU A 2294 -56.08 -18.50 10.11
CA LEU A 2294 -55.68 -19.70 9.41
C LEU A 2294 -56.09 -20.91 10.25
N CYS A 2295 -55.93 -20.80 11.58
CA CYS A 2295 -56.31 -21.87 12.50
C CYS A 2295 -57.79 -22.14 12.40
N ALA A 2296 -58.56 -21.05 12.39
CA ALA A 2296 -59.99 -21.13 12.24
C ALA A 2296 -60.34 -21.81 10.92
N HIS A 2297 -59.60 -21.44 9.89
CA HIS A 2297 -59.74 -22.02 8.57
C HIS A 2297 -59.39 -23.49 8.48
N VAL A 2298 -58.31 -23.92 9.14
CA VAL A 2298 -57.81 -25.29 8.96
C VAL A 2298 -57.96 -26.30 10.11
N PHE A 2299 -57.47 -25.96 11.29
CA PHE A 2299 -57.30 -26.97 12.35
C PHE A 2299 -58.56 -27.48 13.07
N CYS A 2300 -58.57 -28.79 13.30
CA CYS A 2300 -59.59 -29.46 14.11
C CYS A 2300 -59.02 -30.82 14.54
N GLY A 2301 -59.20 -31.14 15.80
CA GLY A 2301 -58.62 -32.30 16.49
C GLY A 2301 -59.11 -33.72 16.13
N SER A 2302 -59.22 -34.06 14.85
CA SER A 2302 -59.70 -35.39 14.49
C SER A 2302 -59.41 -35.70 13.06
N ASP A 2303 -59.86 -36.87 12.62
CA ASP A 2303 -59.82 -37.19 11.20
C ASP A 2303 -61.07 -36.70 10.51
N ASN A 2304 -61.18 -37.00 9.20
CA ASN A 2304 -62.34 -36.68 8.36
C ASN A 2304 -62.78 -35.24 8.45
N LEU A 2305 -61.86 -34.33 8.20
CA LEU A 2305 -62.22 -32.93 8.32
C LEU A 2305 -62.60 -32.26 7.05
N GLN A 2306 -63.89 -32.24 6.76
CA GLN A 2306 -64.51 -31.56 5.62
C GLN A 2306 -64.41 -30.02 5.72
N ILE A 2307 -63.20 -29.50 5.94
CA ILE A 2307 -63.03 -28.08 6.20
C ILE A 2307 -62.36 -27.33 5.04
N VAL A 2308 -61.20 -27.82 4.58
CA VAL A 2308 -60.50 -27.15 3.48
C VAL A 2308 -60.24 -28.07 2.28
N PRO A 2309 -61.28 -28.37 1.47
CA PRO A 2309 -61.29 -29.20 0.29
C PRO A 2309 -60.54 -28.54 -0.87
N GLY A 2310 -60.25 -27.24 -0.72
CA GLY A 2310 -59.47 -26.52 -1.72
C GLY A 2310 -58.06 -27.09 -1.82
N VAL A 2311 -57.48 -27.52 -0.70
CA VAL A 2311 -56.16 -28.15 -0.76
C VAL A 2311 -56.35 -29.63 -0.52
N ARG A 2312 -57.62 -30.01 -0.23
CA ARG A 2312 -58.06 -31.37 0.00
C ARG A 2312 -57.60 -31.99 1.30
N ILE A 2313 -57.74 -31.21 2.39
CA ILE A 2313 -57.42 -31.75 3.71
C ILE A 2313 -58.49 -32.74 4.23
N PRO A 2314 -59.74 -32.83 3.65
CA PRO A 2314 -60.76 -33.75 4.16
C PRO A 2314 -60.44 -35.20 3.88
N GLN A 2315 -59.63 -35.78 4.74
CA GLN A 2315 -59.26 -37.17 4.64
C GLN A 2315 -59.62 -37.86 5.95
N PRO A 2316 -59.72 -39.18 5.97
CA PRO A 2316 -60.02 -39.96 7.16
C PRO A 2316 -58.79 -40.70 7.65
N LEU A 2317 -57.66 -40.00 7.68
CA LEU A 2317 -56.40 -40.59 8.05
C LEU A 2317 -56.25 -40.68 9.56
N LEU A 2318 -56.91 -41.67 10.14
CA LEU A 2318 -56.92 -41.83 11.59
C LEU A 2318 -55.82 -42.75 12.12
N GLN A 2319 -56.14 -44.05 12.28
CA GLN A 2319 -55.26 -45.08 12.85
C GLN A 2319 -54.03 -45.47 12.00
N GLN A 2320 -53.32 -44.48 11.51
CA GLN A 2320 -52.18 -44.67 10.66
C GLN A 2320 -51.32 -43.44 10.76
N SER A 2321 -50.01 -43.60 10.86
CA SER A 2321 -49.11 -42.46 11.11
C SER A 2321 -48.71 -41.61 9.90
N GLU A 2322 -47.95 -40.55 10.22
CA GLU A 2322 -47.41 -39.57 9.26
C GLU A 2322 -46.51 -40.18 8.21
N GLU A 2323 -45.93 -41.34 8.52
CA GLU A 2323 -45.16 -42.10 7.55
C GLU A 2323 -45.96 -43.29 7.06
N GLU A 2324 -46.55 -44.02 8.01
CA GLU A 2324 -47.26 -45.27 7.76
C GLU A 2324 -48.23 -45.22 6.60
N GLU A 2325 -49.07 -44.20 6.56
CA GLU A 2325 -50.00 -44.07 5.45
C GLU A 2325 -50.10 -42.65 4.96
N ARG A 2326 -48.95 -42.03 4.75
CA ARG A 2326 -48.90 -40.67 4.24
C ARG A 2326 -49.54 -40.50 2.87
N ALA A 2327 -49.02 -41.22 1.89
CA ALA A 2327 -49.50 -41.14 0.52
C ALA A 2327 -50.93 -41.59 0.40
N ARG A 2328 -51.30 -42.64 1.12
CA ARG A 2328 -52.62 -43.25 1.07
C ARG A 2328 -53.74 -42.23 0.90
N LEU A 2329 -53.74 -41.21 1.73
CA LEU A 2329 -54.77 -40.21 1.66
C LEU A 2329 -54.26 -38.80 1.42
N THR A 2330 -52.96 -38.54 1.53
CA THR A 2330 -52.60 -37.14 1.47
C THR A 2330 -51.45 -36.83 0.51
N ALA A 2331 -50.37 -37.62 0.52
CA ALA A 2331 -49.27 -37.30 -0.42
C ALA A 2331 -49.59 -37.78 -1.82
N ILE A 2332 -50.63 -38.61 -1.97
CA ILE A 2332 -51.15 -38.96 -3.28
C ILE A 2332 -51.67 -37.73 -4.01
N LEU A 2333 -52.04 -36.69 -3.26
CA LEU A 2333 -52.59 -35.50 -3.81
C LEU A 2333 -51.53 -34.73 -4.58
N SER A 2334 -51.95 -34.10 -5.66
CA SER A 2334 -51.09 -33.29 -6.49
C SER A 2334 -50.90 -31.95 -5.82
N ASN A 2335 -50.19 -31.04 -6.47
CA ASN A 2335 -50.01 -29.72 -5.89
C ASN A 2335 -51.32 -28.95 -5.95
N THR A 2336 -52.18 -29.19 -4.96
CA THR A 2336 -53.52 -28.60 -4.86
C THR A 2336 -53.45 -27.15 -4.43
N ILE A 2337 -52.98 -26.32 -5.37
CA ILE A 2337 -52.80 -24.89 -5.21
C ILE A 2337 -53.48 -24.16 -6.36
N GLU A 2338 -54.47 -23.31 -6.06
CA GLU A 2338 -55.18 -22.53 -7.08
C GLU A 2338 -54.27 -21.75 -8.03
N PRO A 2339 -54.18 -22.15 -9.30
CA PRO A 2339 -53.37 -21.53 -10.35
C PRO A 2339 -53.60 -20.02 -10.51
N ALA A 2340 -54.84 -19.57 -10.30
CA ALA A 2340 -55.19 -18.15 -10.45
C ALA A 2340 -55.04 -17.34 -9.17
N ASP A 2341 -54.53 -17.93 -8.10
CA ASP A 2341 -54.46 -17.23 -6.83
C ASP A 2341 -53.42 -17.90 -5.93
N SER A 2342 -53.54 -17.75 -4.61
CA SER A 2342 -52.57 -18.38 -3.73
C SER A 2342 -52.96 -19.77 -3.13
N LEU A 2343 -54.23 -20.19 -3.21
CA LEU A 2343 -55.46 -19.40 -3.03
C LEU A 2343 -55.47 -18.63 -1.71
N SER A 2344 -55.66 -17.32 -1.83
CA SER A 2344 -55.66 -16.40 -0.72
C SER A 2344 -56.85 -16.56 0.22
N SER A 2345 -57.83 -17.39 -0.13
CA SER A 2345 -58.91 -17.68 0.80
C SER A 2345 -58.42 -18.68 1.85
N TRP A 2346 -57.36 -19.42 1.51
CA TRP A 2346 -56.76 -20.35 2.45
C TRP A 2346 -55.84 -19.59 3.33
N LEU A 2347 -55.23 -18.57 2.73
CA LEU A 2347 -54.33 -17.72 3.45
C LEU A 2347 -55.01 -16.50 4.09
N GLN A 2348 -56.29 -16.29 3.73
CA GLN A 2348 -57.09 -15.14 4.17
C GLN A 2348 -56.39 -13.82 3.86
N LEU A 2349 -55.94 -13.68 2.61
CA LEU A 2349 -55.21 -12.51 2.14
C LEU A 2349 -55.92 -11.78 0.99
N PRO A 2350 -55.53 -10.52 0.71
CA PRO A 2350 -56.06 -9.71 -0.40
C PRO A 2350 -55.39 -9.98 -1.76
N ARG A 2351 -56.12 -10.61 -2.70
CA ARG A 2351 -55.59 -10.85 -4.06
C ARG A 2351 -55.02 -9.62 -4.72
N GLU A 2352 -55.53 -8.44 -4.36
CA GLU A 2352 -55.04 -7.15 -4.85
C GLU A 2352 -53.53 -7.10 -4.95
N SER A 2353 -52.84 -7.62 -3.94
CA SER A 2353 -51.39 -7.63 -3.93
C SER A 2353 -50.82 -8.49 -5.04
N ILE A 2354 -51.49 -9.61 -5.37
CA ILE A 2354 -51.08 -10.48 -6.48
C ILE A 2354 -51.19 -9.71 -7.77
N LEU A 2355 -52.28 -8.98 -7.89
CA LEU A 2355 -52.55 -8.16 -9.07
C LEU A 2355 -51.50 -7.05 -9.18
N ASP A 2356 -51.06 -6.53 -8.04
CA ASP A 2356 -50.00 -5.54 -8.01
C ASP A 2356 -48.67 -6.20 -8.36
N TYR A 2357 -48.48 -7.44 -7.88
CA TYR A 2357 -47.29 -8.21 -8.13
C TYR A 2357 -47.15 -8.48 -9.62
N GLU A 2358 -48.27 -8.64 -10.32
CA GLU A 2358 -48.21 -8.82 -11.76
C GLU A 2358 -47.34 -7.76 -12.42
N ARG A 2359 -47.58 -6.50 -12.04
CA ARG A 2359 -46.84 -5.38 -12.60
C ARG A 2359 -45.49 -5.20 -11.97
N LEU A 2360 -45.40 -5.40 -10.66
CA LEU A 2360 -44.13 -5.23 -9.97
C LEU A 2360 -43.11 -6.23 -10.48
N GLN A 2361 -43.59 -7.44 -10.77
CA GLN A 2361 -42.76 -8.46 -11.37
C GLN A 2361 -42.34 -8.01 -12.74
N ALA A 2362 -43.30 -7.53 -13.52
CA ALA A 2362 -43.03 -7.08 -14.87
C ALA A 2362 -41.98 -5.98 -14.87
N LYS A 2363 -42.01 -5.08 -13.89
CA LYS A 2363 -41.06 -3.99 -13.81
C LYS A 2363 -39.62 -4.49 -13.66
N GLU A 2364 -39.42 -5.39 -12.70
CA GLU A 2364 -38.09 -5.93 -12.45
C GLU A 2364 -37.63 -6.85 -13.55
N VAL A 2365 -38.54 -7.69 -14.02
CA VAL A 2365 -38.24 -8.63 -15.08
C VAL A 2365 -37.83 -7.90 -16.34
N ALA A 2366 -38.59 -6.87 -16.71
CA ALA A 2366 -38.27 -6.08 -17.89
C ALA A 2366 -36.86 -5.53 -17.82
N SER A 2367 -36.50 -4.97 -16.66
CA SER A 2367 -35.18 -4.42 -16.47
C SER A 2367 -34.08 -5.49 -16.57
N SER A 2368 -34.33 -6.66 -15.97
CA SER A 2368 -33.34 -7.73 -15.98
C SER A 2368 -33.17 -8.40 -17.33
N THR A 2369 -34.22 -8.39 -18.17
CA THR A 2369 -34.05 -8.99 -19.49
C THR A 2369 -33.23 -8.08 -20.37
N GLU A 2370 -33.39 -6.77 -20.16
CA GLU A 2370 -32.58 -5.81 -20.90
C GLU A 2370 -31.13 -5.96 -20.48
N GLN A 2371 -30.93 -6.20 -19.18
CA GLN A 2371 -29.61 -6.41 -18.60
C GLN A 2371 -28.85 -7.62 -19.16
N LEU A 2372 -29.46 -8.79 -19.11
CA LEU A 2372 -28.77 -10.02 -19.50
C LEU A 2372 -28.70 -10.32 -21.00
N LEU A 2373 -29.84 -10.14 -21.69
CA LEU A 2373 -30.02 -10.50 -23.10
C LEU A 2373 -28.90 -10.14 -24.06
N GLN A 2374 -28.21 -9.02 -23.82
CA GLN A 2374 -27.11 -8.61 -24.70
C GLN A 2374 -26.19 -9.74 -25.13
N GLU A 2375 -25.80 -10.60 -24.21
CA GLU A 2375 -25.01 -11.76 -24.61
C GLU A 2375 -25.68 -13.02 -24.15
N MET A 2376 -26.77 -12.85 -23.37
CA MET A 2376 -27.61 -13.92 -22.84
C MET A 2376 -26.93 -14.58 -21.66
N LEU B 1 66.65 23.24 -10.80
CA LEU B 1 66.23 23.96 -11.98
C LEU B 1 64.73 24.17 -12.01
N LYS B 2 64.28 25.11 -12.83
CA LYS B 2 62.85 25.28 -13.05
C LYS B 2 62.52 24.50 -14.28
N TRP B 3 61.74 23.47 -14.11
CA TRP B 3 61.42 22.64 -15.24
C TRP B 3 60.23 23.24 -15.95
N ILE B 4 60.42 23.51 -17.22
CA ILE B 4 59.42 24.17 -18.05
C ILE B 4 58.96 23.39 -19.28
N PRO B 5 58.26 22.25 -19.11
CA PRO B 5 57.72 21.38 -20.13
C PRO B 5 56.49 22.01 -20.74
N ARG B 6 56.67 23.08 -21.48
CA ARG B 6 55.52 23.80 -21.94
C ARG B 6 55.43 23.88 -23.46
N ASN B 7 55.55 25.08 -24.01
CA ASN B 7 55.30 25.30 -25.42
C ASN B 7 53.88 24.85 -25.77
N LEU B 8 53.73 23.85 -26.64
CA LEU B 8 52.40 23.46 -27.08
C LEU B 8 52.56 22.18 -27.91
N PRO B 9 51.93 21.06 -27.46
CA PRO B 9 52.09 19.72 -28.07
C PRO B 9 53.00 19.66 -29.27
N SER B 10 54.25 19.31 -29.03
CA SER B 10 55.22 19.13 -30.09
C SER B 10 54.81 17.93 -30.95
N CYS B 11 54.05 17.03 -30.34
CA CYS B 11 53.50 15.90 -31.07
C CYS B 11 52.10 15.57 -30.59
N LEU B 12 51.14 15.70 -31.50
CA LEU B 12 49.73 15.35 -31.23
C LEU B 12 49.48 13.92 -31.62
N ILE B 13 48.98 13.15 -30.67
CA ILE B 13 48.74 11.75 -30.87
C ILE B 13 47.25 11.44 -30.85
N ASN B 14 46.73 10.99 -31.97
CA ASN B 14 45.34 10.56 -32.09
C ASN B 14 45.26 9.07 -31.79
N VAL B 15 44.57 8.74 -30.71
CA VAL B 15 44.50 7.38 -30.21
C VAL B 15 43.12 6.76 -30.49
N GLU B 16 43.11 5.47 -30.83
CA GLU B 16 41.88 4.70 -31.10
C GLU B 16 40.74 5.01 -30.10
N SER B 17 41.06 4.93 -28.81
CA SER B 17 40.13 5.32 -27.76
C SER B 17 40.89 6.12 -26.72
N SER B 18 40.50 6.03 -25.44
CA SER B 18 41.15 6.90 -24.45
C SER B 18 42.46 6.33 -23.90
N VAL B 19 43.22 7.20 -23.23
CA VAL B 19 44.52 6.85 -22.65
C VAL B 19 44.50 6.92 -21.13
N THR B 20 45.02 5.88 -20.46
CA THR B 20 45.01 5.88 -19.00
C THR B 20 46.36 6.28 -18.38
N SER B 21 47.48 6.01 -19.06
CA SER B 21 48.79 6.40 -18.52
C SER B 21 49.92 6.40 -19.55
N VAL B 22 50.68 7.48 -19.64
CA VAL B 22 51.80 7.51 -20.58
C VAL B 22 53.09 7.75 -19.82
N LYS B 23 54.01 6.79 -19.83
CA LYS B 23 55.26 6.98 -19.07
C LYS B 23 56.53 6.66 -19.88
N LEU B 24 57.62 7.40 -19.60
CA LEU B 24 58.91 7.25 -20.29
C LEU B 24 59.73 6.02 -19.91
N HIS B 25 60.26 5.31 -20.91
CA HIS B 25 61.24 4.22 -20.71
C HIS B 25 62.41 4.73 -19.85
N PRO B 26 62.93 3.95 -18.87
CA PRO B 26 64.01 4.32 -17.96
C PRO B 26 65.18 5.02 -18.65
N ASN B 27 65.58 4.51 -19.82
CA ASN B 27 66.75 5.03 -20.50
C ASN B 27 66.45 5.73 -21.82
N LEU B 28 65.49 5.23 -22.56
CA LEU B 28 65.23 5.78 -23.87
C LEU B 28 64.14 6.83 -23.89
N PRO B 29 64.20 7.76 -24.84
CA PRO B 29 63.24 8.83 -25.10
C PRO B 29 62.02 8.31 -25.86
N ILE B 30 61.43 7.25 -25.32
CA ILE B 30 60.27 6.62 -25.89
C ILE B 30 59.33 6.44 -24.72
N VAL B 31 58.05 6.47 -24.95
CA VAL B 31 57.11 6.30 -23.86
C VAL B 31 56.17 5.17 -24.15
N PHE B 32 55.54 4.69 -23.09
CA PHE B 32 54.60 3.64 -23.21
C PHE B 32 53.23 4.15 -22.87
N VAL B 33 52.38 4.14 -23.88
CA VAL B 33 51.04 4.66 -23.78
C VAL B 33 50.08 3.57 -23.38
N ALA B 34 49.65 3.63 -22.15
CA ALA B 34 48.74 2.65 -21.60
C ALA B 34 47.32 3.09 -21.88
N THR B 35 46.64 2.36 -22.74
CA THR B 35 45.28 2.69 -23.11
C THR B 35 44.24 1.76 -22.52
N ASP B 36 43.00 2.13 -22.81
CA ASP B 36 41.80 1.38 -22.42
C ASP B 36 41.42 0.31 -23.47
N HIS B 37 42.33 -0.01 -24.41
CA HIS B 37 41.97 -0.87 -25.52
C HIS B 37 41.83 -2.38 -25.14
N GLY B 38 42.68 -2.99 -24.26
CA GLY B 38 43.86 -2.48 -23.57
C GLY B 38 45.12 -2.79 -24.36
N LYS B 39 45.73 -1.75 -24.90
CA LYS B 39 46.92 -1.89 -25.70
C LYS B 39 47.98 -0.97 -25.13
N LEU B 40 49.21 -1.47 -25.09
CA LEU B 40 50.31 -0.67 -24.61
C LEU B 40 51.13 -0.27 -25.84
N TYR B 41 51.33 1.02 -26.05
CA TYR B 41 52.03 1.39 -27.26
C TYR B 41 53.41 1.89 -27.01
N ALA B 42 54.34 1.44 -27.86
CA ALA B 42 55.71 1.94 -27.75
C ALA B 42 55.77 3.20 -28.56
N PHE B 43 56.36 4.25 -28.00
CA PHE B 43 56.33 5.50 -28.73
C PHE B 43 57.53 6.39 -28.61
N ASP B 44 58.33 6.41 -29.66
CA ASP B 44 59.44 7.34 -29.77
C ASP B 44 58.89 8.73 -29.82
N LEU B 45 59.27 9.53 -28.83
CA LEU B 45 58.76 10.89 -28.68
C LEU B 45 59.03 11.81 -29.87
N PHE B 46 59.96 11.44 -30.73
CA PHE B 46 60.27 12.28 -31.88
C PHE B 46 59.76 11.70 -33.20
N ASN B 47 58.82 10.74 -33.12
CA ASN B 47 58.25 10.10 -34.31
C ASN B 47 56.73 9.81 -34.15
N TYR B 48 56.01 9.63 -35.27
CA TYR B 48 54.54 9.36 -35.29
C TYR B 48 54.06 9.18 -36.76
N THR B 49 53.08 8.31 -37.05
CA THR B 49 52.40 7.44 -36.10
C THR B 49 53.08 6.12 -36.06
N ILE B 50 53.63 5.82 -34.90
CA ILE B 50 54.43 4.65 -34.66
C ILE B 50 53.64 3.33 -34.48
N PRO B 51 53.91 2.31 -35.33
CA PRO B 51 53.38 0.95 -35.32
C PRO B 51 54.40 -0.01 -34.69
N LEU B 52 55.32 0.55 -33.92
CA LEU B 52 56.39 -0.14 -33.22
C LEU B 52 55.82 -1.17 -32.29
N ALA B 53 54.79 -0.77 -31.57
CA ALA B 53 54.09 -1.68 -30.71
C ALA B 53 52.72 -1.14 -30.41
N SER B 54 51.77 -2.04 -30.55
CA SER B 54 50.35 -1.87 -30.29
C SER B 54 50.00 -3.12 -29.53
N LEU B 55 50.51 -3.19 -28.32
CA LEU B 55 50.49 -4.40 -27.53
C LEU B 55 49.16 -4.74 -26.94
N GLN B 56 48.28 -5.28 -27.79
CA GLN B 56 47.00 -5.74 -27.35
C GLN B 56 47.20 -6.98 -26.53
N SER B 57 46.55 -7.02 -25.36
CA SER B 57 46.69 -8.13 -24.42
C SER B 57 46.01 -7.83 -23.11
N HIS B 58 45.88 -6.54 -22.78
CA HIS B 58 45.16 -6.20 -21.58
C HIS B 58 43.69 -6.31 -21.94
N THR B 59 43.19 -7.54 -21.76
CA THR B 59 41.84 -7.94 -22.14
C THR B 59 40.77 -6.90 -21.91
N LYS B 60 40.88 -6.14 -20.83
CA LYS B 60 39.89 -5.13 -20.58
C LYS B 60 40.47 -3.71 -20.68
N ALA B 61 41.45 -3.37 -19.84
CA ALA B 61 42.06 -2.04 -19.89
C ALA B 61 43.27 -1.97 -19.00
N ILE B 62 44.20 -1.04 -19.27
CA ILE B 62 45.38 -0.95 -18.41
C ILE B 62 45.13 -0.02 -17.22
N THR B 63 45.15 -0.61 -16.01
CA THR B 63 44.89 0.14 -14.78
C THR B 63 46.18 0.52 -14.05
N SER B 64 47.27 -0.16 -14.32
CA SER B 64 48.52 0.17 -13.63
C SER B 64 49.73 -0.11 -14.49
N MET B 65 50.79 0.66 -14.25
CA MET B 65 52.04 0.53 -14.98
C MET B 65 53.24 1.04 -14.17
N ASP B 66 54.28 0.22 -14.07
CA ASP B 66 55.49 0.55 -13.30
C ASP B 66 56.74 -0.05 -13.94
N VAL B 67 57.91 0.32 -13.40
CA VAL B 67 59.26 -0.10 -13.80
C VAL B 67 59.80 0.68 -14.99
N LEU B 68 59.15 1.79 -15.32
CA LEU B 68 59.62 2.65 -16.38
C LEU B 68 60.63 3.67 -15.87
N PHE B 69 60.85 3.68 -14.57
CA PHE B 69 61.92 4.48 -13.99
C PHE B 69 62.67 3.57 -13.02
N THR B 70 63.95 3.83 -12.79
CA THR B 70 64.74 2.94 -11.93
C THR B 70 65.73 3.67 -11.05
N ASN B 71 65.98 3.11 -9.87
CA ASN B 71 66.88 3.70 -8.89
C ASN B 71 68.03 2.79 -8.45
N TYR B 72 68.31 1.72 -9.19
CA TYR B 72 69.39 0.81 -8.78
C TYR B 72 69.91 -0.06 -9.90
N THR B 73 71.19 0.15 -10.24
CA THR B 73 71.89 -0.49 -11.36
C THR B 73 71.74 -1.99 -11.54
N ASN B 74 71.91 -2.78 -10.50
CA ASN B 74 71.82 -4.21 -10.71
C ASN B 74 70.40 -4.66 -11.00
N SER B 75 69.40 -3.88 -10.56
CA SER B 75 68.04 -4.20 -10.88
C SER B 75 67.67 -3.53 -12.18
N SER B 76 68.34 -2.39 -12.47
CA SER B 76 68.16 -1.59 -13.68
C SER B 76 68.39 -2.43 -14.89
N LYS B 77 69.41 -3.28 -14.81
CA LYS B 77 69.79 -4.22 -15.85
C LYS B 77 68.61 -5.03 -16.36
N LYS B 78 67.63 -5.31 -15.50
CA LYS B 78 66.45 -6.01 -15.93
C LYS B 78 65.29 -5.02 -16.08
N ASN B 79 65.26 -3.97 -15.27
CA ASN B 79 64.18 -2.98 -15.31
C ASN B 79 64.01 -2.32 -16.67
N TYR B 80 65.12 -1.96 -17.33
CA TYR B 80 64.96 -1.38 -18.66
C TYR B 80 64.45 -2.45 -19.62
N LEU B 81 64.68 -3.72 -19.27
CA LEU B 81 64.20 -4.88 -20.01
C LEU B 81 62.84 -5.37 -19.56
N VAL B 82 62.21 -4.79 -18.55
CA VAL B 82 60.91 -5.32 -18.15
C VAL B 82 59.92 -4.21 -17.78
N ILE B 83 58.68 -4.61 -17.51
CA ILE B 83 57.67 -3.65 -17.07
C ILE B 83 56.59 -4.37 -16.32
N VAL B 84 56.00 -3.73 -15.33
CA VAL B 84 54.89 -4.37 -14.65
C VAL B 84 53.65 -3.54 -14.77
N THR B 85 52.64 -4.12 -15.39
CA THR B 85 51.38 -3.44 -15.58
C THR B 85 50.28 -4.27 -14.99
N ALA B 86 49.07 -3.77 -15.02
CA ALA B 86 47.94 -4.55 -14.52
C ALA B 86 46.67 -4.07 -15.16
N SER B 87 45.71 -4.99 -15.28
CA SER B 87 44.44 -4.68 -15.90
C SER B 87 43.20 -5.01 -15.09
N LYS B 88 42.06 -4.68 -15.70
CA LYS B 88 40.74 -4.94 -15.14
C LYS B 88 40.41 -6.42 -15.20
N ASP B 89 41.19 -7.15 -16.00
CA ASP B 89 41.06 -8.60 -16.12
C ASP B 89 41.69 -9.36 -14.93
N LEU B 90 42.06 -8.62 -13.86
CA LEU B 90 42.59 -9.13 -12.61
C LEU B 90 44.01 -9.61 -12.69
N GLN B 91 44.66 -9.40 -13.83
CA GLN B 91 46.00 -9.88 -13.96
C GLN B 91 47.01 -8.76 -13.80
N ILE B 92 48.13 -9.10 -13.19
CA ILE B 92 49.23 -8.18 -13.15
C ILE B 92 50.14 -8.65 -14.24
N HIS B 93 50.24 -7.87 -15.29
CA HIS B 93 50.98 -8.27 -16.47
C HIS B 93 52.41 -7.75 -16.48
N VAL B 94 53.35 -8.67 -16.26
CA VAL B 94 54.76 -8.36 -16.28
C VAL B 94 55.33 -8.71 -17.64
N PHE B 95 55.96 -7.76 -18.32
CA PHE B 95 56.50 -8.02 -19.65
C PHE B 95 57.98 -7.76 -19.75
N LYS B 96 58.59 -8.25 -20.82
CA LYS B 96 59.99 -8.04 -21.08
C LYS B 96 60.23 -7.14 -22.28
N TRP B 97 60.70 -5.94 -21.99
CA TRP B 97 61.14 -4.98 -22.97
C TRP B 97 62.41 -5.49 -23.61
N VAL B 98 62.50 -5.36 -24.92
CA VAL B 98 63.72 -5.77 -25.59
C VAL B 98 64.20 -4.65 -26.46
N SER B 99 65.42 -4.80 -26.98
CA SER B 99 66.14 -3.82 -27.81
C SER B 99 65.34 -3.22 -28.98
N GLU B 100 64.22 -3.84 -29.33
CA GLU B 100 63.29 -3.37 -30.34
C GLU B 100 62.46 -2.17 -29.86
N GLU B 101 62.70 -1.68 -28.64
CA GLU B 101 61.99 -0.55 -28.06
C GLU B 101 60.54 -0.90 -27.76
N CYS B 102 60.33 -2.12 -27.30
CA CYS B 102 58.98 -2.55 -26.97
C CYS B 102 58.95 -3.80 -26.12
N LYS B 103 57.81 -4.06 -25.51
CA LYS B 103 57.63 -5.23 -24.67
C LYS B 103 57.31 -6.43 -25.52
N PHE B 104 58.38 -7.02 -26.02
CA PHE B 104 58.35 -8.18 -26.88
C PHE B 104 57.61 -9.37 -26.33
N GLN B 105 57.90 -9.74 -25.10
CA GLN B 105 57.25 -10.91 -24.55
C GLN B 105 56.71 -10.66 -23.18
N GLN B 106 55.82 -11.54 -22.74
CA GLN B 106 55.29 -11.43 -21.40
C GLN B 106 56.03 -12.37 -20.50
N ILE B 107 56.28 -11.94 -19.28
CA ILE B 107 57.01 -12.73 -18.32
C ILE B 107 56.05 -13.37 -17.31
N ARG B 108 55.19 -12.56 -16.68
CA ARG B 108 54.26 -13.09 -15.65
C ARG B 108 52.85 -12.51 -15.77
N SER B 109 51.89 -13.27 -15.25
CA SER B 109 50.48 -12.86 -15.18
C SER B 109 49.99 -13.27 -13.80
N LEU B 110 49.84 -12.31 -12.91
CA LEU B 110 49.54 -12.64 -11.52
C LEU B 110 48.07 -12.54 -11.22
N LEU B 111 47.56 -13.51 -10.47
CA LEU B 111 46.14 -13.56 -10.11
C LEU B 111 45.95 -13.99 -8.67
N GLY B 112 45.04 -13.32 -8.00
CA GLY B 112 44.73 -13.51 -6.60
C GLY B 112 43.76 -12.43 -6.20
N HIS B 113 43.94 -11.25 -6.77
CA HIS B 113 42.93 -10.22 -6.57
C HIS B 113 41.73 -10.64 -7.39
N GLU B 114 40.56 -10.45 -6.81
CA GLU B 114 39.34 -10.91 -7.45
C GLU B 114 38.52 -9.77 -8.00
N HIS B 115 38.34 -8.71 -7.23
CA HIS B 115 37.71 -7.53 -7.79
C HIS B 115 38.87 -6.66 -8.27
N ILE B 116 38.64 -5.96 -9.38
CA ILE B 116 39.63 -5.23 -10.19
C ILE B 116 40.90 -4.69 -9.53
N VAL B 117 42.06 -5.14 -10.03
CA VAL B 117 43.35 -4.66 -9.57
C VAL B 117 43.48 -3.20 -9.95
N SER B 118 43.63 -2.33 -8.96
CA SER B 118 43.65 -0.91 -9.22
C SER B 118 45.03 -0.32 -9.29
N ALA B 119 46.01 -0.92 -8.62
CA ALA B 119 47.34 -0.37 -8.73
C ALA B 119 48.43 -1.35 -8.32
N VAL B 120 49.58 -1.27 -9.00
CA VAL B 120 50.74 -2.10 -8.73
C VAL B 120 52.02 -1.26 -8.59
N LYS B 121 52.82 -1.57 -7.56
CA LYS B 121 54.06 -0.87 -7.31
C LYS B 121 55.15 -1.89 -7.01
N ILE B 122 56.26 -1.80 -7.72
CA ILE B 122 57.28 -2.83 -7.62
C ILE B 122 58.33 -2.59 -6.54
N TRP B 123 58.66 -3.65 -5.81
CA TRP B 123 59.70 -3.57 -4.80
C TRP B 123 61.08 -3.60 -5.40
N GLN B 124 61.47 -2.45 -5.94
CA GLN B 124 62.79 -2.24 -6.48
C GLN B 124 63.80 -2.30 -5.34
N LYS B 125 63.32 -2.00 -4.14
CA LYS B 125 64.09 -2.08 -2.90
C LYS B 125 64.54 -3.53 -2.65
N ASN B 126 63.81 -4.49 -3.22
CA ASN B 126 64.14 -5.89 -3.11
C ASN B 126 64.72 -6.42 -4.40
N ASN B 127 65.41 -5.57 -5.16
CA ASN B 127 66.07 -5.98 -6.40
C ASN B 127 65.08 -6.55 -7.40
N ASP B 128 63.89 -5.95 -7.48
CA ASP B 128 62.88 -6.40 -8.41
C ASP B 128 62.42 -7.83 -8.12
N VAL B 129 62.46 -8.24 -6.86
CA VAL B 129 62.00 -9.57 -6.48
C VAL B 129 60.56 -9.56 -6.02
N HIS B 130 60.17 -8.56 -5.25
CA HIS B 130 58.81 -8.51 -4.74
C HIS B 130 57.96 -7.48 -5.49
N ILE B 131 56.66 -7.73 -5.54
CA ILE B 131 55.69 -6.84 -6.18
C ILE B 131 54.57 -6.47 -5.26
N ALA B 132 54.31 -5.18 -5.08
CA ALA B 132 53.16 -4.78 -4.27
C ALA B 132 51.96 -4.53 -5.18
N SER B 133 50.78 -4.96 -4.75
CA SER B 133 49.60 -4.68 -5.56
C SER B 133 48.40 -4.49 -4.68
N CYS B 134 47.41 -3.79 -5.21
CA CYS B 134 46.21 -3.60 -4.46
C CYS B 134 45.02 -3.57 -5.36
N SER B 135 43.87 -3.76 -4.76
CA SER B 135 42.70 -3.79 -5.56
C SER B 135 41.48 -3.39 -4.82
N ARG B 136 40.40 -3.41 -5.58
CA ARG B 136 39.06 -3.21 -5.12
C ARG B 136 38.62 -4.22 -4.04
N ASP B 137 39.44 -5.24 -3.76
CA ASP B 137 39.16 -6.23 -2.74
C ASP B 137 39.36 -5.70 -1.33
N GLN B 138 39.81 -4.42 -1.21
CA GLN B 138 40.14 -3.82 0.09
C GLN B 138 41.42 -4.46 0.59
N THR B 139 42.15 -5.10 -0.32
CA THR B 139 43.27 -5.95 0.02
C THR B 139 44.54 -5.61 -0.72
N VAL B 140 45.67 -5.80 -0.03
CA VAL B 140 47.02 -5.56 -0.53
C VAL B 140 47.83 -6.86 -0.63
N LYS B 141 48.48 -7.10 -1.77
CA LYS B 141 49.24 -8.33 -1.95
C LYS B 141 50.68 -8.14 -2.41
N ILE B 142 51.52 -9.10 -2.03
CA ILE B 142 52.93 -9.17 -2.40
C ILE B 142 53.20 -10.36 -3.28
N TRP B 143 53.91 -10.13 -4.37
CA TRP B 143 54.16 -11.22 -5.29
C TRP B 143 55.64 -11.38 -5.60
N ASP B 144 56.01 -12.57 -6.08
CA ASP B 144 57.38 -12.80 -6.49
C ASP B 144 57.52 -12.48 -7.94
N PHE B 145 58.10 -11.33 -8.23
CA PHE B 145 58.32 -10.87 -9.58
C PHE B 145 58.99 -11.88 -10.50
N HIS B 146 59.96 -12.62 -9.98
CA HIS B 146 60.74 -13.48 -10.85
C HIS B 146 60.18 -14.90 -10.91
N ASN B 147 59.13 -15.20 -10.15
CA ASN B 147 58.59 -16.55 -10.16
C ASN B 147 57.07 -16.61 -10.31
N GLY B 148 56.40 -15.48 -10.13
CA GLY B 148 54.96 -15.40 -10.30
C GLY B 148 54.22 -15.97 -9.11
N TRP B 149 54.73 -15.69 -7.92
CA TRP B 149 54.15 -16.25 -6.71
C TRP B 149 53.40 -15.23 -5.88
N SER B 150 52.40 -15.67 -5.14
CA SER B 150 51.74 -14.78 -4.19
C SER B 150 52.49 -14.93 -2.87
N LEU B 151 53.32 -13.98 -2.54
CA LEU B 151 54.18 -14.09 -1.37
C LEU B 151 53.58 -13.61 -0.06
N LYS B 152 52.75 -12.56 -0.08
CA LYS B 152 52.24 -12.10 1.20
C LYS B 152 51.05 -11.16 1.06
N THR B 153 49.96 -11.49 1.76
CA THR B 153 48.72 -10.72 1.69
C THR B 153 48.39 -9.98 2.98
N PHE B 154 47.95 -8.74 2.84
CA PHE B 154 47.53 -7.94 3.99
C PHE B 154 46.16 -7.36 3.83
N GLN B 155 45.50 -7.22 4.96
CA GLN B 155 44.19 -6.59 4.98
C GLN B 155 44.26 -5.29 5.78
N PRO B 156 44.26 -4.16 5.10
CA PRO B 156 44.29 -2.88 5.78
C PRO B 156 42.98 -2.14 5.64
N HIS B 157 42.63 -1.79 4.41
CA HIS B 157 41.49 -0.97 4.13
C HIS B 157 40.14 -1.53 4.39
N SER B 158 39.23 -0.61 4.64
CA SER B 158 37.84 -0.93 4.84
C SER B 158 37.11 -0.82 3.51
N GLN B 159 37.74 -0.16 2.54
CA GLN B 159 37.16 -0.03 1.22
C GLN B 159 38.10 -0.30 0.09
N TRP B 160 37.46 -0.51 -1.05
CA TRP B 160 38.06 -0.78 -2.33
C TRP B 160 39.30 0.06 -2.54
N VAL B 161 40.46 -0.59 -2.64
CA VAL B 161 41.70 0.16 -2.67
C VAL B 161 41.90 0.80 -4.03
N ARG B 162 42.30 2.07 -4.01
CA ARG B 162 42.45 2.87 -5.21
C ARG B 162 43.90 3.09 -5.67
N SER B 163 44.86 3.15 -4.73
CA SER B 163 46.25 3.42 -5.12
C SER B 163 47.26 2.70 -4.22
N ILE B 164 48.52 2.66 -4.67
CA ILE B 164 49.55 1.94 -3.91
C ILE B 164 50.96 2.46 -4.17
N ASP B 165 51.84 2.32 -3.17
CA ASP B 165 53.24 2.68 -3.27
C ASP B 165 54.08 1.76 -2.36
N VAL B 166 55.39 1.88 -2.46
CA VAL B 166 56.35 1.08 -1.69
C VAL B 166 57.30 1.95 -0.91
N LEU B 167 57.42 1.70 0.40
CA LEU B 167 58.32 2.56 1.14
C LEU B 167 58.71 1.96 2.48
N GLY B 168 60.01 1.92 2.73
CA GLY B 168 60.54 1.26 3.90
C GLY B 168 60.33 -0.22 3.66
N ASP B 169 59.93 -0.94 4.70
CA ASP B 169 59.60 -2.35 4.57
C ASP B 169 58.10 -2.53 4.59
N TYR B 170 57.38 -1.47 4.29
CA TYR B 170 55.94 -1.47 4.38
C TYR B 170 55.29 -1.14 3.01
N ILE B 171 54.00 -1.45 2.86
CA ILE B 171 53.29 -1.28 1.59
C ILE B 171 52.22 -0.19 1.69
N ILE B 172 52.40 0.92 0.98
CA ILE B 172 51.49 2.09 1.07
C ILE B 172 50.25 1.97 0.24
N SER B 173 49.07 2.17 0.81
CA SER B 173 47.89 2.16 -0.06
C SER B 173 46.79 3.14 0.36
N GLY B 174 46.00 3.58 -0.62
CA GLY B 174 44.89 4.53 -0.39
C GLY B 174 43.61 3.98 -0.98
N SER B 175 42.45 4.41 -0.47
CA SER B 175 41.22 3.79 -0.94
C SER B 175 39.99 4.67 -0.88
N HIS B 176 38.86 4.03 -1.20
CA HIS B 176 37.56 4.69 -1.18
C HIS B 176 37.08 5.00 0.23
N ASP B 177 37.76 4.50 1.26
CA ASP B 177 37.35 4.82 2.61
C ASP B 177 37.92 6.14 3.08
N THR B 178 38.63 6.87 2.20
CA THR B 178 39.24 8.20 2.45
C THR B 178 40.51 8.10 3.30
N THR B 179 40.81 6.89 3.79
CA THR B 179 41.89 6.64 4.69
C THR B 179 43.02 5.89 4.01
N LEU B 180 44.24 6.30 4.31
CA LEU B 180 45.44 5.64 3.79
C LEU B 180 45.95 4.65 4.82
N ARG B 181 46.36 3.47 4.38
CA ARG B 181 46.91 2.52 5.33
C ARG B 181 48.16 1.85 4.78
N LEU B 182 49.10 1.62 5.68
CA LEU B 182 50.41 1.09 5.38
C LEU B 182 50.84 -0.03 6.33
N THR B 183 51.07 -1.22 5.75
CA THR B 183 51.39 -2.42 6.54
C THR B 183 52.74 -3.01 6.14
N HIS B 184 53.36 -3.76 7.06
CA HIS B 184 54.69 -4.31 6.86
C HIS B 184 54.65 -5.44 5.92
N TRP B 185 55.30 -5.26 4.78
CA TRP B 185 55.44 -6.25 3.73
C TRP B 185 55.70 -7.70 4.21
N PRO B 186 56.44 -7.92 5.29
CA PRO B 186 56.66 -9.25 5.84
C PRO B 186 55.69 -9.68 6.96
N SER B 187 55.01 -8.73 7.62
CA SER B 187 54.23 -9.13 8.82
C SER B 187 52.87 -8.47 9.02
N GLY B 188 52.69 -7.25 8.56
CA GLY B 188 51.44 -6.54 8.82
C GLY B 188 51.64 -5.40 9.81
N ASN B 189 52.83 -5.33 10.41
CA ASN B 189 53.20 -4.23 11.32
C ASN B 189 53.00 -2.92 10.57
N GLY B 190 52.32 -1.97 11.13
CA GLY B 190 52.10 -0.81 10.29
C GLY B 190 53.20 0.26 10.26
N LEU B 191 53.17 1.08 9.20
CA LEU B 191 54.02 2.26 9.09
C LEU B 191 53.23 3.50 8.67
N SER B 192 51.89 3.40 8.51
CA SER B 192 51.02 4.60 8.37
C SER B 192 49.49 4.37 8.28
N VAL B 193 48.75 5.28 8.92
CA VAL B 193 47.29 5.39 8.79
C VAL B 193 46.90 6.84 8.63
N GLY B 194 46.14 7.13 7.60
CA GLY B 194 45.78 8.50 7.38
C GLY B 194 44.35 8.79 7.21
N THR B 195 43.75 9.38 8.23
CA THR B 195 42.37 9.81 8.12
C THR B 195 42.32 11.31 7.77
N GLY B 196 43.14 11.70 6.79
CA GLY B 196 43.30 13.09 6.38
C GLY B 196 42.45 13.54 5.19
N HIS B 197 41.43 12.76 4.81
CA HIS B 197 40.57 13.21 3.72
C HIS B 197 39.10 13.04 4.00
N GLU B 198 38.32 13.93 3.43
CA GLU B 198 36.87 13.83 3.50
C GLU B 198 36.38 12.84 2.45
N PHE B 199 37.01 12.88 1.28
CA PHE B 199 36.63 12.02 0.18
C PHE B 199 37.84 11.15 -0.27
N PRO B 200 37.58 10.01 -0.94
CA PRO B 200 38.52 8.98 -1.41
C PRO B 200 39.82 9.44 -2.02
N ILE B 201 40.86 8.66 -1.72
CA ILE B 201 42.21 8.92 -2.20
C ILE B 201 42.35 8.60 -3.67
N GLU B 202 42.93 9.53 -4.42
CA GLU B 202 43.09 9.33 -5.84
C GLU B 202 44.54 9.18 -6.32
N LYS B 203 45.50 9.79 -5.62
CA LYS B 203 46.89 9.67 -6.09
C LYS B 203 47.95 9.77 -5.00
N VAL B 204 48.79 8.73 -4.87
CA VAL B 204 49.85 8.78 -3.86
C VAL B 204 51.23 8.72 -4.51
N LYS B 205 52.23 9.27 -3.81
CA LYS B 205 53.59 9.30 -4.37
C LYS B 205 54.72 9.75 -3.42
N PHE B 206 55.69 8.84 -3.20
CA PHE B 206 56.92 9.10 -2.44
C PHE B 206 57.90 10.07 -3.10
N ILE B 207 58.48 10.94 -2.26
CA ILE B 207 59.49 11.90 -2.71
C ILE B 207 60.69 11.18 -3.28
N HIS B 208 61.30 11.77 -4.29
CA HIS B 208 62.48 11.16 -4.88
C HIS B 208 63.70 12.04 -4.62
N PHE B 209 64.67 12.03 -5.53
CA PHE B 209 65.91 12.77 -5.34
C PHE B 209 65.71 14.27 -5.56
N ILE B 210 65.02 14.90 -4.62
CA ILE B 210 64.60 16.28 -4.67
C ILE B 210 64.37 16.89 -3.32
N GLU B 211 65.47 17.14 -2.60
CA GLU B 211 65.45 17.77 -1.28
C GLU B 211 64.83 19.19 -1.29
N ASP B 212 64.56 19.72 -2.48
CA ASP B 212 63.88 20.97 -2.66
C ASP B 212 62.53 20.96 -1.94
N SER B 213 61.83 19.82 -1.97
CA SER B 213 60.56 19.73 -1.28
C SER B 213 60.74 19.89 0.24
N PRO B 214 61.80 19.29 0.83
CA PRO B 214 62.19 19.53 2.22
C PRO B 214 62.62 20.96 2.46
N GLU B 215 63.24 21.59 1.48
CA GLU B 215 63.62 22.99 1.65
C GLU B 215 62.40 23.84 1.86
N ILE B 216 61.36 23.51 1.12
CA ILE B 216 60.08 24.17 1.21
C ILE B 216 59.34 23.82 2.49
N ARG B 217 59.25 22.53 2.77
CA ARG B 217 58.65 22.03 4.00
C ARG B 217 59.55 20.99 4.61
N PHE B 218 60.44 21.41 5.51
CA PHE B 218 61.31 20.44 6.14
C PHE B 218 60.51 19.53 7.00
N ARG B 219 60.70 18.25 6.78
CA ARG B 219 59.95 17.27 7.51
C ARG B 219 60.91 16.25 8.13
N THR B 220 60.58 15.68 9.30
CA THR B 220 59.30 15.81 10.00
C THR B 220 59.09 17.22 10.57
N PRO B 221 57.84 17.69 10.73
CA PRO B 221 57.52 19.02 11.22
C PRO B 221 57.94 19.15 12.68
N SER B 222 57.97 18.00 13.36
CA SER B 222 58.42 17.91 14.72
C SER B 222 59.77 17.22 14.70
N THR B 223 60.83 18.01 14.93
CA THR B 223 62.18 17.46 14.95
C THR B 223 62.56 16.87 13.61
N ASP B 224 62.63 17.68 12.55
CA ASP B 224 62.86 17.13 11.22
C ASP B 224 63.82 15.97 11.16
N ARG B 225 65.03 16.13 11.74
CA ARG B 225 66.07 15.12 11.77
C ARG B 225 65.70 13.79 12.46
N TYR B 226 64.53 13.75 13.11
CA TYR B 226 63.96 12.52 13.64
C TYR B 226 63.91 11.52 12.54
N LYS B 227 63.47 11.97 11.37
CA LYS B 227 63.43 11.18 10.17
C LYS B 227 63.59 12.04 8.93
N ASN B 228 64.38 13.12 9.00
CA ASN B 228 64.68 13.90 7.79
C ASN B 228 65.48 13.02 6.85
N TRP B 229 66.46 12.32 7.42
CA TRP B 229 67.23 11.30 6.71
C TRP B 229 66.37 10.14 6.25
N GLY B 230 65.26 9.95 6.93
CA GLY B 230 64.29 8.92 6.64
C GLY B 230 63.04 9.53 6.05
N MET B 231 63.19 10.59 5.23
CA MET B 231 62.02 11.20 4.63
C MET B 231 61.33 10.36 3.65
N GLN B 232 60.46 9.57 4.24
CA GLN B 232 59.55 8.72 3.61
C GLN B 232 58.30 9.54 3.32
N TYR B 233 58.44 10.52 2.44
CA TYR B 233 57.29 11.30 2.06
C TYR B 233 56.33 10.47 1.28
N CYS B 234 55.16 11.01 1.12
CA CYS B 234 54.18 10.45 0.25
C CYS B 234 53.27 11.60 -0.02
N VAL B 235 52.36 11.46 -0.93
CA VAL B 235 51.42 12.52 -1.12
C VAL B 235 50.11 11.86 -1.28
N SER B 236 49.05 12.63 -1.21
CA SER B 236 47.77 12.06 -1.43
C SER B 236 46.80 13.08 -2.00
N ALA B 237 46.56 12.98 -3.29
CA ALA B 237 45.56 13.81 -3.91
C ALA B 237 44.27 13.07 -3.72
N SER B 238 43.17 13.79 -3.67
CA SER B 238 41.92 13.11 -3.42
C SER B 238 40.74 13.84 -3.94
N ARG B 239 39.59 13.21 -3.73
CA ARG B 239 38.32 13.76 -4.14
C ARG B 239 37.87 14.99 -3.33
N ASP B 240 38.73 15.46 -2.41
CA ASP B 240 38.53 16.73 -1.75
C ASP B 240 38.84 17.88 -2.72
N ARG B 241 39.37 17.53 -3.91
CA ARG B 241 39.81 18.47 -4.94
C ARG B 241 41.03 19.16 -4.43
N THR B 242 41.90 18.34 -3.85
CA THR B 242 43.16 18.78 -3.28
C THR B 242 44.29 17.87 -3.67
N ILE B 243 45.50 18.40 -3.55
CA ILE B 243 46.72 17.62 -3.71
C ILE B 243 47.44 17.80 -2.39
N LYS B 244 47.30 16.84 -1.48
CA LYS B 244 47.93 17.06 -0.19
C LYS B 244 49.32 16.44 -0.17
N ILE B 245 50.31 17.21 0.26
CA ILE B 245 51.65 16.68 0.38
C ILE B 245 51.69 16.00 1.71
N TRP B 246 51.95 14.72 1.70
CA TRP B 246 51.92 13.87 2.87
C TRP B 246 53.33 13.44 3.40
N GLU B 247 53.34 12.46 4.30
CA GLU B 247 54.51 12.01 5.07
C GLU B 247 54.18 10.76 5.86
N ILE B 248 54.93 9.68 5.78
CA ILE B 248 54.61 8.53 6.66
C ILE B 248 55.49 8.40 7.95
N PRO B 249 56.56 9.21 8.12
CA PRO B 249 57.40 9.23 9.32
C PRO B 249 56.69 9.52 10.64
N LEU B 250 55.66 10.37 10.62
CA LEU B 250 54.91 10.64 11.86
C LEU B 250 53.38 10.51 11.82
N PRO B 251 52.77 9.98 10.77
CA PRO B 251 51.43 9.41 10.90
C PRO B 251 51.49 7.93 10.68
N THR B 252 52.51 7.36 11.29
CA THR B 252 52.88 5.97 11.32
C THR B 252 51.83 5.09 12.01
N LEU B 253 51.65 3.87 11.55
CA LEU B 253 50.68 3.00 12.17
C LEU B 253 51.23 2.28 13.36
N MET B 254 51.46 3.07 14.39
CA MET B 254 51.79 2.63 15.71
C MET B 254 50.46 2.70 16.36
N ALA B 255 49.82 1.57 16.60
CA ALA B 255 48.46 1.62 17.12
C ALA B 255 48.47 1.93 18.60
N HIS B 256 48.80 3.20 18.90
CA HIS B 256 48.87 3.72 20.25
C HIS B 256 49.82 2.91 21.08
N ARG B 257 51.00 2.63 20.50
CA ARG B 257 52.10 1.83 21.07
C ARG B 257 52.86 2.47 22.27
N ALA B 258 52.14 3.22 23.12
CA ALA B 258 52.64 3.95 24.27
C ALA B 258 51.37 4.67 24.85
N PRO B 259 51.10 5.92 24.47
CA PRO B 259 49.75 6.45 24.72
C PRO B 259 49.37 7.10 23.40
N ILE B 260 49.76 8.33 23.19
CA ILE B 260 49.69 8.87 21.86
C ILE B 260 51.09 8.63 21.33
N PRO B 261 51.25 7.66 20.42
CA PRO B 261 52.49 7.18 19.86
C PRO B 261 53.15 8.25 19.01
N ASN B 262 53.75 9.24 19.67
CA ASN B 262 54.37 10.38 19.01
C ASN B 262 53.15 11.20 18.55
N PRO B 263 52.86 11.22 17.24
CA PRO B 263 51.55 11.76 16.87
C PRO B 263 51.07 10.91 15.71
N THR B 264 51.44 9.64 15.77
CA THR B 264 51.19 8.72 14.69
C THR B 264 49.80 8.07 14.77
N ASP B 265 49.41 7.36 13.70
CA ASP B 265 48.12 6.68 13.59
C ASP B 265 46.88 7.54 13.87
N SER B 266 46.81 8.73 13.26
CA SER B 266 45.68 9.62 13.49
C SER B 266 45.18 10.32 12.21
N ASN B 267 44.70 11.56 12.39
CA ASN B 267 44.38 12.41 11.26
C ASN B 267 45.73 12.68 10.64
N PHE B 268 45.89 12.16 9.44
CA PHE B 268 47.17 12.18 8.76
C PHE B 268 47.85 13.56 8.76
N ARG B 269 49.17 13.54 8.92
CA ARG B 269 50.05 14.70 8.95
C ARG B 269 49.67 15.89 8.08
N CYS B 270 49.66 15.71 6.76
CA CYS B 270 49.37 16.75 5.79
C CYS B 270 50.46 17.82 5.82
N VAL B 271 51.57 17.53 5.14
CA VAL B 271 52.72 18.43 5.05
C VAL B 271 52.36 19.77 4.44
N LEU B 272 51.66 19.71 3.32
CA LEU B 272 51.23 20.91 2.61
C LEU B 272 50.00 20.66 1.77
N THR B 273 48.91 21.37 2.03
CA THR B 273 47.72 21.14 1.23
C THR B 273 47.64 22.09 0.05
N LEU B 274 47.66 21.53 -1.14
CA LEU B 274 47.47 22.32 -2.35
C LEU B 274 46.00 22.28 -2.67
N LYS B 275 45.28 23.30 -2.26
CA LYS B 275 43.87 23.30 -2.60
C LYS B 275 43.78 23.33 -4.09
N GLY B 276 43.08 22.36 -4.65
CA GLY B 276 42.95 22.24 -6.08
C GLY B 276 41.85 23.16 -6.59
N HIS B 277 41.31 22.81 -7.73
CA HIS B 277 40.30 23.65 -8.35
C HIS B 277 38.97 22.90 -8.38
N LEU B 278 38.14 23.15 -9.39
CA LEU B 278 36.80 22.58 -9.44
C LEU B 278 36.68 21.14 -9.95
N SER B 279 37.79 20.42 -10.09
CA SER B 279 37.65 19.04 -10.54
C SER B 279 38.66 18.15 -9.85
N TRP B 280 38.52 16.86 -10.09
CA TRP B 280 39.37 15.86 -9.47
C TRP B 280 40.68 15.70 -10.20
N VAL B 281 41.75 15.74 -9.41
CA VAL B 281 43.11 15.63 -9.89
C VAL B 281 43.42 14.22 -10.30
N ARG B 282 43.95 14.07 -11.50
CA ARG B 282 44.24 12.75 -12.05
C ARG B 282 45.71 12.40 -12.01
N ASP B 283 46.59 13.40 -12.07
CA ASP B 283 48.00 13.06 -11.98
C ASP B 283 48.80 14.24 -11.49
N ILE B 284 50.00 13.94 -10.98
CA ILE B 284 50.92 14.93 -10.45
C ILE B 284 52.35 14.62 -10.84
N SER B 285 53.22 15.59 -10.66
CA SER B 285 54.65 15.38 -10.84
C SER B 285 55.39 16.18 -9.81
N ILE B 286 55.77 15.54 -8.72
CA ILE B 286 56.45 16.24 -7.64
C ILE B 286 57.84 16.62 -8.14
N ARG B 287 57.98 17.85 -8.59
CA ARG B 287 59.26 18.25 -9.16
C ARG B 287 60.29 18.54 -8.07
N GLY B 288 59.84 19.22 -7.02
CA GLY B 288 60.70 19.57 -5.91
C GLY B 288 60.35 20.96 -5.48
N GLN B 289 60.73 21.92 -6.32
CA GLN B 289 60.30 23.30 -6.13
C GLN B 289 58.90 23.46 -6.66
N TYR B 290 58.54 22.63 -7.63
CA TYR B 290 57.26 22.72 -8.29
C TYR B 290 56.56 21.39 -8.33
N LEU B 291 55.31 21.43 -8.75
CA LEU B 291 54.53 20.22 -8.95
C LEU B 291 53.66 20.40 -10.17
N PHE B 292 53.64 19.41 -11.05
CA PHE B 292 52.86 19.55 -12.26
C PHE B 292 51.68 18.57 -12.26
N SER B 293 50.47 19.09 -12.06
CA SER B 293 49.30 18.23 -11.95
C SER B 293 48.37 18.32 -13.13
N CYS B 294 47.36 17.48 -13.13
CA CYS B 294 46.33 17.58 -14.15
C CYS B 294 45.02 17.08 -13.59
N ALA B 295 43.92 17.42 -14.24
CA ALA B 295 42.62 17.05 -13.72
C ALA B 295 41.55 16.88 -14.80
N ASP B 296 40.38 16.40 -14.34
CA ASP B 296 39.20 16.19 -15.18
C ASP B 296 38.78 17.43 -15.96
N ASP B 297 39.09 18.60 -15.43
CA ASP B 297 38.77 19.87 -16.06
C ASP B 297 39.59 20.25 -17.31
N LYS B 298 40.33 19.28 -17.90
CA LYS B 298 41.13 19.46 -19.13
C LYS B 298 42.45 20.16 -18.87
N SER B 299 42.68 20.55 -17.61
CA SER B 299 43.84 21.30 -17.26
C SER B 299 44.99 20.56 -16.71
N VAL B 300 46.13 21.14 -17.00
CA VAL B 300 47.42 20.75 -16.50
C VAL B 300 47.89 21.96 -15.72
N ARG B 301 48.44 21.76 -14.54
CA ARG B 301 48.81 22.90 -13.75
C ARG B 301 50.21 22.89 -13.24
N CYS B 302 50.85 24.04 -13.32
CA CYS B 302 52.16 24.22 -12.74
C CYS B 302 51.93 24.75 -11.37
N TRP B 303 52.42 24.04 -10.37
CA TRP B 303 52.27 24.48 -9.00
C TRP B 303 53.59 24.83 -8.43
N ASP B 304 53.61 25.86 -7.65
CA ASP B 304 54.77 26.22 -6.91
C ASP B 304 54.65 25.57 -5.58
N LEU B 305 55.45 24.55 -5.30
CA LEU B 305 55.32 23.87 -4.01
C LEU B 305 55.66 24.79 -2.85
N ASN B 306 56.26 25.94 -3.11
CA ASN B 306 56.46 26.95 -2.09
C ASN B 306 55.08 27.50 -1.75
N THR B 307 54.42 26.83 -0.79
CA THR B 307 53.03 27.04 -0.32
C THR B 307 51.97 26.38 -1.21
N GLY B 308 52.35 25.85 -2.36
CA GLY B 308 51.38 25.18 -3.23
C GLY B 308 50.54 26.16 -4.00
N GLN B 309 51.20 26.99 -4.79
CA GLN B 309 50.51 27.99 -5.59
C GLN B 309 50.46 27.62 -7.04
N CYS B 310 49.26 27.41 -7.55
CA CYS B 310 49.20 27.10 -8.96
C CYS B 310 49.72 28.29 -9.73
N LEU B 311 50.86 28.11 -10.36
CA LEU B 311 51.50 29.12 -11.15
C LEU B 311 50.86 29.26 -12.51
N HIS B 312 50.36 28.16 -13.05
CA HIS B 312 49.73 28.28 -14.35
C HIS B 312 48.76 27.15 -14.63
N VAL B 313 47.64 27.50 -15.24
CA VAL B 313 46.59 26.55 -15.57
C VAL B 313 46.47 26.38 -17.09
N TRP B 314 46.58 25.16 -17.56
CA TRP B 314 46.50 24.87 -18.98
C TRP B 314 45.31 24.01 -19.34
N GLU B 315 44.12 24.55 -19.12
CA GLU B 315 42.84 23.90 -19.40
C GLU B 315 42.56 23.53 -20.87
N LYS B 316 43.44 23.94 -21.79
CA LYS B 316 43.23 23.58 -23.18
C LYS B 316 44.19 22.54 -23.70
N LEU B 317 44.93 21.84 -22.83
CA LEU B 317 45.86 20.87 -23.39
C LEU B 317 45.11 19.62 -23.81
N HIS B 318 44.02 19.32 -23.11
CA HIS B 318 43.12 18.28 -23.55
C HIS B 318 41.74 18.86 -23.68
N THR B 319 40.87 18.09 -24.31
CA THR B 319 39.48 18.47 -24.49
C THR B 319 38.59 17.52 -23.69
N GLY B 320 39.23 16.61 -22.95
CA GLY B 320 38.54 15.69 -22.06
C GLY B 320 39.28 15.66 -20.72
N PHE B 321 38.96 14.69 -19.88
CA PHE B 321 39.65 14.55 -18.60
C PHE B 321 41.12 14.34 -18.87
N VAL B 322 42.00 15.05 -18.17
CA VAL B 322 43.39 14.74 -18.40
C VAL B 322 43.66 13.58 -17.50
N ASN B 323 43.93 12.43 -18.06
CA ASN B 323 44.10 11.26 -17.22
C ASN B 323 45.50 11.09 -16.70
N CYS B 324 46.48 11.51 -17.47
CA CYS B 324 47.83 11.29 -17.02
C CYS B 324 48.84 12.27 -17.54
N LEU B 325 49.91 12.43 -16.76
CA LEU B 325 51.06 13.23 -17.10
C LEU B 325 52.33 12.47 -16.85
N ASP B 326 53.39 12.86 -17.50
CA ASP B 326 54.66 12.33 -17.12
C ASP B 326 55.75 13.30 -17.42
N LEU B 327 56.01 14.19 -16.46
CA LEU B 327 57.20 15.00 -16.56
C LEU B 327 58.33 14.15 -16.03
N ASP B 328 59.23 13.85 -16.93
CA ASP B 328 60.33 12.94 -16.68
C ASP B 328 61.24 13.41 -15.54
N VAL B 329 61.67 12.46 -14.70
CA VAL B 329 62.46 12.68 -13.47
C VAL B 329 63.68 13.59 -13.63
N ASP B 330 64.01 14.34 -12.56
CA ASP B 330 65.20 15.20 -12.61
C ASP B 330 66.40 14.36 -12.94
N PHE B 331 67.14 14.79 -13.95
CA PHE B 331 68.32 14.07 -14.36
C PHE B 331 69.11 14.89 -15.34
N ASP B 332 70.24 15.39 -14.86
CA ASP B 332 71.13 16.21 -15.64
C ASP B 332 71.72 15.41 -16.79
N SER B 333 72.06 16.11 -17.87
CA SER B 333 72.54 15.57 -19.16
C SER B 333 71.37 15.38 -20.11
N ASN B 334 70.20 15.10 -19.56
CA ASN B 334 68.99 14.95 -20.33
C ASN B 334 67.98 15.96 -19.89
N VAL B 335 68.45 17.14 -19.48
CA VAL B 335 67.56 18.17 -18.98
C VAL B 335 66.44 18.49 -19.94
N THR B 336 66.73 18.62 -21.23
CA THR B 336 65.66 18.87 -22.19
C THR B 336 64.73 17.65 -22.33
N PRO B 337 65.25 16.41 -22.45
CA PRO B 337 64.47 15.17 -22.45
C PRO B 337 63.71 14.95 -21.14
N ARG B 338 64.22 15.50 -20.04
CA ARG B 338 63.56 15.34 -18.77
C ARG B 338 62.60 16.50 -18.58
N GLN B 339 62.88 17.63 -19.23
CA GLN B 339 61.97 18.78 -19.28
C GLN B 339 61.03 18.57 -20.44
N MET B 340 60.32 17.48 -20.38
CA MET B 340 59.47 17.02 -21.43
C MET B 340 58.38 16.23 -20.78
N MET B 341 57.16 16.56 -21.12
CA MET B 341 56.02 15.99 -20.46
C MET B 341 55.05 15.36 -21.42
N VAL B 342 54.70 14.13 -21.15
CA VAL B 342 53.73 13.50 -22.01
C VAL B 342 52.43 13.36 -21.26
N THR B 343 51.35 13.36 -22.00
CA THR B 343 50.04 13.34 -21.38
C THR B 343 49.00 12.65 -22.21
N GLY B 344 47.97 12.17 -21.54
CA GLY B 344 46.87 11.50 -22.23
C GLY B 344 45.56 11.71 -21.50
N GLY B 345 44.44 11.43 -22.18
CA GLY B 345 43.18 11.61 -21.51
C GLY B 345 41.94 11.06 -22.22
N LEU B 346 40.78 11.45 -21.68
CA LEU B 346 39.44 11.04 -22.10
C LEU B 346 39.16 11.32 -23.57
N ASP B 347 39.72 12.39 -24.08
CA ASP B 347 39.47 12.81 -25.46
C ASP B 347 40.20 11.99 -26.53
N CYS B 348 40.82 10.87 -26.14
CA CYS B 348 41.50 9.99 -27.07
C CYS B 348 42.76 10.62 -27.63
N LYS B 349 43.22 11.70 -27.02
CA LYS B 349 44.44 12.30 -27.49
C LYS B 349 45.55 12.15 -26.48
N SER B 350 46.76 12.35 -26.97
CA SER B 350 47.95 12.33 -26.16
C SER B 350 48.91 13.36 -26.73
N ASN B 351 49.68 14.00 -25.87
CA ASN B 351 50.54 15.08 -26.36
C ASN B 351 51.92 15.08 -25.73
N VAL B 352 52.91 15.49 -26.53
CA VAL B 352 54.28 15.60 -26.06
C VAL B 352 54.68 17.07 -25.91
N PHE B 353 54.99 17.49 -24.68
CA PHE B 353 55.39 18.85 -24.34
C PHE B 353 56.85 18.94 -23.98
N MET B 354 57.37 20.17 -23.89
CA MET B 354 58.78 20.39 -23.55
C MET B 354 59.13 21.87 -23.49
N LEU C 1 63.20 16.64 -44.93
CA LEU C 1 63.02 15.24 -44.57
C LEU C 1 63.20 14.35 -45.78
N LYS C 2 63.78 13.18 -45.56
CA LYS C 2 64.02 12.22 -46.63
C LYS C 2 63.27 10.94 -46.36
N TRP C 3 63.18 10.07 -47.36
CA TRP C 3 62.41 8.86 -47.16
C TRP C 3 62.92 7.61 -47.87
N ILE C 4 62.73 6.48 -47.17
CA ILE C 4 63.08 5.15 -47.65
C ILE C 4 61.98 4.11 -47.44
N PRO C 5 60.83 4.20 -48.12
CA PRO C 5 59.70 3.28 -48.12
C PRO C 5 59.99 2.09 -49.02
N ARG C 6 61.08 1.38 -48.73
CA ARG C 6 61.55 0.34 -49.63
C ARG C 6 61.66 -1.04 -48.96
N ASN C 7 62.89 -1.56 -48.87
CA ASN C 7 63.13 -2.90 -48.39
C ASN C 7 62.23 -3.90 -49.11
N LEU C 8 61.39 -4.61 -48.37
CA LEU C 8 60.51 -5.62 -48.96
C LEU C 8 59.29 -5.77 -48.05
N PRO C 9 58.13 -6.20 -48.58
CA PRO C 9 56.89 -6.42 -47.81
C PRO C 9 57.15 -6.71 -46.35
N SER C 10 57.26 -5.67 -45.53
CA SER C 10 57.46 -5.80 -44.09
C SER C 10 56.21 -6.41 -43.48
N CYS C 11 55.09 -6.18 -44.15
CA CYS C 11 53.83 -6.80 -43.82
C CYS C 11 53.12 -7.28 -45.06
N LEU C 12 52.71 -8.53 -45.03
CA LEU C 12 51.98 -9.08 -46.15
C LEU C 12 50.52 -9.23 -45.80
N ILE C 13 49.73 -8.29 -46.28
CA ILE C 13 48.30 -8.33 -46.06
C ILE C 13 47.61 -9.35 -46.91
N ASN C 14 46.82 -10.18 -46.27
CA ASN C 14 46.11 -11.25 -46.94
C ASN C 14 44.62 -10.96 -47.06
N VAL C 15 44.21 -10.70 -48.28
CA VAL C 15 42.82 -10.45 -48.65
C VAL C 15 42.25 -11.64 -49.40
N GLU C 16 40.97 -11.95 -49.17
CA GLU C 16 40.38 -13.13 -49.81
C GLU C 16 40.39 -13.04 -51.35
N SER C 17 40.06 -11.88 -51.92
CA SER C 17 40.17 -11.67 -53.36
C SER C 17 41.10 -10.50 -53.67
N SER C 18 40.99 -9.95 -54.88
CA SER C 18 41.86 -8.86 -55.32
C SER C 18 41.71 -7.56 -54.54
N VAL C 19 42.84 -6.90 -54.33
CA VAL C 19 42.91 -5.61 -53.67
C VAL C 19 42.81 -4.51 -54.70
N THR C 20 41.96 -3.52 -54.44
CA THR C 20 41.74 -2.46 -55.40
C THR C 20 42.25 -1.09 -54.96
N SER C 21 42.26 -0.83 -53.66
CA SER C 21 42.74 0.47 -53.19
C SER C 21 43.09 0.46 -51.72
N VAL C 22 44.28 0.92 -51.39
CA VAL C 22 44.70 0.89 -50.00
C VAL C 22 44.89 2.28 -49.41
N LYS C 23 44.21 2.54 -48.29
CA LYS C 23 44.26 3.83 -47.63
C LYS C 23 44.80 3.76 -46.20
N LEU C 24 46.03 4.18 -46.02
CA LEU C 24 46.62 4.28 -44.69
C LEU C 24 45.90 5.28 -43.84
N HIS C 25 45.63 4.93 -42.58
CA HIS C 25 45.02 5.90 -41.72
C HIS C 25 46.10 6.94 -41.42
N PRO C 26 45.79 8.24 -41.49
CA PRO C 26 46.71 9.35 -41.29
C PRO C 26 47.24 9.49 -39.87
N ASN C 27 46.52 8.97 -38.90
CA ASN C 27 46.94 9.16 -37.53
C ASN C 27 46.96 7.89 -36.69
N LEU C 28 46.29 6.84 -37.13
CA LEU C 28 46.36 5.56 -36.43
C LEU C 28 47.25 4.59 -37.20
N PRO C 29 47.93 3.66 -36.52
CA PRO C 29 48.83 2.64 -37.06
C PRO C 29 48.05 1.47 -37.66
N ILE C 30 47.14 1.79 -38.56
CA ILE C 30 46.29 0.83 -39.24
C ILE C 30 46.14 1.23 -40.69
N VAL C 31 45.66 0.31 -41.50
CA VAL C 31 45.50 0.58 -42.91
C VAL C 31 44.21 -0.01 -43.43
N PHE C 32 43.53 0.71 -44.30
CA PHE C 32 42.28 0.25 -44.84
C PHE C 32 42.45 -0.30 -46.24
N VAL C 33 42.09 -1.55 -46.42
CA VAL C 33 42.25 -2.16 -47.72
C VAL C 33 40.93 -2.37 -48.42
N ALA C 34 40.74 -1.66 -49.53
CA ALA C 34 39.55 -1.81 -50.35
C ALA C 34 39.78 -2.91 -51.32
N THR C 35 38.76 -3.73 -51.51
CA THR C 35 38.86 -4.90 -52.34
C THR C 35 37.73 -4.99 -53.30
N ASP C 36 37.77 -6.03 -54.14
CA ASP C 36 36.70 -6.22 -55.10
C ASP C 36 35.67 -7.23 -54.60
N HIS C 37 35.46 -7.34 -53.29
CA HIS C 37 34.50 -8.31 -52.80
C HIS C 37 33.02 -7.85 -52.83
N GLY C 38 32.66 -6.58 -52.52
CA GLY C 38 33.49 -5.43 -52.11
C GLY C 38 33.59 -5.40 -50.59
N LYS C 39 34.80 -5.61 -50.08
CA LYS C 39 34.98 -5.67 -48.64
C LYS C 39 36.12 -4.80 -48.18
N LEU C 40 35.88 -3.95 -47.19
CA LEU C 40 37.00 -3.19 -46.68
C LEU C 40 37.62 -3.98 -45.58
N TYR C 41 38.92 -3.89 -45.47
CA TYR C 41 39.60 -4.53 -44.38
C TYR C 41 40.51 -3.61 -43.64
N ALA C 42 40.19 -3.26 -42.43
CA ALA C 42 41.22 -2.55 -41.73
C ALA C 42 42.24 -3.61 -41.33
N PHE C 43 43.52 -3.28 -41.41
CA PHE C 43 44.56 -4.16 -40.91
C PHE C 43 45.43 -3.43 -39.90
N ASP C 44 45.84 -4.15 -38.89
CA ASP C 44 46.69 -3.60 -37.83
C ASP C 44 48.16 -3.63 -38.26
N LEU C 45 48.79 -2.46 -38.40
CA LEU C 45 50.17 -2.39 -38.90
C LEU C 45 51.22 -2.97 -37.94
N PHE C 46 50.85 -3.20 -36.70
CA PHE C 46 51.75 -3.85 -35.76
C PHE C 46 51.37 -5.31 -35.61
N ASN C 47 50.14 -5.54 -35.17
CA ASN C 47 49.66 -6.89 -34.98
C ASN C 47 49.21 -7.42 -36.32
N TYR C 48 50.17 -7.83 -37.14
CA TYR C 48 49.83 -8.30 -38.46
C TYR C 48 50.29 -9.72 -38.67
N THR C 49 49.67 -10.43 -39.63
CA THR C 49 48.57 -9.92 -40.45
C THR C 49 47.22 -10.25 -39.86
N ILE C 50 46.51 -9.22 -39.43
CA ILE C 50 45.18 -9.36 -38.86
C ILE C 50 44.19 -8.42 -39.51
N PRO C 51 43.10 -8.95 -40.09
CA PRO C 51 42.00 -8.25 -40.76
C PRO C 51 41.09 -7.64 -39.72
N LEU C 52 41.66 -6.64 -39.05
CA LEU C 52 41.09 -5.87 -37.96
C LEU C 52 39.62 -5.55 -38.16
N ALA C 53 39.26 -5.13 -39.36
CA ALA C 53 37.86 -4.83 -39.59
C ALA C 53 37.40 -5.20 -40.96
N SER C 54 37.02 -6.46 -41.13
CA SER C 54 36.44 -6.92 -42.38
C SER C 54 35.05 -6.31 -42.48
N LEU C 55 34.78 -5.63 -43.58
CA LEU C 55 33.53 -4.92 -43.80
C LEU C 55 32.76 -5.30 -45.02
N GLN C 56 31.51 -5.69 -44.84
CA GLN C 56 30.72 -6.06 -45.99
C GLN C 56 29.57 -5.08 -46.18
N SER C 57 29.35 -4.67 -47.43
CA SER C 57 28.27 -3.74 -47.77
C SER C 57 28.14 -3.63 -49.29
N HIS C 58 29.27 -3.64 -49.98
CA HIS C 58 29.31 -3.56 -51.44
C HIS C 58 29.15 -4.90 -52.08
N THR C 59 28.08 -5.07 -52.84
CA THR C 59 27.79 -6.35 -53.45
C THR C 59 28.70 -6.69 -54.61
N LYS C 60 29.25 -5.67 -55.28
CA LYS C 60 30.17 -5.94 -56.38
C LYS C 60 31.64 -5.74 -56.04
N ALA C 61 32.12 -4.50 -56.06
CA ALA C 61 33.53 -4.24 -55.83
C ALA C 61 33.79 -2.80 -55.44
N ILE C 62 34.76 -2.58 -54.57
CA ILE C 62 35.07 -1.23 -54.13
C ILE C 62 36.16 -0.62 -54.99
N THR C 63 35.89 0.57 -55.50
CA THR C 63 36.83 1.24 -56.39
C THR C 63 37.55 2.42 -55.74
N SER C 64 36.97 3.00 -54.70
CA SER C 64 37.57 4.17 -54.08
C SER C 64 37.22 4.26 -52.61
N MET C 65 38.08 4.93 -51.85
CA MET C 65 37.90 5.11 -50.41
C MET C 65 38.55 6.41 -49.92
N ASP C 66 37.78 7.19 -49.15
CA ASP C 66 38.19 8.50 -48.65
C ASP C 66 37.59 8.78 -47.25
N VAL C 67 37.73 10.04 -46.81
CA VAL C 67 37.33 10.65 -45.53
C VAL C 67 38.24 10.34 -44.33
N LEU C 68 39.26 9.53 -44.53
CA LEU C 68 40.23 9.32 -43.46
C LEU C 68 41.01 10.63 -43.27
N PHE C 69 41.17 11.36 -44.38
CA PHE C 69 41.88 12.63 -44.47
C PHE C 69 40.84 13.76 -44.68
N THR C 70 41.21 15.03 -44.41
CA THR C 70 40.25 16.13 -44.58
C THR C 70 40.81 17.49 -45.01
N ASN C 71 39.88 18.44 -45.18
CA ASN C 71 40.16 19.84 -45.50
C ASN C 71 39.43 20.79 -44.53
N TYR C 72 38.80 20.25 -43.48
CA TYR C 72 38.10 21.09 -42.50
C TYR C 72 37.88 20.37 -41.17
N THR C 73 38.48 20.95 -40.13
CA THR C 73 38.56 20.42 -38.78
C THR C 73 37.28 20.03 -38.05
N ASN C 74 36.33 20.95 -37.89
CA ASN C 74 35.15 20.62 -37.09
C ASN C 74 34.35 19.49 -37.70
N SER C 75 34.26 19.48 -39.03
CA SER C 75 33.57 18.42 -39.69
C SER C 75 34.41 17.17 -39.63
N SER C 76 35.73 17.31 -39.73
CA SER C 76 36.60 16.14 -39.67
C SER C 76 36.55 15.48 -38.33
N LYS C 77 36.28 16.24 -37.27
CA LYS C 77 36.11 15.65 -35.96
C LYS C 77 34.96 14.67 -36.00
N LYS C 78 33.91 15.09 -36.70
CA LYS C 78 32.73 14.28 -36.89
C LYS C 78 32.94 13.22 -37.98
N ASN C 79 33.83 13.52 -38.93
CA ASN C 79 34.12 12.63 -40.04
C ASN C 79 35.29 11.70 -39.81
N TYR C 80 35.95 11.80 -38.65
CA TYR C 80 37.00 10.82 -38.37
C TYR C 80 36.34 9.49 -38.03
N LEU C 81 35.05 9.56 -37.72
CA LEU C 81 34.22 8.40 -37.52
C LEU C 81 33.48 8.06 -38.80
N VAL C 82 33.93 8.58 -39.93
CA VAL C 82 33.29 8.33 -41.21
C VAL C 82 34.27 7.89 -42.29
N ILE C 83 33.89 6.91 -43.09
CA ILE C 83 34.70 6.48 -44.23
C ILE C 83 33.82 6.43 -45.48
N VAL C 84 34.27 7.00 -46.58
CA VAL C 84 33.43 6.99 -47.78
C VAL C 84 34.04 6.28 -48.97
N THR C 85 33.30 5.35 -49.54
CA THR C 85 33.75 4.56 -50.67
C THR C 85 32.98 4.78 -51.93
N ALA C 86 33.46 4.19 -53.02
CA ALA C 86 32.78 4.18 -54.32
C ALA C 86 32.85 2.78 -54.87
N SER C 87 31.95 2.45 -55.78
CA SER C 87 31.87 1.08 -56.26
C SER C 87 31.24 0.82 -57.63
N LYS C 88 31.59 -0.36 -58.17
CA LYS C 88 31.11 -0.85 -59.45
C LYS C 88 29.61 -1.14 -59.42
N ASP C 89 29.06 -1.35 -58.23
CA ASP C 89 27.63 -1.55 -58.06
C ASP C 89 26.87 -0.24 -57.84
N LEU C 90 27.52 0.88 -58.22
CA LEU C 90 27.00 2.24 -58.17
C LEU C 90 26.92 2.75 -56.76
N GLN C 91 27.43 1.98 -55.81
CA GLN C 91 27.31 2.40 -54.46
C GLN C 91 28.46 3.24 -54.04
N ILE C 92 28.16 4.40 -53.52
CA ILE C 92 29.17 5.22 -52.93
C ILE C 92 28.76 5.20 -51.46
N HIS C 93 29.48 4.48 -50.61
CA HIS C 93 28.94 4.33 -49.26
C HIS C 93 29.60 5.15 -48.19
N VAL C 94 28.79 5.70 -47.29
CA VAL C 94 29.30 6.43 -46.14
C VAL C 94 29.20 5.53 -44.90
N PHE C 95 30.36 5.18 -44.35
CA PHE C 95 30.47 4.26 -43.22
C PHE C 95 30.78 4.96 -41.94
N LYS C 96 29.99 4.72 -40.91
CA LYS C 96 30.35 5.34 -39.65
C LYS C 96 31.39 4.45 -39.00
N TRP C 97 32.63 4.81 -39.21
CA TRP C 97 33.74 4.13 -38.59
C TRP C 97 33.65 4.32 -37.09
N VAL C 98 33.74 3.23 -36.37
CA VAL C 98 33.65 3.30 -34.93
C VAL C 98 35.00 3.11 -34.30
N SER C 99 35.21 3.82 -33.17
CA SER C 99 36.44 3.85 -32.37
C SER C 99 37.03 2.47 -32.04
N GLU C 100 36.22 1.42 -32.20
CA GLU C 100 36.63 0.02 -32.11
C GLU C 100 37.52 -0.43 -33.30
N GLU C 101 37.82 0.50 -34.22
CA GLU C 101 38.57 0.24 -35.44
C GLU C 101 37.83 -0.68 -36.34
N CYS C 102 36.58 -0.30 -36.60
CA CYS C 102 35.75 -1.03 -37.52
C CYS C 102 34.59 -0.20 -38.00
N LYS C 103 34.36 -0.25 -39.32
CA LYS C 103 33.24 0.41 -39.97
C LYS C 103 31.95 -0.26 -39.54
N PHE C 104 31.53 -0.02 -38.31
CA PHE C 104 30.36 -0.70 -37.79
C PHE C 104 29.12 -0.41 -38.54
N GLN C 105 28.81 0.85 -38.81
CA GLN C 105 27.54 1.10 -39.47
C GLN C 105 27.47 2.24 -40.41
N GLN C 106 26.99 1.93 -41.60
CA GLN C 106 26.74 2.91 -42.63
C GLN C 106 25.68 3.90 -42.23
N ILE C 107 25.93 5.13 -42.60
CA ILE C 107 25.00 6.21 -42.29
C ILE C 107 24.46 6.91 -43.53
N ARG C 108 25.05 6.65 -44.69
CA ARG C 108 24.45 7.24 -45.89
C ARG C 108 24.89 6.58 -47.19
N SER C 109 23.93 6.17 -48.01
CA SER C 109 24.29 5.68 -49.34
C SER C 109 24.24 6.85 -50.31
N LEU C 110 25.26 6.96 -51.13
CA LEU C 110 25.34 8.03 -52.10
C LEU C 110 25.16 7.48 -53.50
N LEU C 111 24.03 7.84 -54.08
CA LEU C 111 23.66 7.35 -55.39
C LEU C 111 23.57 8.50 -56.39
N GLY C 112 23.49 8.17 -57.66
CA GLY C 112 23.42 9.19 -58.69
C GLY C 112 24.05 8.70 -59.97
N HIS C 113 25.29 8.26 -59.90
CA HIS C 113 25.94 7.77 -61.09
C HIS C 113 25.36 6.43 -61.50
N GLU C 114 24.78 6.40 -62.69
CA GLU C 114 24.17 5.20 -63.25
C GLU C 114 25.18 4.17 -63.76
N HIS C 115 26.45 4.54 -63.87
CA HIS C 115 27.47 3.60 -64.29
C HIS C 115 28.60 3.52 -63.28
N ILE C 116 29.37 2.40 -63.32
CA ILE C 116 30.47 2.14 -62.39
C ILE C 116 31.13 3.36 -61.86
N VAL C 117 31.05 3.55 -60.55
CA VAL C 117 31.67 4.72 -59.97
C VAL C 117 33.07 4.34 -59.68
N SER C 118 34.01 5.03 -60.30
CA SER C 118 35.39 4.64 -60.11
C SER C 118 36.17 5.58 -59.18
N ALA C 119 35.57 6.72 -58.79
CA ALA C 119 36.23 7.49 -57.74
C ALA C 119 35.29 8.41 -56.97
N VAL C 120 35.60 8.60 -55.68
CA VAL C 120 34.85 9.53 -54.83
C VAL C 120 35.79 10.29 -53.92
N LYS C 121 35.55 11.58 -53.82
CA LYS C 121 36.31 12.50 -52.99
C LYS C 121 35.32 13.40 -52.26
N ILE C 122 35.67 13.97 -51.13
CA ILE C 122 34.68 14.80 -50.43
C ILE C 122 35.08 16.27 -50.38
N TRP C 123 34.15 17.18 -50.69
CA TRP C 123 34.48 18.60 -50.61
C TRP C 123 34.43 19.06 -49.16
N GLN C 124 35.45 18.68 -48.41
CA GLN C 124 35.66 19.07 -47.02
C GLN C 124 35.93 20.57 -47.02
N LYS C 125 36.39 21.05 -48.18
CA LYS C 125 36.69 22.43 -48.51
C LYS C 125 35.56 23.40 -48.18
N ASN C 126 34.32 22.94 -48.21
CA ASN C 126 33.20 23.82 -47.89
C ASN C 126 32.66 23.59 -46.51
N ASN C 127 33.53 23.27 -45.57
CA ASN C 127 33.12 22.92 -44.22
C ASN C 127 32.34 21.62 -44.32
N ASP C 128 32.87 20.79 -45.20
CA ASP C 128 32.33 19.52 -45.60
C ASP C 128 30.89 19.54 -45.94
N VAL C 129 30.48 20.49 -46.77
CA VAL C 129 29.11 20.51 -47.18
C VAL C 129 28.90 19.66 -48.41
N HIS C 130 29.93 19.43 -49.22
CA HIS C 130 29.66 18.67 -50.43
C HIS C 130 30.52 17.42 -50.67
N ILE C 131 30.11 16.61 -51.66
CA ILE C 131 30.79 15.37 -52.08
C ILE C 131 31.11 15.28 -53.56
N ALA C 132 32.35 14.97 -53.92
CA ALA C 132 32.75 14.81 -55.33
C ALA C 132 32.73 13.35 -55.79
N SER C 133 32.23 13.08 -56.99
CA SER C 133 32.38 11.71 -57.49
C SER C 133 32.24 11.65 -58.98
N CYS C 134 32.86 10.65 -59.58
CA CYS C 134 32.77 10.51 -61.02
C CYS C 134 32.68 9.05 -61.42
N SER C 135 32.22 8.83 -62.64
CA SER C 135 32.03 7.46 -63.06
C SER C 135 32.05 7.26 -64.55
N ARG C 136 31.84 5.99 -64.93
CA ARG C 136 31.75 5.57 -66.31
C ARG C 136 30.64 6.23 -67.11
N ASP C 137 29.75 6.98 -66.45
CA ASP C 137 28.66 7.67 -67.12
C ASP C 137 29.07 9.02 -67.72
N GLN C 138 30.39 9.29 -67.85
CA GLN C 138 30.89 10.52 -68.47
C GLN C 138 30.52 11.75 -67.65
N THR C 139 30.14 11.53 -66.40
CA THR C 139 29.55 12.55 -65.58
C THR C 139 30.18 12.67 -64.21
N VAL C 140 30.20 13.91 -63.71
CA VAL C 140 30.65 14.23 -62.37
C VAL C 140 29.50 14.74 -61.52
N LYS C 141 29.40 14.26 -60.28
CA LYS C 141 28.32 14.72 -59.42
C LYS C 141 28.79 15.25 -58.07
N ILE C 142 27.99 16.18 -57.54
CA ILE C 142 28.19 16.83 -56.25
C ILE C 142 27.06 16.48 -55.31
N TRP C 143 27.34 15.95 -54.14
CA TRP C 143 26.25 15.71 -53.17
C TRP C 143 26.40 16.61 -51.99
N ASP C 144 25.29 16.97 -51.37
CA ASP C 144 25.36 17.63 -50.09
C ASP C 144 25.85 16.61 -49.12
N PHE C 145 27.10 16.71 -48.69
CA PHE C 145 27.68 15.73 -47.77
C PHE C 145 26.89 15.51 -46.53
N HIS C 146 26.40 16.58 -45.94
CA HIS C 146 25.72 16.46 -44.68
C HIS C 146 24.34 15.82 -44.79
N ASN C 147 23.86 15.63 -46.02
CA ASN C 147 22.58 15.00 -46.21
C ASN C 147 22.59 13.88 -47.27
N GLY C 148 23.65 13.84 -48.08
CA GLY C 148 23.79 12.88 -49.17
C GLY C 148 22.89 13.26 -50.34
N TRP C 149 22.87 14.56 -50.67
CA TRP C 149 21.97 15.06 -51.72
C TRP C 149 22.59 15.58 -52.99
N SER C 150 22.80 14.74 -53.99
CA SER C 150 23.20 15.04 -55.40
C SER C 150 23.07 16.51 -55.97
N LEU C 151 23.49 17.55 -55.24
CA LEU C 151 23.27 18.94 -55.62
C LEU C 151 23.80 19.44 -56.98
N LYS C 152 24.83 18.83 -57.56
CA LYS C 152 25.28 19.36 -58.85
C LYS C 152 25.93 18.35 -59.78
N THR C 153 25.46 18.34 -61.03
CA THR C 153 25.92 17.39 -62.06
C THR C 153 26.65 18.08 -63.21
N PHE C 154 27.73 17.45 -63.69
CA PHE C 154 28.50 18.03 -64.79
C PHE C 154 28.74 17.07 -65.91
N GLN C 155 28.89 17.61 -67.10
CA GLN C 155 29.30 16.84 -68.25
C GLN C 155 30.69 17.29 -68.71
N PRO C 156 31.72 16.49 -68.41
CA PRO C 156 33.06 16.86 -68.85
C PRO C 156 33.59 15.93 -69.93
N HIS C 157 33.77 14.66 -69.60
CA HIS C 157 34.36 13.71 -70.51
C HIS C 157 33.41 13.07 -71.45
N SER C 158 33.96 12.67 -72.59
CA SER C 158 33.19 11.97 -73.59
C SER C 158 33.23 10.46 -73.30
N GLN C 159 34.14 10.01 -72.44
CA GLN C 159 34.24 8.62 -72.05
C GLN C 159 34.28 8.41 -70.54
N TRP C 160 34.31 7.14 -70.14
CA TRP C 160 34.36 6.71 -68.75
C TRP C 160 35.22 7.60 -67.90
N VAL C 161 34.64 8.33 -66.94
CA VAL C 161 35.47 9.21 -66.13
C VAL C 161 36.12 8.35 -65.08
N ARG C 162 37.39 8.11 -65.24
CA ARG C 162 38.10 7.17 -64.40
C ARG C 162 38.42 7.71 -63.02
N SER C 163 38.75 8.99 -62.92
CA SER C 163 39.17 9.51 -61.62
C SER C 163 38.80 10.97 -61.41
N ILE C 164 38.59 11.36 -60.14
CA ILE C 164 38.17 12.72 -59.77
C ILE C 164 38.89 13.30 -58.54
N ASP C 165 39.19 14.62 -58.55
CA ASP C 165 39.75 15.31 -57.39
C ASP C 165 38.98 16.57 -56.90
N VAL C 166 39.11 16.83 -55.58
CA VAL C 166 38.60 18.01 -54.85
C VAL C 166 39.60 19.16 -54.74
N LEU C 167 39.33 20.24 -55.50
CA LEU C 167 40.19 21.41 -55.52
C LEU C 167 39.44 22.67 -55.07
N GLY C 168 38.61 22.55 -54.05
CA GLY C 168 37.86 23.71 -53.56
C GLY C 168 36.71 24.03 -54.48
N ASP C 169 37.01 24.75 -55.54
CA ASP C 169 36.02 25.13 -56.55
C ASP C 169 36.19 24.33 -57.83
N TYR C 170 37.24 23.52 -57.92
CA TYR C 170 37.48 22.83 -59.17
C TYR C 170 37.54 21.30 -59.07
N ILE C 171 37.14 20.66 -60.16
CA ILE C 171 37.03 19.21 -60.28
C ILE C 171 37.98 18.56 -61.26
N ILE C 172 39.10 17.97 -60.80
CA ILE C 172 39.99 17.34 -61.79
C ILE C 172 39.43 16.03 -62.16
N SER C 173 39.42 15.72 -63.43
CA SER C 173 38.96 14.42 -63.79
C SER C 173 39.70 13.84 -64.99
N GLY C 174 39.81 12.52 -65.03
CA GLY C 174 40.49 11.83 -66.11
C GLY C 174 39.59 10.76 -66.65
N SER C 175 39.77 10.39 -67.92
CA SER C 175 38.89 9.41 -68.51
C SER C 175 39.45 8.69 -69.69
N HIS C 176 38.67 7.74 -70.14
CA HIS C 176 39.02 6.97 -71.30
C HIS C 176 39.06 7.76 -72.61
N ASP C 177 38.65 9.04 -72.62
CA ASP C 177 38.67 9.81 -73.85
C ASP C 177 40.00 10.47 -74.11
N THR C 178 41.05 10.07 -73.37
CA THR C 178 42.44 10.54 -73.53
C THR C 178 42.57 12.04 -73.28
N THR C 179 41.50 12.66 -72.81
CA THR C 179 41.43 14.08 -72.68
C THR C 179 41.22 14.44 -71.24
N LEU C 180 42.22 15.05 -70.65
CA LEU C 180 42.23 15.37 -69.23
C LEU C 180 41.43 16.63 -68.94
N ARG C 181 40.54 16.58 -67.95
CA ARG C 181 39.67 17.72 -67.74
C ARG C 181 39.60 18.26 -66.29
N LEU C 182 38.99 19.43 -66.14
CA LEU C 182 38.84 20.13 -64.85
C LEU C 182 37.59 20.98 -64.92
N THR C 183 36.80 21.06 -63.85
CA THR C 183 35.60 21.92 -63.94
C THR C 183 35.39 22.88 -62.77
N HIS C 184 35.08 24.13 -63.09
CA HIS C 184 34.74 25.13 -62.08
C HIS C 184 33.37 24.89 -61.58
N TRP C 185 33.29 24.05 -60.57
CA TRP C 185 32.06 23.62 -59.96
C TRP C 185 31.02 24.69 -59.65
N PRO C 186 31.35 25.81 -58.99
CA PRO C 186 30.45 26.91 -58.66
C PRO C 186 29.67 27.45 -59.86
N SER C 187 30.22 27.33 -61.07
CA SER C 187 29.51 27.82 -62.23
C SER C 187 29.35 26.75 -63.30
N GLY C 188 30.05 25.61 -63.13
CA GLY C 188 30.03 24.55 -64.13
C GLY C 188 30.89 24.94 -65.31
N ASN C 189 31.83 25.85 -65.08
CA ASN C 189 32.67 26.37 -66.14
C ASN C 189 33.92 25.55 -66.23
N GLY C 190 33.99 24.68 -67.22
CA GLY C 190 35.16 23.83 -67.37
C GLY C 190 36.45 24.65 -67.24
N LEU C 191 37.35 24.16 -66.41
CA LEU C 191 38.62 24.82 -66.29
C LEU C 191 39.70 24.03 -67.00
N SER C 192 39.37 22.84 -67.54
CA SER C 192 40.33 22.13 -68.37
C SER C 192 39.79 21.07 -69.29
N VAL C 193 40.50 20.94 -70.41
CA VAL C 193 40.32 19.89 -71.41
C VAL C 193 41.61 19.74 -72.24
N GLY C 194 42.38 18.68 -72.01
CA GLY C 194 43.62 18.51 -72.76
C GLY C 194 43.80 17.11 -73.34
N THR C 195 43.63 16.98 -74.65
CA THR C 195 43.81 15.70 -75.34
C THR C 195 45.28 15.37 -75.52
N GLY C 196 45.95 15.03 -74.44
CA GLY C 196 47.38 14.75 -74.50
C GLY C 196 47.74 13.31 -74.41
N HIS C 197 46.76 12.44 -74.34
CA HIS C 197 47.08 11.05 -74.29
C HIS C 197 46.75 10.36 -75.59
N GLU C 198 47.55 9.39 -75.92
CA GLU C 198 47.36 8.59 -77.12
C GLU C 198 46.30 7.54 -76.85
N PHE C 199 46.35 7.01 -75.64
CA PHE C 199 45.48 5.97 -75.16
C PHE C 199 44.73 6.48 -73.91
N PRO C 200 43.59 5.87 -73.57
CA PRO C 200 42.66 6.19 -72.47
C PRO C 200 43.33 6.47 -71.12
N ILE C 201 42.90 7.54 -70.45
CA ILE C 201 43.48 7.95 -69.16
C ILE C 201 43.08 7.02 -68.07
N GLU C 202 44.04 6.63 -67.26
CA GLU C 202 43.79 5.69 -66.18
C GLU C 202 43.95 6.27 -64.79
N LYS C 203 44.80 7.27 -64.62
CA LYS C 203 45.04 7.77 -63.27
C LYS C 203 45.41 9.24 -63.18
N VAL C 204 44.66 10.01 -62.38
CA VAL C 204 45.05 11.41 -62.25
C VAL C 204 45.31 11.78 -60.78
N LYS C 205 46.05 12.87 -60.55
CA LYS C 205 46.38 13.32 -59.20
C LYS C 205 46.65 14.80 -59.07
N PHE C 206 45.89 15.47 -58.19
CA PHE C 206 46.05 16.90 -57.91
C PHE C 206 47.33 17.27 -57.19
N ILE C 207 48.04 18.28 -57.72
CA ILE C 207 49.21 18.83 -57.05
C ILE C 207 48.86 19.19 -55.62
N HIS C 208 49.70 18.76 -54.71
CA HIS C 208 49.53 19.01 -53.30
C HIS C 208 50.66 19.89 -52.81
N PHE C 209 51.08 19.73 -51.56
CA PHE C 209 52.14 20.58 -51.01
C PHE C 209 53.52 20.22 -51.55
N ILE C 210 53.71 20.49 -52.83
CA ILE C 210 54.92 20.21 -53.58
C ILE C 210 55.20 21.32 -54.55
N GLU C 211 55.28 22.56 -54.07
CA GLU C 211 55.56 23.69 -54.96
C GLU C 211 57.03 23.75 -55.38
N ASP C 212 57.83 22.79 -54.91
CA ASP C 212 59.17 22.61 -55.39
C ASP C 212 59.11 21.90 -56.75
N SER C 213 57.96 21.24 -57.05
CA SER C 213 57.74 20.58 -58.33
C SER C 213 57.90 21.58 -59.49
N PRO C 214 57.41 22.83 -59.34
CA PRO C 214 57.61 23.93 -60.28
C PRO C 214 59.09 24.26 -60.55
N GLU C 215 59.99 23.92 -59.63
CA GLU C 215 61.42 24.14 -59.82
C GLU C 215 61.99 23.05 -60.73
N ILE C 216 61.27 21.94 -60.83
CA ILE C 216 61.64 20.82 -61.68
C ILE C 216 61.07 21.05 -63.08
N ARG C 217 59.74 21.16 -63.16
CA ARG C 217 59.05 21.42 -64.40
C ARG C 217 57.82 22.28 -64.13
N PHE C 218 57.61 23.28 -64.97
CA PHE C 218 56.48 24.18 -64.77
C PHE C 218 56.05 24.82 -66.06
N ARG C 219 54.76 24.80 -66.31
CA ARG C 219 54.25 25.51 -67.47
C ARG C 219 53.34 26.65 -66.97
N THR C 220 53.28 27.78 -67.67
CA THR C 220 54.09 28.06 -68.83
C THR C 220 55.46 28.28 -68.20
N PRO C 221 56.56 28.22 -68.96
CA PRO C 221 57.95 28.24 -68.51
C PRO C 221 58.26 29.19 -67.32
N SER C 222 57.47 30.25 -67.15
CA SER C 222 57.69 31.17 -66.03
C SER C 222 56.39 31.81 -65.58
N THR C 223 56.51 32.71 -64.61
CA THR C 223 55.40 33.49 -64.09
C THR C 223 54.30 32.68 -63.40
N ASP C 224 54.66 31.99 -62.31
CA ASP C 224 53.68 31.25 -61.54
C ASP C 224 52.78 32.20 -60.73
N ARG C 225 53.14 33.48 -60.68
CA ARG C 225 52.32 34.47 -60.03
C ARG C 225 51.16 34.92 -60.92
N TYR C 226 51.20 34.55 -62.21
CA TYR C 226 50.11 34.83 -63.12
C TYR C 226 48.86 34.17 -62.62
N LYS C 227 48.94 32.88 -62.39
CA LYS C 227 47.79 32.20 -61.94
C LYS C 227 48.05 30.80 -61.48
N ASN C 228 49.20 30.48 -60.86
CA ASN C 228 49.42 29.10 -60.39
C ASN C 228 48.30 28.65 -59.45
N TRP C 229 47.78 29.60 -58.67
CA TRP C 229 46.64 29.40 -57.78
C TRP C 229 45.34 29.01 -58.51
N GLY C 230 45.28 29.22 -59.82
CA GLY C 230 44.14 28.85 -60.63
C GLY C 230 44.58 27.86 -61.69
N MET C 231 45.87 27.90 -62.06
CA MET C 231 46.47 26.97 -63.01
C MET C 231 46.90 25.74 -62.27
N GLN C 232 45.92 25.04 -61.77
CA GLN C 232 46.08 23.87 -60.97
C GLN C 232 46.70 22.72 -61.74
N TYR C 233 47.73 22.18 -61.12
CA TYR C 233 48.50 21.08 -61.66
C TYR C 233 48.00 19.75 -61.23
N CYS C 234 48.30 18.78 -62.06
CA CYS C 234 47.95 17.44 -61.76
C CYS C 234 48.82 16.51 -62.57
N VAL C 235 48.72 15.25 -62.28
CA VAL C 235 49.43 14.25 -63.03
C VAL C 235 48.40 13.37 -63.67
N SER C 236 48.63 12.98 -64.90
CA SER C 236 47.70 12.08 -65.57
C SER C 236 48.46 11.00 -66.28
N ALA C 237 48.34 9.82 -65.72
CA ALA C 237 48.97 8.65 -66.27
C ALA C 237 47.95 7.89 -67.08
N SER C 238 48.41 7.11 -68.04
CA SER C 238 47.43 6.44 -68.88
C SER C 238 47.92 5.18 -69.51
N ARG C 239 47.07 4.65 -70.40
CA ARG C 239 47.38 3.48 -71.18
C ARG C 239 48.47 3.75 -72.25
N ASP C 240 49.02 4.97 -72.27
CA ASP C 240 50.14 5.32 -73.12
C ASP C 240 51.39 4.59 -72.70
N ARG C 241 51.38 3.99 -71.49
CA ARG C 241 52.52 3.31 -70.92
C ARG C 241 53.53 4.34 -70.45
N THR C 242 53.06 5.59 -70.33
CA THR C 242 53.82 6.70 -69.86
C THR C 242 53.01 7.37 -68.76
N ILE C 243 53.68 8.23 -68.03
CA ILE C 243 53.06 9.01 -66.99
C ILE C 243 53.26 10.44 -67.33
N LYS C 244 52.19 11.16 -67.54
CA LYS C 244 52.37 12.52 -67.92
C LYS C 244 52.09 13.46 -66.77
N ILE C 245 52.94 14.46 -66.62
CA ILE C 245 52.80 15.49 -65.60
C ILE C 245 52.05 16.59 -66.30
N TRP C 246 51.07 17.18 -65.67
CA TRP C 246 50.20 18.14 -66.33
C TRP C 246 49.86 19.44 -65.65
N GLU C 247 49.57 20.42 -66.49
CA GLU C 247 48.95 21.63 -66.04
C GLU C 247 47.73 21.73 -66.87
N ILE C 248 46.59 21.73 -66.24
CA ILE C 248 45.42 21.60 -67.07
C ILE C 248 44.59 22.88 -67.28
N PRO C 249 44.82 23.98 -66.57
CA PRO C 249 44.08 25.19 -66.89
C PRO C 249 44.76 25.96 -67.98
N LEU C 250 45.96 25.57 -68.35
CA LEU C 250 46.49 26.18 -69.53
C LEU C 250 45.62 25.77 -70.73
N PRO C 251 45.16 24.51 -70.78
CA PRO C 251 44.22 24.04 -71.79
C PRO C 251 42.82 23.97 -71.20
N THR C 252 42.30 25.13 -70.81
CA THR C 252 40.99 25.33 -70.22
C THR C 252 39.77 24.89 -71.06
N LEU C 253 38.74 24.31 -70.42
CA LEU C 253 37.47 23.91 -71.05
C LEU C 253 36.39 24.97 -70.85
N MET C 254 36.74 26.21 -71.14
CA MET C 254 35.92 27.39 -70.96
C MET C 254 35.43 27.87 -72.26
N ALA C 255 34.32 28.57 -72.26
CA ALA C 255 33.81 29.11 -73.51
C ALA C 255 34.61 30.35 -73.90
N HIS C 256 35.86 30.11 -74.33
CA HIS C 256 36.82 31.07 -74.86
C HIS C 256 36.55 32.53 -74.53
N ARG C 257 36.63 32.90 -73.24
CA ARG C 257 36.30 34.27 -72.77
C ARG C 257 37.22 35.45 -73.19
N ALA C 258 37.79 35.40 -74.40
CA ALA C 258 38.59 36.44 -75.02
C ALA C 258 39.03 35.87 -76.41
N PRO C 259 40.22 35.27 -76.54
CA PRO C 259 40.47 34.41 -77.70
C PRO C 259 40.69 33.04 -77.08
N ILE C 260 41.90 32.53 -77.22
CA ILE C 260 42.34 31.35 -76.54
C ILE C 260 43.31 31.79 -75.45
N PRO C 261 42.89 31.85 -74.18
CA PRO C 261 43.71 32.25 -73.06
C PRO C 261 44.66 31.13 -72.72
N ASN C 262 45.92 31.35 -73.08
CA ASN C 262 47.03 30.45 -72.88
C ASN C 262 46.92 29.40 -74.01
N PRO C 263 46.67 28.11 -73.71
CA PRO C 263 46.28 27.21 -74.80
C PRO C 263 44.90 26.61 -74.52
N THR C 264 43.97 27.44 -74.02
CA THR C 264 42.59 27.01 -73.74
C THR C 264 41.98 26.19 -74.83
N ASP C 265 41.51 25.00 -74.46
CA ASP C 265 40.91 24.06 -75.40
C ASP C 265 41.79 23.81 -76.63
N SER C 266 43.12 23.91 -76.47
CA SER C 266 44.06 23.74 -77.57
C SER C 266 45.14 22.71 -77.28
N ASN C 267 46.40 23.11 -77.48
CA ASN C 267 47.53 22.21 -77.29
C ASN C 267 47.72 21.87 -75.82
N PHE C 268 47.36 20.64 -75.52
CA PHE C 268 47.38 20.08 -74.19
C PHE C 268 48.70 20.29 -73.49
N ARG C 269 48.66 20.83 -72.28
CA ARG C 269 49.88 21.15 -71.58
C ARG C 269 50.45 20.06 -70.70
N CYS C 270 50.95 19.03 -71.36
CA CYS C 270 51.68 18.00 -70.67
C CYS C 270 53.01 18.59 -70.26
N VAL C 271 53.21 18.71 -68.98
CA VAL C 271 54.39 19.27 -68.36
C VAL C 271 55.62 18.36 -68.52
N LEU C 272 55.44 17.06 -68.31
CA LEU C 272 56.54 16.12 -68.42
C LEU C 272 56.09 14.69 -68.69
N THR C 273 56.65 14.04 -69.70
CA THR C 273 56.28 12.65 -70.00
C THR C 273 57.31 11.67 -69.47
N LEU C 274 56.88 10.71 -68.66
CA LEU C 274 57.77 9.71 -68.09
C LEU C 274 57.67 8.40 -68.85
N LYS C 275 58.80 7.78 -69.12
CA LYS C 275 58.82 6.49 -69.80
C LYS C 275 59.89 5.61 -69.18
N GLY C 276 59.45 4.45 -68.73
CA GLY C 276 60.27 3.51 -67.98
C GLY C 276 59.62 2.16 -68.05
N HIS C 277 58.70 1.92 -67.12
CA HIS C 277 57.96 0.67 -67.06
C HIS C 277 57.27 0.39 -68.39
N LEU C 278 56.78 -0.82 -68.52
CA LEU C 278 56.27 -1.30 -69.78
C LEU C 278 54.76 -1.39 -69.96
N SER C 279 53.95 -0.76 -69.11
CA SER C 279 52.54 -0.97 -69.38
C SER C 279 51.60 0.10 -68.85
N TRP C 280 50.31 -0.18 -68.96
CA TRP C 280 49.27 0.75 -68.58
C TRP C 280 49.42 1.12 -67.12
N VAL C 281 49.42 2.41 -66.85
CA VAL C 281 49.67 2.86 -65.49
C VAL C 281 48.44 2.77 -64.63
N ARG C 282 48.61 2.20 -63.45
CA ARG C 282 47.51 2.03 -62.52
C ARG C 282 47.55 3.00 -61.36
N ASP C 283 48.74 3.44 -60.96
CA ASP C 283 48.81 4.41 -59.86
C ASP C 283 50.06 5.25 -59.94
N ILE C 284 49.98 6.41 -59.32
CA ILE C 284 51.05 7.37 -59.21
C ILE C 284 51.01 7.96 -57.82
N SER C 285 52.10 8.55 -57.37
CA SER C 285 52.06 9.18 -56.05
C SER C 285 53.30 10.01 -55.79
N ILE C 286 53.13 11.32 -55.79
CA ILE C 286 54.27 12.19 -55.55
C ILE C 286 54.54 12.39 -54.08
N ARG C 287 55.73 12.01 -53.66
CA ARG C 287 56.20 12.23 -52.31
C ARG C 287 56.85 13.61 -52.24
N GLY C 288 57.39 14.04 -53.37
CA GLY C 288 57.97 15.38 -53.53
C GLY C 288 59.20 15.31 -54.42
N GLN C 289 60.28 14.76 -53.91
CA GLN C 289 61.45 14.56 -54.75
C GLN C 289 61.17 13.43 -55.71
N TYR C 290 60.40 12.46 -55.25
CA TYR C 290 60.11 11.29 -56.05
C TYR C 290 58.60 11.05 -56.23
N LEU C 291 58.25 10.38 -57.33
CA LEU C 291 56.91 9.97 -57.70
C LEU C 291 56.88 8.46 -57.84
N PHE C 292 56.13 7.78 -57.00
CA PHE C 292 56.08 6.33 -57.07
C PHE C 292 54.89 5.89 -57.90
N SER C 293 55.14 5.24 -59.03
CA SER C 293 54.03 4.82 -59.89
C SER C 293 54.00 3.34 -60.10
N CYS C 294 52.85 2.81 -60.51
CA CYS C 294 52.73 1.38 -60.78
C CYS C 294 52.00 1.16 -62.08
N ALA C 295 52.17 -0.01 -62.64
CA ALA C 295 51.57 -0.34 -63.93
C ALA C 295 51.27 -1.82 -64.04
N ASP C 296 50.62 -2.20 -65.13
CA ASP C 296 50.26 -3.59 -65.39
C ASP C 296 51.47 -4.51 -65.58
N ASP C 297 52.67 -3.95 -65.77
CA ASP C 297 53.85 -4.79 -65.86
C ASP C 297 54.39 -5.15 -64.47
N LYS C 298 53.65 -4.76 -63.42
CA LYS C 298 53.95 -5.07 -62.02
C LYS C 298 55.19 -4.36 -61.49
N SER C 299 55.73 -3.37 -62.22
CA SER C 299 56.94 -2.68 -61.78
C SER C 299 56.71 -1.28 -61.26
N VAL C 300 56.85 -1.09 -59.95
CA VAL C 300 56.77 0.25 -59.41
C VAL C 300 58.05 0.99 -59.51
N ARG C 301 57.96 2.25 -59.86
CA ARG C 301 59.14 3.04 -60.09
C ARG C 301 59.16 4.32 -59.29
N CYS C 302 60.20 4.50 -58.48
CA CYS C 302 60.41 5.70 -57.67
C CYS C 302 60.97 6.80 -58.53
N TRP C 303 60.14 7.40 -59.34
CA TRP C 303 60.59 8.38 -60.29
C TRP C 303 61.14 9.60 -59.64
N ASP C 304 62.37 9.93 -59.95
CA ASP C 304 62.91 11.17 -59.46
C ASP C 304 62.20 12.21 -60.23
N LEU C 305 61.34 12.95 -59.54
CA LEU C 305 60.52 13.99 -60.14
C LEU C 305 61.40 14.91 -60.97
N ASN C 306 62.62 15.14 -60.51
CA ASN C 306 63.56 15.99 -61.20
C ASN C 306 64.00 15.33 -62.50
N THR C 307 63.23 15.62 -63.56
CA THR C 307 63.35 15.14 -64.94
C THR C 307 62.80 13.73 -65.19
N GLY C 308 62.44 12.98 -64.15
CA GLY C 308 61.83 11.68 -64.39
C GLY C 308 62.79 10.50 -64.43
N GLN C 309 63.60 10.34 -63.38
CA GLN C 309 64.53 9.22 -63.34
C GLN C 309 64.21 8.22 -62.25
N CYS C 310 63.75 7.05 -62.63
CA CYS C 310 63.44 6.05 -61.62
C CYS C 310 64.63 5.72 -60.74
N LEU C 311 64.47 5.97 -59.45
CA LEU C 311 65.45 5.64 -58.42
C LEU C 311 65.51 4.15 -58.16
N HIS C 312 64.35 3.53 -58.02
CA HIS C 312 64.29 2.13 -57.68
C HIS C 312 63.05 1.46 -58.18
N VAL C 313 63.20 0.21 -58.60
CA VAL C 313 62.09 -0.53 -59.16
C VAL C 313 61.64 -1.66 -58.24
N TRP C 314 60.33 -1.73 -58.02
CA TRP C 314 59.71 -2.76 -57.20
C TRP C 314 58.87 -3.68 -58.03
N GLU C 315 59.51 -4.49 -58.86
CA GLU C 315 58.82 -5.55 -59.58
C GLU C 315 58.36 -6.66 -58.63
N LYS C 316 58.90 -6.64 -57.42
CA LYS C 316 58.62 -7.58 -56.37
C LYS C 316 57.47 -7.19 -55.46
N LEU C 317 56.73 -6.12 -55.78
CA LEU C 317 55.65 -5.76 -54.87
C LEU C 317 54.58 -6.81 -54.82
N HIS C 318 54.14 -7.22 -56.01
CA HIS C 318 53.06 -8.18 -56.16
C HIS C 318 53.30 -9.12 -57.30
N THR C 319 52.68 -10.28 -57.20
CA THR C 319 52.78 -11.31 -58.22
C THR C 319 51.70 -11.10 -59.28
N GLY C 320 50.68 -10.31 -58.92
CA GLY C 320 49.64 -9.93 -59.86
C GLY C 320 49.93 -8.50 -60.26
N PHE C 321 49.01 -7.85 -60.96
CA PHE C 321 49.26 -6.47 -61.34
C PHE C 321 49.19 -5.60 -60.12
N VAL C 322 50.05 -4.61 -60.05
CA VAL C 322 50.00 -3.73 -58.91
C VAL C 322 48.93 -2.70 -59.20
N ASN C 323 47.89 -2.71 -58.39
CA ASN C 323 46.78 -1.81 -58.61
C ASN C 323 47.00 -0.47 -57.93
N CYS C 324 47.69 -0.48 -56.79
CA CYS C 324 47.91 0.77 -56.10
C CYS C 324 49.12 0.76 -55.18
N LEU C 325 49.43 1.96 -54.70
CA LEU C 325 50.47 2.15 -53.71
C LEU C 325 50.14 3.39 -52.89
N ASP C 326 50.55 3.39 -51.63
CA ASP C 326 50.20 4.47 -50.73
C ASP C 326 51.38 4.97 -49.94
N LEU C 327 51.89 6.13 -50.35
CA LEU C 327 53.05 6.72 -49.71
C LEU C 327 52.64 7.52 -48.50
N ASP C 328 53.25 7.22 -47.38
CA ASP C 328 52.99 7.94 -46.17
C ASP C 328 53.97 9.14 -46.15
N VAL C 329 53.47 10.36 -45.99
CA VAL C 329 54.32 11.55 -46.07
C VAL C 329 54.94 11.93 -44.72
N ASP C 330 56.24 12.24 -44.73
CA ASP C 330 56.97 12.63 -43.52
C ASP C 330 56.66 14.06 -43.16
N PHE C 331 56.35 14.32 -41.90
CA PHE C 331 56.15 15.69 -41.46
C PHE C 331 56.96 15.89 -40.19
N ASP C 332 57.25 17.13 -39.82
CA ASP C 332 58.05 17.35 -38.62
C ASP C 332 57.36 16.72 -37.40
N SER C 333 58.15 16.16 -36.48
CA SER C 333 57.69 15.37 -35.31
C SER C 333 57.15 13.98 -35.70
N ASN C 334 56.24 13.92 -36.65
CA ASN C 334 55.73 12.65 -37.15
C ASN C 334 56.50 12.19 -38.41
N VAL C 335 57.75 11.71 -38.23
CA VAL C 335 58.62 11.38 -39.38
C VAL C 335 58.92 9.90 -39.70
N THR C 336 59.59 9.19 -38.79
CA THR C 336 60.09 7.83 -39.11
C THR C 336 59.07 6.79 -39.57
N PRO C 337 57.90 6.66 -38.93
CA PRO C 337 56.81 5.76 -39.28
C PRO C 337 56.22 6.07 -40.65
N ARG C 338 56.55 7.24 -41.19
CA ARG C 338 56.05 7.68 -42.46
C ARG C 338 56.93 7.17 -43.59
N GLN C 339 58.00 6.44 -43.26
CA GLN C 339 58.87 5.83 -44.28
C GLN C 339 58.17 4.59 -44.81
N MET C 340 57.05 4.78 -45.52
CA MET C 340 56.26 3.62 -45.86
C MET C 340 55.41 3.73 -47.11
N MET C 341 55.41 2.66 -47.89
CA MET C 341 54.61 2.55 -49.10
C MET C 341 53.75 1.30 -49.05
N VAL C 342 52.45 1.44 -48.85
CA VAL C 342 51.64 0.25 -48.81
C VAL C 342 50.99 0.03 -50.15
N THR C 343 51.27 -1.09 -50.75
CA THR C 343 50.81 -1.39 -52.08
C THR C 343 49.74 -2.44 -52.07
N GLY C 344 49.12 -2.68 -53.22
CA GLY C 344 48.09 -3.71 -53.34
C GLY C 344 47.84 -4.08 -54.78
N GLY C 345 47.32 -5.29 -55.01
CA GLY C 345 47.09 -5.70 -56.39
C GLY C 345 46.26 -6.97 -56.60
N LEU C 346 46.35 -7.51 -57.82
CA LEU C 346 45.57 -8.67 -58.26
C LEU C 346 45.93 -9.98 -57.59
N ASP C 347 47.04 -10.02 -56.87
CA ASP C 347 47.39 -11.25 -56.18
C ASP C 347 46.75 -11.36 -54.81
N CYS C 348 45.74 -10.51 -54.54
CA CYS C 348 44.98 -10.54 -53.31
C CYS C 348 45.78 -10.10 -52.11
N LYS C 349 46.92 -9.49 -52.34
CA LYS C 349 47.67 -9.05 -51.20
C LYS C 349 47.89 -7.56 -51.23
N SER C 350 48.30 -7.05 -50.07
CA SER C 350 48.65 -5.66 -49.91
C SER C 350 49.95 -5.60 -49.11
N ASN C 351 51.03 -5.32 -49.80
CA ASN C 351 52.32 -5.39 -49.14
C ASN C 351 52.83 -4.05 -48.65
N VAL C 352 53.34 -4.06 -47.41
CA VAL C 352 53.83 -2.85 -46.77
C VAL C 352 55.32 -2.71 -46.89
N PHE C 353 55.77 -1.66 -47.57
CA PHE C 353 57.20 -1.40 -47.76
C PHE C 353 57.69 -0.34 -46.81
N MET C 354 58.94 -0.49 -46.40
CA MET C 354 59.56 0.36 -45.40
C MET C 354 61.04 0.06 -45.26
#